data_2RRK
#
_entry.id   2RRK
#
_entity_poly.entity_id   1
_entity_poly.type   'polypeptide(L)'
_entity_poly.pdbx_seq_one_letter_code
;GPLGSMKMIEVVAAIIERDGKILLAQRPAQSDQAGLWEFAGGKVEPDESQRQALVRELREELGIEATVGEYVASHQREVS
GRIIHLHAWHVPDFHGTLQAHEHQALVWCSPEEALQYPLAPADIPLLEAFMALRAARPAD
;
_entity_poly.pdbx_strand_id   A
#
# COMPACT_ATOMS: atom_id res chain seq x y z
N GLY A 1 -23.44 4.78 -18.58
CA GLY A 1 -24.67 5.24 -17.89
C GLY A 1 -24.36 6.07 -16.66
N PRO A 2 -24.29 5.44 -15.48
CA PRO A 2 -23.96 6.13 -14.24
C PRO A 2 -22.45 6.32 -14.06
N LEU A 3 -22.00 7.56 -14.19
CA LEU A 3 -20.61 7.89 -13.93
C LEU A 3 -20.48 8.55 -12.57
N GLY A 4 -21.06 9.73 -12.45
CA GLY A 4 -20.98 10.48 -11.20
C GLY A 4 -21.92 9.95 -10.15
N SER A 5 -22.69 8.94 -10.52
CA SER A 5 -23.62 8.30 -9.60
C SER A 5 -22.87 7.38 -8.64
N MET A 6 -21.60 7.15 -8.95
CA MET A 6 -20.72 6.37 -8.10
C MET A 6 -19.58 7.25 -7.62
N LYS A 7 -19.08 6.98 -6.43
CA LYS A 7 -17.96 7.72 -5.90
C LYS A 7 -16.80 6.80 -5.65
N MET A 8 -15.60 7.28 -5.93
CA MET A 8 -14.41 6.47 -5.73
C MET A 8 -13.75 6.80 -4.41
N ILE A 9 -13.26 5.76 -3.77
CA ILE A 9 -12.50 5.87 -2.55
C ILE A 9 -11.05 5.63 -2.89
N GLU A 10 -10.25 6.66 -2.82
CA GLU A 10 -8.87 6.57 -3.27
C GLU A 10 -7.99 6.15 -2.11
N VAL A 11 -7.21 5.11 -2.31
CA VAL A 11 -6.30 4.64 -1.29
C VAL A 11 -4.93 4.40 -1.90
N VAL A 12 -3.90 4.92 -1.28
CA VAL A 12 -2.56 4.72 -1.76
C VAL A 12 -1.81 3.78 -0.83
N ALA A 13 -1.11 2.84 -1.43
CA ALA A 13 -0.35 1.86 -0.67
C ALA A 13 1.13 2.02 -1.01
N ALA A 14 1.96 2.05 0.01
CA ALA A 14 3.38 2.29 -0.18
C ALA A 14 4.14 1.00 -0.08
N ILE A 15 4.86 0.67 -1.15
CA ILE A 15 5.71 -0.48 -1.13
C ILE A 15 7.11 -0.05 -0.78
N ILE A 16 7.47 -0.24 0.48
CA ILE A 16 8.77 0.21 0.97
C ILE A 16 9.76 -0.93 0.86
N GLU A 17 10.59 -0.86 -0.17
CA GLU A 17 11.48 -1.95 -0.49
C GLU A 17 12.90 -1.60 -0.09
N ARG A 18 13.38 -2.24 0.97
CA ARG A 18 14.73 -2.01 1.43
C ARG A 18 15.45 -3.34 1.53
N ASP A 19 16.65 -3.40 0.96
CA ASP A 19 17.49 -4.60 0.96
C ASP A 19 16.95 -5.66 0.02
N GLY A 20 15.87 -5.34 -0.69
CA GLY A 20 15.25 -6.31 -1.56
C GLY A 20 13.96 -6.82 -0.97
N LYS A 21 13.63 -6.33 0.20
CA LYS A 21 12.45 -6.78 0.93
C LYS A 21 11.43 -5.67 1.06
N ILE A 22 10.18 -6.04 1.22
CA ILE A 22 9.09 -5.08 1.31
C ILE A 22 8.63 -4.96 2.76
N LEU A 23 8.17 -3.77 3.14
CA LEU A 23 7.70 -3.55 4.49
C LEU A 23 6.22 -3.90 4.62
N LEU A 24 5.93 -4.82 5.52
CA LEU A 24 4.56 -5.21 5.81
C LEU A 24 4.20 -4.85 7.24
N ALA A 25 3.01 -4.30 7.42
CA ALA A 25 2.56 -3.87 8.73
C ALA A 25 1.30 -4.62 9.15
N GLN A 26 1.37 -5.28 10.29
CA GLN A 26 0.24 -6.08 10.80
C GLN A 26 -0.92 -5.18 11.24
N ARG A 27 -2.07 -5.36 10.60
CA ARG A 27 -3.28 -4.60 10.92
C ARG A 27 -4.48 -5.17 10.17
N PRO A 28 -5.50 -5.66 10.90
CA PRO A 28 -6.77 -6.04 10.31
C PRO A 28 -7.81 -4.92 10.43
N ALA A 29 -9.08 -5.29 10.45
CA ALA A 29 -10.15 -4.30 10.51
C ALA A 29 -10.96 -4.48 11.79
N GLN A 30 -11.91 -5.39 11.77
CA GLN A 30 -12.73 -5.67 12.94
C GLN A 30 -12.44 -7.07 13.44
N SER A 31 -11.39 -7.66 12.90
CA SER A 31 -10.98 -9.00 13.27
C SER A 31 -10.34 -9.00 14.65
N ASP A 32 -10.79 -9.90 15.51
CA ASP A 32 -10.25 -10.00 16.86
C ASP A 32 -8.94 -10.80 16.83
N GLN A 33 -8.58 -11.27 15.65
CA GLN A 33 -7.36 -12.03 15.46
C GLN A 33 -6.31 -11.19 14.75
N ALA A 34 -5.08 -11.67 14.77
CA ALA A 34 -3.97 -10.97 14.14
C ALA A 34 -3.23 -11.89 13.18
N GLY A 35 -2.16 -11.38 12.61
CA GLY A 35 -1.35 -12.19 11.72
C GLY A 35 -1.39 -11.70 10.30
N LEU A 36 -2.50 -11.10 9.90
CA LEU A 36 -2.62 -10.51 8.58
C LEU A 36 -1.89 -9.17 8.49
N TRP A 37 -0.94 -9.11 7.59
CA TRP A 37 -0.19 -7.88 7.34
C TRP A 37 -0.77 -7.14 6.13
N GLU A 38 -0.54 -5.83 6.10
CA GLU A 38 -1.00 -4.99 5.01
C GLU A 38 0.14 -4.12 4.52
N PHE A 39 -0.02 -3.52 3.35
CA PHE A 39 0.94 -2.57 2.84
C PHE A 39 0.57 -1.17 3.33
N ALA A 40 1.45 -0.56 4.10
CA ALA A 40 1.18 0.72 4.73
C ALA A 40 0.83 1.79 3.70
N GLY A 41 0.02 2.74 4.11
CA GLY A 41 -0.44 3.78 3.21
C GLY A 41 -1.58 4.55 3.82
N GLY A 42 -2.64 4.76 3.05
CA GLY A 42 -3.79 5.48 3.57
C GLY A 42 -4.73 5.96 2.49
N LYS A 43 -5.86 6.50 2.93
CA LYS A 43 -6.84 7.05 2.01
C LYS A 43 -6.41 8.43 1.53
N VAL A 44 -6.74 8.74 0.28
CA VAL A 44 -6.34 9.99 -0.34
C VAL A 44 -7.49 10.97 -0.32
N GLU A 45 -7.27 12.12 0.32
CA GLU A 45 -8.23 13.19 0.25
C GLU A 45 -8.04 13.94 -1.07
N PRO A 46 -9.14 14.33 -1.73
CA PRO A 46 -9.09 14.96 -3.06
C PRO A 46 -8.19 16.20 -3.08
N ASP A 47 -8.12 16.88 -1.93
CA ASP A 47 -7.35 18.12 -1.81
C ASP A 47 -5.87 17.86 -1.54
N GLU A 48 -5.48 16.62 -1.38
CA GLU A 48 -4.07 16.28 -1.24
C GLU A 48 -3.61 15.42 -2.41
N SER A 49 -2.31 15.34 -2.63
CA SER A 49 -1.77 14.60 -3.76
C SER A 49 -1.60 13.13 -3.38
N GLN A 50 -1.63 12.25 -4.36
CA GLN A 50 -1.46 10.82 -4.10
C GLN A 50 -0.09 10.54 -3.50
N ARG A 51 0.95 11.17 -4.04
CA ARG A 51 2.28 11.02 -3.48
C ARG A 51 2.33 11.66 -2.10
N GLN A 52 1.67 12.80 -1.99
CA GLN A 52 1.68 13.59 -0.77
C GLN A 52 0.98 12.83 0.35
N ALA A 53 -0.10 12.15 -0.02
CA ALA A 53 -0.84 11.34 0.92
C ALA A 53 0.05 10.24 1.48
N LEU A 54 0.74 9.52 0.62
CA LEU A 54 1.65 8.47 1.06
C LEU A 54 2.72 9.03 1.98
N VAL A 55 3.31 10.13 1.55
CA VAL A 55 4.39 10.76 2.30
C VAL A 55 3.93 11.14 3.70
N ARG A 56 2.76 11.77 3.80
CA ARG A 56 2.27 12.21 5.09
C ARG A 56 1.71 11.04 5.90
N GLU A 57 0.99 10.12 5.26
CA GLU A 57 0.46 8.94 5.94
C GLU A 57 1.58 8.10 6.55
N LEU A 58 2.65 7.89 5.79
CA LEU A 58 3.79 7.13 6.31
C LEU A 58 4.50 7.93 7.39
N ARG A 59 4.48 9.25 7.27
CA ARG A 59 5.04 10.10 8.29
C ARG A 59 4.25 9.99 9.60
N GLU A 60 2.94 9.83 9.48
CA GLU A 60 2.08 9.75 10.65
C GLU A 60 2.06 8.33 11.22
N GLU A 61 1.99 7.34 10.34
CA GLU A 61 1.92 5.94 10.78
C GLU A 61 3.30 5.32 10.96
N LEU A 62 4.19 5.53 10.00
CA LEU A 62 5.46 4.86 10.01
C LEU A 62 6.59 5.78 10.48
N GLY A 63 6.23 6.99 10.89
CA GLY A 63 7.23 7.97 11.29
C GLY A 63 8.33 8.21 10.28
N ILE A 64 8.06 8.00 8.99
CA ILE A 64 9.09 8.21 7.97
C ILE A 64 8.62 9.14 6.86
N GLU A 65 9.54 9.96 6.40
CA GLU A 65 9.29 10.84 5.27
C GLU A 65 9.70 10.14 3.99
N ALA A 66 8.73 9.55 3.30
CA ALA A 66 9.02 8.72 2.15
C ALA A 66 9.16 9.54 0.87
N THR A 67 9.93 9.01 -0.06
CA THR A 67 10.11 9.63 -1.36
C THR A 67 9.42 8.78 -2.42
N VAL A 68 8.31 9.26 -2.94
CA VAL A 68 7.54 8.52 -3.93
C VAL A 68 8.16 8.68 -5.31
N GLY A 69 8.27 7.59 -6.05
CA GLY A 69 8.86 7.66 -7.38
C GLY A 69 8.16 6.76 -8.39
N GLU A 70 8.58 5.51 -8.43
CA GLU A 70 8.12 4.58 -9.46
C GLU A 70 6.79 3.93 -9.08
N TYR A 71 5.83 4.02 -9.96
CA TYR A 71 4.52 3.44 -9.75
C TYR A 71 4.56 1.94 -10.06
N VAL A 72 3.99 1.13 -9.16
CA VAL A 72 3.99 -0.31 -9.35
C VAL A 72 2.73 -0.78 -10.07
N ALA A 73 1.59 -0.68 -9.40
CA ALA A 73 0.33 -1.11 -9.98
C ALA A 73 -0.86 -0.49 -9.25
N SER A 74 -2.02 -0.54 -9.89
CA SER A 74 -3.25 -0.06 -9.29
C SER A 74 -4.29 -1.17 -9.28
N HIS A 75 -5.16 -1.16 -8.29
CA HIS A 75 -6.22 -2.16 -8.17
C HIS A 75 -7.53 -1.50 -7.77
N GLN A 76 -8.61 -1.96 -8.37
CA GLN A 76 -9.93 -1.44 -8.06
C GLN A 76 -10.82 -2.50 -7.45
N ARG A 77 -11.55 -2.11 -6.42
CA ARG A 77 -12.49 -2.99 -5.75
C ARG A 77 -13.65 -2.14 -5.26
N GLU A 78 -14.69 -2.76 -4.73
CA GLU A 78 -15.82 -1.98 -4.27
C GLU A 78 -16.08 -2.18 -2.78
N VAL A 79 -16.61 -1.16 -2.15
CA VAL A 79 -17.03 -1.21 -0.77
C VAL A 79 -18.50 -0.76 -0.70
N SER A 80 -19.40 -1.74 -0.71
CA SER A 80 -20.84 -1.50 -0.78
C SER A 80 -21.20 -0.39 -1.78
N GLY A 81 -21.04 -0.69 -3.06
CA GLY A 81 -21.41 0.27 -4.09
C GLY A 81 -20.32 1.29 -4.43
N ARG A 82 -19.39 1.53 -3.51
CA ARG A 82 -18.36 2.54 -3.74
C ARG A 82 -17.08 1.88 -4.26
N ILE A 83 -16.46 2.49 -5.24
CA ILE A 83 -15.28 1.89 -5.87
C ILE A 83 -14.01 2.41 -5.22
N ILE A 84 -13.29 1.52 -4.57
CA ILE A 84 -12.01 1.86 -3.97
C ILE A 84 -10.89 1.71 -4.98
N HIS A 85 -10.05 2.72 -5.06
CA HIS A 85 -9.02 2.81 -6.06
C HIS A 85 -7.65 2.80 -5.39
N LEU A 86 -7.01 1.63 -5.34
CA LEU A 86 -5.74 1.50 -4.64
C LEU A 86 -4.56 1.65 -5.59
N HIS A 87 -3.56 2.41 -5.15
CA HIS A 87 -2.33 2.60 -5.91
C HIS A 87 -1.14 2.08 -5.12
N ALA A 88 -0.49 1.03 -5.61
CA ALA A 88 0.71 0.52 -4.97
C ALA A 88 1.92 1.16 -5.61
N TRP A 89 2.56 2.06 -4.89
CA TRP A 89 3.71 2.78 -5.42
C TRP A 89 4.97 2.43 -4.64
N HIS A 90 6.07 2.34 -5.35
CA HIS A 90 7.34 1.95 -4.75
C HIS A 90 8.11 3.17 -4.29
N VAL A 91 8.32 3.27 -3.00
CA VAL A 91 9.13 4.34 -2.44
C VAL A 91 10.58 3.88 -2.32
N PRO A 92 11.46 4.37 -3.22
CA PRO A 92 12.86 3.96 -3.26
C PRO A 92 13.70 4.64 -2.18
N ASP A 93 13.07 5.51 -1.41
CA ASP A 93 13.76 6.25 -0.37
C ASP A 93 12.80 6.67 0.73
N PHE A 94 13.29 6.66 1.95
CA PHE A 94 12.53 7.13 3.10
C PHE A 94 13.46 7.76 4.12
N HIS A 95 13.07 8.90 4.66
CA HIS A 95 13.84 9.58 5.68
C HIS A 95 13.26 9.30 7.06
N GLY A 96 14.07 8.72 7.93
CA GLY A 96 13.62 8.41 9.28
C GLY A 96 13.78 6.94 9.59
N THR A 97 13.07 6.47 10.59
CA THR A 97 13.08 5.06 10.95
C THR A 97 11.65 4.56 11.09
N LEU A 98 11.39 3.38 10.52
CA LEU A 98 10.02 2.89 10.40
C LEU A 98 9.49 2.44 11.75
N GLN A 99 8.34 3.00 12.11
CA GLN A 99 7.69 2.67 13.36
C GLN A 99 6.22 2.36 13.08
N ALA A 100 5.58 1.62 13.96
CA ALA A 100 4.19 1.25 13.74
C ALA A 100 3.26 1.96 14.71
N HIS A 101 2.52 2.94 14.20
CA HIS A 101 1.55 3.68 15.01
C HIS A 101 0.25 2.88 15.16
N GLU A 102 -0.53 2.83 14.10
CA GLU A 102 -1.80 2.10 14.09
C GLU A 102 -1.59 0.68 13.60
N HIS A 103 -0.39 0.17 13.77
CA HIS A 103 -0.05 -1.16 13.33
C HIS A 103 0.69 -1.89 14.44
N GLN A 104 0.51 -3.19 14.53
CA GLN A 104 1.09 -3.96 15.62
C GLN A 104 2.55 -4.32 15.35
N ALA A 105 2.79 -5.07 14.29
CA ALA A 105 4.14 -5.53 13.97
C ALA A 105 4.57 -5.02 12.61
N LEU A 106 5.88 -4.89 12.43
CA LEU A 106 6.45 -4.44 11.17
C LEU A 106 7.50 -5.43 10.72
N VAL A 107 7.39 -5.93 9.50
CA VAL A 107 8.28 -6.96 9.02
C VAL A 107 8.75 -6.69 7.59
N TRP A 108 10.00 -7.05 7.32
CA TRP A 108 10.54 -6.99 5.97
C TRP A 108 10.63 -8.38 5.38
N CYS A 109 9.92 -8.60 4.30
CA CYS A 109 9.99 -9.88 3.59
C CYS A 109 10.03 -9.65 2.09
N SER A 110 10.57 -10.60 1.36
CA SER A 110 10.74 -10.49 -0.08
C SER A 110 9.37 -10.53 -0.76
N PRO A 111 9.25 -9.96 -1.98
CA PRO A 111 7.99 -9.94 -2.72
C PRO A 111 7.33 -11.31 -2.84
N GLU A 112 8.11 -12.30 -3.24
CA GLU A 112 7.59 -13.66 -3.42
C GLU A 112 7.11 -14.24 -2.09
N GLU A 113 7.82 -13.90 -1.02
CA GLU A 113 7.50 -14.38 0.32
C GLU A 113 6.19 -13.76 0.80
N ALA A 114 6.02 -12.48 0.51
CA ALA A 114 4.90 -11.70 1.01
C ALA A 114 3.56 -12.27 0.55
N LEU A 115 3.49 -12.69 -0.71
CA LEU A 115 2.24 -13.15 -1.30
C LEU A 115 1.84 -14.53 -0.76
N GLN A 116 2.73 -15.15 0.02
CA GLN A 116 2.43 -16.42 0.65
C GLN A 116 1.83 -16.21 2.03
N TYR A 117 1.69 -14.95 2.40
CA TYR A 117 1.14 -14.60 3.71
C TYR A 117 -0.28 -14.06 3.59
N PRO A 118 -1.02 -14.00 4.70
CA PRO A 118 -2.40 -13.51 4.71
C PRO A 118 -2.49 -12.01 4.49
N LEU A 119 -2.23 -11.59 3.27
CA LEU A 119 -2.36 -10.20 2.86
C LEU A 119 -3.82 -9.88 2.56
N ALA A 120 -4.21 -8.62 2.71
CA ALA A 120 -5.56 -8.19 2.37
C ALA A 120 -5.84 -8.45 0.89
N PRO A 121 -7.12 -8.73 0.54
CA PRO A 121 -7.52 -9.10 -0.83
C PRO A 121 -7.12 -8.08 -1.89
N ALA A 122 -6.87 -6.84 -1.49
CA ALA A 122 -6.50 -5.79 -2.42
C ALA A 122 -4.99 -5.73 -2.61
N ASP A 123 -4.26 -6.19 -1.60
CA ASP A 123 -2.81 -6.10 -1.58
C ASP A 123 -2.19 -7.20 -2.43
N ILE A 124 -2.96 -8.27 -2.62
CA ILE A 124 -2.50 -9.42 -3.38
C ILE A 124 -2.20 -9.03 -4.84
N PRO A 125 -3.19 -8.50 -5.59
CA PRO A 125 -2.99 -8.09 -7.00
C PRO A 125 -1.90 -7.04 -7.15
N LEU A 126 -1.68 -6.26 -6.11
CA LEU A 126 -0.69 -5.20 -6.14
C LEU A 126 0.72 -5.78 -6.03
N LEU A 127 0.88 -6.72 -5.11
CA LEU A 127 2.17 -7.37 -4.91
C LEU A 127 2.48 -8.27 -6.09
N GLU A 128 1.45 -8.93 -6.61
CA GLU A 128 1.58 -9.78 -7.79
C GLU A 128 2.32 -9.04 -8.91
N ALA A 129 1.92 -7.80 -9.15
CA ALA A 129 2.52 -7.02 -10.22
C ALA A 129 3.85 -6.43 -9.81
N PHE A 130 4.10 -6.35 -8.51
CA PHE A 130 5.36 -5.80 -8.04
C PHE A 130 6.47 -6.81 -8.29
N MET A 131 6.21 -8.05 -7.91
CA MET A 131 7.16 -9.11 -8.18
C MET A 131 7.23 -9.37 -9.68
N ALA A 132 6.10 -9.19 -10.38
CA ALA A 132 6.08 -9.24 -11.83
C ALA A 132 7.04 -8.22 -12.42
N LEU A 133 7.06 -7.03 -11.83
CA LEU A 133 7.91 -5.95 -12.32
C LEU A 133 9.38 -6.30 -12.16
N ARG A 134 9.72 -7.00 -11.09
CA ARG A 134 11.11 -7.37 -10.82
C ARG A 134 11.53 -8.60 -11.64
N ALA A 135 10.57 -9.46 -11.97
CA ALA A 135 10.89 -10.72 -12.62
C ALA A 135 10.82 -10.61 -14.14
N ALA A 136 9.82 -9.89 -14.64
CA ALA A 136 9.67 -9.68 -16.07
C ALA A 136 10.46 -8.47 -16.51
N ARG A 137 10.49 -7.47 -15.63
CA ARG A 137 11.21 -6.21 -15.86
C ARG A 137 10.63 -5.45 -17.06
N PRO A 138 9.86 -4.38 -16.78
CA PRO A 138 9.23 -3.55 -17.82
C PRO A 138 10.24 -2.77 -18.64
N ALA A 139 11.47 -2.84 -18.20
CA ALA A 139 12.58 -2.20 -18.87
C ALA A 139 13.31 -3.21 -19.77
N ASP A 140 12.67 -3.57 -20.87
CA ASP A 140 13.23 -4.52 -21.82
C ASP A 140 12.43 -4.50 -23.11
N GLY A 1 -28.51 8.04 -1.48
CA GLY A 1 -28.70 7.80 -2.93
C GLY A 1 -29.72 6.73 -3.21
N PRO A 2 -30.92 7.10 -3.72
CA PRO A 2 -31.96 6.13 -4.11
C PRO A 2 -31.51 5.24 -5.26
N LEU A 3 -30.73 5.82 -6.16
CA LEU A 3 -30.15 5.09 -7.27
C LEU A 3 -28.67 4.85 -7.00
N GLY A 4 -28.08 3.90 -7.72
CA GLY A 4 -26.70 3.53 -7.45
C GLY A 4 -25.71 4.46 -8.11
N SER A 5 -25.58 5.67 -7.58
CA SER A 5 -24.58 6.60 -8.04
C SER A 5 -23.24 6.23 -7.39
N MET A 6 -22.29 5.81 -8.21
CA MET A 6 -21.05 5.26 -7.68
C MET A 6 -20.10 6.36 -7.22
N LYS A 7 -19.66 6.24 -5.98
CA LYS A 7 -18.65 7.11 -5.44
C LYS A 7 -17.32 6.39 -5.45
N MET A 8 -16.25 7.10 -5.77
CA MET A 8 -14.95 6.48 -5.87
C MET A 8 -14.11 6.77 -4.64
N ILE A 9 -13.44 5.73 -4.18
CA ILE A 9 -12.58 5.79 -3.01
C ILE A 9 -11.15 5.57 -3.44
N GLU A 10 -10.31 6.56 -3.25
CA GLU A 10 -8.93 6.45 -3.65
C GLU A 10 -8.07 6.06 -2.47
N VAL A 11 -7.34 4.97 -2.62
CA VAL A 11 -6.47 4.49 -1.56
C VAL A 11 -5.07 4.31 -2.10
N VAL A 12 -4.10 4.88 -1.42
CA VAL A 12 -2.71 4.77 -1.85
C VAL A 12 -1.94 3.82 -0.96
N ALA A 13 -1.16 2.96 -1.58
CA ALA A 13 -0.39 1.98 -0.86
C ALA A 13 1.10 2.22 -1.06
N ALA A 14 1.84 2.27 0.03
CA ALA A 14 3.27 2.51 -0.03
C ALA A 14 4.02 1.21 0.14
N ILE A 15 4.67 0.77 -0.92
CA ILE A 15 5.46 -0.43 -0.87
C ILE A 15 6.91 -0.05 -0.59
N ILE A 16 7.31 -0.21 0.67
CA ILE A 16 8.65 0.12 1.08
C ILE A 16 9.52 -1.11 0.99
N GLU A 17 10.38 -1.12 -0.02
CA GLU A 17 11.22 -2.27 -0.28
C GLU A 17 12.67 -1.93 -0.01
N ARG A 18 13.30 -2.71 0.85
CA ARG A 18 14.69 -2.52 1.16
C ARG A 18 15.38 -3.87 1.28
N ASP A 19 16.51 -4.01 0.59
CA ASP A 19 17.31 -5.24 0.61
C ASP A 19 16.57 -6.38 -0.10
N GLY A 20 15.56 -6.05 -0.88
CA GLY A 20 14.78 -7.08 -1.55
C GLY A 20 13.61 -7.53 -0.72
N LYS A 21 13.34 -6.79 0.35
CA LYS A 21 12.26 -7.13 1.26
C LYS A 21 11.26 -5.97 1.33
N ILE A 22 9.98 -6.30 1.41
CA ILE A 22 8.93 -5.30 1.45
C ILE A 22 8.40 -5.16 2.87
N LEU A 23 8.12 -3.93 3.27
CA LEU A 23 7.62 -3.66 4.60
C LEU A 23 6.13 -4.00 4.71
N LEU A 24 5.83 -4.96 5.56
CA LEU A 24 4.45 -5.32 5.85
C LEU A 24 4.13 -5.01 7.29
N ALA A 25 3.01 -4.35 7.50
CA ALA A 25 2.62 -3.94 8.83
C ALA A 25 1.30 -4.59 9.26
N GLN A 26 1.35 -5.25 10.40
CA GLN A 26 0.20 -5.96 10.94
C GLN A 26 -0.85 -5.00 11.49
N ARG A 27 -2.00 -4.96 10.81
CA ARG A 27 -3.14 -4.11 11.17
C ARG A 27 -4.01 -3.95 9.94
N PRO A 28 -5.13 -4.70 9.83
CA PRO A 28 -6.04 -4.58 8.70
C PRO A 28 -7.04 -3.46 8.91
N ALA A 29 -8.19 -3.55 8.27
CA ALA A 29 -9.18 -2.48 8.35
C ALA A 29 -10.60 -3.02 8.34
N GLN A 30 -10.97 -3.68 7.25
CA GLN A 30 -12.33 -4.18 7.08
C GLN A 30 -12.45 -5.60 7.59
N SER A 31 -11.49 -5.99 8.41
CA SER A 31 -11.47 -7.33 8.97
C SER A 31 -10.90 -7.27 10.37
N ASP A 32 -11.64 -7.76 11.34
CA ASP A 32 -11.14 -7.81 12.70
C ASP A 32 -10.50 -9.17 12.93
N GLN A 33 -9.33 -9.35 12.35
CA GLN A 33 -8.60 -10.60 12.46
C GLN A 33 -7.12 -10.29 12.66
N ALA A 34 -6.53 -10.92 13.66
CA ALA A 34 -5.14 -10.64 14.00
C ALA A 34 -4.22 -11.54 13.18
N GLY A 35 -3.07 -11.01 12.81
CA GLY A 35 -2.09 -11.80 12.09
C GLY A 35 -1.86 -11.32 10.67
N LEU A 36 -2.85 -10.65 10.12
CA LEU A 36 -2.77 -10.18 8.74
C LEU A 36 -1.88 -8.94 8.61
N TRP A 37 -1.22 -8.84 7.46
CA TRP A 37 -0.33 -7.72 7.18
C TRP A 37 -0.82 -6.99 5.94
N GLU A 38 -0.45 -5.72 5.80
CA GLU A 38 -0.84 -4.92 4.65
C GLU A 38 0.25 -3.91 4.33
N PHE A 39 0.13 -3.24 3.20
CA PHE A 39 1.04 -2.17 2.85
C PHE A 39 0.62 -0.90 3.57
N ALA A 40 1.59 -0.08 3.95
CA ALA A 40 1.31 1.15 4.69
C ALA A 40 0.72 2.21 3.76
N GLY A 41 0.05 3.20 4.33
CA GLY A 41 -0.58 4.22 3.52
C GLY A 41 -1.96 4.58 4.04
N GLY A 42 -2.92 4.70 3.13
CA GLY A 42 -4.26 5.08 3.53
C GLY A 42 -5.06 5.69 2.40
N LYS A 43 -6.23 6.21 2.72
CA LYS A 43 -7.11 6.83 1.73
C LYS A 43 -6.63 8.24 1.37
N VAL A 44 -6.99 8.68 0.18
CA VAL A 44 -6.65 10.02 -0.29
C VAL A 44 -7.88 10.90 -0.25
N GLU A 45 -7.76 12.06 0.35
CA GLU A 45 -8.84 13.03 0.34
C GLU A 45 -8.66 13.96 -0.86
N PRO A 46 -9.76 14.53 -1.40
CA PRO A 46 -9.69 15.47 -2.52
C PRO A 46 -9.03 16.80 -2.14
N ASP A 47 -8.41 16.81 -0.96
CA ASP A 47 -7.74 17.99 -0.44
C ASP A 47 -6.23 17.84 -0.56
N GLU A 48 -5.79 16.64 -0.90
CA GLU A 48 -4.38 16.32 -0.93
C GLU A 48 -4.02 15.55 -2.18
N SER A 49 -2.73 15.40 -2.41
CA SER A 49 -2.24 14.63 -3.53
C SER A 49 -2.00 13.18 -3.11
N GLN A 50 -1.95 12.28 -4.07
CA GLN A 50 -1.87 10.85 -3.78
C GLN A 50 -0.50 10.47 -3.20
N ARG A 51 0.56 11.01 -3.78
CA ARG A 51 1.90 10.78 -3.23
C ARG A 51 2.02 11.50 -1.89
N GLN A 52 1.33 12.63 -1.81
CA GLN A 52 1.33 13.47 -0.62
C GLN A 52 0.71 12.71 0.54
N ALA A 53 -0.37 11.99 0.25
CA ALA A 53 -1.06 11.20 1.25
C ALA A 53 -0.15 10.13 1.82
N LEU A 54 0.59 9.45 0.96
CA LEU A 54 1.52 8.42 1.41
C LEU A 54 2.61 9.02 2.29
N VAL A 55 3.19 10.12 1.83
CA VAL A 55 4.28 10.77 2.53
C VAL A 55 3.83 11.22 3.92
N ARG A 56 2.66 11.84 4.01
CA ARG A 56 2.16 12.30 5.29
C ARG A 56 1.79 11.14 6.21
N GLU A 57 1.15 10.11 5.65
CA GLU A 57 0.78 8.94 6.44
C GLU A 57 2.00 8.24 7.02
N LEU A 58 2.99 7.91 6.18
CA LEU A 58 4.16 7.18 6.64
C LEU A 58 4.92 8.00 7.68
N ARG A 59 4.95 9.32 7.51
CA ARG A 59 5.54 10.20 8.50
C ARG A 59 4.84 10.05 9.85
N GLU A 60 3.53 9.82 9.81
CA GLU A 60 2.75 9.70 11.03
C GLU A 60 2.77 8.28 11.59
N GLU A 61 2.68 7.29 10.72
CA GLU A 61 2.64 5.91 11.19
C GLU A 61 4.01 5.26 11.24
N LEU A 62 4.83 5.48 10.23
CA LEU A 62 6.10 4.78 10.13
C LEU A 62 7.26 5.67 10.56
N GLY A 63 6.95 6.88 11.01
CA GLY A 63 7.98 7.83 11.42
C GLY A 63 9.05 8.05 10.37
N ILE A 64 8.72 7.88 9.09
CA ILE A 64 9.68 8.11 8.03
C ILE A 64 9.18 9.10 6.99
N GLU A 65 10.09 9.93 6.53
CA GLU A 65 9.81 10.88 5.48
C GLU A 65 10.17 10.26 4.13
N ALA A 66 9.17 9.65 3.50
CA ALA A 66 9.40 8.87 2.30
C ALA A 66 9.39 9.74 1.05
N THR A 67 10.02 9.25 0.00
CA THR A 67 10.00 9.91 -1.29
C THR A 67 9.34 9.01 -2.32
N VAL A 68 8.11 9.34 -2.68
CA VAL A 68 7.36 8.55 -3.64
C VAL A 68 7.77 8.91 -5.06
N GLY A 69 8.25 7.93 -5.82
CA GLY A 69 8.79 8.23 -7.13
C GLY A 69 9.06 6.99 -7.97
N GLU A 70 7.98 6.31 -8.39
CA GLU A 70 8.03 5.16 -9.31
C GLU A 70 6.75 4.34 -9.16
N TYR A 71 6.27 3.81 -10.27
CA TYR A 71 4.95 3.19 -10.32
C TYR A 71 5.04 1.67 -10.36
N VAL A 72 4.35 1.00 -9.44
CA VAL A 72 4.29 -0.46 -9.45
C VAL A 72 3.03 -0.94 -10.16
N ALA A 73 1.88 -0.74 -9.53
CA ALA A 73 0.61 -1.14 -10.12
C ALA A 73 -0.57 -0.45 -9.46
N SER A 74 -1.75 -0.71 -9.98
CA SER A 74 -2.97 -0.20 -9.40
C SER A 74 -4.09 -1.24 -9.53
N HIS A 75 -4.99 -1.27 -8.57
CA HIS A 75 -6.08 -2.23 -8.57
C HIS A 75 -7.40 -1.53 -8.28
N GLN A 76 -8.41 -1.86 -9.06
CA GLN A 76 -9.76 -1.38 -8.79
C GLN A 76 -10.61 -2.48 -8.20
N ARG A 77 -11.41 -2.12 -7.22
CA ARG A 77 -12.37 -3.02 -6.62
C ARG A 77 -13.51 -2.19 -6.08
N GLU A 78 -14.55 -2.81 -5.58
CA GLU A 78 -15.64 -2.05 -5.02
C GLU A 78 -15.87 -2.40 -3.56
N VAL A 79 -16.35 -1.42 -2.81
CA VAL A 79 -16.77 -1.66 -1.45
C VAL A 79 -18.27 -1.38 -1.37
N SER A 80 -19.04 -2.45 -1.54
CA SER A 80 -20.50 -2.37 -1.55
C SER A 80 -21.01 -1.16 -2.35
N GLY A 81 -20.88 -1.21 -3.66
CA GLY A 81 -21.40 -0.15 -4.52
C GLY A 81 -20.41 0.97 -4.80
N ARG A 82 -19.43 1.18 -3.93
CA ARG A 82 -18.45 2.24 -4.14
C ARG A 82 -17.19 1.68 -4.78
N ILE A 83 -16.62 2.40 -5.74
CA ILE A 83 -15.46 1.90 -6.47
C ILE A 83 -14.16 2.41 -5.85
N ILE A 84 -13.35 1.50 -5.34
CA ILE A 84 -12.07 1.84 -4.76
C ILE A 84 -10.95 1.75 -5.79
N HIS A 85 -10.07 2.74 -5.76
CA HIS A 85 -8.97 2.85 -6.71
C HIS A 85 -7.64 2.90 -5.98
N LEU A 86 -6.97 1.76 -5.89
CA LEU A 86 -5.71 1.67 -5.16
C LEU A 86 -4.51 1.93 -6.06
N HIS A 87 -3.57 2.73 -5.58
CA HIS A 87 -2.31 2.97 -6.27
C HIS A 87 -1.16 2.40 -5.45
N ALA A 88 -0.44 1.45 -6.02
CA ALA A 88 0.73 0.88 -5.37
C ALA A 88 2.01 1.52 -5.90
N TRP A 89 2.63 2.34 -5.07
CA TRP A 89 3.90 2.95 -5.41
C TRP A 89 5.03 2.30 -4.65
N HIS A 90 6.21 2.28 -5.25
CA HIS A 90 7.40 1.74 -4.61
C HIS A 90 8.17 2.87 -3.95
N VAL A 91 8.51 2.70 -2.70
CA VAL A 91 9.28 3.69 -1.98
C VAL A 91 10.78 3.41 -2.13
N PRO A 92 11.46 4.20 -2.97
CA PRO A 92 12.87 4.04 -3.25
C PRO A 92 13.75 4.65 -2.17
N ASP A 93 13.20 5.64 -1.46
CA ASP A 93 13.97 6.39 -0.47
C ASP A 93 13.06 6.84 0.67
N PHE A 94 13.56 6.73 1.89
CA PHE A 94 12.84 7.18 3.07
C PHE A 94 13.81 7.70 4.12
N HIS A 95 13.46 8.82 4.74
CA HIS A 95 14.30 9.43 5.76
C HIS A 95 13.70 9.24 7.15
N GLY A 96 14.45 8.59 8.02
CA GLY A 96 13.98 8.35 9.37
C GLY A 96 14.09 6.91 9.77
N THR A 97 13.37 6.51 10.82
CA THR A 97 13.36 5.13 11.25
C THR A 97 11.95 4.57 11.16
N LEU A 98 11.80 3.53 10.37
CA LEU A 98 10.49 2.95 10.11
C LEU A 98 9.98 2.20 11.32
N GLN A 99 8.88 2.70 11.86
CA GLN A 99 8.31 2.20 13.09
C GLN A 99 6.81 2.00 12.91
N ALA A 100 6.16 1.38 13.89
CA ALA A 100 4.72 1.17 13.80
C ALA A 100 3.99 2.05 14.80
N HIS A 101 3.20 2.99 14.30
CA HIS A 101 2.41 3.88 15.13
C HIS A 101 0.94 3.45 15.08
N GLU A 102 0.41 3.40 13.86
CA GLU A 102 -0.98 3.00 13.65
C GLU A 102 -1.07 1.50 13.43
N HIS A 103 -0.10 0.95 12.71
CA HIS A 103 0.02 -0.49 12.55
C HIS A 103 0.67 -1.08 13.80
N GLN A 104 0.52 -2.38 14.02
CA GLN A 104 0.98 -2.99 15.26
C GLN A 104 2.47 -3.34 15.20
N ALA A 105 2.88 -4.05 14.16
CA ALA A 105 4.28 -4.47 14.01
C ALA A 105 4.68 -4.53 12.55
N LEU A 106 5.98 -4.61 12.29
CA LEU A 106 6.50 -4.63 10.93
C LEU A 106 7.22 -5.95 10.66
N VAL A 107 7.05 -6.49 9.47
CA VAL A 107 7.84 -7.62 9.02
C VAL A 107 8.45 -7.32 7.65
N TRP A 108 9.73 -7.60 7.49
CA TRP A 108 10.39 -7.43 6.20
C TRP A 108 10.51 -8.77 5.49
N CYS A 109 9.80 -8.92 4.39
CA CYS A 109 9.85 -10.16 3.62
C CYS A 109 9.95 -9.86 2.13
N SER A 110 10.55 -10.78 1.40
CA SER A 110 10.75 -10.62 -0.04
C SER A 110 9.39 -10.60 -0.76
N PRO A 111 9.33 -10.08 -1.99
CA PRO A 111 8.09 -10.03 -2.78
C PRO A 111 7.36 -11.37 -2.81
N GLU A 112 8.09 -12.43 -3.12
CA GLU A 112 7.49 -13.78 -3.18
C GLU A 112 7.01 -14.23 -1.80
N GLU A 113 7.71 -13.79 -0.76
CA GLU A 113 7.35 -14.12 0.61
C GLU A 113 6.09 -13.39 1.03
N ALA A 114 5.97 -12.13 0.60
CA ALA A 114 4.85 -11.27 0.99
C ALA A 114 3.52 -11.88 0.60
N LEU A 115 3.45 -12.48 -0.58
CA LEU A 115 2.21 -13.06 -1.07
C LEU A 115 1.88 -14.35 -0.33
N GLN A 116 2.87 -14.90 0.38
CA GLN A 116 2.66 -16.07 1.21
C GLN A 116 2.01 -15.68 2.55
N TYR A 117 2.02 -14.38 2.83
CA TYR A 117 1.47 -13.88 4.06
C TYR A 117 0.00 -13.54 3.89
N PRO A 118 -0.75 -13.46 4.99
CA PRO A 118 -2.16 -13.08 4.96
C PRO A 118 -2.33 -11.60 4.60
N LEU A 119 -2.29 -11.31 3.31
CA LEU A 119 -2.48 -9.97 2.80
C LEU A 119 -3.95 -9.74 2.48
N ALA A 120 -4.36 -8.47 2.56
CA ALA A 120 -5.73 -8.11 2.23
C ALA A 120 -6.01 -8.33 0.74
N PRO A 121 -7.29 -8.52 0.37
CA PRO A 121 -7.69 -8.81 -1.02
C PRO A 121 -7.19 -7.77 -2.03
N ALA A 122 -6.92 -6.56 -1.56
CA ALA A 122 -6.46 -5.49 -2.43
C ALA A 122 -4.94 -5.52 -2.58
N ASP A 123 -4.26 -6.02 -1.57
CA ASP A 123 -2.81 -6.03 -1.53
C ASP A 123 -2.25 -7.15 -2.39
N ILE A 124 -3.08 -8.18 -2.60
CA ILE A 124 -2.68 -9.34 -3.36
C ILE A 124 -2.31 -8.97 -4.80
N PRO A 125 -3.26 -8.40 -5.59
CA PRO A 125 -3.01 -8.04 -6.99
C PRO A 125 -1.94 -6.97 -7.13
N LEU A 126 -1.75 -6.18 -6.08
CA LEU A 126 -0.72 -5.14 -6.09
C LEU A 126 0.65 -5.78 -5.96
N LEU A 127 0.76 -6.75 -5.05
CA LEU A 127 2.00 -7.47 -4.86
C LEU A 127 2.28 -8.40 -6.04
N GLU A 128 1.22 -9.01 -6.57
CA GLU A 128 1.34 -9.83 -7.78
C GLU A 128 2.05 -9.08 -8.89
N ALA A 129 1.69 -7.82 -9.09
CA ALA A 129 2.31 -7.02 -10.12
C ALA A 129 3.64 -6.46 -9.66
N PHE A 130 3.90 -6.50 -8.36
CA PHE A 130 5.18 -6.03 -7.84
C PHE A 130 6.23 -7.09 -8.13
N MET A 131 5.88 -8.33 -7.81
CA MET A 131 6.75 -9.46 -8.14
C MET A 131 6.85 -9.59 -9.65
N ALA A 132 5.74 -9.32 -10.36
CA ALA A 132 5.77 -9.25 -11.81
C ALA A 132 6.73 -8.18 -12.29
N LEU A 133 6.75 -7.05 -11.58
CA LEU A 133 7.60 -5.94 -11.95
C LEU A 133 9.07 -6.28 -11.76
N ARG A 134 9.36 -7.14 -10.81
CA ARG A 134 10.72 -7.58 -10.58
C ARG A 134 11.09 -8.77 -11.47
N ALA A 135 10.11 -9.53 -11.92
CA ALA A 135 10.38 -10.72 -12.71
C ALA A 135 10.46 -10.38 -14.20
N ALA A 136 9.58 -9.49 -14.64
CA ALA A 136 9.56 -9.06 -16.03
C ALA A 136 10.43 -7.82 -16.19
N ARG A 137 10.38 -6.95 -15.18
CA ARG A 137 11.19 -5.72 -15.14
C ARG A 137 10.90 -4.79 -16.31
N PRO A 138 9.94 -3.87 -16.15
CA PRO A 138 9.66 -2.84 -17.14
C PRO A 138 10.86 -1.93 -17.38
N ALA A 139 11.06 -1.55 -18.62
CA ALA A 139 12.19 -0.70 -18.98
C ALA A 139 11.97 0.72 -18.49
N ASP A 140 10.93 1.36 -18.98
CA ASP A 140 10.63 2.74 -18.62
C ASP A 140 9.49 2.78 -17.61
N GLY A 1 -29.64 11.06 -14.49
CA GLY A 1 -28.89 10.09 -15.33
C GLY A 1 -28.77 8.74 -14.65
N PRO A 2 -27.55 8.33 -14.27
CA PRO A 2 -27.33 7.04 -13.62
C PRO A 2 -27.85 7.02 -12.18
N LEU A 3 -28.87 6.22 -11.94
CA LEU A 3 -29.41 6.06 -10.58
C LEU A 3 -28.39 5.36 -9.69
N GLY A 4 -27.47 4.65 -10.31
CA GLY A 4 -26.41 4.01 -9.57
C GLY A 4 -25.13 4.79 -9.65
N SER A 5 -25.03 5.86 -8.86
CA SER A 5 -23.83 6.68 -8.84
C SER A 5 -22.89 6.19 -7.74
N MET A 6 -21.73 5.72 -8.16
CA MET A 6 -20.78 5.12 -7.23
C MET A 6 -19.91 6.17 -6.57
N LYS A 7 -19.60 5.94 -5.30
CA LYS A 7 -18.67 6.80 -4.57
C LYS A 7 -17.27 6.23 -4.74
N MET A 8 -16.28 7.08 -4.97
CA MET A 8 -14.93 6.58 -5.16
C MET A 8 -14.06 6.84 -3.94
N ILE A 9 -13.33 5.80 -3.56
CA ILE A 9 -12.38 5.87 -2.47
C ILE A 9 -10.98 5.65 -3.02
N GLU A 10 -10.15 6.66 -2.93
CA GLU A 10 -8.79 6.57 -3.45
C GLU A 10 -7.87 6.17 -2.31
N VAL A 11 -7.09 5.13 -2.52
CA VAL A 11 -6.19 4.64 -1.49
C VAL A 11 -4.81 4.40 -2.09
N VAL A 12 -3.79 4.94 -1.44
CA VAL A 12 -2.43 4.72 -1.87
C VAL A 12 -1.73 3.77 -0.93
N ALA A 13 -1.01 2.83 -1.50
CA ALA A 13 -0.24 1.87 -0.75
C ALA A 13 1.24 2.06 -1.08
N ALA A 14 2.07 2.12 -0.08
CA ALA A 14 3.48 2.37 -0.29
C ALA A 14 4.26 1.09 -0.19
N ILE A 15 4.99 0.78 -1.23
CA ILE A 15 5.83 -0.38 -1.21
C ILE A 15 7.22 0.05 -0.80
N ILE A 16 7.52 -0.17 0.47
CA ILE A 16 8.76 0.28 1.05
C ILE A 16 9.78 -0.83 0.97
N GLU A 17 10.78 -0.65 0.13
CA GLU A 17 11.76 -1.69 -0.12
C GLU A 17 13.08 -1.33 0.54
N ARG A 18 13.66 -2.30 1.21
CA ARG A 18 14.97 -2.13 1.78
C ARG A 18 15.74 -3.43 1.67
N ASP A 19 16.87 -3.37 0.99
CA ASP A 19 17.74 -4.54 0.77
C ASP A 19 17.08 -5.61 -0.10
N GLY A 20 15.96 -5.28 -0.73
CA GLY A 20 15.28 -6.25 -1.56
C GLY A 20 14.04 -6.80 -0.90
N LYS A 21 13.74 -6.30 0.30
CA LYS A 21 12.57 -6.76 1.04
C LYS A 21 11.56 -5.64 1.18
N ILE A 22 10.28 -5.99 1.30
CA ILE A 22 9.22 -5.01 1.40
C ILE A 22 8.71 -4.94 2.84
N LEU A 23 8.28 -3.76 3.25
CA LEU A 23 7.79 -3.56 4.61
C LEU A 23 6.30 -3.91 4.73
N LEU A 24 6.00 -4.91 5.54
CA LEU A 24 4.62 -5.32 5.79
C LEU A 24 4.21 -4.95 7.21
N ALA A 25 2.99 -4.46 7.36
CA ALA A 25 2.49 -4.05 8.67
C ALA A 25 1.26 -4.86 9.07
N GLN A 26 1.35 -5.55 10.20
CA GLN A 26 0.25 -6.39 10.69
C GLN A 26 -0.94 -5.55 11.15
N ARG A 27 -2.03 -5.63 10.38
CA ARG A 27 -3.32 -5.00 10.68
C ARG A 27 -4.08 -4.80 9.38
N PRO A 28 -5.35 -5.20 9.31
CA PRO A 28 -6.19 -4.95 8.15
C PRO A 28 -6.91 -3.60 8.27
N ALA A 29 -8.12 -3.50 7.73
CA ALA A 29 -8.86 -2.26 7.80
C ALA A 29 -9.89 -2.29 8.94
N GLN A 30 -10.97 -3.04 8.73
CA GLN A 30 -12.02 -3.14 9.74
C GLN A 30 -12.13 -4.56 10.28
N SER A 31 -11.36 -5.47 9.70
CA SER A 31 -11.41 -6.87 10.11
C SER A 31 -10.82 -7.05 11.51
N ASP A 32 -11.45 -7.90 12.30
CA ASP A 32 -10.99 -8.16 13.66
C ASP A 32 -9.93 -9.26 13.65
N GLN A 33 -9.90 -10.01 12.55
CA GLN A 33 -8.93 -11.07 12.38
C GLN A 33 -7.52 -10.50 12.28
N ALA A 34 -6.82 -10.51 13.40
CA ALA A 34 -5.46 -10.02 13.47
C ALA A 34 -4.49 -11.08 12.98
N GLY A 35 -3.33 -10.65 12.54
CA GLY A 35 -2.33 -11.57 12.04
C GLY A 35 -2.09 -11.36 10.57
N LEU A 36 -3.03 -10.72 9.92
CA LEU A 36 -2.91 -10.39 8.52
C LEU A 36 -1.99 -9.20 8.31
N TRP A 37 -1.32 -9.19 7.18
CA TRP A 37 -0.37 -8.13 6.86
C TRP A 37 -0.82 -7.36 5.63
N GLU A 38 -0.40 -6.12 5.52
CA GLU A 38 -0.65 -5.30 4.35
C GLU A 38 0.43 -4.23 4.23
N PHE A 39 0.56 -3.64 3.06
CA PHE A 39 1.51 -2.57 2.87
C PHE A 39 0.92 -1.27 3.39
N ALA A 40 1.74 -0.47 4.06
CA ALA A 40 1.27 0.75 4.68
C ALA A 40 0.89 1.81 3.64
N GLY A 41 0.11 2.78 4.05
CA GLY A 41 -0.34 3.81 3.15
C GLY A 41 -1.48 4.61 3.74
N GLY A 42 -2.52 4.82 2.95
CA GLY A 42 -3.66 5.56 3.43
C GLY A 42 -4.58 6.02 2.33
N LYS A 43 -5.69 6.63 2.72
CA LYS A 43 -6.66 7.16 1.78
C LYS A 43 -6.18 8.48 1.21
N VAL A 44 -6.55 8.75 -0.03
CA VAL A 44 -6.13 9.96 -0.71
C VAL A 44 -7.25 10.99 -0.68
N GLU A 45 -7.04 12.06 0.06
CA GLU A 45 -8.01 13.14 0.10
C GLU A 45 -7.93 13.93 -1.20
N PRO A 46 -9.06 14.42 -1.71
CA PRO A 46 -9.13 15.14 -2.99
C PRO A 46 -8.33 16.44 -2.97
N ASP A 47 -7.88 16.85 -1.79
CA ASP A 47 -7.13 18.09 -1.63
C ASP A 47 -5.63 17.81 -1.62
N GLU A 48 -5.29 16.54 -1.67
CA GLU A 48 -3.90 16.12 -1.68
C GLU A 48 -3.62 15.19 -2.86
N SER A 49 -2.37 15.08 -3.24
CA SER A 49 -2.01 14.25 -4.38
C SER A 49 -1.53 12.87 -3.92
N GLN A 50 -1.41 11.95 -4.87
CA GLN A 50 -1.12 10.55 -4.56
C GLN A 50 0.21 10.37 -3.82
N ARG A 51 1.29 10.91 -4.37
CA ARG A 51 2.60 10.79 -3.72
C ARG A 51 2.58 11.51 -2.38
N GLN A 52 1.82 12.59 -2.36
CA GLN A 52 1.73 13.45 -1.18
C GLN A 52 1.01 12.73 -0.06
N ALA A 53 -0.07 12.04 -0.41
CA ALA A 53 -0.84 11.27 0.55
C ALA A 53 0.03 10.19 1.20
N LEU A 54 0.80 9.47 0.38
CA LEU A 54 1.69 8.45 0.91
C LEU A 54 2.70 9.04 1.87
N VAL A 55 3.30 10.15 1.46
CA VAL A 55 4.33 10.80 2.24
C VAL A 55 3.79 11.23 3.61
N ARG A 56 2.60 11.80 3.65
CA ARG A 56 2.01 12.20 4.92
C ARG A 56 1.58 10.98 5.73
N GLU A 57 0.92 10.03 5.07
CA GLU A 57 0.39 8.86 5.76
C GLU A 57 1.50 8.02 6.40
N LEU A 58 2.61 7.83 5.69
CA LEU A 58 3.70 7.06 6.24
C LEU A 58 4.38 7.82 7.37
N ARG A 59 4.35 9.14 7.31
CA ARG A 59 4.86 9.92 8.41
C ARG A 59 3.95 9.79 9.63
N GLU A 60 2.65 9.76 9.40
CA GLU A 60 1.70 9.72 10.49
C GLU A 60 1.56 8.31 11.08
N GLU A 61 1.69 7.29 10.25
CA GLU A 61 1.72 5.91 10.77
C GLU A 61 3.14 5.47 11.10
N LEU A 62 4.05 5.62 10.14
CA LEU A 62 5.36 4.98 10.25
C LEU A 62 6.44 5.95 10.70
N GLY A 63 6.04 7.17 11.05
CA GLY A 63 7.01 8.20 11.40
C GLY A 63 8.20 8.32 10.46
N ILE A 64 7.99 8.07 9.17
CA ILE A 64 9.10 8.16 8.21
C ILE A 64 8.79 9.14 7.08
N GLU A 65 9.83 9.81 6.63
CA GLU A 65 9.74 10.70 5.48
C GLU A 65 10.05 9.91 4.22
N ALA A 66 9.01 9.44 3.55
CA ALA A 66 9.21 8.61 2.39
C ALA A 66 9.34 9.44 1.12
N THR A 67 10.00 8.87 0.12
CA THR A 67 10.12 9.50 -1.18
C THR A 67 9.44 8.64 -2.23
N VAL A 68 8.32 9.14 -2.75
CA VAL A 68 7.56 8.38 -3.74
C VAL A 68 8.11 8.66 -5.13
N GLY A 69 8.53 7.60 -5.82
CA GLY A 69 9.19 7.77 -7.09
C GLY A 69 8.52 7.00 -8.21
N GLU A 70 8.87 5.73 -8.33
CA GLU A 70 8.40 4.92 -9.44
C GLU A 70 7.06 4.24 -9.14
N TYR A 71 6.15 4.32 -10.10
CA TYR A 71 4.84 3.72 -9.97
C TYR A 71 4.89 2.23 -10.30
N VAL A 72 4.26 1.41 -9.45
CA VAL A 72 4.21 -0.04 -9.70
C VAL A 72 2.93 -0.42 -10.42
N ALA A 73 1.80 -0.34 -9.71
CA ALA A 73 0.51 -0.69 -10.29
C ALA A 73 -0.64 -0.15 -9.45
N SER A 74 -1.85 -0.41 -9.90
CA SER A 74 -3.05 -0.01 -9.18
C SER A 74 -4.14 -1.07 -9.37
N HIS A 75 -5.03 -1.19 -8.39
CA HIS A 75 -6.11 -2.17 -8.48
C HIS A 75 -7.42 -1.56 -7.97
N GLN A 76 -8.52 -2.00 -8.56
CA GLN A 76 -9.84 -1.51 -8.15
C GLN A 76 -10.66 -2.60 -7.49
N ARG A 77 -11.43 -2.19 -6.51
CA ARG A 77 -12.39 -3.07 -5.86
C ARG A 77 -13.48 -2.19 -5.27
N GLU A 78 -14.53 -2.77 -4.72
CA GLU A 78 -15.58 -1.96 -4.12
C GLU A 78 -15.73 -2.29 -2.65
N VAL A 79 -16.16 -1.29 -1.91
CA VAL A 79 -16.54 -1.46 -0.52
C VAL A 79 -17.99 -1.01 -0.35
N SER A 80 -18.90 -1.98 -0.42
CA SER A 80 -20.34 -1.72 -0.37
C SER A 80 -20.74 -0.55 -1.28
N GLY A 81 -20.63 -0.74 -2.59
CA GLY A 81 -21.06 0.27 -3.54
C GLY A 81 -20.02 1.34 -3.82
N ARG A 82 -19.04 1.49 -2.95
CA ARG A 82 -18.00 2.49 -3.16
C ARG A 82 -16.79 1.86 -3.83
N ILE A 83 -16.26 2.50 -4.84
CA ILE A 83 -15.16 1.93 -5.61
C ILE A 83 -13.83 2.43 -5.07
N ILE A 84 -13.06 1.50 -4.51
CA ILE A 84 -11.76 1.83 -3.98
C ILE A 84 -10.69 1.64 -5.03
N HIS A 85 -9.85 2.63 -5.17
CA HIS A 85 -8.81 2.63 -6.17
C HIS A 85 -7.45 2.66 -5.48
N LEU A 86 -6.85 1.49 -5.33
CA LEU A 86 -5.59 1.38 -4.61
C LEU A 86 -4.41 1.54 -5.56
N HIS A 87 -3.48 2.41 -5.17
CA HIS A 87 -2.28 2.66 -5.96
C HIS A 87 -1.06 2.17 -5.21
N ALA A 88 -0.38 1.16 -5.73
CA ALA A 88 0.83 0.67 -5.09
C ALA A 88 2.05 1.33 -5.71
N TRP A 89 2.64 2.27 -4.98
CA TRP A 89 3.79 3.00 -5.47
C TRP A 89 5.04 2.58 -4.72
N HIS A 90 6.16 2.51 -5.43
CA HIS A 90 7.40 2.06 -4.83
C HIS A 90 8.18 3.24 -4.28
N VAL A 91 8.41 3.25 -2.98
CA VAL A 91 9.25 4.26 -2.35
C VAL A 91 10.67 3.72 -2.22
N PRO A 92 11.59 4.22 -3.04
CA PRO A 92 12.97 3.72 -3.10
C PRO A 92 13.79 4.10 -1.86
N ASP A 93 13.29 5.04 -1.08
CA ASP A 93 13.99 5.49 0.11
C ASP A 93 13.05 6.15 1.10
N PHE A 94 13.42 6.08 2.37
CA PHE A 94 12.64 6.68 3.45
C PHE A 94 13.59 7.20 4.51
N HIS A 95 13.28 8.37 5.07
CA HIS A 95 14.12 8.96 6.10
C HIS A 95 13.42 8.88 7.45
N GLY A 96 14.11 8.30 8.42
CA GLY A 96 13.55 8.20 9.76
C GLY A 96 13.49 6.78 10.27
N THR A 97 12.76 6.57 11.35
CA THR A 97 12.63 5.27 11.96
C THR A 97 11.19 4.81 11.86
N LEU A 98 10.96 3.73 11.14
CA LEU A 98 9.60 3.28 10.85
C LEU A 98 8.97 2.67 12.09
N GLN A 99 7.84 3.23 12.44
CA GLN A 99 7.10 2.81 13.63
C GLN A 99 5.69 2.43 13.22
N ALA A 100 5.01 1.65 14.04
CA ALA A 100 3.64 1.29 13.74
C ALA A 100 2.68 2.03 14.66
N HIS A 101 1.98 3.02 14.12
CA HIS A 101 1.02 3.78 14.91
C HIS A 101 -0.35 3.12 14.87
N GLU A 102 -0.88 2.93 13.67
CA GLU A 102 -2.16 2.26 13.50
C GLU A 102 -1.97 0.76 13.41
N HIS A 103 -1.08 0.33 12.52
CA HIS A 103 -0.78 -1.09 12.37
C HIS A 103 0.00 -1.58 13.61
N GLN A 104 0.07 -2.89 13.80
CA GLN A 104 0.65 -3.45 15.02
C GLN A 104 2.16 -3.61 14.92
N ALA A 105 2.62 -4.46 14.00
CA ALA A 105 4.03 -4.76 13.89
C ALA A 105 4.50 -4.67 12.44
N LEU A 106 5.82 -4.68 12.23
CA LEU A 106 6.40 -4.57 10.91
C LEU A 106 7.27 -5.78 10.62
N VAL A 107 7.20 -6.29 9.40
CA VAL A 107 8.09 -7.38 8.98
C VAL A 107 8.65 -7.12 7.60
N TRP A 108 9.93 -7.42 7.43
CA TRP A 108 10.58 -7.33 6.13
C TRP A 108 10.62 -8.69 5.45
N CYS A 109 9.97 -8.80 4.32
CA CYS A 109 10.04 -10.02 3.53
C CYS A 109 10.13 -9.69 2.05
N SER A 110 10.69 -10.60 1.28
CA SER A 110 10.88 -10.39 -0.14
C SER A 110 9.54 -10.45 -0.88
N PRO A 111 9.43 -9.82 -2.06
CA PRO A 111 8.17 -9.75 -2.84
C PRO A 111 7.46 -11.10 -2.95
N GLU A 112 8.20 -12.14 -3.33
CA GLU A 112 7.62 -13.45 -3.52
C GLU A 112 7.13 -14.05 -2.21
N GLU A 113 7.85 -13.76 -1.13
CA GLU A 113 7.49 -14.25 0.19
C GLU A 113 6.23 -13.54 0.71
N ALA A 114 6.14 -12.25 0.43
CA ALA A 114 5.05 -11.41 0.91
C ALA A 114 3.68 -11.94 0.50
N LEU A 115 3.60 -12.45 -0.72
CA LEU A 115 2.33 -12.90 -1.26
C LEU A 115 1.87 -14.20 -0.60
N GLN A 116 2.80 -14.85 0.11
CA GLN A 116 2.47 -16.06 0.85
C GLN A 116 1.96 -15.71 2.24
N TYR A 117 2.05 -14.45 2.60
CA TYR A 117 1.54 -13.97 3.87
C TYR A 117 0.05 -13.70 3.75
N PRO A 118 -0.67 -13.63 4.88
CA PRO A 118 -2.09 -13.27 4.86
C PRO A 118 -2.27 -11.79 4.53
N LEU A 119 -2.10 -11.46 3.27
CA LEU A 119 -2.23 -10.08 2.81
C LEU A 119 -3.70 -9.73 2.60
N ALA A 120 -4.00 -8.44 2.72
CA ALA A 120 -5.34 -7.94 2.45
C ALA A 120 -5.75 -8.25 1.02
N PRO A 121 -7.05 -8.47 0.78
CA PRO A 121 -7.56 -8.84 -0.55
C PRO A 121 -7.18 -7.84 -1.65
N ALA A 122 -6.97 -6.59 -1.25
CA ALA A 122 -6.61 -5.54 -2.20
C ALA A 122 -5.10 -5.40 -2.32
N ASP A 123 -4.38 -5.94 -1.33
CA ASP A 123 -2.93 -5.83 -1.27
C ASP A 123 -2.30 -6.86 -2.21
N ILE A 124 -3.00 -7.96 -2.40
CA ILE A 124 -2.50 -9.10 -3.16
C ILE A 124 -2.24 -8.73 -4.63
N PRO A 125 -3.26 -8.25 -5.38
CA PRO A 125 -3.10 -7.88 -6.80
C PRO A 125 -2.03 -6.82 -7.02
N LEU A 126 -1.79 -6.00 -6.01
CA LEU A 126 -0.79 -4.96 -6.09
C LEU A 126 0.60 -5.57 -6.00
N LEU A 127 0.74 -6.57 -5.15
CA LEU A 127 2.03 -7.23 -4.96
C LEU A 127 2.30 -8.16 -6.14
N GLU A 128 1.26 -8.82 -6.64
CA GLU A 128 1.41 -9.72 -7.78
C GLU A 128 2.01 -8.99 -8.98
N ALA A 129 1.59 -7.75 -9.22
CA ALA A 129 2.15 -6.98 -10.32
C ALA A 129 3.51 -6.44 -9.97
N PHE A 130 3.77 -6.25 -8.68
CA PHE A 130 5.07 -5.78 -8.23
C PHE A 130 6.12 -6.85 -8.50
N MET A 131 5.77 -8.09 -8.14
CA MET A 131 6.65 -9.21 -8.40
C MET A 131 6.69 -9.51 -9.90
N ALA A 132 5.57 -9.32 -10.59
CA ALA A 132 5.52 -9.45 -12.04
C ALA A 132 6.49 -8.50 -12.73
N LEU A 133 6.41 -7.23 -12.37
CA LEU A 133 7.16 -6.18 -13.02
C LEU A 133 8.67 -6.36 -12.82
N ARG A 134 9.03 -7.00 -11.73
CA ARG A 134 10.45 -7.18 -11.41
C ARG A 134 10.98 -8.50 -11.95
N ALA A 135 10.09 -9.45 -12.19
CA ALA A 135 10.50 -10.76 -12.70
C ALA A 135 10.47 -10.77 -14.22
N ALA A 136 9.48 -10.11 -14.79
CA ALA A 136 9.33 -10.04 -16.24
C ALA A 136 10.01 -8.79 -16.78
N ARG A 137 10.18 -7.81 -15.89
CA ARG A 137 10.76 -6.49 -16.20
C ARG A 137 10.24 -5.94 -17.55
N PRO A 138 8.94 -5.60 -17.61
CA PRO A 138 8.33 -5.06 -18.82
C PRO A 138 8.43 -3.55 -18.89
N ALA A 139 8.77 -3.04 -20.06
CA ALA A 139 8.84 -1.61 -20.30
C ALA A 139 7.44 -1.04 -20.45
N ASP A 140 7.07 -0.16 -19.53
CA ASP A 140 5.75 0.44 -19.51
C ASP A 140 5.49 1.25 -20.78
N GLY A 1 -30.33 4.86 -2.80
CA GLY A 1 -31.19 5.75 -3.62
C GLY A 1 -31.45 5.19 -5.00
N PRO A 2 -32.39 5.78 -5.76
CA PRO A 2 -32.72 5.32 -7.11
C PRO A 2 -31.56 5.50 -8.09
N LEU A 3 -30.75 6.51 -7.84
CA LEU A 3 -29.59 6.78 -8.66
C LEU A 3 -28.37 6.11 -8.05
N GLY A 4 -27.60 5.41 -8.87
CA GLY A 4 -26.43 4.71 -8.39
C GLY A 4 -25.38 5.65 -7.83
N SER A 5 -25.33 5.73 -6.51
CA SER A 5 -24.43 6.64 -5.83
C SER A 5 -23.04 6.01 -5.72
N MET A 6 -22.40 5.81 -6.86
CA MET A 6 -21.08 5.18 -6.87
C MET A 6 -19.99 6.24 -6.90
N LYS A 7 -19.50 6.60 -5.73
CA LYS A 7 -18.36 7.50 -5.63
C LYS A 7 -17.08 6.70 -5.64
N MET A 8 -16.00 7.30 -6.12
CA MET A 8 -14.72 6.61 -6.17
C MET A 8 -13.86 6.99 -4.99
N ILE A 9 -13.30 5.98 -4.35
CA ILE A 9 -12.44 6.17 -3.20
C ILE A 9 -11.00 5.94 -3.63
N GLU A 10 -10.18 6.95 -3.53
CA GLU A 10 -8.80 6.84 -3.95
C GLU A 10 -7.94 6.46 -2.76
N VAL A 11 -7.21 5.37 -2.87
CA VAL A 11 -6.36 4.90 -1.80
C VAL A 11 -4.96 4.66 -2.34
N VAL A 12 -3.97 5.22 -1.68
CA VAL A 12 -2.59 5.00 -2.07
C VAL A 12 -1.94 3.99 -1.14
N ALA A 13 -1.24 3.04 -1.73
CA ALA A 13 -0.55 2.01 -0.99
C ALA A 13 0.94 2.17 -1.17
N ALA A 14 1.67 2.13 -0.09
CA ALA A 14 3.11 2.34 -0.13
C ALA A 14 3.85 1.02 -0.02
N ILE A 15 4.58 0.69 -1.07
CA ILE A 15 5.42 -0.47 -1.05
C ILE A 15 6.84 -0.04 -0.72
N ILE A 16 7.22 -0.24 0.53
CA ILE A 16 8.52 0.20 1.00
C ILE A 16 9.52 -0.93 0.83
N GLU A 17 10.37 -0.80 -0.17
CA GLU A 17 11.31 -1.86 -0.49
C GLU A 17 12.73 -1.41 -0.18
N ARG A 18 13.33 -2.06 0.79
CA ARG A 18 14.70 -1.80 1.15
C ARG A 18 15.40 -3.13 1.38
N ASP A 19 16.67 -3.20 0.98
CA ASP A 19 17.48 -4.41 1.15
C ASP A 19 16.99 -5.53 0.24
N GLY A 20 16.06 -5.22 -0.64
CA GLY A 20 15.49 -6.23 -1.52
C GLY A 20 14.21 -6.78 -0.95
N LYS A 21 13.84 -6.28 0.22
CA LYS A 21 12.67 -6.77 0.94
C LYS A 21 11.61 -5.67 1.01
N ILE A 22 10.36 -6.07 1.15
CA ILE A 22 9.26 -5.12 1.25
C ILE A 22 8.80 -5.04 2.70
N LEU A 23 8.43 -3.85 3.15
CA LEU A 23 7.93 -3.66 4.49
C LEU A 23 6.45 -4.05 4.57
N LEU A 24 6.17 -5.03 5.41
CA LEU A 24 4.80 -5.47 5.65
C LEU A 24 4.42 -5.20 7.10
N ALA A 25 3.23 -4.63 7.29
CA ALA A 25 2.76 -4.31 8.62
C ALA A 25 1.64 -5.24 9.04
N GLN A 26 1.80 -5.84 10.21
CA GLN A 26 0.75 -6.65 10.79
C GLN A 26 -0.32 -5.76 11.41
N ARG A 27 -1.57 -6.09 11.09
CA ARG A 27 -2.76 -5.35 11.52
C ARG A 27 -2.97 -4.14 10.63
N PRO A 28 -4.00 -4.21 9.78
CA PRO A 28 -4.28 -3.17 8.79
C PRO A 28 -4.69 -1.85 9.44
N ALA A 29 -5.92 -1.81 9.94
CA ALA A 29 -6.46 -0.59 10.52
C ALA A 29 -7.60 -0.89 11.48
N GLN A 30 -8.77 -1.17 10.92
CA GLN A 30 -9.96 -1.39 11.72
C GLN A 30 -10.26 -2.89 11.86
N SER A 31 -9.29 -3.71 11.44
CA SER A 31 -9.40 -5.14 11.58
C SER A 31 -9.15 -5.54 13.02
N ASP A 32 -10.21 -5.96 13.70
CA ASP A 32 -10.11 -6.40 15.09
C ASP A 32 -9.23 -7.64 15.16
N GLN A 33 -9.37 -8.49 14.15
CA GLN A 33 -8.52 -9.64 13.99
C GLN A 33 -7.14 -9.21 13.53
N ALA A 34 -6.12 -9.52 14.31
CA ALA A 34 -4.76 -9.23 13.96
C ALA A 34 -4.11 -10.42 13.27
N GLY A 35 -2.92 -10.22 12.75
CA GLY A 35 -2.20 -11.30 12.11
C GLY A 35 -2.02 -11.07 10.63
N LEU A 36 -2.96 -10.36 10.02
CA LEU A 36 -2.85 -10.03 8.60
C LEU A 36 -1.81 -8.95 8.38
N TRP A 37 -1.07 -9.07 7.29
CA TRP A 37 -0.10 -8.06 6.88
C TRP A 37 -0.63 -7.31 5.67
N GLU A 38 -0.30 -6.03 5.55
CA GLU A 38 -0.71 -5.25 4.40
C GLU A 38 0.31 -4.16 4.08
N PHE A 39 0.09 -3.46 2.96
CA PHE A 39 0.92 -2.35 2.57
C PHE A 39 0.34 -1.05 3.11
N ALA A 40 1.10 -0.37 3.94
CA ALA A 40 0.65 0.86 4.59
C ALA A 40 0.33 1.94 3.56
N GLY A 41 -0.39 2.96 4.02
CA GLY A 41 -0.81 4.02 3.13
C GLY A 41 -2.03 4.72 3.69
N GLY A 42 -3.02 4.94 2.84
CA GLY A 42 -4.22 5.61 3.28
C GLY A 42 -5.04 6.17 2.14
N LYS A 43 -6.16 6.78 2.47
CA LYS A 43 -7.03 7.38 1.47
C LYS A 43 -6.46 8.72 1.02
N VAL A 44 -6.74 9.08 -0.22
CA VAL A 44 -6.30 10.35 -0.78
C VAL A 44 -7.44 11.35 -0.72
N GLU A 45 -7.17 12.50 -0.13
CA GLU A 45 -8.12 13.61 -0.17
C GLU A 45 -7.92 14.39 -1.46
N PRO A 46 -9.00 14.90 -2.07
CA PRO A 46 -8.94 15.61 -3.35
C PRO A 46 -7.96 16.79 -3.33
N ASP A 47 -7.78 17.39 -2.16
CA ASP A 47 -6.89 18.53 -2.02
C ASP A 47 -5.41 18.14 -2.15
N GLU A 48 -5.10 16.91 -1.79
CA GLU A 48 -3.71 16.48 -1.73
C GLU A 48 -3.35 15.59 -2.92
N SER A 49 -2.05 15.43 -3.13
CA SER A 49 -1.54 14.67 -4.26
C SER A 49 -1.22 13.23 -3.88
N GLN A 50 -1.00 12.38 -4.89
CA GLN A 50 -0.74 10.95 -4.69
C GLN A 50 0.47 10.72 -3.79
N ARG A 51 1.62 11.26 -4.19
CA ARG A 51 2.85 11.07 -3.41
C ARG A 51 2.71 11.76 -2.07
N GLN A 52 1.90 12.83 -2.05
CA GLN A 52 1.78 13.69 -0.90
C GLN A 52 1.03 12.97 0.23
N ALA A 53 -0.05 12.28 -0.14
CA ALA A 53 -0.82 11.49 0.82
C ALA A 53 0.05 10.41 1.46
N LEU A 54 0.79 9.69 0.63
CA LEU A 54 1.64 8.61 1.14
C LEU A 54 2.70 9.14 2.09
N VAL A 55 3.30 10.26 1.73
CA VAL A 55 4.37 10.83 2.53
C VAL A 55 3.87 11.22 3.92
N ARG A 56 2.68 11.83 3.98
CA ARG A 56 2.13 12.22 5.28
C ARG A 56 1.63 11.00 6.05
N GLU A 57 0.92 10.10 5.36
CA GLU A 57 0.38 8.91 6.01
C GLU A 57 1.47 8.06 6.66
N LEU A 58 2.55 7.82 5.93
CA LEU A 58 3.65 7.02 6.46
C LEU A 58 4.36 7.77 7.57
N ARG A 59 4.34 9.10 7.49
CA ARG A 59 4.89 9.92 8.57
C ARG A 59 4.07 9.74 9.85
N GLU A 60 2.76 9.60 9.69
CA GLU A 60 1.88 9.47 10.84
C GLU A 60 1.84 8.04 11.36
N GLU A 61 1.74 7.09 10.45
CA GLU A 61 1.60 5.69 10.83
C GLU A 61 2.93 4.97 10.94
N LEU A 62 3.87 5.31 10.07
CA LEU A 62 5.13 4.59 10.03
C LEU A 62 6.30 5.43 10.54
N GLY A 63 6.02 6.64 11.01
CA GLY A 63 7.06 7.53 11.51
C GLY A 63 8.19 7.80 10.51
N ILE A 64 7.93 7.64 9.23
CA ILE A 64 8.97 7.88 8.23
C ILE A 64 8.54 8.91 7.20
N GLU A 65 9.51 9.71 6.77
CA GLU A 65 9.29 10.65 5.69
C GLU A 65 9.66 9.98 4.38
N ALA A 66 8.68 9.39 3.72
CA ALA A 66 8.95 8.59 2.54
C ALA A 66 9.20 9.44 1.31
N THR A 67 10.01 8.92 0.40
CA THR A 67 10.22 9.53 -0.89
C THR A 67 9.56 8.66 -1.95
N VAL A 68 8.42 9.10 -2.44
CA VAL A 68 7.64 8.30 -3.37
C VAL A 68 8.13 8.52 -4.79
N GLY A 69 8.29 7.43 -5.54
CA GLY A 69 8.74 7.55 -6.91
C GLY A 69 8.94 6.21 -7.57
N GLU A 70 7.81 5.57 -7.93
CA GLU A 70 7.76 4.27 -8.63
C GLU A 70 6.31 3.80 -8.70
N TYR A 71 5.70 3.92 -9.87
CA TYR A 71 4.34 3.43 -10.05
C TYR A 71 4.38 1.94 -10.38
N VAL A 72 3.86 1.12 -9.48
CA VAL A 72 3.91 -0.33 -9.65
C VAL A 72 2.62 -0.86 -10.27
N ALA A 73 1.54 -0.84 -9.51
CA ALA A 73 0.27 -1.36 -9.99
C ALA A 73 -0.90 -0.61 -9.38
N SER A 74 -2.08 -0.85 -9.92
CA SER A 74 -3.30 -0.29 -9.38
C SER A 74 -4.39 -1.35 -9.37
N HIS A 75 -5.23 -1.33 -8.35
CA HIS A 75 -6.29 -2.32 -8.21
C HIS A 75 -7.59 -1.66 -7.81
N GLN A 76 -8.67 -2.06 -8.45
CA GLN A 76 -9.98 -1.54 -8.11
C GLN A 76 -10.83 -2.59 -7.43
N ARG A 77 -11.64 -2.14 -6.51
CA ARG A 77 -12.56 -2.97 -5.78
C ARG A 77 -13.64 -2.08 -5.19
N GLU A 78 -14.65 -2.64 -4.56
CA GLU A 78 -15.68 -1.81 -3.97
C GLU A 78 -15.77 -2.00 -2.46
N VAL A 79 -16.18 -0.93 -1.79
CA VAL A 79 -16.48 -0.98 -0.37
C VAL A 79 -17.95 -0.57 -0.18
N SER A 80 -18.81 -1.57 -0.09
CA SER A 80 -20.24 -1.37 0.04
C SER A 80 -20.77 -0.34 -0.98
N GLY A 81 -20.73 -0.70 -2.27
CA GLY A 81 -21.26 0.17 -3.30
C GLY A 81 -20.27 1.21 -3.81
N ARG A 82 -19.28 1.56 -3.01
CA ARG A 82 -18.31 2.59 -3.40
C ARG A 82 -17.10 1.94 -4.06
N ILE A 83 -16.61 2.53 -5.15
CA ILE A 83 -15.52 1.92 -5.90
C ILE A 83 -14.18 2.51 -5.45
N ILE A 84 -13.35 1.67 -4.85
CA ILE A 84 -12.04 2.07 -4.40
C ILE A 84 -11.00 1.86 -5.48
N HIS A 85 -10.12 2.82 -5.63
CA HIS A 85 -9.05 2.77 -6.60
C HIS A 85 -7.72 2.81 -5.88
N LEU A 86 -7.08 1.66 -5.73
CA LEU A 86 -5.83 1.58 -5.00
C LEU A 86 -4.63 1.79 -5.93
N HIS A 87 -3.76 2.71 -5.53
CA HIS A 87 -2.55 3.01 -6.29
C HIS A 87 -1.33 2.50 -5.52
N ALA A 88 -0.65 1.50 -6.05
CA ALA A 88 0.52 0.94 -5.38
C ALA A 88 1.78 1.67 -5.81
N TRP A 89 2.31 2.48 -4.91
CA TRP A 89 3.52 3.23 -5.19
C TRP A 89 4.69 2.64 -4.40
N HIS A 90 5.78 2.40 -5.10
CA HIS A 90 6.99 1.89 -4.48
C HIS A 90 7.87 3.06 -4.05
N VAL A 91 8.13 3.15 -2.74
CA VAL A 91 8.99 4.20 -2.23
C VAL A 91 10.44 3.70 -2.18
N PRO A 92 11.29 4.25 -3.06
CA PRO A 92 12.70 3.85 -3.16
C PRO A 92 13.53 4.34 -1.98
N ASP A 93 12.95 5.25 -1.19
CA ASP A 93 13.67 5.83 -0.07
C ASP A 93 12.70 6.35 0.99
N PHE A 94 13.15 6.34 2.24
CA PHE A 94 12.39 6.91 3.35
C PHE A 94 13.36 7.50 4.38
N HIS A 95 13.02 8.65 4.91
CA HIS A 95 13.86 9.35 5.87
C HIS A 95 13.32 9.14 7.29
N GLY A 96 14.19 8.75 8.21
CA GLY A 96 13.77 8.48 9.57
C GLY A 96 13.81 7.01 9.89
N THR A 97 13.03 6.57 10.88
CA THR A 97 12.96 5.17 11.22
C THR A 97 11.51 4.72 11.29
N LEU A 98 11.25 3.53 10.77
CA LEU A 98 9.87 3.07 10.64
C LEU A 98 9.35 2.51 11.96
N GLN A 99 8.24 3.06 12.38
CA GLN A 99 7.62 2.72 13.64
C GLN A 99 6.11 2.62 13.43
N ALA A 100 5.48 1.62 14.01
CA ALA A 100 4.08 1.35 13.72
C ALA A 100 3.14 2.03 14.70
N HIS A 101 2.25 2.86 14.17
CA HIS A 101 1.22 3.51 14.98
C HIS A 101 0.00 2.60 15.15
N GLU A 102 -0.83 2.52 14.10
CA GLU A 102 -2.01 1.67 14.13
C GLU A 102 -1.65 0.21 13.88
N HIS A 103 -0.59 0.00 13.12
CA HIS A 103 -0.17 -1.35 12.79
C HIS A 103 0.63 -1.90 13.96
N GLN A 104 0.71 -3.21 14.08
CA GLN A 104 1.32 -3.82 15.25
C GLN A 104 2.81 -4.11 15.02
N ALA A 105 3.10 -5.05 14.12
CA ALA A 105 4.47 -5.44 13.86
C ALA A 105 4.86 -5.10 12.42
N LEU A 106 6.14 -4.85 12.21
CA LEU A 106 6.64 -4.49 10.89
C LEU A 106 7.75 -5.46 10.50
N VAL A 107 7.66 -6.03 9.32
CA VAL A 107 8.62 -7.02 8.87
C VAL A 107 9.09 -6.75 7.45
N TRP A 108 10.34 -7.11 7.17
CA TRP A 108 10.89 -6.99 5.83
C TRP A 108 10.98 -8.37 5.20
N CYS A 109 10.18 -8.60 4.17
CA CYS A 109 10.23 -9.89 3.47
C CYS A 109 10.26 -9.67 1.97
N SER A 110 10.80 -10.64 1.25
CA SER A 110 10.94 -10.55 -0.19
C SER A 110 9.56 -10.60 -0.85
N PRO A 111 9.40 -9.99 -2.05
CA PRO A 111 8.11 -9.93 -2.75
C PRO A 111 7.44 -11.30 -2.85
N GLU A 112 8.19 -12.31 -3.25
CA GLU A 112 7.65 -13.65 -3.40
C GLU A 112 7.19 -14.23 -2.06
N GLU A 113 7.92 -13.90 -1.01
CA GLU A 113 7.60 -14.38 0.33
C GLU A 113 6.39 -13.65 0.89
N ALA A 114 6.26 -12.38 0.53
CA ALA A 114 5.18 -11.54 1.01
C ALA A 114 3.82 -12.09 0.62
N LEU A 115 3.71 -12.62 -0.59
CA LEU A 115 2.45 -13.12 -1.12
C LEU A 115 2.09 -14.46 -0.49
N GLN A 116 3.06 -15.06 0.21
CA GLN A 116 2.82 -16.33 0.91
C GLN A 116 2.13 -16.07 2.24
N TYR A 117 2.06 -14.80 2.62
CA TYR A 117 1.56 -14.41 3.92
C TYR A 117 0.14 -13.86 3.80
N PRO A 118 -0.55 -13.64 4.95
CA PRO A 118 -1.92 -13.16 4.96
C PRO A 118 -2.03 -11.68 4.57
N LEU A 119 -1.84 -11.41 3.29
CA LEU A 119 -2.00 -10.07 2.76
C LEU A 119 -3.48 -9.78 2.52
N ALA A 120 -3.88 -8.52 2.66
CA ALA A 120 -5.26 -8.13 2.46
C ALA A 120 -5.69 -8.34 1.01
N PRO A 121 -7.00 -8.53 0.78
CA PRO A 121 -7.56 -8.84 -0.55
C PRO A 121 -7.09 -7.90 -1.67
N ALA A 122 -6.86 -6.63 -1.33
CA ALA A 122 -6.49 -5.64 -2.33
C ALA A 122 -4.98 -5.65 -2.56
N ASP A 123 -4.24 -6.15 -1.59
CA ASP A 123 -2.79 -6.09 -1.59
C ASP A 123 -2.20 -7.20 -2.43
N ILE A 124 -2.98 -8.27 -2.59
CA ILE A 124 -2.52 -9.44 -3.34
C ILE A 124 -2.23 -9.09 -4.81
N PRO A 125 -3.24 -8.57 -5.56
CA PRO A 125 -3.04 -8.18 -6.97
C PRO A 125 -1.97 -7.11 -7.14
N LEU A 126 -1.72 -6.34 -6.09
CA LEU A 126 -0.72 -5.29 -6.14
C LEU A 126 0.67 -5.90 -6.04
N LEU A 127 0.82 -6.83 -5.11
CA LEU A 127 2.09 -7.51 -4.92
C LEU A 127 2.38 -8.45 -6.09
N GLU A 128 1.32 -9.10 -6.59
CA GLU A 128 1.45 -9.96 -7.77
C GLU A 128 2.16 -9.22 -8.91
N ALA A 129 1.76 -7.98 -9.16
CA ALA A 129 2.35 -7.22 -10.24
C ALA A 129 3.69 -6.60 -9.83
N PHE A 130 3.95 -6.54 -8.53
CA PHE A 130 5.20 -6.00 -8.06
C PHE A 130 6.30 -7.02 -8.27
N MET A 131 6.01 -8.25 -7.87
CA MET A 131 6.94 -9.34 -8.11
C MET A 131 7.01 -9.63 -9.60
N ALA A 132 5.88 -9.44 -10.31
CA ALA A 132 5.86 -9.51 -11.76
C ALA A 132 6.79 -8.47 -12.38
N LEU A 133 6.80 -7.28 -11.79
CA LEU A 133 7.62 -6.19 -12.28
C LEU A 133 9.10 -6.51 -12.09
N ARG A 134 9.43 -7.15 -10.99
CA ARG A 134 10.81 -7.53 -10.70
C ARG A 134 11.22 -8.78 -11.48
N ALA A 135 10.25 -9.57 -11.91
CA ALA A 135 10.55 -10.81 -12.61
C ALA A 135 10.69 -10.56 -14.10
N ALA A 136 9.88 -9.65 -14.62
CA ALA A 136 9.93 -9.30 -16.03
C ALA A 136 10.84 -8.10 -16.25
N ARG A 137 10.66 -7.08 -15.41
CA ARG A 137 11.41 -5.82 -15.51
C ARG A 137 11.18 -5.14 -16.86
N PRO A 138 10.31 -4.13 -16.88
CA PRO A 138 9.90 -3.42 -18.11
C PRO A 138 11.08 -2.95 -18.95
N ALA A 139 11.28 -3.64 -20.04
CA ALA A 139 12.36 -3.35 -20.98
C ALA A 139 12.21 -4.22 -22.22
N ASP A 140 10.97 -4.53 -22.55
CA ASP A 140 10.68 -5.46 -23.64
C ASP A 140 10.70 -4.74 -24.97
N GLY A 1 -25.25 11.68 -7.49
CA GLY A 1 -25.22 12.02 -8.93
C GLY A 1 -25.76 10.90 -9.79
N PRO A 2 -26.32 11.22 -10.97
CA PRO A 2 -26.84 10.22 -11.90
C PRO A 2 -25.77 9.24 -12.34
N LEU A 3 -24.77 9.74 -13.04
CA LEU A 3 -23.61 8.93 -13.41
C LEU A 3 -22.50 9.18 -12.40
N GLY A 4 -22.14 8.14 -11.67
CA GLY A 4 -21.14 8.28 -10.62
C GLY A 4 -21.78 8.36 -9.25
N SER A 5 -22.93 7.71 -9.11
CA SER A 5 -23.63 7.63 -7.85
C SER A 5 -22.79 6.90 -6.81
N MET A 6 -22.33 5.72 -7.19
CA MET A 6 -21.37 4.97 -6.38
C MET A 6 -20.02 5.70 -6.40
N LYS A 7 -19.64 6.22 -5.25
CA LYS A 7 -18.43 7.03 -5.17
C LYS A 7 -17.20 6.17 -4.94
N MET A 8 -16.04 6.73 -5.22
CA MET A 8 -14.80 6.00 -5.09
C MET A 8 -14.03 6.45 -3.87
N ILE A 9 -13.35 5.50 -3.25
CA ILE A 9 -12.44 5.76 -2.16
C ILE A 9 -11.03 5.61 -2.67
N GLU A 10 -10.29 6.68 -2.67
CA GLU A 10 -8.98 6.69 -3.30
C GLU A 10 -7.92 6.42 -2.26
N VAL A 11 -7.24 5.29 -2.36
CA VAL A 11 -6.28 4.90 -1.35
C VAL A 11 -4.93 4.64 -2.00
N VAL A 12 -3.91 5.28 -1.46
CA VAL A 12 -2.57 5.05 -1.94
C VAL A 12 -1.87 4.07 -1.02
N ALA A 13 -1.25 3.07 -1.61
CA ALA A 13 -0.58 2.03 -0.85
C ALA A 13 0.91 2.13 -1.08
N ALA A 14 1.67 2.10 -0.01
CA ALA A 14 3.10 2.29 -0.11
C ALA A 14 3.82 0.97 -0.01
N ILE A 15 4.56 0.65 -1.05
CA ILE A 15 5.40 -0.52 -1.02
C ILE A 15 6.79 -0.07 -0.61
N ILE A 16 7.11 -0.27 0.65
CA ILE A 16 8.40 0.13 1.15
C ILE A 16 9.34 -1.04 1.02
N GLU A 17 10.18 -0.99 0.00
CA GLU A 17 11.03 -2.10 -0.34
C GLU A 17 12.48 -1.68 -0.26
N ARG A 18 13.23 -2.42 0.51
CA ARG A 18 14.65 -2.19 0.68
C ARG A 18 15.31 -3.53 0.94
N ASP A 19 16.52 -3.74 0.40
CA ASP A 19 17.24 -5.03 0.47
C ASP A 19 16.75 -5.96 -0.62
N GLY A 20 15.56 -5.73 -1.10
CA GLY A 20 14.85 -6.73 -1.86
C GLY A 20 13.68 -7.24 -1.05
N LYS A 21 13.46 -6.61 0.10
CA LYS A 21 12.39 -7.00 1.01
C LYS A 21 11.37 -5.87 1.11
N ILE A 22 10.11 -6.24 1.26
CA ILE A 22 9.03 -5.26 1.35
C ILE A 22 8.53 -5.19 2.78
N LEU A 23 8.09 -4.00 3.19
CA LEU A 23 7.60 -3.78 4.54
C LEU A 23 6.10 -4.06 4.64
N LEU A 24 5.75 -4.97 5.53
CA LEU A 24 4.36 -5.32 5.77
C LEU A 24 3.94 -4.86 7.16
N ALA A 25 2.74 -4.32 7.28
CA ALA A 25 2.24 -3.88 8.57
C ALA A 25 0.96 -4.62 8.94
N GLN A 26 1.05 -5.40 10.00
CA GLN A 26 -0.04 -6.27 10.44
C GLN A 26 -1.19 -5.46 11.02
N ARG A 27 -2.27 -5.39 10.25
CA ARG A 27 -3.54 -4.79 10.65
C ARG A 27 -4.31 -4.43 9.39
N PRO A 28 -5.34 -5.23 9.03
CA PRO A 28 -6.10 -5.01 7.80
C PRO A 28 -7.17 -3.93 7.99
N ALA A 29 -8.21 -4.00 7.19
CA ALA A 29 -9.23 -2.95 7.22
C ALA A 29 -10.63 -3.50 7.00
N GLN A 30 -10.76 -4.41 6.06
CA GLN A 30 -12.04 -5.03 5.77
C GLN A 30 -12.17 -6.35 6.50
N SER A 31 -11.16 -6.67 7.31
CA SER A 31 -11.14 -7.91 8.06
C SER A 31 -11.09 -7.63 9.56
N ASP A 32 -10.18 -6.74 9.95
CA ASP A 32 -10.02 -6.30 11.34
C ASP A 32 -9.45 -7.40 12.23
N GLN A 33 -9.20 -8.57 11.66
CA GLN A 33 -8.68 -9.69 12.41
C GLN A 33 -7.16 -9.59 12.50
N ALA A 34 -6.62 -9.98 13.63
CA ALA A 34 -5.19 -9.91 13.85
C ALA A 34 -4.48 -11.08 13.17
N GLY A 35 -3.27 -10.81 12.70
CA GLY A 35 -2.47 -11.84 12.08
C GLY A 35 -2.23 -11.60 10.61
N LEU A 36 -3.16 -10.92 9.96
CA LEU A 36 -3.03 -10.62 8.56
C LEU A 36 -2.26 -9.33 8.32
N TRP A 37 -1.63 -9.24 7.17
CA TRP A 37 -0.76 -8.12 6.85
C TRP A 37 -1.29 -7.37 5.64
N GLU A 38 -0.95 -6.10 5.56
CA GLU A 38 -1.24 -5.28 4.38
C GLU A 38 -0.25 -4.13 4.34
N PHE A 39 -0.11 -3.50 3.19
CA PHE A 39 0.86 -2.43 3.03
C PHE A 39 0.29 -1.12 3.56
N ALA A 40 1.17 -0.29 4.12
CA ALA A 40 0.73 0.95 4.75
C ALA A 40 0.36 2.00 3.72
N GLY A 41 -0.33 3.04 4.16
CA GLY A 41 -0.77 4.08 3.26
C GLY A 41 -1.93 4.86 3.85
N GLY A 42 -2.92 5.13 3.03
CA GLY A 42 -4.08 5.88 3.49
C GLY A 42 -4.91 6.43 2.34
N LYS A 43 -6.03 7.04 2.67
CA LYS A 43 -6.89 7.61 1.65
C LYS A 43 -6.32 8.94 1.19
N VAL A 44 -6.59 9.29 -0.04
CA VAL A 44 -6.10 10.52 -0.63
C VAL A 44 -7.13 11.61 -0.42
N GLU A 45 -6.72 12.73 0.16
CA GLU A 45 -7.60 13.87 0.28
C GLU A 45 -7.28 14.84 -0.86
N PRO A 46 -8.33 15.38 -1.51
CA PRO A 46 -8.20 16.13 -2.78
C PRO A 46 -7.39 17.43 -2.69
N ASP A 47 -6.63 17.61 -1.61
CA ASP A 47 -5.73 18.75 -1.51
C ASP A 47 -4.29 18.31 -1.77
N GLU A 48 -4.05 17.03 -1.59
CA GLU A 48 -2.71 16.47 -1.69
C GLU A 48 -2.58 15.61 -2.94
N SER A 49 -1.36 15.53 -3.46
CA SER A 49 -1.07 14.66 -4.60
C SER A 49 -0.88 13.23 -4.12
N GLN A 50 -0.98 12.27 -5.04
CA GLN A 50 -0.85 10.85 -4.70
C GLN A 50 0.48 10.56 -3.99
N ARG A 51 1.55 11.19 -4.45
CA ARG A 51 2.86 11.01 -3.82
C ARG A 51 2.85 11.62 -2.43
N GLN A 52 2.21 12.78 -2.31
CA GLN A 52 2.20 13.52 -1.06
C GLN A 52 1.40 12.76 0.00
N ALA A 53 0.29 12.17 -0.44
CA ALA A 53 -0.55 11.40 0.45
C ALA A 53 0.24 10.25 1.07
N LEU A 54 0.99 9.53 0.22
CA LEU A 54 1.84 8.45 0.71
C LEU A 54 2.86 8.98 1.70
N VAL A 55 3.52 10.06 1.33
CA VAL A 55 4.57 10.65 2.14
C VAL A 55 4.05 11.07 3.50
N ARG A 56 2.92 11.74 3.53
CA ARG A 56 2.38 12.25 4.79
C ARG A 56 1.74 11.13 5.60
N GLU A 57 1.01 10.24 4.95
CA GLU A 57 0.40 9.10 5.64
C GLU A 57 1.45 8.21 6.29
N LEU A 58 2.56 7.97 5.58
CA LEU A 58 3.63 7.17 6.17
C LEU A 58 4.32 7.96 7.26
N ARG A 59 4.31 9.28 7.14
CA ARG A 59 4.81 10.14 8.20
C ARG A 59 3.93 10.03 9.44
N GLU A 60 2.63 9.91 9.23
CA GLU A 60 1.69 9.82 10.33
C GLU A 60 1.62 8.40 10.90
N GLU A 61 1.67 7.41 10.03
CA GLU A 61 1.64 6.01 10.48
C GLU A 61 3.01 5.51 10.86
N LEU A 62 3.97 5.66 9.95
CA LEU A 62 5.25 5.00 10.09
C LEU A 62 6.34 5.96 10.53
N GLY A 63 5.95 7.18 10.90
CA GLY A 63 6.91 8.21 11.24
C GLY A 63 8.08 8.36 10.27
N ILE A 64 7.87 8.09 8.99
CA ILE A 64 8.96 8.19 8.03
C ILE A 64 8.62 9.17 6.91
N GLU A 65 9.63 9.90 6.48
CA GLU A 65 9.52 10.82 5.35
C GLU A 65 9.85 10.05 4.07
N ALA A 66 8.81 9.60 3.38
CA ALA A 66 8.99 8.75 2.22
C ALA A 66 9.30 9.57 0.98
N THR A 67 10.04 8.97 0.06
CA THR A 67 10.32 9.55 -1.23
C THR A 67 9.68 8.68 -2.32
N VAL A 68 8.66 9.22 -2.99
CA VAL A 68 7.92 8.46 -3.98
C VAL A 68 8.44 8.75 -5.39
N GLY A 69 8.74 7.70 -6.15
CA GLY A 69 9.26 7.92 -7.49
C GLY A 69 9.47 6.63 -8.28
N GLU A 70 8.37 5.92 -8.58
CA GLU A 70 8.38 4.67 -9.38
C GLU A 70 7.06 3.92 -9.19
N TYR A 71 6.26 3.92 -10.25
CA TYR A 71 4.90 3.37 -10.22
C TYR A 71 4.93 1.84 -10.35
N VAL A 72 4.27 1.16 -9.42
CA VAL A 72 4.21 -0.30 -9.46
C VAL A 72 2.95 -0.79 -10.16
N ALA A 73 1.80 -0.59 -9.51
CA ALA A 73 0.52 -1.01 -10.06
C ALA A 73 -0.64 -0.43 -9.27
N SER A 74 -1.86 -0.80 -9.64
CA SER A 74 -3.04 -0.36 -8.92
C SER A 74 -4.13 -1.43 -8.98
N HIS A 75 -4.96 -1.48 -7.94
CA HIS A 75 -6.04 -2.46 -7.89
C HIS A 75 -7.30 -1.80 -7.33
N GLN A 76 -8.45 -2.25 -7.79
CA GLN A 76 -9.72 -1.75 -7.30
C GLN A 76 -10.47 -2.83 -6.56
N ARG A 77 -11.14 -2.42 -5.49
CA ARG A 77 -11.98 -3.30 -4.69
C ARG A 77 -13.15 -2.48 -4.20
N GLU A 78 -14.24 -3.11 -3.80
CA GLU A 78 -15.36 -2.32 -3.34
C GLU A 78 -15.51 -2.47 -1.83
N VAL A 79 -15.88 -1.37 -1.18
CA VAL A 79 -16.17 -1.40 0.23
C VAL A 79 -17.65 -1.14 0.44
N SER A 80 -18.40 -2.24 0.52
CA SER A 80 -19.85 -2.21 0.72
C SER A 80 -20.53 -1.03 0.00
N GLY A 81 -20.50 -1.06 -1.33
CA GLY A 81 -21.18 -0.04 -2.10
C GLY A 81 -20.25 0.99 -2.74
N ARG A 82 -19.05 1.15 -2.21
CA ARG A 82 -18.11 2.13 -2.76
C ARG A 82 -16.94 1.42 -3.42
N ILE A 83 -16.33 2.06 -4.41
CA ILE A 83 -15.20 1.48 -5.11
C ILE A 83 -13.90 2.10 -4.63
N ILE A 84 -13.06 1.31 -3.95
CA ILE A 84 -11.77 1.79 -3.51
C ILE A 84 -10.73 1.64 -4.61
N HIS A 85 -9.95 2.68 -4.82
CA HIS A 85 -8.96 2.72 -5.87
C HIS A 85 -7.56 2.74 -5.25
N LEU A 86 -6.94 1.58 -5.17
CA LEU A 86 -5.63 1.46 -4.53
C LEU A 86 -4.50 1.67 -5.53
N HIS A 87 -3.63 2.62 -5.25
CA HIS A 87 -2.46 2.87 -6.07
C HIS A 87 -1.21 2.44 -5.32
N ALA A 88 -0.49 1.45 -5.85
CA ALA A 88 0.71 0.94 -5.21
C ALA A 88 1.96 1.58 -5.81
N TRP A 89 2.67 2.33 -4.98
CA TRP A 89 3.93 2.93 -5.37
C TRP A 89 5.06 2.37 -4.53
N HIS A 90 6.24 2.27 -5.12
CA HIS A 90 7.42 1.88 -4.37
C HIS A 90 8.18 3.13 -3.96
N VAL A 91 8.48 3.23 -2.68
CA VAL A 91 9.30 4.32 -2.20
C VAL A 91 10.76 3.89 -2.20
N PRO A 92 11.54 4.39 -3.17
CA PRO A 92 12.97 4.08 -3.28
C PRO A 92 13.76 4.56 -2.07
N ASP A 93 13.21 5.54 -1.36
CA ASP A 93 13.87 6.12 -0.21
C ASP A 93 12.87 6.51 0.86
N PHE A 94 13.28 6.34 2.11
CA PHE A 94 12.47 6.74 3.25
C PHE A 94 13.38 7.23 4.38
N HIS A 95 13.04 8.37 4.96
CA HIS A 95 13.88 8.96 6.00
C HIS A 95 13.17 8.92 7.34
N GLY A 96 13.76 8.24 8.32
CA GLY A 96 13.16 8.16 9.64
C GLY A 96 13.12 6.73 10.16
N THR A 97 12.34 6.50 11.20
CA THR A 97 12.21 5.17 11.77
C THR A 97 10.78 4.67 11.61
N LEU A 98 10.62 3.63 10.82
CA LEU A 98 9.30 3.12 10.52
C LEU A 98 8.67 2.47 11.73
N GLN A 99 7.52 3.00 12.12
CA GLN A 99 6.82 2.56 13.30
C GLN A 99 5.35 2.34 12.96
N ALA A 100 4.60 1.71 13.84
CA ALA A 100 3.17 1.49 13.59
C ALA A 100 2.32 2.47 14.39
N HIS A 101 1.29 3.01 13.74
CA HIS A 101 0.35 3.91 14.40
C HIS A 101 -1.05 3.37 14.21
N GLU A 102 -1.44 3.22 12.95
CA GLU A 102 -2.73 2.66 12.60
C GLU A 102 -2.65 1.13 12.58
N HIS A 103 -1.56 0.63 12.01
CA HIS A 103 -1.31 -0.81 12.01
C HIS A 103 -0.60 -1.22 13.30
N GLN A 104 -0.28 -2.50 13.45
CA GLN A 104 0.24 -3.02 14.71
C GLN A 104 1.71 -3.47 14.59
N ALA A 105 1.96 -4.56 13.88
CA ALA A 105 3.31 -5.11 13.76
C ALA A 105 3.85 -4.87 12.36
N LEU A 106 5.17 -4.98 12.18
CA LEU A 106 5.77 -4.82 10.86
C LEU A 106 6.85 -5.85 10.63
N VAL A 107 6.86 -6.42 9.43
CA VAL A 107 7.83 -7.44 9.05
C VAL A 107 8.42 -7.13 7.68
N TRP A 108 9.69 -7.49 7.50
CA TRP A 108 10.35 -7.37 6.22
C TRP A 108 10.47 -8.73 5.56
N CYS A 109 9.84 -8.90 4.42
CA CYS A 109 9.95 -10.13 3.66
C CYS A 109 10.05 -9.82 2.18
N SER A 110 10.63 -10.72 1.42
CA SER A 110 10.83 -10.53 -0.02
C SER A 110 9.48 -10.65 -0.75
N PRO A 111 9.38 -10.11 -1.98
CA PRO A 111 8.14 -10.11 -2.77
C PRO A 111 7.45 -11.48 -2.80
N GLU A 112 8.18 -12.52 -3.14
CA GLU A 112 7.59 -13.86 -3.24
C GLU A 112 7.16 -14.37 -1.88
N GLU A 113 7.92 -14.03 -0.86
CA GLU A 113 7.60 -14.41 0.51
C GLU A 113 6.34 -13.70 1.00
N ALA A 114 6.22 -12.42 0.61
CA ALA A 114 5.08 -11.59 1.01
C ALA A 114 3.76 -12.24 0.62
N LEU A 115 3.71 -12.81 -0.57
CA LEU A 115 2.48 -13.39 -1.09
C LEU A 115 2.13 -14.70 -0.39
N GLN A 116 3.06 -15.25 0.36
CA GLN A 116 2.80 -16.44 1.15
C GLN A 116 2.15 -16.08 2.47
N TYR A 117 2.15 -14.80 2.79
CA TYR A 117 1.57 -14.31 4.04
C TYR A 117 0.10 -13.98 3.84
N PRO A 118 -0.65 -13.83 4.95
CA PRO A 118 -2.05 -13.47 4.88
C PRO A 118 -2.24 -12.00 4.49
N LEU A 119 -2.14 -11.74 3.20
CA LEU A 119 -2.32 -10.40 2.67
C LEU A 119 -3.78 -10.18 2.30
N ALA A 120 -4.21 -8.92 2.35
CA ALA A 120 -5.56 -8.56 1.96
C ALA A 120 -5.78 -8.80 0.46
N PRO A 121 -7.04 -9.01 0.05
CA PRO A 121 -7.39 -9.34 -1.35
C PRO A 121 -6.93 -8.27 -2.36
N ALA A 122 -6.59 -7.09 -1.87
CA ALA A 122 -6.13 -6.03 -2.75
C ALA A 122 -4.62 -5.99 -2.82
N ASP A 123 -3.97 -6.46 -1.77
CA ASP A 123 -2.51 -6.41 -1.65
C ASP A 123 -1.88 -7.50 -2.49
N ILE A 124 -2.64 -8.56 -2.73
CA ILE A 124 -2.15 -9.69 -3.51
C ILE A 124 -1.88 -9.27 -4.96
N PRO A 125 -2.89 -8.77 -5.70
CA PRO A 125 -2.71 -8.30 -7.09
C PRO A 125 -1.66 -7.21 -7.22
N LEU A 126 -1.51 -6.40 -6.18
CA LEU A 126 -0.53 -5.32 -6.19
C LEU A 126 0.88 -5.90 -6.12
N LEU A 127 1.03 -6.95 -5.32
CA LEU A 127 2.31 -7.60 -5.17
C LEU A 127 2.65 -8.37 -6.43
N GLU A 128 1.64 -9.01 -7.01
CA GLU A 128 1.81 -9.79 -8.23
C GLU A 128 2.49 -8.96 -9.31
N ALA A 129 2.08 -7.69 -9.43
CA ALA A 129 2.65 -6.82 -10.43
C ALA A 129 3.96 -6.20 -9.95
N PHE A 130 4.19 -6.19 -8.65
CA PHE A 130 5.44 -5.67 -8.12
C PHE A 130 6.55 -6.67 -8.43
N MET A 131 6.27 -7.93 -8.18
CA MET A 131 7.22 -8.97 -8.51
C MET A 131 7.28 -9.15 -10.02
N ALA A 132 6.17 -8.89 -10.72
CA ALA A 132 6.16 -8.85 -12.17
C ALA A 132 7.09 -7.76 -12.70
N LEU A 133 7.08 -6.62 -12.03
CA LEU A 133 7.87 -5.49 -12.46
C LEU A 133 9.36 -5.79 -12.29
N ARG A 134 9.69 -6.51 -11.24
CA ARG A 134 11.07 -6.88 -10.99
C ARG A 134 11.47 -8.09 -11.81
N ALA A 135 10.49 -8.81 -12.34
CA ALA A 135 10.75 -10.00 -13.13
C ALA A 135 10.88 -9.66 -14.62
N ALA A 136 10.06 -8.72 -15.07
CA ALA A 136 10.10 -8.29 -16.46
C ALA A 136 11.03 -7.10 -16.63
N ARG A 137 11.04 -6.23 -15.62
CA ARG A 137 11.85 -5.01 -15.61
C ARG A 137 11.43 -4.02 -16.70
N PRO A 138 10.73 -2.95 -16.31
CA PRO A 138 10.43 -1.85 -17.22
C PRO A 138 11.68 -1.04 -17.53
N ALA A 139 12.11 -1.12 -18.77
CA ALA A 139 13.35 -0.47 -19.19
C ALA A 139 13.13 1.03 -19.34
N ASP A 140 11.92 1.39 -19.69
CA ASP A 140 11.56 2.79 -19.87
C ASP A 140 10.23 3.06 -19.18
N GLY A 1 -18.75 17.46 -5.80
CA GLY A 1 -19.27 17.58 -7.18
C GLY A 1 -20.64 16.96 -7.32
N PRO A 2 -21.46 17.44 -8.27
CA PRO A 2 -22.84 16.98 -8.45
C PRO A 2 -22.92 15.71 -9.31
N LEU A 3 -21.92 15.47 -10.14
CA LEU A 3 -21.97 14.34 -11.06
C LEU A 3 -20.94 13.29 -10.68
N GLY A 4 -21.41 12.06 -10.54
CA GLY A 4 -20.53 10.97 -10.17
C GLY A 4 -21.26 9.65 -10.18
N SER A 5 -22.42 9.63 -9.52
CA SER A 5 -23.28 8.44 -9.44
C SER A 5 -22.66 7.38 -8.51
N MET A 6 -21.46 6.94 -8.84
CA MET A 6 -20.73 6.04 -7.96
C MET A 6 -19.77 6.85 -7.11
N LYS A 7 -19.48 6.34 -5.94
CA LYS A 7 -18.58 7.04 -5.03
C LYS A 7 -17.23 6.37 -5.05
N MET A 8 -16.19 7.13 -5.37
CA MET A 8 -14.86 6.57 -5.51
C MET A 8 -14.01 6.86 -4.30
N ILE A 9 -13.39 5.82 -3.80
CA ILE A 9 -12.49 5.89 -2.67
C ILE A 9 -11.07 5.66 -3.18
N GLU A 10 -10.25 6.70 -3.14
CA GLU A 10 -8.90 6.59 -3.66
C GLU A 10 -7.94 6.29 -2.53
N VAL A 11 -7.25 5.18 -2.62
CA VAL A 11 -6.33 4.77 -1.57
C VAL A 11 -4.96 4.58 -2.17
N VAL A 12 -3.94 5.03 -1.47
CA VAL A 12 -2.57 4.81 -1.90
C VAL A 12 -1.86 3.84 -0.96
N ALA A 13 -1.17 2.89 -1.56
CA ALA A 13 -0.43 1.90 -0.82
C ALA A 13 1.06 2.10 -1.08
N ALA A 14 1.84 2.13 -0.01
CA ALA A 14 3.26 2.37 -0.14
C ALA A 14 4.02 1.08 0.00
N ILE A 15 4.74 0.72 -1.04
CA ILE A 15 5.58 -0.45 -0.99
C ILE A 15 6.98 -0.02 -0.62
N ILE A 16 7.32 -0.20 0.65
CA ILE A 16 8.61 0.22 1.15
C ILE A 16 9.63 -0.87 0.83
N GLU A 17 10.44 -0.65 -0.19
CA GLU A 17 11.37 -1.68 -0.60
C GLU A 17 12.79 -1.27 -0.26
N ARG A 18 13.38 -2.00 0.67
CA ARG A 18 14.73 -1.74 1.11
C ARG A 18 15.56 -3.01 0.93
N ASP A 19 16.65 -2.90 0.18
CA ASP A 19 17.54 -4.02 -0.08
C ASP A 19 16.84 -5.13 -0.85
N GLY A 20 15.72 -4.81 -1.49
CA GLY A 20 15.00 -5.82 -2.25
C GLY A 20 13.88 -6.45 -1.44
N LYS A 21 13.65 -5.95 -0.23
CA LYS A 21 12.60 -6.49 0.63
C LYS A 21 11.54 -5.43 0.91
N ILE A 22 10.32 -5.89 1.11
CA ILE A 22 9.16 -5.01 1.28
C ILE A 22 8.73 -4.96 2.74
N LEU A 23 8.28 -3.78 3.16
CA LEU A 23 7.82 -3.56 4.53
C LEU A 23 6.34 -3.93 4.67
N LEU A 24 6.04 -4.83 5.59
CA LEU A 24 4.66 -5.19 5.91
C LEU A 24 4.32 -4.84 7.35
N ALA A 25 3.08 -4.45 7.57
CA ALA A 25 2.60 -4.11 8.90
C ALA A 25 1.44 -5.02 9.27
N GLN A 26 1.57 -5.75 10.39
CA GLN A 26 0.51 -6.65 10.83
C GLN A 26 -0.71 -5.89 11.31
N ARG A 27 -1.74 -5.92 10.48
CA ARG A 27 -3.07 -5.47 10.80
C ARG A 27 -3.96 -5.72 9.58
N PRO A 28 -5.21 -6.15 9.80
CA PRO A 28 -6.15 -6.31 8.70
C PRO A 28 -6.66 -4.96 8.20
N ALA A 29 -6.90 -4.06 9.15
CA ALA A 29 -7.33 -2.68 8.90
C ALA A 29 -8.74 -2.64 8.29
N GLN A 30 -8.84 -3.09 7.05
CA GLN A 30 -10.09 -3.10 6.33
C GLN A 30 -10.91 -4.34 6.71
N SER A 31 -10.33 -5.19 7.54
CA SER A 31 -10.98 -6.39 8.01
C SER A 31 -10.96 -6.45 9.52
N ASP A 32 -11.88 -7.21 10.11
CA ASP A 32 -11.93 -7.40 11.55
C ASP A 32 -10.89 -8.43 12.01
N GLN A 33 -10.84 -9.54 11.28
CA GLN A 33 -9.91 -10.64 11.57
C GLN A 33 -8.45 -10.18 11.47
N ALA A 34 -7.71 -10.30 12.57
CA ALA A 34 -6.34 -9.83 12.63
C ALA A 34 -5.34 -10.94 12.28
N GLY A 35 -4.05 -10.62 12.32
CA GLY A 35 -3.02 -11.58 12.02
C GLY A 35 -2.45 -11.38 10.64
N LEU A 36 -3.15 -10.57 9.87
CA LEU A 36 -2.79 -10.28 8.49
C LEU A 36 -1.75 -9.17 8.41
N TRP A 37 -1.01 -9.13 7.31
CA TRP A 37 -0.05 -8.06 7.07
C TRP A 37 -0.52 -7.25 5.88
N GLU A 38 -0.25 -5.95 5.89
CA GLU A 38 -0.77 -5.06 4.85
C GLU A 38 0.32 -4.11 4.38
N PHE A 39 0.11 -3.52 3.21
CA PHE A 39 0.98 -2.47 2.70
C PHE A 39 0.53 -1.12 3.26
N ALA A 40 1.40 -0.49 4.04
CA ALA A 40 1.07 0.77 4.69
C ALA A 40 0.71 1.85 3.67
N GLY A 41 -0.14 2.78 4.07
CA GLY A 41 -0.59 3.81 3.17
C GLY A 41 -1.75 4.58 3.75
N GLY A 42 -2.66 5.02 2.90
CA GLY A 42 -3.79 5.81 3.36
C GLY A 42 -4.68 6.29 2.24
N LYS A 43 -5.80 6.86 2.61
CA LYS A 43 -6.74 7.43 1.66
C LYS A 43 -6.24 8.79 1.17
N VAL A 44 -6.57 9.11 -0.06
CA VAL A 44 -6.10 10.33 -0.71
C VAL A 44 -7.12 11.45 -0.60
N GLU A 45 -6.69 12.58 -0.05
CA GLU A 45 -7.49 13.78 -0.10
C GLU A 45 -7.32 14.41 -1.48
N PRO A 46 -8.43 14.80 -2.13
CA PRO A 46 -8.38 15.34 -3.49
C PRO A 46 -7.44 16.55 -3.61
N ASP A 47 -7.31 17.28 -2.51
CA ASP A 47 -6.48 18.47 -2.49
C ASP A 47 -5.00 18.16 -2.21
N GLU A 48 -4.66 16.88 -2.09
CA GLU A 48 -3.27 16.48 -1.96
C GLU A 48 -2.91 15.49 -3.06
N SER A 49 -1.61 15.30 -3.27
CA SER A 49 -1.15 14.40 -4.31
C SER A 49 -1.15 12.96 -3.80
N GLN A 50 -1.17 12.00 -4.70
CA GLN A 50 -1.18 10.60 -4.30
C GLN A 50 0.15 10.24 -3.65
N ARG A 51 1.24 10.76 -4.21
CA ARG A 51 2.56 10.59 -3.62
C ARG A 51 2.59 11.32 -2.28
N GLN A 52 1.92 12.46 -2.24
CA GLN A 52 1.96 13.34 -1.08
C GLN A 52 1.18 12.71 0.08
N ALA A 53 0.03 12.11 -0.26
CA ALA A 53 -0.78 11.41 0.72
C ALA A 53 0.01 10.27 1.35
N LEU A 54 0.72 9.52 0.53
CA LEU A 54 1.59 8.46 1.04
C LEU A 54 2.66 9.03 1.95
N VAL A 55 3.29 10.10 1.51
CA VAL A 55 4.35 10.73 2.28
C VAL A 55 3.87 11.13 3.66
N ARG A 56 2.68 11.74 3.72
CA ARG A 56 2.14 12.16 5.00
C ARG A 56 1.63 10.99 5.83
N GLU A 57 0.90 10.07 5.19
CA GLU A 57 0.33 8.93 5.91
C GLU A 57 1.42 8.08 6.54
N LEU A 58 2.51 7.85 5.81
CA LEU A 58 3.61 7.07 6.36
C LEU A 58 4.32 7.87 7.43
N ARG A 59 4.36 9.18 7.26
CA ARG A 59 4.94 10.05 8.26
C ARG A 59 4.15 10.00 9.56
N GLU A 60 2.83 9.92 9.43
CA GLU A 60 1.98 9.94 10.59
C GLU A 60 1.83 8.55 11.21
N GLU A 61 1.75 7.53 10.36
CA GLU A 61 1.64 6.17 10.86
C GLU A 61 3.00 5.56 11.16
N LEU A 62 3.91 5.61 10.19
CA LEU A 62 5.18 4.92 10.34
C LEU A 62 6.24 5.85 10.92
N GLY A 63 6.03 7.15 10.80
CA GLY A 63 6.97 8.09 11.38
C GLY A 63 8.17 8.29 10.48
N ILE A 64 8.00 8.00 9.19
CA ILE A 64 9.11 8.10 8.24
C ILE A 64 8.79 9.10 7.15
N GLU A 65 9.80 9.85 6.73
CA GLU A 65 9.67 10.75 5.61
C GLU A 65 10.04 10.02 4.34
N ALA A 66 9.04 9.47 3.68
CA ALA A 66 9.25 8.60 2.54
C ALA A 66 9.42 9.39 1.25
N THR A 67 10.09 8.78 0.28
CA THR A 67 10.24 9.35 -1.03
C THR A 67 9.50 8.47 -2.04
N VAL A 68 8.43 9.01 -2.62
CA VAL A 68 7.62 8.23 -3.55
C VAL A 68 8.08 8.51 -4.99
N GLY A 69 8.46 7.45 -5.68
CA GLY A 69 9.03 7.63 -7.02
C GLY A 69 8.29 6.85 -8.08
N GLU A 70 8.59 5.55 -8.18
CA GLU A 70 8.03 4.72 -9.25
C GLU A 70 6.70 4.08 -8.85
N TYR A 71 5.71 4.23 -9.72
CA TYR A 71 4.40 3.62 -9.53
C TYR A 71 4.41 2.16 -9.98
N VAL A 72 3.78 1.28 -9.18
CA VAL A 72 3.78 -0.14 -9.49
C VAL A 72 2.46 -0.59 -10.12
N ALA A 73 1.38 -0.64 -9.33
CA ALA A 73 0.11 -1.12 -9.85
C ALA A 73 -1.08 -0.53 -9.10
N SER A 74 -2.25 -0.60 -9.72
CA SER A 74 -3.48 -0.14 -9.09
C SER A 74 -4.55 -1.23 -9.21
N HIS A 75 -5.40 -1.33 -8.20
CA HIS A 75 -6.47 -2.31 -8.21
C HIS A 75 -7.77 -1.68 -7.76
N GLN A 76 -8.86 -2.04 -8.41
CA GLN A 76 -10.17 -1.56 -8.03
C GLN A 76 -10.99 -2.67 -7.39
N ARG A 77 -11.81 -2.27 -6.45
CA ARG A 77 -12.77 -3.17 -5.81
C ARG A 77 -13.86 -2.31 -5.20
N GLU A 78 -14.93 -2.90 -4.72
CA GLU A 78 -16.01 -2.10 -4.17
C GLU A 78 -16.18 -2.35 -2.68
N VAL A 79 -16.59 -1.30 -1.98
CA VAL A 79 -16.90 -1.38 -0.58
C VAL A 79 -18.35 -0.92 -0.36
N SER A 80 -19.25 -1.90 -0.31
CA SER A 80 -20.67 -1.64 -0.12
C SER A 80 -21.20 -0.53 -1.06
N GLY A 81 -21.18 -0.80 -2.35
CA GLY A 81 -21.71 0.15 -3.33
C GLY A 81 -20.75 1.28 -3.67
N ARG A 82 -19.55 1.27 -3.10
CA ARG A 82 -18.55 2.29 -3.41
C ARG A 82 -17.33 1.66 -4.05
N ILE A 83 -16.70 2.39 -4.94
CA ILE A 83 -15.56 1.85 -5.67
C ILE A 83 -14.24 2.37 -5.10
N ILE A 84 -13.44 1.47 -4.56
CA ILE A 84 -12.12 1.80 -4.06
C ILE A 84 -11.06 1.58 -5.13
N HIS A 85 -10.13 2.50 -5.21
CA HIS A 85 -9.05 2.42 -6.18
C HIS A 85 -7.70 2.53 -5.46
N LEU A 86 -7.05 1.38 -5.26
CA LEU A 86 -5.77 1.35 -4.55
C LEU A 86 -4.61 1.56 -5.52
N HIS A 87 -3.68 2.42 -5.13
CA HIS A 87 -2.50 2.73 -5.95
C HIS A 87 -1.24 2.29 -5.22
N ALA A 88 -0.52 1.33 -5.76
CA ALA A 88 0.73 0.88 -5.16
C ALA A 88 1.90 1.68 -5.71
N TRP A 89 2.47 2.52 -4.87
CA TRP A 89 3.65 3.29 -5.23
C TRP A 89 4.88 2.70 -4.55
N HIS A 90 5.97 2.66 -5.27
CA HIS A 90 7.21 2.10 -4.75
C HIS A 90 7.98 3.16 -3.98
N VAL A 91 8.23 2.88 -2.71
CA VAL A 91 9.05 3.73 -1.89
C VAL A 91 10.48 3.18 -1.87
N PRO A 92 11.36 3.78 -2.70
CA PRO A 92 12.72 3.30 -2.87
C PRO A 92 13.68 3.86 -1.81
N ASP A 93 13.21 4.86 -1.06
CA ASP A 93 14.01 5.47 0.00
C ASP A 93 13.10 6.17 1.01
N PHE A 94 13.50 6.16 2.28
CA PHE A 94 12.73 6.81 3.34
C PHE A 94 13.66 7.33 4.43
N HIS A 95 13.28 8.44 5.03
CA HIS A 95 14.06 9.04 6.11
C HIS A 95 13.36 8.85 7.46
N GLY A 96 14.04 8.20 8.39
CA GLY A 96 13.49 8.04 9.73
C GLY A 96 13.47 6.59 10.17
N THR A 97 12.72 6.31 11.24
CA THR A 97 12.59 4.96 11.73
C THR A 97 11.12 4.57 11.71
N LEU A 98 10.82 3.44 11.11
CA LEU A 98 9.45 3.04 10.89
C LEU A 98 8.86 2.42 12.15
N GLN A 99 7.74 2.99 12.57
CA GLN A 99 7.07 2.59 13.78
C GLN A 99 5.62 2.31 13.47
N ALA A 100 4.96 1.49 14.27
CA ALA A 100 3.58 1.12 13.98
C ALA A 100 2.59 1.82 14.92
N HIS A 101 1.87 2.79 14.38
CA HIS A 101 0.79 3.45 15.11
C HIS A 101 -0.48 2.61 15.10
N GLU A 102 -1.12 2.56 13.94
CA GLU A 102 -2.35 1.83 13.77
C GLU A 102 -2.12 0.33 13.62
N HIS A 103 -0.89 -0.04 13.28
CA HIS A 103 -0.56 -1.43 13.00
C HIS A 103 0.24 -1.99 14.18
N GLN A 104 0.48 -3.29 14.21
CA GLN A 104 1.21 -3.87 15.34
C GLN A 104 2.71 -3.85 15.12
N ALA A 105 3.20 -4.72 14.26
CA ALA A 105 4.64 -4.87 14.03
C ALA A 105 4.98 -4.76 12.56
N LEU A 106 6.27 -4.63 12.26
CA LEU A 106 6.74 -4.48 10.89
C LEU A 106 7.65 -5.64 10.52
N VAL A 107 7.58 -6.10 9.29
CA VAL A 107 8.49 -7.12 8.79
C VAL A 107 9.02 -6.75 7.41
N TRP A 108 10.29 -7.06 7.17
CA TRP A 108 10.89 -6.86 5.86
C TRP A 108 11.02 -8.20 5.15
N CYS A 109 10.24 -8.40 4.10
CA CYS A 109 10.22 -9.66 3.40
C CYS A 109 10.26 -9.44 1.89
N SER A 110 10.76 -10.43 1.16
CA SER A 110 10.86 -10.34 -0.28
C SER A 110 9.47 -10.45 -0.92
N PRO A 111 9.31 -9.92 -2.15
CA PRO A 111 8.03 -9.88 -2.85
C PRO A 111 7.27 -11.19 -2.82
N GLU A 112 7.91 -12.27 -3.27
CA GLU A 112 7.23 -13.54 -3.39
C GLU A 112 6.99 -14.16 -2.01
N GLU A 113 7.81 -13.77 -1.05
CA GLU A 113 7.60 -14.16 0.34
C GLU A 113 6.33 -13.50 0.88
N ALA A 114 6.15 -12.23 0.54
CA ALA A 114 5.02 -11.43 1.03
C ALA A 114 3.68 -12.06 0.65
N LEU A 115 3.60 -12.68 -0.51
CA LEU A 115 2.34 -13.28 -0.95
C LEU A 115 2.05 -14.59 -0.21
N GLN A 116 3.04 -15.09 0.52
CA GLN A 116 2.84 -16.24 1.39
C GLN A 116 2.28 -15.78 2.73
N TYR A 117 2.35 -14.48 2.95
CA TYR A 117 1.81 -13.88 4.17
C TYR A 117 0.33 -13.61 3.98
N PRO A 118 -0.43 -13.52 5.08
CA PRO A 118 -1.85 -13.19 5.01
C PRO A 118 -2.06 -11.73 4.62
N LEU A 119 -1.99 -11.45 3.33
CA LEU A 119 -2.21 -10.11 2.83
C LEU A 119 -3.69 -9.89 2.53
N ALA A 120 -4.14 -8.65 2.61
CA ALA A 120 -5.52 -8.33 2.29
C ALA A 120 -5.79 -8.56 0.81
N PRO A 121 -7.05 -8.82 0.42
CA PRO A 121 -7.41 -9.15 -0.97
C PRO A 121 -7.13 -8.01 -1.95
N ALA A 122 -6.78 -6.84 -1.45
CA ALA A 122 -6.45 -5.70 -2.30
C ALA A 122 -4.95 -5.57 -2.46
N ASP A 123 -4.22 -6.17 -1.53
CA ASP A 123 -2.76 -6.07 -1.48
C ASP A 123 -2.12 -7.10 -2.38
N ILE A 124 -2.83 -8.21 -2.58
CA ILE A 124 -2.32 -9.33 -3.36
C ILE A 124 -2.07 -8.92 -4.82
N PRO A 125 -3.12 -8.44 -5.55
CA PRO A 125 -2.98 -8.04 -6.96
C PRO A 125 -1.86 -7.03 -7.18
N LEU A 126 -1.64 -6.16 -6.19
CA LEU A 126 -0.61 -5.15 -6.29
C LEU A 126 0.78 -5.77 -6.19
N LEU A 127 0.91 -6.77 -5.33
CA LEU A 127 2.18 -7.44 -5.15
C LEU A 127 2.46 -8.32 -6.37
N GLU A 128 1.42 -8.94 -6.88
CA GLU A 128 1.54 -9.81 -8.05
C GLU A 128 2.22 -9.07 -9.20
N ALA A 129 1.83 -7.82 -9.42
CA ALA A 129 2.43 -7.03 -10.49
C ALA A 129 3.76 -6.46 -10.07
N PHE A 130 4.00 -6.37 -8.77
CA PHE A 130 5.26 -5.85 -8.28
C PHE A 130 6.35 -6.87 -8.51
N MET A 131 6.06 -8.11 -8.16
CA MET A 131 6.97 -9.20 -8.44
C MET A 131 7.03 -9.46 -9.93
N ALA A 132 5.91 -9.25 -10.63
CA ALA A 132 5.89 -9.31 -12.09
C ALA A 132 6.90 -8.34 -12.69
N LEU A 133 6.98 -7.14 -12.12
CA LEU A 133 7.91 -6.13 -12.58
C LEU A 133 9.34 -6.57 -12.36
N ARG A 134 9.62 -7.13 -11.20
CA ARG A 134 10.96 -7.58 -10.88
C ARG A 134 11.34 -8.85 -11.65
N ALA A 135 10.33 -9.55 -12.16
CA ALA A 135 10.57 -10.78 -12.91
C ALA A 135 10.70 -10.52 -14.41
N ALA A 136 9.91 -9.59 -14.93
CA ALA A 136 9.94 -9.27 -16.35
C ALA A 136 10.87 -8.11 -16.64
N ARG A 137 11.26 -7.40 -15.57
CA ARG A 137 12.15 -6.23 -15.63
C ARG A 137 11.83 -5.29 -16.79
N PRO A 138 10.96 -4.29 -16.54
CA PRO A 138 10.56 -3.32 -17.56
C PRO A 138 11.74 -2.50 -18.08
N ALA A 139 11.71 -2.23 -19.37
CA ALA A 139 12.78 -1.49 -20.02
C ALA A 139 12.22 -0.65 -21.16
N ASP A 140 12.14 0.64 -20.95
CA ASP A 140 11.59 1.55 -21.95
C ASP A 140 12.31 2.89 -21.89
N GLY A 1 -31.04 2.53 -0.64
CA GLY A 1 -31.02 3.79 -1.42
C GLY A 1 -31.66 3.61 -2.77
N PRO A 2 -31.66 4.66 -3.61
CA PRO A 2 -32.20 4.57 -4.97
C PRO A 2 -31.23 3.86 -5.91
N LEU A 3 -29.95 3.98 -5.60
CA LEU A 3 -28.87 3.36 -6.36
C LEU A 3 -27.58 3.59 -5.59
N GLY A 4 -26.73 2.57 -5.53
CA GLY A 4 -25.46 2.70 -4.83
C GLY A 4 -24.56 3.74 -5.47
N SER A 5 -24.51 4.93 -4.86
CA SER A 5 -23.71 6.02 -5.38
C SER A 5 -22.24 5.62 -5.47
N MET A 6 -21.78 5.41 -6.69
CA MET A 6 -20.44 4.95 -6.93
C MET A 6 -19.47 6.13 -7.00
N LYS A 7 -19.00 6.56 -5.85
CA LYS A 7 -17.91 7.51 -5.81
C LYS A 7 -16.60 6.74 -5.81
N MET A 8 -15.55 7.35 -6.30
CA MET A 8 -14.26 6.68 -6.33
C MET A 8 -13.43 7.09 -5.13
N ILE A 9 -12.97 6.08 -4.42
CA ILE A 9 -12.15 6.26 -3.24
C ILE A 9 -10.72 5.93 -3.60
N GLU A 10 -9.83 6.88 -3.52
CA GLU A 10 -8.46 6.62 -3.88
C GLU A 10 -7.66 6.29 -2.64
N VAL A 11 -7.04 5.13 -2.65
CA VAL A 11 -6.22 4.70 -1.53
C VAL A 11 -4.84 4.36 -2.05
N VAL A 12 -3.84 4.98 -1.49
CA VAL A 12 -2.48 4.74 -1.92
C VAL A 12 -1.80 3.77 -0.98
N ALA A 13 -1.17 2.78 -1.56
CA ALA A 13 -0.44 1.78 -0.82
C ALA A 13 1.04 1.98 -1.06
N ALA A 14 1.80 2.06 0.01
CA ALA A 14 3.22 2.33 -0.11
C ALA A 14 4.01 1.06 0.02
N ILE A 15 4.65 0.68 -1.06
CA ILE A 15 5.50 -0.48 -1.04
C ILE A 15 6.89 -0.03 -0.62
N ILE A 16 7.23 -0.22 0.63
CA ILE A 16 8.48 0.26 1.16
C ILE A 16 9.54 -0.79 0.88
N GLU A 17 10.34 -0.57 -0.14
CA GLU A 17 11.30 -1.58 -0.52
C GLU A 17 12.69 -1.16 -0.05
N ARG A 18 13.21 -1.93 0.88
CA ARG A 18 14.51 -1.66 1.43
C ARG A 18 15.37 -2.91 1.34
N ASP A 19 16.55 -2.76 0.74
CA ASP A 19 17.49 -3.87 0.57
C ASP A 19 17.01 -4.87 -0.47
N GLY A 20 15.83 -4.63 -1.03
CA GLY A 20 15.26 -5.58 -1.97
C GLY A 20 14.04 -6.26 -1.37
N LYS A 21 13.71 -5.89 -0.14
CA LYS A 21 12.58 -6.48 0.56
C LYS A 21 11.48 -5.45 0.76
N ILE A 22 10.26 -5.92 0.91
CA ILE A 22 9.10 -5.05 1.03
C ILE A 22 8.64 -4.99 2.48
N LEU A 23 8.11 -3.84 2.88
CA LEU A 23 7.66 -3.62 4.25
C LEU A 23 6.20 -4.02 4.41
N LEU A 24 5.96 -4.98 5.29
CA LEU A 24 4.60 -5.44 5.61
C LEU A 24 4.28 -5.08 7.05
N ALA A 25 3.07 -4.61 7.27
CA ALA A 25 2.62 -4.22 8.60
C ALA A 25 1.46 -5.08 9.06
N GLN A 26 1.64 -5.77 10.17
CA GLN A 26 0.62 -6.68 10.69
C GLN A 26 -0.60 -5.92 11.21
N ARG A 27 -1.73 -6.17 10.57
CA ARG A 27 -3.00 -5.55 10.90
C ARG A 27 -4.09 -6.18 10.03
N PRO A 28 -5.19 -6.65 10.64
CA PRO A 28 -6.30 -7.22 9.91
C PRO A 28 -7.31 -6.17 9.47
N ALA A 29 -8.19 -5.78 10.41
CA ALA A 29 -9.22 -4.77 10.18
C ALA A 29 -10.20 -4.78 11.35
N GLN A 30 -11.15 -5.71 11.30
CA GLN A 30 -12.11 -5.88 12.38
C GLN A 30 -11.85 -7.21 13.09
N SER A 31 -11.11 -8.07 12.41
CA SER A 31 -10.79 -9.38 12.95
C SER A 31 -9.79 -9.26 14.09
N ASP A 32 -10.11 -9.88 15.21
CA ASP A 32 -9.24 -9.86 16.38
C ASP A 32 -8.30 -11.04 16.35
N GLN A 33 -8.36 -11.79 15.26
CA GLN A 33 -7.53 -12.97 15.07
C GLN A 33 -6.10 -12.56 14.74
N ALA A 34 -5.97 -11.37 14.17
CA ALA A 34 -4.67 -10.80 13.83
C ALA A 34 -3.87 -11.73 12.90
N GLY A 35 -2.56 -11.52 12.85
CA GLY A 35 -1.68 -12.38 12.08
C GLY A 35 -1.53 -11.94 10.64
N LEU A 36 -2.55 -11.29 10.10
CA LEU A 36 -2.55 -10.82 8.73
C LEU A 36 -1.69 -9.56 8.57
N TRP A 37 -1.08 -9.42 7.41
CA TRP A 37 -0.21 -8.28 7.11
C TRP A 37 -0.84 -7.43 6.01
N GLU A 38 -0.61 -6.13 6.08
CA GLU A 38 -1.08 -5.20 5.05
C GLU A 38 0.04 -4.24 4.68
N PHE A 39 -0.12 -3.55 3.56
CA PHE A 39 0.84 -2.54 3.15
C PHE A 39 0.45 -1.19 3.71
N ALA A 40 1.43 -0.42 4.13
CA ALA A 40 1.18 0.89 4.74
C ALA A 40 0.68 1.87 3.69
N GLY A 41 -0.11 2.84 4.12
CA GLY A 41 -0.65 3.81 3.19
C GLY A 41 -1.85 4.54 3.76
N GLY A 42 -2.80 4.86 2.89
CA GLY A 42 -3.98 5.58 3.33
C GLY A 42 -4.78 6.13 2.16
N LYS A 43 -5.91 6.77 2.47
CA LYS A 43 -6.75 7.35 1.43
C LYS A 43 -6.17 8.67 0.93
N VAL A 44 -6.49 9.02 -0.30
CA VAL A 44 -6.07 10.27 -0.88
C VAL A 44 -7.27 11.21 -1.03
N GLU A 45 -7.16 12.40 -0.50
CA GLU A 45 -8.14 13.43 -0.78
C GLU A 45 -7.72 14.11 -2.06
N PRO A 46 -8.61 14.23 -3.05
CA PRO A 46 -8.27 14.79 -4.38
C PRO A 46 -7.59 16.16 -4.32
N ASP A 47 -7.65 16.82 -3.17
CA ASP A 47 -7.02 18.13 -3.00
C ASP A 47 -5.52 17.98 -2.76
N GLU A 48 -5.13 16.81 -2.30
CA GLU A 48 -3.72 16.50 -2.07
C GLU A 48 -3.27 15.51 -3.13
N SER A 49 -1.97 15.36 -3.30
CA SER A 49 -1.44 14.49 -4.31
C SER A 49 -1.32 13.06 -3.78
N GLN A 50 -1.37 12.09 -4.68
CA GLN A 50 -1.31 10.68 -4.29
C GLN A 50 -0.01 10.36 -3.59
N ARG A 51 1.10 10.90 -4.09
CA ARG A 51 2.39 10.72 -3.45
C ARG A 51 2.44 11.46 -2.12
N GLN A 52 1.75 12.59 -2.07
CA GLN A 52 1.79 13.45 -0.90
C GLN A 52 1.02 12.80 0.24
N ALA A 53 -0.12 12.22 -0.11
CA ALA A 53 -0.94 11.51 0.85
C ALA A 53 -0.16 10.37 1.49
N LEU A 54 0.58 9.62 0.67
CA LEU A 54 1.46 8.58 1.18
C LEU A 54 2.50 9.16 2.12
N VAL A 55 3.08 10.28 1.71
CA VAL A 55 4.13 10.91 2.49
C VAL A 55 3.63 11.31 3.88
N ARG A 56 2.42 11.85 3.96
CA ARG A 56 1.88 12.26 5.24
C ARG A 56 1.42 11.05 6.05
N GLU A 57 0.74 10.11 5.40
CA GLU A 57 0.26 8.91 6.08
C GLU A 57 1.41 8.10 6.67
N LEU A 58 2.49 7.92 5.92
CA LEU A 58 3.62 7.15 6.42
C LEU A 58 4.31 7.90 7.55
N ARG A 59 4.30 9.22 7.50
CA ARG A 59 4.89 10.02 8.55
C ARG A 59 4.16 9.80 9.87
N GLU A 60 2.87 9.58 9.77
CA GLU A 60 2.03 9.42 10.94
C GLU A 60 1.96 7.97 11.40
N GLU A 61 1.91 7.05 10.45
CA GLU A 61 1.84 5.63 10.79
C GLU A 61 3.23 5.05 11.01
N LEU A 62 4.11 5.27 10.05
CA LEU A 62 5.43 4.66 10.11
C LEU A 62 6.43 5.61 10.75
N GLY A 63 6.13 6.90 10.76
CA GLY A 63 6.98 7.84 11.43
C GLY A 63 8.18 8.20 10.57
N ILE A 64 8.02 8.05 9.25
CA ILE A 64 9.11 8.29 8.33
C ILE A 64 8.74 9.30 7.27
N GLU A 65 9.72 10.07 6.85
CA GLU A 65 9.58 11.01 5.75
C GLU A 65 9.94 10.31 4.45
N ALA A 66 8.94 9.87 3.73
CA ALA A 66 9.15 9.03 2.57
C ALA A 66 9.32 9.85 1.29
N THR A 67 10.07 9.29 0.36
CA THR A 67 10.23 9.86 -0.96
C THR A 67 9.55 8.95 -1.98
N VAL A 68 8.38 9.36 -2.44
CA VAL A 68 7.59 8.52 -3.34
C VAL A 68 7.99 8.77 -4.79
N GLY A 69 8.30 7.68 -5.51
CA GLY A 69 8.85 7.82 -6.84
C GLY A 69 8.06 7.07 -7.91
N GLU A 70 8.43 5.82 -8.14
CA GLU A 70 7.94 5.06 -9.28
C GLU A 70 6.68 4.25 -8.95
N TYR A 71 5.71 4.34 -9.84
CA TYR A 71 4.39 3.73 -9.65
C TYR A 71 4.36 2.29 -10.15
N VAL A 72 3.79 1.39 -9.34
CA VAL A 72 3.77 -0.03 -9.67
C VAL A 72 2.48 -0.43 -10.38
N ALA A 73 1.37 -0.44 -9.63
CA ALA A 73 0.09 -0.86 -10.19
C ALA A 73 -1.08 -0.39 -9.35
N SER A 74 -2.28 -0.69 -9.79
CA SER A 74 -3.49 -0.34 -9.06
C SER A 74 -4.51 -1.47 -9.11
N HIS A 75 -5.34 -1.56 -8.09
CA HIS A 75 -6.40 -2.55 -8.04
C HIS A 75 -7.72 -1.87 -7.68
N GLN A 76 -8.79 -2.25 -8.34
CA GLN A 76 -10.09 -1.70 -8.06
C GLN A 76 -10.96 -2.68 -7.30
N ARG A 77 -11.70 -2.15 -6.36
CA ARG A 77 -12.65 -2.93 -5.57
C ARG A 77 -13.70 -1.97 -5.04
N GLU A 78 -14.72 -2.45 -4.37
CA GLU A 78 -15.72 -1.55 -3.84
C GLU A 78 -15.81 -1.63 -2.32
N VAL A 79 -16.21 -0.52 -1.72
CA VAL A 79 -16.54 -0.48 -0.31
C VAL A 79 -17.98 0.04 -0.19
N SER A 80 -18.91 -0.89 -0.09
CA SER A 80 -20.35 -0.58 -0.10
C SER A 80 -20.72 0.42 -1.20
N GLY A 81 -20.67 -0.03 -2.45
CA GLY A 81 -21.07 0.80 -3.57
C GLY A 81 -20.00 1.76 -4.05
N ARG A 82 -19.06 2.09 -3.20
CA ARG A 82 -18.01 3.04 -3.55
C ARG A 82 -16.79 2.31 -4.11
N ILE A 83 -16.29 2.75 -5.24
CA ILE A 83 -15.20 2.06 -5.92
C ILE A 83 -13.85 2.58 -5.44
N ILE A 84 -13.09 1.72 -4.82
CA ILE A 84 -11.79 2.09 -4.30
C ILE A 84 -10.70 1.82 -5.35
N HIS A 85 -9.83 2.79 -5.52
CA HIS A 85 -8.74 2.71 -6.46
C HIS A 85 -7.43 2.67 -5.68
N LEU A 86 -6.89 1.48 -5.46
CA LEU A 86 -5.68 1.34 -4.66
C LEU A 86 -4.44 1.46 -5.52
N HIS A 87 -3.63 2.47 -5.26
CA HIS A 87 -2.42 2.70 -6.03
C HIS A 87 -1.20 2.20 -5.27
N ALA A 88 -0.54 1.18 -5.80
CA ALA A 88 0.67 0.67 -5.18
C ALA A 88 1.88 1.40 -5.73
N TRP A 89 2.54 2.16 -4.88
CA TRP A 89 3.71 2.93 -5.28
C TRP A 89 4.97 2.31 -4.69
N HIS A 90 6.03 2.26 -5.49
CA HIS A 90 7.30 1.72 -5.04
C HIS A 90 8.09 2.81 -4.32
N VAL A 91 8.20 2.69 -3.00
CA VAL A 91 8.91 3.67 -2.20
C VAL A 91 10.37 3.25 -2.05
N PRO A 92 11.27 3.96 -2.75
CA PRO A 92 12.69 3.63 -2.77
C PRO A 92 13.48 4.33 -1.67
N ASP A 93 12.88 5.33 -1.06
CA ASP A 93 13.58 6.16 -0.09
C ASP A 93 12.66 6.61 1.03
N PHE A 94 13.18 6.56 2.24
CA PHE A 94 12.46 7.00 3.43
C PHE A 94 13.44 7.52 4.47
N HIS A 95 13.05 8.56 5.19
CA HIS A 95 13.92 9.16 6.20
C HIS A 95 13.27 9.08 7.57
N GLY A 96 13.95 8.42 8.51
CA GLY A 96 13.42 8.27 9.84
C GLY A 96 13.43 6.81 10.29
N THR A 97 12.67 6.50 11.33
CA THR A 97 12.61 5.15 11.84
C THR A 97 11.19 4.62 11.73
N LEU A 98 11.01 3.59 10.90
CA LEU A 98 9.69 3.05 10.62
C LEU A 98 9.12 2.35 11.85
N GLN A 99 7.92 2.77 12.22
CA GLN A 99 7.26 2.28 13.40
C GLN A 99 5.85 1.82 13.04
N ALA A 100 5.23 1.04 13.91
CA ALA A 100 3.87 0.61 13.69
C ALA A 100 2.90 1.33 14.62
N HIS A 101 2.23 2.36 14.09
CA HIS A 101 1.25 3.11 14.86
C HIS A 101 -0.08 2.37 14.94
N GLU A 102 -0.83 2.37 13.84
CA GLU A 102 -2.11 1.68 13.77
C GLU A 102 -1.90 0.20 13.47
N HIS A 103 -0.65 -0.16 13.29
CA HIS A 103 -0.29 -1.51 12.96
C HIS A 103 0.45 -2.11 14.13
N GLN A 104 0.55 -3.43 14.22
CA GLN A 104 1.18 -4.04 15.37
C GLN A 104 2.64 -4.39 15.08
N ALA A 105 2.88 -5.09 13.99
CA ALA A 105 4.23 -5.52 13.63
C ALA A 105 4.65 -4.96 12.29
N LEU A 106 5.96 -4.90 12.05
CA LEU A 106 6.52 -4.43 10.80
C LEU A 106 7.63 -5.37 10.36
N VAL A 107 7.54 -5.90 9.14
CA VAL A 107 8.53 -6.87 8.68
C VAL A 107 9.00 -6.56 7.26
N TRP A 108 10.25 -6.86 6.98
CA TRP A 108 10.79 -6.80 5.63
C TRP A 108 10.89 -8.20 5.05
N CYS A 109 10.10 -8.46 4.03
CA CYS A 109 10.18 -9.74 3.34
C CYS A 109 10.21 -9.50 1.84
N SER A 110 10.80 -10.42 1.11
CA SER A 110 10.99 -10.27 -0.32
C SER A 110 9.64 -10.42 -1.05
N PRO A 111 9.54 -9.97 -2.32
CA PRO A 111 8.29 -9.98 -3.09
C PRO A 111 7.52 -11.31 -3.02
N GLU A 112 8.18 -12.40 -3.38
CA GLU A 112 7.53 -13.71 -3.41
C GLU A 112 7.22 -14.18 -1.99
N GLU A 113 8.04 -13.75 -1.06
CA GLU A 113 7.83 -14.05 0.36
C GLU A 113 6.57 -13.37 0.87
N ALA A 114 6.38 -12.11 0.46
CA ALA A 114 5.26 -11.29 0.92
C ALA A 114 3.92 -11.91 0.52
N LEU A 115 3.82 -12.37 -0.71
CA LEU A 115 2.57 -12.90 -1.22
C LEU A 115 2.28 -14.27 -0.60
N GLN A 116 3.30 -14.88 -0.01
CA GLN A 116 3.13 -16.15 0.67
C GLN A 116 2.75 -15.92 2.14
N TYR A 117 2.60 -14.66 2.50
CA TYR A 117 2.10 -14.29 3.81
C TYR A 117 0.62 -13.97 3.72
N PRO A 118 -0.11 -13.98 4.85
CA PRO A 118 -1.52 -13.62 4.87
C PRO A 118 -1.74 -12.12 4.61
N LEU A 119 -1.84 -11.76 3.35
CA LEU A 119 -2.07 -10.38 2.96
C LEU A 119 -3.56 -10.13 2.74
N ALA A 120 -3.99 -8.88 2.92
CA ALA A 120 -5.38 -8.51 2.69
C ALA A 120 -5.75 -8.65 1.21
N PRO A 121 -7.04 -8.88 0.90
CA PRO A 121 -7.53 -9.13 -0.47
C PRO A 121 -7.16 -8.03 -1.47
N ALA A 122 -6.87 -6.83 -0.99
CA ALA A 122 -6.52 -5.73 -1.87
C ALA A 122 -5.01 -5.66 -2.10
N ASP A 123 -4.27 -6.16 -1.11
CA ASP A 123 -2.81 -6.09 -1.12
C ASP A 123 -2.22 -7.17 -2.00
N ILE A 124 -2.96 -8.26 -2.13
CA ILE A 124 -2.50 -9.41 -2.90
C ILE A 124 -2.27 -9.04 -4.37
N PRO A 125 -3.30 -8.56 -5.10
CA PRO A 125 -3.17 -8.25 -6.53
C PRO A 125 -2.15 -7.15 -6.80
N LEU A 126 -1.95 -6.28 -5.83
CA LEU A 126 -0.97 -5.21 -5.96
C LEU A 126 0.44 -5.79 -5.92
N LEU A 127 0.64 -6.73 -5.00
CA LEU A 127 1.94 -7.35 -4.83
C LEU A 127 2.19 -8.32 -5.98
N GLU A 128 1.13 -8.98 -6.44
CA GLU A 128 1.23 -9.90 -7.56
C GLU A 128 1.83 -9.20 -8.77
N ALA A 129 1.46 -7.95 -9.00
CA ALA A 129 2.01 -7.20 -10.10
C ALA A 129 3.40 -6.66 -9.78
N PHE A 130 3.68 -6.39 -8.51
CA PHE A 130 4.99 -5.86 -8.14
C PHE A 130 6.05 -6.91 -8.37
N MET A 131 5.75 -8.13 -7.94
CA MET A 131 6.64 -9.25 -8.18
C MET A 131 6.69 -9.55 -9.67
N ALA A 132 5.56 -9.35 -10.37
CA ALA A 132 5.51 -9.46 -11.82
C ALA A 132 6.49 -8.50 -12.49
N LEU A 133 6.58 -7.29 -11.95
CA LEU A 133 7.48 -6.28 -12.48
C LEU A 133 8.92 -6.73 -12.33
N ARG A 134 9.25 -7.23 -11.15
CA ARG A 134 10.61 -7.66 -10.85
C ARG A 134 10.97 -8.95 -11.57
N ALA A 135 9.97 -9.73 -11.96
CA ALA A 135 10.23 -10.99 -12.66
C ALA A 135 10.42 -10.75 -14.14
N ALA A 136 9.66 -9.80 -14.68
CA ALA A 136 9.73 -9.47 -16.09
C ALA A 136 10.85 -8.47 -16.37
N ARG A 137 11.30 -7.80 -15.30
CA ARG A 137 12.38 -6.80 -15.37
C ARG A 137 12.29 -5.94 -16.63
N PRO A 138 11.41 -4.93 -16.62
CA PRO A 138 11.13 -4.10 -17.80
C PRO A 138 12.27 -3.18 -18.16
N ALA A 139 12.86 -3.44 -19.31
CA ALA A 139 13.88 -2.57 -19.86
C ALA A 139 13.23 -1.54 -20.77
N ASP A 140 12.86 -0.41 -20.19
CA ASP A 140 12.11 0.62 -20.89
C ASP A 140 12.95 1.20 -22.03
N GLY A 1 -26.96 13.90 -17.72
CA GLY A 1 -27.40 13.27 -16.45
C GLY A 1 -26.22 12.95 -15.56
N PRO A 2 -26.42 12.95 -14.23
CA PRO A 2 -25.36 12.64 -13.28
C PRO A 2 -24.93 11.18 -13.33
N LEU A 3 -23.67 10.96 -13.68
CA LEU A 3 -23.12 9.61 -13.74
C LEU A 3 -22.21 9.37 -12.54
N GLY A 4 -22.06 10.40 -11.71
CA GLY A 4 -21.27 10.27 -10.51
C GLY A 4 -22.07 9.69 -9.36
N SER A 5 -22.85 8.66 -9.66
CA SER A 5 -23.64 7.98 -8.65
C SER A 5 -22.73 7.21 -7.71
N MET A 6 -21.79 6.48 -8.29
CA MET A 6 -20.80 5.77 -7.50
C MET A 6 -19.74 6.74 -7.03
N LYS A 7 -19.22 6.51 -5.83
CA LYS A 7 -18.13 7.31 -5.30
C LYS A 7 -16.86 6.49 -5.30
N MET A 8 -15.78 7.08 -5.78
CA MET A 8 -14.52 6.39 -5.84
C MET A 8 -13.65 6.77 -4.65
N ILE A 9 -13.12 5.76 -4.00
CA ILE A 9 -12.24 5.94 -2.87
C ILE A 9 -10.82 5.64 -3.32
N GLU A 10 -10.01 6.66 -3.37
CA GLU A 10 -8.68 6.51 -3.92
C GLU A 10 -7.70 6.25 -2.79
N VAL A 11 -6.98 5.15 -2.88
CA VAL A 11 -6.06 4.76 -1.83
C VAL A 11 -4.67 4.61 -2.41
N VAL A 12 -3.68 5.14 -1.72
CA VAL A 12 -2.31 4.98 -2.14
C VAL A 12 -1.60 3.99 -1.22
N ALA A 13 -0.91 3.05 -1.82
CA ALA A 13 -0.23 2.00 -1.07
C ALA A 13 1.28 2.19 -1.18
N ALA A 14 1.94 2.19 -0.05
CA ALA A 14 3.37 2.41 -0.01
C ALA A 14 4.09 1.09 0.19
N ILE A 15 4.75 0.63 -0.86
CA ILE A 15 5.52 -0.58 -0.79
C ILE A 15 6.95 -0.20 -0.46
N ILE A 16 7.32 -0.32 0.80
CA ILE A 16 8.62 0.11 1.24
C ILE A 16 9.58 -1.06 1.19
N GLU A 17 10.45 -1.04 0.20
CA GLU A 17 11.34 -2.14 -0.04
C GLU A 17 12.76 -1.73 0.26
N ARG A 18 13.44 -2.52 1.05
CA ARG A 18 14.82 -2.25 1.39
C ARG A 18 15.63 -3.53 1.25
N ASP A 19 16.64 -3.48 0.38
CA ASP A 19 17.55 -4.61 0.15
C ASP A 19 16.84 -5.75 -0.56
N GLY A 20 15.66 -5.50 -1.09
CA GLY A 20 14.92 -6.56 -1.76
C GLY A 20 13.85 -7.16 -0.87
N LYS A 21 13.64 -6.57 0.30
CA LYS A 21 12.57 -7.01 1.19
C LYS A 21 11.54 -5.90 1.36
N ILE A 22 10.28 -6.27 1.45
CA ILE A 22 9.18 -5.31 1.50
C ILE A 22 8.66 -5.19 2.94
N LEU A 23 8.20 -3.99 3.30
CA LEU A 23 7.68 -3.73 4.63
C LEU A 23 6.19 -4.07 4.70
N LEU A 24 5.87 -5.01 5.58
CA LEU A 24 4.49 -5.39 5.84
C LEU A 24 4.08 -4.97 7.25
N ALA A 25 2.86 -4.47 7.39
CA ALA A 25 2.39 -4.02 8.69
C ALA A 25 1.14 -4.79 9.12
N GLN A 26 1.26 -5.51 10.23
CA GLN A 26 0.16 -6.34 10.73
C GLN A 26 -0.92 -5.49 11.39
N ARG A 27 -2.02 -5.31 10.67
CA ARG A 27 -3.21 -4.62 11.16
C ARG A 27 -4.13 -4.33 10.00
N PRO A 28 -5.38 -4.81 10.04
CA PRO A 28 -6.37 -4.55 9.00
C PRO A 28 -7.13 -3.26 9.25
N ALA A 29 -8.35 -3.17 8.74
CA ALA A 29 -9.14 -1.97 8.88
C ALA A 29 -10.59 -2.30 9.20
N GLN A 30 -11.24 -3.06 8.32
CA GLN A 30 -12.65 -3.39 8.51
C GLN A 30 -12.80 -4.71 9.23
N SER A 31 -11.80 -5.57 9.10
CA SER A 31 -11.83 -6.88 9.72
C SER A 31 -11.57 -6.76 11.22
N ASP A 32 -10.59 -5.94 11.58
CA ASP A 32 -10.16 -5.77 12.98
C ASP A 32 -9.69 -7.07 13.58
N GLN A 33 -9.20 -7.97 12.73
CA GLN A 33 -8.66 -9.24 13.17
C GLN A 33 -7.17 -9.28 12.91
N ALA A 34 -6.41 -9.65 13.93
CA ALA A 34 -4.96 -9.61 13.86
C ALA A 34 -4.40 -10.84 13.15
N GLY A 35 -3.19 -10.70 12.65
CA GLY A 35 -2.51 -11.80 11.99
C GLY A 35 -2.31 -11.54 10.51
N LEU A 36 -3.20 -10.77 9.93
CA LEU A 36 -3.08 -10.39 8.53
C LEU A 36 -2.16 -9.19 8.37
N TRP A 37 -1.52 -9.12 7.21
CA TRP A 37 -0.60 -8.04 6.90
C TRP A 37 -1.11 -7.27 5.70
N GLU A 38 -0.76 -5.99 5.62
CA GLU A 38 -1.11 -5.17 4.47
C GLU A 38 0.00 -4.14 4.22
N PHE A 39 -0.04 -3.50 3.07
CA PHE A 39 0.92 -2.45 2.76
C PHE A 39 0.49 -1.15 3.40
N ALA A 40 1.44 -0.30 3.72
CA ALA A 40 1.14 0.97 4.36
C ALA A 40 0.59 1.96 3.35
N GLY A 41 0.08 3.08 3.82
CA GLY A 41 -0.44 4.09 2.93
C GLY A 41 -1.63 4.82 3.51
N GLY A 42 -2.60 5.12 2.66
CA GLY A 42 -3.76 5.84 3.12
C GLY A 42 -4.66 6.30 1.99
N LYS A 43 -5.79 6.89 2.35
CA LYS A 43 -6.74 7.43 1.38
C LYS A 43 -6.26 8.77 0.84
N VAL A 44 -6.69 9.08 -0.37
CA VAL A 44 -6.34 10.35 -1.01
C VAL A 44 -7.58 11.22 -1.10
N GLU A 45 -7.61 12.28 -0.33
CA GLU A 45 -8.73 13.21 -0.35
C GLU A 45 -8.50 14.23 -1.46
N PRO A 46 -9.57 14.78 -2.08
CA PRO A 46 -9.46 15.72 -3.20
C PRO A 46 -8.79 17.06 -2.83
N ASP A 47 -8.19 17.11 -1.65
CA ASP A 47 -7.48 18.32 -1.20
C ASP A 47 -5.99 18.03 -1.05
N GLU A 48 -5.56 16.88 -1.55
CA GLU A 48 -4.16 16.51 -1.53
C GLU A 48 -3.78 15.70 -2.77
N SER A 49 -2.49 15.48 -2.94
CA SER A 49 -1.99 14.71 -4.07
C SER A 49 -1.56 13.32 -3.61
N GLN A 50 -1.40 12.40 -4.55
CA GLN A 50 -1.06 11.02 -4.23
C GLN A 50 0.26 10.93 -3.47
N ARG A 51 1.29 11.60 -3.97
CA ARG A 51 2.59 11.60 -3.30
C ARG A 51 2.46 12.17 -1.90
N GLN A 52 1.67 13.22 -1.76
CA GLN A 52 1.53 13.91 -0.49
C GLN A 52 0.80 13.03 0.52
N ALA A 53 -0.24 12.34 0.05
CA ALA A 53 -1.01 11.44 0.89
C ALA A 53 -0.13 10.34 1.46
N LEU A 54 0.67 9.69 0.59
CA LEU A 54 1.58 8.64 1.03
C LEU A 54 2.56 9.18 2.05
N VAL A 55 3.14 10.33 1.74
CA VAL A 55 4.15 10.95 2.57
C VAL A 55 3.62 11.24 3.97
N ARG A 56 2.47 11.88 4.06
CA ARG A 56 1.92 12.26 5.36
C ARG A 56 1.50 11.04 6.17
N GLU A 57 0.82 10.09 5.53
CA GLU A 57 0.33 8.92 6.21
C GLU A 57 1.48 8.08 6.78
N LEU A 58 2.56 7.92 6.01
CA LEU A 58 3.71 7.17 6.49
C LEU A 58 4.40 7.96 7.59
N ARG A 59 4.39 9.27 7.47
CA ARG A 59 4.90 10.16 8.50
C ARG A 59 4.19 9.94 9.84
N GLU A 60 2.89 9.68 9.78
CA GLU A 60 2.10 9.49 10.99
C GLU A 60 2.10 8.04 11.46
N GLU A 61 2.06 7.11 10.53
CA GLU A 61 2.05 5.69 10.87
C GLU A 61 3.45 5.13 11.05
N LEU A 62 4.31 5.37 10.07
CA LEU A 62 5.62 4.73 10.04
C LEU A 62 6.72 5.70 10.47
N GLY A 63 6.32 6.88 10.94
CA GLY A 63 7.27 7.91 11.33
C GLY A 63 8.39 8.18 10.32
N ILE A 64 8.10 8.12 9.03
CA ILE A 64 9.12 8.40 8.03
C ILE A 64 8.64 9.37 6.97
N GLU A 65 9.56 10.19 6.49
CA GLU A 65 9.31 11.08 5.37
C GLU A 65 9.68 10.35 4.09
N ALA A 66 8.69 9.90 3.35
CA ALA A 66 8.93 9.08 2.18
C ALA A 66 9.16 9.92 0.94
N THR A 67 9.95 9.41 0.03
CA THR A 67 10.21 10.05 -1.25
C THR A 67 9.49 9.29 -2.35
N VAL A 68 8.38 9.84 -2.84
CA VAL A 68 7.56 9.15 -3.83
C VAL A 68 8.10 9.38 -5.24
N GLY A 69 8.21 8.31 -6.03
CA GLY A 69 8.71 8.48 -7.39
C GLY A 69 8.93 7.18 -8.15
N GLU A 70 7.85 6.42 -8.40
CA GLU A 70 7.89 5.17 -9.19
C GLU A 70 6.61 4.34 -8.95
N TYR A 71 5.73 4.35 -9.92
CA TYR A 71 4.43 3.67 -9.83
C TYR A 71 4.54 2.20 -10.25
N VAL A 72 4.02 1.29 -9.41
CA VAL A 72 4.08 -0.15 -9.73
C VAL A 72 2.78 -0.63 -10.40
N ALA A 73 1.71 -0.71 -9.62
CA ALA A 73 0.43 -1.17 -10.17
C ALA A 73 -0.74 -0.61 -9.38
N SER A 74 -1.96 -0.99 -9.78
CA SER A 74 -3.16 -0.57 -9.07
C SER A 74 -4.21 -1.68 -9.07
N HIS A 75 -5.07 -1.66 -8.07
CA HIS A 75 -6.14 -2.64 -7.97
C HIS A 75 -7.44 -1.97 -7.54
N GLN A 76 -8.53 -2.36 -8.19
CA GLN A 76 -9.85 -1.87 -7.83
C GLN A 76 -10.62 -2.89 -7.01
N ARG A 77 -11.40 -2.38 -6.07
CA ARG A 77 -12.34 -3.17 -5.31
C ARG A 77 -13.44 -2.24 -4.85
N GLU A 78 -14.49 -2.74 -4.23
CA GLU A 78 -15.53 -1.85 -3.74
C GLU A 78 -15.76 -2.04 -2.26
N VAL A 79 -16.20 -0.98 -1.62
CA VAL A 79 -16.61 -1.04 -0.23
C VAL A 79 -18.07 -0.59 -0.12
N SER A 80 -18.97 -1.55 -0.15
CA SER A 80 -20.40 -1.29 -0.13
C SER A 80 -20.78 -0.22 -1.17
N GLY A 81 -20.71 -0.58 -2.45
CA GLY A 81 -21.14 0.33 -3.50
C GLY A 81 -20.07 1.32 -3.96
N ARG A 82 -19.09 1.61 -3.10
CA ARG A 82 -18.06 2.60 -3.44
C ARG A 82 -16.81 1.91 -3.96
N ILE A 83 -16.24 2.44 -5.03
CA ILE A 83 -15.13 1.79 -5.71
C ILE A 83 -13.80 2.33 -5.18
N ILE A 84 -13.07 1.46 -4.52
CA ILE A 84 -11.76 1.81 -3.99
C ILE A 84 -10.68 1.48 -5.01
N HIS A 85 -9.76 2.41 -5.19
CA HIS A 85 -8.72 2.29 -6.18
C HIS A 85 -7.35 2.42 -5.53
N LEU A 86 -6.70 1.29 -5.31
CA LEU A 86 -5.40 1.26 -4.63
C LEU A 86 -4.26 1.42 -5.62
N HIS A 87 -3.36 2.35 -5.31
CA HIS A 87 -2.18 2.62 -6.13
C HIS A 87 -0.94 2.13 -5.42
N ALA A 88 -0.27 1.13 -5.97
CA ALA A 88 0.93 0.59 -5.34
C ALA A 88 2.18 1.32 -5.83
N TRP A 89 2.89 1.91 -4.88
CA TRP A 89 4.12 2.63 -5.17
C TRP A 89 5.30 2.00 -4.43
N HIS A 90 6.39 1.78 -5.15
CA HIS A 90 7.62 1.25 -4.57
C HIS A 90 8.42 2.40 -3.97
N VAL A 91 8.80 2.29 -2.71
CA VAL A 91 9.47 3.38 -2.03
C VAL A 91 10.97 3.31 -2.24
N PRO A 92 11.52 4.25 -3.03
CA PRO A 92 12.94 4.30 -3.33
C PRO A 92 13.75 4.79 -2.13
N ASP A 93 13.17 5.73 -1.38
CA ASP A 93 13.88 6.36 -0.26
C ASP A 93 12.90 6.83 0.80
N PHE A 94 13.32 6.72 2.05
CA PHE A 94 12.53 7.18 3.19
C PHE A 94 13.45 7.77 4.26
N HIS A 95 13.07 8.92 4.80
CA HIS A 95 13.84 9.56 5.86
C HIS A 95 13.30 9.14 7.23
N GLY A 96 14.16 8.53 8.03
CA GLY A 96 13.77 8.16 9.38
C GLY A 96 13.78 6.66 9.59
N THR A 97 13.02 6.20 10.57
CA THR A 97 12.92 4.79 10.85
C THR A 97 11.46 4.38 10.90
N LEU A 98 11.15 3.23 10.33
CA LEU A 98 9.77 2.80 10.21
C LEU A 98 9.24 2.28 11.55
N GLN A 99 8.15 2.86 11.98
CA GLN A 99 7.52 2.47 13.23
C GLN A 99 6.07 2.10 12.95
N ALA A 100 5.44 1.43 13.89
CA ALA A 100 4.05 1.02 13.70
C ALA A 100 3.13 1.75 14.67
N HIS A 101 2.36 2.69 14.15
CA HIS A 101 1.41 3.47 14.94
C HIS A 101 0.07 2.73 15.06
N GLU A 102 -0.74 2.80 14.02
CA GLU A 102 -2.02 2.10 14.00
C GLU A 102 -1.82 0.62 13.76
N HIS A 103 -0.92 0.31 12.84
CA HIS A 103 -0.57 -1.06 12.57
C HIS A 103 0.31 -1.57 13.70
N GLN A 104 0.29 -2.88 13.95
CA GLN A 104 0.94 -3.42 15.13
C GLN A 104 2.35 -3.90 14.85
N ALA A 105 2.49 -4.99 14.11
CA ALA A 105 3.81 -5.57 13.86
C ALA A 105 4.33 -5.13 12.50
N LEU A 106 5.65 -5.12 12.34
CA LEU A 106 6.27 -4.70 11.09
C LEU A 106 7.32 -5.73 10.69
N VAL A 107 7.24 -6.23 9.47
CA VAL A 107 8.17 -7.25 9.00
C VAL A 107 8.71 -6.92 7.62
N TRP A 108 9.96 -7.30 7.39
CA TRP A 108 10.55 -7.24 6.06
C TRP A 108 10.66 -8.63 5.48
N CYS A 109 9.99 -8.86 4.36
CA CYS A 109 10.09 -10.13 3.68
C CYS A 109 10.20 -9.92 2.17
N SER A 110 10.77 -10.89 1.49
CA SER A 110 10.96 -10.81 0.05
C SER A 110 9.60 -10.80 -0.65
N PRO A 111 9.51 -10.22 -1.86
CA PRO A 111 8.25 -10.06 -2.60
C PRO A 111 7.40 -11.33 -2.62
N GLU A 112 7.99 -12.45 -3.04
CA GLU A 112 7.23 -13.70 -3.15
C GLU A 112 6.86 -14.23 -1.77
N GLU A 113 7.67 -13.91 -0.78
CA GLU A 113 7.41 -14.33 0.59
C GLU A 113 6.24 -13.54 1.16
N ALA A 114 6.11 -12.28 0.74
CA ALA A 114 5.02 -11.43 1.17
C ALA A 114 3.68 -12.00 0.75
N LEU A 115 3.60 -12.49 -0.48
CA LEU A 115 2.35 -13.01 -1.02
C LEU A 115 1.98 -14.34 -0.37
N GLN A 116 2.93 -14.96 0.30
CA GLN A 116 2.67 -16.20 1.03
C GLN A 116 2.13 -15.90 2.42
N TYR A 117 2.10 -14.61 2.77
CA TYR A 117 1.53 -14.18 4.03
C TYR A 117 0.07 -13.79 3.82
N PRO A 118 -0.71 -13.69 4.91
CA PRO A 118 -2.12 -13.32 4.82
C PRO A 118 -2.31 -11.84 4.48
N LEU A 119 -2.13 -11.52 3.21
CA LEU A 119 -2.36 -10.17 2.71
C LEU A 119 -3.83 -10.00 2.37
N ALA A 120 -4.30 -8.76 2.44
CA ALA A 120 -5.68 -8.45 2.10
C ALA A 120 -5.92 -8.62 0.60
N PRO A 121 -7.19 -8.86 0.19
CA PRO A 121 -7.55 -9.09 -1.23
C PRO A 121 -7.22 -7.89 -2.14
N ALA A 122 -6.84 -6.78 -1.53
CA ALA A 122 -6.45 -5.61 -2.31
C ALA A 122 -4.95 -5.60 -2.51
N ASP A 123 -4.23 -6.11 -1.52
CA ASP A 123 -2.78 -6.06 -1.49
C ASP A 123 -2.16 -7.17 -2.32
N ILE A 124 -2.88 -8.27 -2.44
CA ILE A 124 -2.38 -9.46 -3.13
C ILE A 124 -2.06 -9.17 -4.60
N PRO A 125 -3.04 -8.68 -5.39
CA PRO A 125 -2.81 -8.36 -6.80
C PRO A 125 -1.76 -7.26 -7.00
N LEU A 126 -1.57 -6.42 -5.99
CA LEU A 126 -0.60 -5.35 -6.05
C LEU A 126 0.81 -5.92 -5.98
N LEU A 127 0.98 -6.90 -5.11
CA LEU A 127 2.27 -7.55 -4.94
C LEU A 127 2.56 -8.45 -6.14
N GLU A 128 1.53 -9.14 -6.63
CA GLU A 128 1.68 -10.01 -7.79
C GLU A 128 2.28 -9.24 -8.97
N ALA A 129 1.83 -8.01 -9.17
CA ALA A 129 2.36 -7.19 -10.25
C ALA A 129 3.66 -6.54 -9.87
N PHE A 130 3.89 -6.39 -8.56
CA PHE A 130 5.13 -5.80 -8.09
C PHE A 130 6.28 -6.73 -8.40
N MET A 131 6.09 -8.00 -8.06
CA MET A 131 7.09 -9.01 -8.35
C MET A 131 7.11 -9.30 -9.84
N ALA A 132 5.95 -9.15 -10.51
CA ALA A 132 5.90 -9.28 -11.96
C ALA A 132 6.78 -8.26 -12.64
N LEU A 133 6.79 -7.04 -12.11
CA LEU A 133 7.59 -5.95 -12.68
C LEU A 133 9.07 -6.26 -12.56
N ARG A 134 9.45 -6.91 -11.46
CA ARG A 134 10.85 -7.21 -11.23
C ARG A 134 11.26 -8.51 -11.94
N ALA A 135 10.30 -9.37 -12.23
CA ALA A 135 10.59 -10.66 -12.83
C ALA A 135 10.55 -10.58 -14.35
N ALA A 136 9.58 -9.84 -14.88
CA ALA A 136 9.43 -9.70 -16.32
C ALA A 136 10.15 -8.46 -16.83
N ARG A 137 10.16 -7.42 -16.00
CA ARG A 137 10.80 -6.14 -16.32
C ARG A 137 10.10 -5.43 -17.49
N PRO A 138 9.34 -4.37 -17.19
CA PRO A 138 8.72 -3.54 -18.23
C PRO A 138 9.75 -2.64 -18.90
N ALA A 139 9.31 -1.88 -19.91
CA ALA A 139 10.18 -0.99 -20.68
C ALA A 139 11.13 -1.77 -21.58
N ASP A 140 11.95 -2.63 -20.97
CA ASP A 140 12.88 -3.44 -21.74
C ASP A 140 12.64 -4.92 -21.46
N GLY A 1 -20.16 13.05 -17.54
CA GLY A 1 -21.03 13.19 -16.36
C GLY A 1 -20.23 13.29 -15.07
N PRO A 2 -20.58 14.24 -14.20
CA PRO A 2 -19.85 14.47 -12.95
C PRO A 2 -20.04 13.35 -11.93
N LEU A 3 -18.93 12.73 -11.54
CA LEU A 3 -18.90 11.65 -10.54
C LEU A 3 -19.72 10.43 -10.98
N GLY A 4 -21.00 10.43 -10.66
CA GLY A 4 -21.86 9.31 -10.98
C GLY A 4 -22.64 8.85 -9.77
N SER A 5 -22.98 7.57 -9.75
CA SER A 5 -23.75 7.01 -8.65
C SER A 5 -22.82 6.39 -7.61
N MET A 6 -21.62 6.06 -8.04
CA MET A 6 -20.64 5.45 -7.16
C MET A 6 -19.54 6.45 -6.82
N LYS A 7 -19.18 6.49 -5.55
CA LYS A 7 -18.10 7.34 -5.09
C LYS A 7 -16.83 6.51 -5.01
N MET A 8 -15.71 7.06 -5.42
CA MET A 8 -14.47 6.33 -5.41
C MET A 8 -13.68 6.66 -4.15
N ILE A 9 -13.15 5.62 -3.54
CA ILE A 9 -12.31 5.75 -2.37
C ILE A 9 -10.88 5.51 -2.80
N GLU A 10 -10.11 6.56 -2.85
CA GLU A 10 -8.75 6.48 -3.37
C GLU A 10 -7.81 6.17 -2.23
N VAL A 11 -7.06 5.10 -2.38
CA VAL A 11 -6.14 4.68 -1.34
C VAL A 11 -4.76 4.50 -1.96
N VAL A 12 -3.78 5.18 -1.40
CA VAL A 12 -2.42 5.04 -1.87
C VAL A 12 -1.67 4.08 -0.97
N ALA A 13 -0.97 3.14 -1.58
CA ALA A 13 -0.23 2.14 -0.84
C ALA A 13 1.26 2.31 -1.12
N ALA A 14 2.04 2.36 -0.06
CA ALA A 14 3.46 2.54 -0.19
C ALA A 14 4.17 1.22 -0.01
N ILE A 15 4.80 0.77 -1.07
CA ILE A 15 5.58 -0.45 -1.01
C ILE A 15 7.01 -0.05 -0.69
N ILE A 16 7.35 -0.15 0.58
CA ILE A 16 8.67 0.24 1.03
C ILE A 16 9.59 -0.97 0.95
N GLU A 17 10.42 -0.97 -0.07
CA GLU A 17 11.26 -2.11 -0.34
C GLU A 17 12.72 -1.72 -0.22
N ARG A 18 13.43 -2.48 0.59
CA ARG A 18 14.84 -2.25 0.81
C ARG A 18 15.54 -3.60 0.87
N ASP A 19 16.63 -3.73 0.12
CA ASP A 19 17.43 -4.96 0.07
C ASP A 19 16.68 -6.10 -0.62
N GLY A 20 15.59 -5.79 -1.32
CA GLY A 20 14.80 -6.83 -1.93
C GLY A 20 13.68 -7.28 -1.02
N LYS A 21 13.50 -6.57 0.08
CA LYS A 21 12.47 -6.91 1.05
C LYS A 21 11.46 -5.77 1.18
N ILE A 22 10.20 -6.13 1.27
CA ILE A 22 9.13 -5.14 1.31
C ILE A 22 8.58 -5.02 2.74
N LEU A 23 8.10 -3.84 3.09
CA LEU A 23 7.54 -3.60 4.40
C LEU A 23 6.05 -3.95 4.44
N LEU A 24 5.72 -4.95 5.24
CA LEU A 24 4.33 -5.36 5.44
C LEU A 24 3.91 -5.02 6.86
N ALA A 25 2.73 -4.45 7.00
CA ALA A 25 2.23 -4.06 8.31
C ALA A 25 0.96 -4.82 8.67
N GLN A 26 1.00 -5.52 9.79
CA GLN A 26 -0.14 -6.34 10.23
C GLN A 26 -1.30 -5.47 10.66
N ARG A 27 -2.44 -5.66 9.98
CA ARG A 27 -3.67 -4.94 10.28
C ARG A 27 -4.76 -5.43 9.31
N PRO A 28 -5.94 -5.79 9.83
CA PRO A 28 -7.06 -6.26 8.98
C PRO A 28 -7.90 -5.13 8.41
N ALA A 29 -7.78 -3.99 9.07
CA ALA A 29 -8.42 -2.74 8.68
C ALA A 29 -9.87 -2.68 9.12
N GLN A 30 -10.75 -3.41 8.44
CA GLN A 30 -12.17 -3.37 8.76
C GLN A 30 -12.66 -4.72 9.25
N SER A 31 -11.74 -5.66 9.44
CA SER A 31 -12.10 -6.98 9.88
C SER A 31 -11.78 -7.18 11.36
N ASP A 32 -12.57 -8.03 12.01
CA ASP A 32 -12.33 -8.42 13.40
C ASP A 32 -11.23 -9.47 13.48
N GLN A 33 -11.15 -10.27 12.43
CA GLN A 33 -10.12 -11.30 12.34
C GLN A 33 -8.75 -10.66 12.16
N ALA A 34 -7.78 -11.12 12.94
CA ALA A 34 -6.45 -10.55 12.91
C ALA A 34 -5.47 -11.49 12.23
N GLY A 35 -4.26 -11.01 12.00
CA GLY A 35 -3.23 -11.83 11.38
C GLY A 35 -2.88 -11.37 9.99
N LEU A 36 -3.77 -10.61 9.36
CA LEU A 36 -3.58 -10.15 7.99
C LEU A 36 -2.55 -9.02 7.92
N TRP A 37 -1.81 -8.99 6.83
CA TRP A 37 -0.83 -7.94 6.57
C TRP A 37 -1.26 -7.09 5.39
N GLU A 38 -0.97 -5.80 5.45
CA GLU A 38 -1.32 -4.88 4.39
C GLU A 38 -0.17 -3.89 4.16
N PHE A 39 -0.10 -3.33 2.95
CA PHE A 39 0.90 -2.30 2.66
C PHE A 39 0.50 -1.00 3.33
N ALA A 40 1.47 -0.31 3.90
CA ALA A 40 1.20 0.94 4.60
C ALA A 40 0.82 2.05 3.63
N GLY A 41 0.06 3.02 4.10
CA GLY A 41 -0.38 4.09 3.25
C GLY A 41 -1.55 4.83 3.85
N GLY A 42 -2.57 5.08 3.04
CA GLY A 42 -3.73 5.77 3.54
C GLY A 42 -4.67 6.23 2.45
N LYS A 43 -5.81 6.77 2.85
CA LYS A 43 -6.79 7.30 1.93
C LYS A 43 -6.37 8.67 1.41
N VAL A 44 -6.77 8.98 0.20
CA VAL A 44 -6.43 10.25 -0.43
C VAL A 44 -7.63 11.18 -0.36
N GLU A 45 -7.38 12.46 -0.11
CA GLU A 45 -8.43 13.46 -0.16
C GLU A 45 -8.19 14.35 -1.37
N PRO A 46 -9.26 14.89 -2.00
CA PRO A 46 -9.14 15.87 -3.10
C PRO A 46 -8.49 17.18 -2.65
N ASP A 47 -7.95 17.19 -1.44
CA ASP A 47 -7.27 18.34 -0.88
C ASP A 47 -5.76 18.20 -1.05
N GLU A 48 -5.35 16.96 -1.28
CA GLU A 48 -3.94 16.62 -1.34
C GLU A 48 -3.63 15.83 -2.59
N SER A 49 -2.36 15.74 -2.91
CA SER A 49 -1.91 14.92 -4.01
C SER A 49 -1.65 13.50 -3.50
N GLN A 50 -1.68 12.52 -4.39
CA GLN A 50 -1.58 11.13 -3.99
C GLN A 50 -0.18 10.81 -3.44
N ARG A 51 0.84 11.44 -3.99
CA ARG A 51 2.19 11.27 -3.48
C ARG A 51 2.32 11.93 -2.11
N GLN A 52 1.66 13.08 -1.97
CA GLN A 52 1.67 13.82 -0.72
C GLN A 52 0.99 13.01 0.37
N ALA A 53 -0.08 12.32 -0.01
CA ALA A 53 -0.85 11.51 0.92
C ALA A 53 0.02 10.41 1.51
N LEU A 54 0.79 9.72 0.66
CA LEU A 54 1.69 8.67 1.13
C LEU A 54 2.74 9.26 2.06
N VAL A 55 3.33 10.37 1.63
CA VAL A 55 4.36 11.04 2.40
C VAL A 55 3.87 11.40 3.80
N ARG A 56 2.71 12.03 3.88
CA ARG A 56 2.17 12.43 5.16
C ARG A 56 1.71 11.23 5.98
N GLU A 57 1.02 10.28 5.35
CA GLU A 57 0.53 9.10 6.05
C GLU A 57 1.65 8.27 6.65
N LEU A 58 2.70 8.02 5.87
CA LEU A 58 3.83 7.22 6.37
C LEU A 58 4.54 7.98 7.47
N ARG A 59 4.59 9.28 7.35
CA ARG A 59 5.17 10.12 8.41
C ARG A 59 4.37 10.01 9.69
N GLU A 60 3.06 9.84 9.56
CA GLU A 60 2.20 9.75 10.73
C GLU A 60 2.11 8.32 11.25
N GLU A 61 2.14 7.35 10.34
CA GLU A 61 2.08 5.95 10.73
C GLU A 61 3.46 5.38 11.01
N LEU A 62 4.35 5.53 10.06
CA LEU A 62 5.62 4.84 10.09
C LEU A 62 6.74 5.75 10.56
N GLY A 63 6.38 6.97 10.98
CA GLY A 63 7.38 7.94 11.37
C GLY A 63 8.43 8.22 10.31
N ILE A 64 8.11 7.98 9.05
CA ILE A 64 9.06 8.20 7.97
C ILE A 64 8.51 9.12 6.89
N GLU A 65 9.33 10.05 6.46
CA GLU A 65 8.96 10.94 5.38
C GLU A 65 9.50 10.36 4.08
N ALA A 66 8.62 9.69 3.35
CA ALA A 66 9.02 8.92 2.18
C ALA A 66 9.22 9.80 0.95
N THR A 67 10.01 9.29 0.02
CA THR A 67 10.21 9.94 -1.27
C THR A 67 9.48 9.13 -2.35
N VAL A 68 8.36 9.64 -2.82
CA VAL A 68 7.55 8.91 -3.80
C VAL A 68 8.16 9.04 -5.19
N GLY A 69 8.34 7.92 -5.87
CA GLY A 69 8.96 7.94 -7.17
C GLY A 69 8.28 7.02 -8.18
N GLU A 70 8.68 5.76 -8.17
CA GLU A 70 8.29 4.82 -9.21
C GLU A 70 6.97 4.10 -8.91
N TYR A 71 6.05 4.18 -9.87
CA TYR A 71 4.73 3.57 -9.79
C TYR A 71 4.81 2.08 -10.08
N VAL A 72 4.17 1.25 -9.24
CA VAL A 72 4.18 -0.19 -9.45
C VAL A 72 2.91 -0.67 -10.16
N ALA A 73 1.78 -0.64 -9.46
CA ALA A 73 0.52 -1.09 -10.03
C ALA A 73 -0.65 -0.54 -9.23
N SER A 74 -1.87 -0.94 -9.61
CA SER A 74 -3.06 -0.52 -8.89
C SER A 74 -4.15 -1.57 -8.96
N HIS A 75 -5.06 -1.56 -8.00
CA HIS A 75 -6.14 -2.52 -7.95
C HIS A 75 -7.44 -1.85 -7.50
N GLN A 76 -8.54 -2.30 -8.06
CA GLN A 76 -9.85 -1.82 -7.64
C GLN A 76 -10.62 -2.89 -6.89
N ARG A 77 -11.36 -2.46 -5.89
CA ARG A 77 -12.27 -3.31 -5.15
C ARG A 77 -13.37 -2.42 -4.61
N GLU A 78 -14.39 -2.97 -4.01
CA GLU A 78 -15.45 -2.13 -3.51
C GLU A 78 -15.72 -2.35 -2.02
N VAL A 79 -16.20 -1.31 -1.38
CA VAL A 79 -16.64 -1.38 0.00
C VAL A 79 -18.08 -0.88 0.06
N SER A 80 -19.03 -1.82 0.00
CA SER A 80 -20.45 -1.52 0.01
C SER A 80 -20.82 -0.47 -1.07
N GLY A 81 -20.68 -0.84 -2.34
CA GLY A 81 -21.03 0.07 -3.41
C GLY A 81 -19.96 1.11 -3.74
N ARG A 82 -19.07 1.37 -2.80
CA ARG A 82 -18.02 2.37 -3.01
C ARG A 82 -16.77 1.70 -3.58
N ILE A 83 -16.21 2.28 -4.62
CA ILE A 83 -15.08 1.65 -5.30
C ILE A 83 -13.76 2.16 -4.73
N ILE A 84 -13.02 1.28 -4.09
CA ILE A 84 -11.72 1.64 -3.54
C ILE A 84 -10.65 1.40 -4.58
N HIS A 85 -9.82 2.41 -4.78
CA HIS A 85 -8.83 2.40 -5.82
C HIS A 85 -7.44 2.52 -5.23
N LEU A 86 -6.75 1.39 -5.10
CA LEU A 86 -5.45 1.36 -4.46
C LEU A 86 -4.32 1.55 -5.46
N HIS A 87 -3.45 2.50 -5.18
CA HIS A 87 -2.29 2.78 -6.02
C HIS A 87 -1.01 2.39 -5.30
N ALA A 88 -0.29 1.41 -5.82
CA ALA A 88 0.94 0.95 -5.18
C ALA A 88 2.16 1.65 -5.75
N TRP A 89 2.84 2.40 -4.88
CA TRP A 89 4.08 3.08 -5.25
C TRP A 89 5.26 2.39 -4.56
N HIS A 90 6.38 2.29 -5.25
CA HIS A 90 7.59 1.73 -4.66
C HIS A 90 8.43 2.84 -4.04
N VAL A 91 8.66 2.74 -2.74
CA VAL A 91 9.42 3.74 -2.02
C VAL A 91 10.91 3.39 -2.04
N PRO A 92 11.71 4.20 -2.74
CA PRO A 92 13.16 3.99 -2.85
C PRO A 92 13.91 4.38 -1.59
N ASP A 93 13.40 5.37 -0.86
CA ASP A 93 14.08 5.88 0.31
C ASP A 93 13.10 6.61 1.24
N PHE A 94 13.41 6.61 2.52
CA PHE A 94 12.55 7.21 3.53
C PHE A 94 13.36 7.94 4.60
N HIS A 95 12.87 9.10 5.00
CA HIS A 95 13.49 9.88 6.08
C HIS A 95 12.89 9.50 7.43
N GLY A 96 13.71 9.01 8.35
CA GLY A 96 13.21 8.62 9.65
C GLY A 96 13.36 7.14 9.92
N THR A 97 12.66 6.65 10.95
CA THR A 97 12.70 5.24 11.31
C THR A 97 11.29 4.67 11.27
N LEU A 98 11.11 3.59 10.53
CA LEU A 98 9.79 3.05 10.27
C LEU A 98 9.23 2.31 11.47
N GLN A 99 8.06 2.75 11.90
CA GLN A 99 7.38 2.22 13.06
C GLN A 99 5.91 2.01 12.74
N ALA A 100 5.19 1.30 13.60
CA ALA A 100 3.76 1.10 13.37
C ALA A 100 2.94 1.94 14.32
N HIS A 101 2.02 2.73 13.77
CA HIS A 101 1.12 3.56 14.57
C HIS A 101 -0.31 3.07 14.41
N GLU A 102 -0.84 3.15 13.19
CA GLU A 102 -2.19 2.68 12.92
C GLU A 102 -2.19 1.17 12.72
N HIS A 103 -1.08 0.68 12.15
CA HIS A 103 -0.88 -0.76 12.01
C HIS A 103 -0.21 -1.29 13.28
N GLN A 104 -0.10 -2.62 13.39
CA GLN A 104 0.42 -3.23 14.62
C GLN A 104 1.91 -3.55 14.53
N ALA A 105 2.27 -4.50 13.66
CA ALA A 105 3.67 -4.92 13.54
C ALA A 105 4.16 -4.79 12.11
N LEU A 106 5.48 -4.80 11.93
CA LEU A 106 6.08 -4.67 10.60
C LEU A 106 6.91 -5.90 10.31
N VAL A 107 6.84 -6.40 9.09
CA VAL A 107 7.74 -7.45 8.65
C VAL A 107 8.33 -7.10 7.30
N TRP A 108 9.63 -7.29 7.16
CA TRP A 108 10.29 -7.06 5.90
C TRP A 108 10.68 -8.38 5.25
N CYS A 109 10.06 -8.63 4.11
CA CYS A 109 10.25 -9.89 3.41
C CYS A 109 10.21 -9.66 1.91
N SER A 110 10.81 -10.56 1.15
CA SER A 110 10.93 -10.39 -0.29
C SER A 110 9.57 -10.59 -0.95
N PRO A 111 9.37 -10.10 -2.19
CA PRO A 111 8.09 -10.21 -2.91
C PRO A 111 7.53 -11.63 -2.92
N GLU A 112 8.39 -12.62 -3.13
CA GLU A 112 7.96 -14.01 -3.17
C GLU A 112 7.40 -14.45 -1.82
N GLU A 113 8.01 -13.98 -0.74
CA GLU A 113 7.56 -14.30 0.60
C GLU A 113 6.25 -13.58 0.92
N ALA A 114 6.18 -12.32 0.51
CA ALA A 114 5.05 -11.45 0.86
C ALA A 114 3.72 -12.04 0.40
N LEU A 115 3.72 -12.66 -0.78
CA LEU A 115 2.49 -13.19 -1.34
C LEU A 115 2.08 -14.49 -0.65
N GLN A 116 2.95 -15.03 0.19
CA GLN A 116 2.62 -16.20 0.99
C GLN A 116 2.16 -15.79 2.38
N TYR A 117 2.11 -14.48 2.60
CA TYR A 117 1.55 -13.93 3.83
C TYR A 117 0.07 -13.64 3.62
N PRO A 118 -0.72 -13.56 4.70
CA PRO A 118 -2.13 -13.22 4.62
C PRO A 118 -2.34 -11.76 4.21
N LEU A 119 -2.14 -11.47 2.95
CA LEU A 119 -2.36 -10.14 2.40
C LEU A 119 -3.84 -9.93 2.12
N ALA A 120 -4.29 -8.69 2.17
CA ALA A 120 -5.68 -8.37 1.87
C ALA A 120 -5.96 -8.55 0.38
N PRO A 121 -7.24 -8.71 -0.01
CA PRO A 121 -7.63 -8.93 -1.41
C PRO A 121 -7.18 -7.82 -2.35
N ALA A 122 -6.79 -6.69 -1.79
CA ALA A 122 -6.31 -5.58 -2.58
C ALA A 122 -4.79 -5.62 -2.74
N ASP A 123 -4.14 -6.20 -1.74
CA ASP A 123 -2.68 -6.22 -1.66
C ASP A 123 -2.10 -7.34 -2.51
N ILE A 124 -2.88 -8.40 -2.68
CA ILE A 124 -2.42 -9.57 -3.40
C ILE A 124 -2.05 -9.21 -4.85
N PRO A 125 -3.01 -8.66 -5.64
CA PRO A 125 -2.73 -8.27 -7.04
C PRO A 125 -1.64 -7.21 -7.16
N LEU A 126 -1.49 -6.38 -6.12
CA LEU A 126 -0.47 -5.34 -6.13
C LEU A 126 0.91 -5.96 -6.00
N LEU A 127 1.04 -6.93 -5.11
CA LEU A 127 2.29 -7.61 -4.90
C LEU A 127 2.57 -8.55 -6.07
N GLU A 128 1.53 -9.17 -6.60
CA GLU A 128 1.66 -10.03 -7.77
C GLU A 128 2.32 -9.29 -8.92
N ALA A 129 1.93 -8.04 -9.14
CA ALA A 129 2.55 -7.25 -10.18
C ALA A 129 3.91 -6.73 -9.76
N PHE A 130 4.13 -6.57 -8.46
CA PHE A 130 5.42 -6.11 -7.98
C PHE A 130 6.46 -7.18 -8.24
N MET A 131 6.11 -8.43 -7.94
CA MET A 131 6.99 -9.54 -8.23
C MET A 131 7.11 -9.71 -9.74
N ALA A 132 6.00 -9.50 -10.47
CA ALA A 132 6.01 -9.53 -11.93
C ALA A 132 7.03 -8.55 -12.49
N LEU A 133 7.06 -7.36 -11.91
CA LEU A 133 7.94 -6.29 -12.37
C LEU A 133 9.40 -6.65 -12.20
N ARG A 134 9.71 -7.42 -11.17
CA ARG A 134 11.09 -7.76 -10.87
C ARG A 134 11.50 -9.08 -11.50
N ALA A 135 10.53 -9.93 -11.83
CA ALA A 135 10.84 -11.24 -12.39
C ALA A 135 10.78 -11.21 -13.91
N ALA A 136 9.80 -10.52 -14.46
CA ALA A 136 9.66 -10.41 -15.90
C ALA A 136 10.36 -9.15 -16.39
N ARG A 137 10.25 -8.08 -15.61
CA ARG A 137 10.88 -6.79 -15.92
C ARG A 137 10.28 -6.17 -17.18
N PRO A 138 9.44 -5.14 -17.00
CA PRO A 138 8.84 -4.42 -18.13
C PRO A 138 9.84 -3.50 -18.81
N ALA A 139 9.53 -3.13 -20.06
CA ALA A 139 10.39 -2.26 -20.86
C ALA A 139 11.69 -2.97 -21.23
N ASP A 140 11.61 -4.28 -21.33
CA ASP A 140 12.78 -5.09 -21.67
C ASP A 140 12.66 -5.61 -23.10
N GLY A 1 -28.56 12.95 -0.09
CA GLY A 1 -27.33 12.42 0.53
C GLY A 1 -26.29 12.08 -0.51
N PRO A 2 -26.14 10.80 -0.86
CA PRO A 2 -25.24 10.37 -1.92
C PRO A 2 -25.77 10.75 -3.31
N LEU A 3 -25.25 11.84 -3.85
CA LEU A 3 -25.64 12.27 -5.19
C LEU A 3 -24.84 11.51 -6.23
N GLY A 4 -25.46 10.50 -6.81
CA GLY A 4 -24.78 9.64 -7.74
C GLY A 4 -24.76 8.21 -7.25
N SER A 5 -24.61 7.27 -8.16
CA SER A 5 -24.68 5.86 -7.80
C SER A 5 -23.44 5.43 -7.00
N MET A 6 -22.31 6.06 -7.27
CA MET A 6 -21.06 5.63 -6.68
C MET A 6 -20.13 6.80 -6.40
N LYS A 7 -19.56 6.82 -5.20
CA LYS A 7 -18.48 7.72 -4.86
C LYS A 7 -17.19 6.93 -4.83
N MET A 8 -16.07 7.58 -5.12
CA MET A 8 -14.81 6.88 -5.21
C MET A 8 -13.95 7.10 -3.97
N ILE A 9 -13.33 6.01 -3.54
CA ILE A 9 -12.40 6.02 -2.43
C ILE A 9 -11.01 5.70 -2.96
N GLU A 10 -10.12 6.65 -2.91
CA GLU A 10 -8.78 6.43 -3.43
C GLU A 10 -7.85 6.08 -2.30
N VAL A 11 -7.23 4.91 -2.41
CA VAL A 11 -6.37 4.39 -1.36
C VAL A 11 -5.00 4.11 -1.94
N VAL A 12 -4.00 4.74 -1.38
CA VAL A 12 -2.65 4.56 -1.85
C VAL A 12 -1.92 3.57 -0.96
N ALA A 13 -1.23 2.64 -1.59
CA ALA A 13 -0.47 1.64 -0.87
C ALA A 13 1.00 1.82 -1.16
N ALA A 14 1.80 1.94 -0.12
CA ALA A 14 3.23 2.18 -0.28
C ALA A 14 3.99 0.91 -0.02
N ILE A 15 4.71 0.47 -1.02
CA ILE A 15 5.54 -0.71 -0.90
C ILE A 15 6.92 -0.30 -0.42
N ILE A 16 7.17 -0.49 0.87
CA ILE A 16 8.43 -0.09 1.47
C ILE A 16 9.46 -1.17 1.22
N GLU A 17 10.40 -0.93 0.34
CA GLU A 17 11.39 -1.94 0.03
C GLU A 17 12.76 -1.50 0.51
N ARG A 18 13.27 -2.19 1.50
CA ARG A 18 14.60 -1.91 2.00
C ARG A 18 15.41 -3.19 2.01
N ASP A 19 16.49 -3.19 1.23
CA ASP A 19 17.38 -4.35 1.09
C ASP A 19 16.70 -5.46 0.32
N GLY A 20 15.67 -5.10 -0.45
CA GLY A 20 14.95 -6.10 -1.23
C GLY A 20 13.78 -6.68 -0.48
N LYS A 21 13.53 -6.18 0.72
CA LYS A 21 12.44 -6.68 1.54
C LYS A 21 11.36 -5.61 1.73
N ILE A 22 10.11 -6.04 1.76
CA ILE A 22 8.97 -5.14 1.82
C ILE A 22 8.40 -5.09 3.24
N LEU A 23 7.91 -3.91 3.62
CA LEU A 23 7.37 -3.67 4.94
C LEU A 23 5.90 -4.06 5.03
N LEU A 24 5.61 -5.13 5.75
CA LEU A 24 4.23 -5.53 6.00
C LEU A 24 3.82 -5.16 7.40
N ALA A 25 2.63 -4.60 7.54
CA ALA A 25 2.14 -4.16 8.84
C ALA A 25 0.91 -4.94 9.27
N GLN A 26 0.95 -5.48 10.48
CA GLN A 26 -0.19 -6.19 11.06
C GLN A 26 -1.33 -5.24 11.37
N ARG A 27 -2.30 -5.18 10.47
CA ARG A 27 -3.48 -4.34 10.62
C ARG A 27 -4.43 -4.57 9.45
N PRO A 28 -5.51 -5.33 9.64
CA PRO A 28 -6.55 -5.45 8.64
C PRO A 28 -7.75 -4.57 8.96
N ALA A 29 -8.92 -4.96 8.48
CA ALA A 29 -10.13 -4.16 8.65
C ALA A 29 -11.36 -4.94 8.25
N GLN A 30 -11.28 -5.55 7.09
CA GLN A 30 -12.39 -6.32 6.55
C GLN A 30 -12.13 -7.81 6.74
N SER A 31 -11.18 -8.11 7.59
CA SER A 31 -10.74 -9.48 7.79
C SER A 31 -11.25 -10.02 9.11
N ASP A 32 -10.83 -11.24 9.45
CA ASP A 32 -11.12 -11.81 10.77
C ASP A 32 -10.25 -11.17 11.83
N GLN A 33 -9.32 -10.34 11.36
CA GLN A 33 -8.51 -9.47 12.20
C GLN A 33 -7.45 -10.25 12.96
N ALA A 34 -6.46 -9.51 13.45
CA ALA A 34 -5.35 -10.07 14.22
C ALA A 34 -4.53 -11.09 13.42
N GLY A 35 -3.38 -10.67 12.94
CA GLY A 35 -2.49 -11.59 12.26
C GLY A 35 -2.30 -11.28 10.79
N LEU A 36 -3.26 -10.59 10.18
CA LEU A 36 -3.15 -10.23 8.77
C LEU A 36 -2.16 -9.07 8.59
N TRP A 37 -1.44 -9.08 7.46
CA TRP A 37 -0.48 -8.02 7.16
C TRP A 37 -0.90 -7.30 5.89
N GLU A 38 -0.49 -6.04 5.76
CA GLU A 38 -0.87 -5.21 4.62
C GLU A 38 0.32 -4.40 4.13
N PHE A 39 0.13 -3.72 3.00
CA PHE A 39 1.09 -2.71 2.55
C PHE A 39 0.69 -1.36 3.12
N ALA A 40 1.57 -0.76 3.91
CA ALA A 40 1.28 0.50 4.57
C ALA A 40 0.91 1.59 3.57
N GLY A 41 0.06 2.50 3.98
CA GLY A 41 -0.39 3.56 3.11
C GLY A 41 -1.55 4.31 3.73
N GLY A 42 -2.62 4.47 2.96
CA GLY A 42 -3.77 5.16 3.47
C GLY A 42 -4.68 5.67 2.37
N LYS A 43 -5.35 6.76 2.65
CA LYS A 43 -6.34 7.30 1.72
C LYS A 43 -5.88 8.64 1.16
N VAL A 44 -6.30 8.92 -0.06
CA VAL A 44 -5.92 10.17 -0.72
C VAL A 44 -7.01 11.20 -0.53
N GLU A 45 -6.66 12.30 0.13
CA GLU A 45 -7.59 13.40 0.28
C GLU A 45 -7.61 14.23 -1.00
N PRO A 46 -8.75 14.80 -1.37
CA PRO A 46 -8.87 15.63 -2.57
C PRO A 46 -8.02 16.90 -2.47
N ASP A 47 -7.43 17.11 -1.31
CA ASP A 47 -6.60 18.29 -1.05
C ASP A 47 -5.14 18.00 -1.34
N GLU A 48 -4.82 16.73 -1.42
CA GLU A 48 -3.44 16.28 -1.54
C GLU A 48 -3.24 15.35 -2.73
N SER A 49 -2.00 15.22 -3.17
CA SER A 49 -1.66 14.35 -4.26
C SER A 49 -1.52 12.90 -3.76
N GLN A 50 -1.50 11.93 -4.67
CA GLN A 50 -1.41 10.54 -4.28
C GLN A 50 -0.09 10.25 -3.56
N ARG A 51 1.00 10.78 -4.09
CA ARG A 51 2.31 10.59 -3.47
C ARG A 51 2.38 11.36 -2.16
N GLN A 52 1.73 12.50 -2.11
CA GLN A 52 1.73 13.34 -0.93
C GLN A 52 1.00 12.62 0.19
N ALA A 53 -0.12 11.99 -0.17
CA ALA A 53 -0.91 11.22 0.77
C ALA A 53 -0.05 10.12 1.38
N LEU A 54 0.62 9.34 0.55
CA LEU A 54 1.50 8.28 1.04
C LEU A 54 2.57 8.83 1.95
N VAL A 55 3.20 9.90 1.51
CA VAL A 55 4.29 10.51 2.26
C VAL A 55 3.82 10.94 3.66
N ARG A 56 2.65 11.55 3.74
CA ARG A 56 2.14 12.00 5.02
C ARG A 56 1.54 10.82 5.81
N GLU A 57 0.84 9.92 5.14
CA GLU A 57 0.30 8.71 5.79
C GLU A 57 1.42 7.91 6.45
N LEU A 58 2.52 7.73 5.73
CA LEU A 58 3.65 6.97 6.27
C LEU A 58 4.33 7.77 7.37
N ARG A 59 4.30 9.09 7.27
CA ARG A 59 4.81 9.93 8.34
C ARG A 59 4.00 9.73 9.62
N GLU A 60 2.69 9.56 9.45
CA GLU A 60 1.81 9.38 10.59
C GLU A 60 1.85 7.94 11.10
N GLU A 61 1.82 6.98 10.20
CA GLU A 61 1.74 5.58 10.58
C GLU A 61 3.10 4.92 10.72
N LEU A 62 4.08 5.33 9.92
CA LEU A 62 5.37 4.67 9.92
C LEU A 62 6.48 5.60 10.42
N GLY A 63 6.12 6.79 10.86
CA GLY A 63 7.12 7.78 11.27
C GLY A 63 8.21 8.05 10.24
N ILE A 64 7.90 7.87 8.95
CA ILE A 64 8.91 8.11 7.91
C ILE A 64 8.36 9.01 6.83
N GLU A 65 9.21 9.89 6.34
CA GLU A 65 8.87 10.68 5.18
C GLU A 65 9.39 9.96 3.95
N ALA A 66 8.51 9.22 3.30
CA ALA A 66 8.91 8.38 2.17
C ALA A 66 9.08 9.21 0.92
N THR A 67 9.84 8.68 -0.01
CA THR A 67 10.05 9.32 -1.30
C THR A 67 9.36 8.48 -2.37
N VAL A 68 8.24 8.96 -2.86
CA VAL A 68 7.46 8.20 -3.83
C VAL A 68 7.81 8.65 -5.24
N GLY A 69 8.11 7.70 -6.11
CA GLY A 69 8.54 8.05 -7.45
C GLY A 69 8.72 6.87 -8.37
N GLU A 70 7.62 6.13 -8.62
CA GLU A 70 7.63 4.92 -9.45
C GLU A 70 6.34 4.13 -9.25
N TYR A 71 5.91 3.47 -10.32
CA TYR A 71 4.62 2.81 -10.38
C TYR A 71 4.76 1.30 -10.25
N VAL A 72 4.07 0.70 -9.28
CA VAL A 72 4.02 -0.75 -9.20
C VAL A 72 2.78 -1.30 -9.90
N ALA A 73 1.61 -1.07 -9.31
CA ALA A 73 0.35 -1.50 -9.91
C ALA A 73 -0.83 -0.79 -9.28
N SER A 74 -2.01 -1.01 -9.83
CA SER A 74 -3.24 -0.48 -9.25
C SER A 74 -4.33 -1.56 -9.26
N HIS A 75 -5.21 -1.52 -8.27
CA HIS A 75 -6.32 -2.45 -8.20
C HIS A 75 -7.59 -1.73 -7.75
N GLN A 76 -8.69 -1.97 -8.43
CA GLN A 76 -9.95 -1.35 -8.07
C GLN A 76 -10.98 -2.37 -7.61
N ARG A 77 -11.78 -1.96 -6.64
CA ARG A 77 -12.82 -2.79 -6.06
C ARG A 77 -13.84 -1.86 -5.45
N GLU A 78 -14.95 -2.37 -4.93
CA GLU A 78 -15.93 -1.50 -4.32
C GLU A 78 -16.13 -1.83 -2.84
N VAL A 79 -16.51 -0.83 -2.08
CA VAL A 79 -16.93 -1.01 -0.71
C VAL A 79 -18.36 -0.51 -0.58
N SER A 80 -19.31 -1.44 -0.72
CA SER A 80 -20.72 -1.15 -0.64
C SER A 80 -21.12 0.09 -1.47
N GLY A 81 -20.97 0.00 -2.78
CA GLY A 81 -21.38 1.09 -3.65
C GLY A 81 -20.27 2.09 -3.93
N ARG A 82 -19.28 2.17 -3.04
CA ARG A 82 -18.18 3.10 -3.24
C ARG A 82 -17.02 2.41 -3.94
N ILE A 83 -16.50 3.00 -4.99
CA ILE A 83 -15.44 2.37 -5.76
C ILE A 83 -14.08 2.77 -5.21
N ILE A 84 -13.35 1.78 -4.69
CA ILE A 84 -12.04 2.02 -4.13
C ILE A 84 -10.95 1.82 -5.18
N HIS A 85 -10.07 2.80 -5.27
CA HIS A 85 -8.98 2.78 -6.22
C HIS A 85 -7.65 2.68 -5.47
N LEU A 86 -7.09 1.49 -5.43
CA LEU A 86 -5.82 1.28 -4.73
C LEU A 86 -4.66 1.42 -5.68
N HIS A 87 -3.79 2.38 -5.41
CA HIS A 87 -2.62 2.59 -6.24
C HIS A 87 -1.36 2.22 -5.46
N ALA A 88 -0.68 1.18 -5.93
CA ALA A 88 0.54 0.72 -5.29
C ALA A 88 1.76 1.43 -5.86
N TRP A 89 2.39 2.22 -5.01
CA TRP A 89 3.61 2.93 -5.36
C TRP A 89 4.79 2.27 -4.65
N HIS A 90 5.95 2.32 -5.26
CA HIS A 90 7.15 1.79 -4.64
C HIS A 90 7.97 2.96 -4.13
N VAL A 91 8.48 2.86 -2.91
CA VAL A 91 9.26 3.95 -2.32
C VAL A 91 10.76 3.66 -2.44
N PRO A 92 11.43 4.33 -3.39
CA PRO A 92 12.87 4.21 -3.60
C PRO A 92 13.70 4.66 -2.40
N ASP A 93 13.11 5.50 -1.54
CA ASP A 93 13.82 6.01 -0.37
C ASP A 93 12.85 6.49 0.70
N PHE A 94 13.39 6.82 1.87
CA PHE A 94 12.60 7.33 2.99
C PHE A 94 13.47 8.22 3.88
N HIS A 95 12.82 8.97 4.75
CA HIS A 95 13.53 9.83 5.69
C HIS A 95 13.07 9.51 7.11
N GLY A 96 14.00 9.09 7.95
CA GLY A 96 13.67 8.75 9.31
C GLY A 96 13.82 7.26 9.56
N THR A 97 13.14 6.75 10.57
CA THR A 97 13.18 5.33 10.89
C THR A 97 11.78 4.78 10.95
N LEU A 98 11.56 3.66 10.27
CA LEU A 98 10.21 3.13 10.10
C LEU A 98 9.73 2.45 11.36
N GLN A 99 8.66 3.00 11.90
CA GLN A 99 8.06 2.50 13.12
C GLN A 99 6.59 2.21 12.86
N ALA A 100 5.95 1.50 13.76
CA ALA A 100 4.56 1.12 13.56
C ALA A 100 3.64 1.87 14.52
N HIS A 101 2.77 2.69 13.96
CA HIS A 101 1.84 3.49 14.76
C HIS A 101 0.53 2.74 14.98
N GLU A 102 -0.36 2.82 13.99
CA GLU A 102 -1.67 2.17 14.10
C GLU A 102 -1.68 0.83 13.40
N HIS A 103 -0.50 0.39 12.99
CA HIS A 103 -0.33 -0.92 12.38
C HIS A 103 0.65 -1.69 13.26
N GLN A 104 0.15 -2.63 14.03
CA GLN A 104 0.83 -3.07 15.26
C GLN A 104 2.24 -3.59 15.04
N ALA A 105 2.48 -4.33 13.96
CA ALA A 105 3.78 -4.95 13.76
C ALA A 105 4.25 -4.74 12.34
N LEU A 106 5.56 -4.81 12.13
CA LEU A 106 6.14 -4.63 10.81
C LEU A 106 7.17 -5.72 10.57
N VAL A 107 7.05 -6.40 9.45
CA VAL A 107 7.99 -7.47 9.10
C VAL A 107 8.59 -7.18 7.73
N TRP A 108 9.88 -7.46 7.57
CA TRP A 108 10.56 -7.27 6.32
C TRP A 108 10.66 -8.60 5.57
N CYS A 109 9.92 -8.71 4.50
CA CYS A 109 9.91 -9.92 3.70
C CYS A 109 10.03 -9.56 2.23
N SER A 110 10.67 -10.42 1.45
CA SER A 110 10.88 -10.15 0.04
C SER A 110 9.56 -10.33 -0.71
N PRO A 111 9.43 -9.80 -1.95
CA PRO A 111 8.20 -9.90 -2.74
C PRO A 111 7.60 -11.30 -2.74
N GLU A 112 8.46 -12.30 -2.91
CA GLU A 112 8.01 -13.68 -2.95
C GLU A 112 7.48 -14.15 -1.59
N GLU A 113 8.17 -13.74 -0.52
CA GLU A 113 7.76 -14.10 0.83
C GLU A 113 6.49 -13.36 1.23
N ALA A 114 6.37 -12.11 0.81
CA ALA A 114 5.24 -11.25 1.17
C ALA A 114 3.92 -11.85 0.73
N LEU A 115 3.89 -12.41 -0.48
CA LEU A 115 2.65 -12.94 -1.03
C LEU A 115 2.25 -14.23 -0.32
N GLN A 116 3.18 -14.82 0.41
CA GLN A 116 2.91 -16.02 1.19
C GLN A 116 2.27 -15.65 2.54
N TYR A 117 2.30 -14.37 2.87
CA TYR A 117 1.73 -13.89 4.11
C TYR A 117 0.24 -13.60 3.94
N PRO A 118 -0.50 -13.46 5.04
CA PRO A 118 -1.93 -13.14 4.98
C PRO A 118 -2.19 -11.70 4.57
N LEU A 119 -1.97 -11.41 3.29
CA LEU A 119 -2.24 -10.10 2.72
C LEU A 119 -3.72 -9.96 2.41
N ALA A 120 -4.22 -8.73 2.42
CA ALA A 120 -5.59 -8.46 2.02
C ALA A 120 -5.77 -8.76 0.53
N PRO A 121 -6.99 -9.17 0.11
CA PRO A 121 -7.28 -9.52 -1.30
C PRO A 121 -7.05 -8.35 -2.26
N ALA A 122 -6.90 -7.14 -1.73
CA ALA A 122 -6.62 -5.98 -2.55
C ALA A 122 -5.11 -5.83 -2.76
N ASP A 123 -4.35 -6.37 -1.83
CA ASP A 123 -2.89 -6.23 -1.81
C ASP A 123 -2.24 -7.29 -2.67
N ILE A 124 -2.94 -8.39 -2.87
CA ILE A 124 -2.40 -9.53 -3.60
C ILE A 124 -2.05 -9.12 -5.05
N PRO A 125 -3.03 -8.63 -5.85
CA PRO A 125 -2.78 -8.21 -7.23
C PRO A 125 -1.70 -7.14 -7.35
N LEU A 126 -1.53 -6.38 -6.28
CA LEU A 126 -0.54 -5.32 -6.27
C LEU A 126 0.86 -5.90 -6.16
N LEU A 127 1.01 -6.93 -5.34
CA LEU A 127 2.31 -7.56 -5.14
C LEU A 127 2.65 -8.43 -6.33
N GLU A 128 1.64 -9.12 -6.89
CA GLU A 128 1.84 -9.94 -8.08
C GLU A 128 2.54 -9.15 -9.18
N ALA A 129 2.11 -7.91 -9.36
CA ALA A 129 2.69 -7.06 -10.39
C ALA A 129 3.99 -6.42 -9.94
N PHE A 130 4.19 -6.36 -8.63
CA PHE A 130 5.43 -5.81 -8.09
C PHE A 130 6.57 -6.77 -8.39
N MET A 131 6.33 -8.03 -8.08
CA MET A 131 7.30 -9.06 -8.36
C MET A 131 7.41 -9.27 -9.86
N ALA A 132 6.29 -9.09 -10.57
CA ALA A 132 6.27 -9.14 -12.03
C ALA A 132 7.16 -8.07 -12.63
N LEU A 133 7.07 -6.86 -12.10
CA LEU A 133 7.82 -5.74 -12.64
C LEU A 133 9.31 -5.93 -12.42
N ARG A 134 9.67 -6.56 -11.32
CA ARG A 134 11.08 -6.76 -11.00
C ARG A 134 11.65 -7.99 -11.71
N ALA A 135 10.77 -8.92 -12.08
CA ALA A 135 11.22 -10.13 -12.75
C ALA A 135 11.22 -9.96 -14.27
N ALA A 136 10.26 -9.21 -14.77
CA ALA A 136 10.11 -8.99 -16.20
C ALA A 136 10.82 -7.72 -16.64
N ARG A 137 11.02 -6.80 -15.69
CA ARG A 137 11.61 -5.47 -15.93
C ARG A 137 11.07 -4.78 -17.19
N PRO A 138 10.20 -3.77 -17.00
CA PRO A 138 9.53 -3.06 -18.09
C PRO A 138 10.52 -2.46 -19.09
N ALA A 139 10.28 -2.74 -20.36
CA ALA A 139 11.15 -2.26 -21.41
C ALA A 139 10.83 -0.82 -21.77
N ASP A 140 11.74 0.08 -21.41
CA ASP A 140 11.55 1.50 -21.68
C ASP A 140 12.74 2.04 -22.47
N GLY A 1 -33.45 6.35 -6.30
CA GLY A 1 -32.76 7.03 -5.18
C GLY A 1 -31.97 8.23 -5.66
N PRO A 2 -32.16 9.40 -5.03
CA PRO A 2 -31.50 10.64 -5.45
C PRO A 2 -30.06 10.74 -4.96
N LEU A 3 -29.68 9.82 -4.09
CA LEU A 3 -28.33 9.78 -3.56
C LEU A 3 -27.69 8.43 -3.89
N GLY A 4 -28.22 7.79 -4.92
CA GLY A 4 -27.73 6.49 -5.32
C GLY A 4 -26.49 6.58 -6.19
N SER A 5 -25.54 7.41 -5.76
CA SER A 5 -24.30 7.58 -6.48
C SER A 5 -23.17 6.88 -5.74
N MET A 6 -22.55 5.91 -6.39
CA MET A 6 -21.43 5.21 -5.80
C MET A 6 -20.21 6.14 -5.77
N LYS A 7 -19.60 6.25 -4.59
CA LYS A 7 -18.44 7.11 -4.43
C LYS A 7 -17.18 6.37 -4.81
N MET A 8 -16.21 7.10 -5.34
CA MET A 8 -14.92 6.52 -5.67
C MET A 8 -13.91 6.88 -4.61
N ILE A 9 -13.24 5.88 -4.09
CA ILE A 9 -12.28 6.03 -3.02
C ILE A 9 -10.88 5.80 -3.57
N GLU A 10 -10.06 6.83 -3.54
CA GLU A 10 -8.70 6.69 -4.01
C GLU A 10 -7.80 6.37 -2.83
N VAL A 11 -7.11 5.26 -2.91
CA VAL A 11 -6.22 4.86 -1.83
C VAL A 11 -4.83 4.65 -2.40
N VAL A 12 -3.84 5.13 -1.69
CA VAL A 12 -2.47 4.93 -2.09
C VAL A 12 -1.77 3.98 -1.12
N ALA A 13 -1.04 3.04 -1.68
CA ALA A 13 -0.31 2.06 -0.89
C ALA A 13 1.17 2.21 -1.19
N ALA A 14 1.98 2.22 -0.14
CA ALA A 14 3.40 2.41 -0.31
C ALA A 14 4.13 1.09 -0.18
N ILE A 15 4.80 0.71 -1.24
CA ILE A 15 5.61 -0.48 -1.22
C ILE A 15 7.04 -0.08 -0.93
N ILE A 16 7.42 -0.25 0.31
CA ILE A 16 8.75 0.16 0.77
C ILE A 16 9.71 -0.98 0.55
N GLU A 17 10.51 -0.89 -0.51
CA GLU A 17 11.42 -1.97 -0.85
C GLU A 17 12.84 -1.57 -0.50
N ARG A 18 13.40 -2.22 0.48
CA ARG A 18 14.76 -1.96 0.88
C ARG A 18 15.57 -3.23 0.73
N ASP A 19 16.52 -3.18 -0.20
CA ASP A 19 17.38 -4.31 -0.53
C ASP A 19 16.59 -5.50 -1.04
N GLY A 20 15.47 -5.25 -1.72
CA GLY A 20 14.70 -6.33 -2.27
C GLY A 20 13.66 -6.86 -1.32
N LYS A 21 13.46 -6.17 -0.20
CA LYS A 21 12.47 -6.60 0.78
C LYS A 21 11.45 -5.50 0.99
N ILE A 22 10.19 -5.89 1.14
CA ILE A 22 9.10 -4.94 1.28
C ILE A 22 8.67 -4.84 2.74
N LEU A 23 8.22 -3.67 3.14
CA LEU A 23 7.79 -3.45 4.52
C LEU A 23 6.29 -3.75 4.67
N LEU A 24 6.00 -4.68 5.57
CA LEU A 24 4.63 -5.08 5.84
C LEU A 24 4.24 -4.65 7.25
N ALA A 25 3.04 -4.12 7.40
CA ALA A 25 2.54 -3.70 8.69
C ALA A 25 1.29 -4.51 9.08
N GLN A 26 1.42 -5.28 10.14
CA GLN A 26 0.35 -6.18 10.59
C GLN A 26 -0.82 -5.42 11.19
N ARG A 27 -1.98 -5.55 10.54
CA ARG A 27 -3.25 -5.02 11.05
C ARG A 27 -4.37 -5.43 10.11
N PRO A 28 -5.24 -6.34 10.58
CA PRO A 28 -6.41 -6.77 9.82
C PRO A 28 -7.54 -5.75 9.87
N ALA A 29 -7.56 -5.03 10.98
CA ALA A 29 -8.51 -3.93 11.23
C ALA A 29 -9.93 -4.44 11.46
N GLN A 30 -10.55 -4.96 10.41
CA GLN A 30 -11.95 -5.39 10.48
C GLN A 30 -12.07 -6.85 10.89
N SER A 31 -10.94 -7.46 11.23
CA SER A 31 -10.92 -8.84 11.69
C SER A 31 -10.24 -8.93 13.04
N ASP A 32 -10.85 -9.64 13.98
CA ASP A 32 -10.30 -9.79 15.33
C ASP A 32 -9.31 -10.94 15.37
N GLN A 33 -9.04 -11.53 14.22
CA GLN A 33 -8.14 -12.67 14.13
C GLN A 33 -6.70 -12.21 14.19
N ALA A 34 -6.47 -10.97 13.78
CA ALA A 34 -5.14 -10.41 13.69
C ALA A 34 -4.25 -11.23 12.75
N GLY A 35 -2.95 -10.97 12.77
CA GLY A 35 -2.02 -11.79 12.01
C GLY A 35 -1.83 -11.34 10.59
N LEU A 36 -2.85 -10.72 10.01
CA LEU A 36 -2.79 -10.29 8.62
C LEU A 36 -1.93 -9.04 8.46
N TRP A 37 -1.26 -8.95 7.32
CA TRP A 37 -0.36 -7.84 7.04
C TRP A 37 -0.93 -7.00 5.90
N GLU A 38 -0.61 -5.71 5.91
CA GLU A 38 -0.97 -4.82 4.82
C GLU A 38 0.17 -3.85 4.53
N PHE A 39 0.29 -3.44 3.28
CA PHE A 39 1.24 -2.39 2.93
C PHE A 39 0.66 -1.04 3.34
N ALA A 40 1.46 -0.26 4.05
CA ALA A 40 0.98 0.99 4.63
C ALA A 40 0.62 2.01 3.57
N GLY A 41 -0.22 2.97 3.94
CA GLY A 41 -0.68 3.97 3.01
C GLY A 41 -1.87 4.73 3.57
N GLY A 42 -2.82 5.05 2.71
CA GLY A 42 -3.99 5.80 3.15
C GLY A 42 -4.82 6.29 1.99
N LYS A 43 -5.98 6.88 2.30
CA LYS A 43 -6.85 7.42 1.28
C LYS A 43 -6.33 8.78 0.80
N VAL A 44 -6.63 9.11 -0.44
CA VAL A 44 -6.23 10.37 -1.01
C VAL A 44 -7.40 11.34 -0.94
N GLU A 45 -7.15 12.54 -0.46
CA GLU A 45 -8.16 13.58 -0.48
C GLU A 45 -7.98 14.41 -1.75
N PRO A 46 -9.08 14.87 -2.38
CA PRO A 46 -9.03 15.65 -3.63
C PRO A 46 -8.37 17.02 -3.48
N ASP A 47 -7.68 17.23 -2.37
CA ASP A 47 -6.95 18.46 -2.13
C ASP A 47 -5.45 18.22 -2.19
N GLU A 48 -5.06 16.96 -2.12
CA GLU A 48 -3.65 16.60 -2.04
C GLU A 48 -3.23 15.76 -3.23
N SER A 49 -1.93 15.52 -3.34
CA SER A 49 -1.42 14.65 -4.39
C SER A 49 -1.36 13.21 -3.88
N GLN A 50 -1.36 12.26 -4.79
CA GLN A 50 -1.42 10.85 -4.42
C GLN A 50 -0.14 10.43 -3.70
N ARG A 51 1.01 10.87 -4.19
CA ARG A 51 2.27 10.57 -3.53
C ARG A 51 2.41 11.36 -2.24
N GLN A 52 1.76 12.52 -2.21
CA GLN A 52 1.82 13.39 -1.04
C GLN A 52 1.06 12.74 0.11
N ALA A 53 -0.05 12.09 -0.24
CA ALA A 53 -0.85 11.38 0.73
C ALA A 53 -0.04 10.25 1.36
N LEU A 54 0.72 9.53 0.54
CA LEU A 54 1.60 8.48 1.06
C LEU A 54 2.66 9.05 1.98
N VAL A 55 3.29 10.14 1.54
CA VAL A 55 4.37 10.77 2.28
C VAL A 55 3.90 11.21 3.67
N ARG A 56 2.71 11.80 3.75
CA ARG A 56 2.19 12.21 5.04
C ARG A 56 1.73 11.01 5.86
N GLU A 57 1.01 10.07 5.22
CA GLU A 57 0.48 8.91 5.92
C GLU A 57 1.59 8.06 6.52
N LEU A 58 2.67 7.84 5.76
CA LEU A 58 3.77 7.02 6.26
C LEU A 58 4.49 7.71 7.40
N ARG A 59 4.54 9.04 7.35
CA ARG A 59 5.15 9.80 8.44
C ARG A 59 4.33 9.64 9.73
N GLU A 60 3.03 9.57 9.57
CA GLU A 60 2.13 9.49 10.70
C GLU A 60 1.94 8.04 11.15
N GLU A 61 1.96 7.12 10.20
CA GLU A 61 1.82 5.70 10.52
C GLU A 61 3.14 5.04 10.81
N LEU A 62 4.10 5.20 9.92
CA LEU A 62 5.36 4.47 10.00
C LEU A 62 6.48 5.33 10.56
N GLY A 63 6.16 6.55 10.99
CA GLY A 63 7.17 7.47 11.47
C GLY A 63 8.29 7.75 10.48
N ILE A 64 8.06 7.53 9.19
CA ILE A 64 9.10 7.73 8.21
C ILE A 64 8.70 8.73 7.13
N GLU A 65 9.67 9.54 6.72
CA GLU A 65 9.49 10.46 5.63
C GLU A 65 9.88 9.77 4.33
N ALA A 66 8.89 9.36 3.55
CA ALA A 66 9.15 8.57 2.37
C ALA A 66 9.28 9.44 1.13
N THR A 67 10.02 8.96 0.16
CA THR A 67 10.13 9.60 -1.14
C THR A 67 9.51 8.70 -2.20
N VAL A 68 8.32 9.05 -2.66
CA VAL A 68 7.58 8.22 -3.59
C VAL A 68 8.02 8.50 -5.02
N GLY A 69 8.39 7.45 -5.74
CA GLY A 69 8.95 7.65 -7.07
C GLY A 69 8.27 6.82 -8.14
N GLU A 70 8.73 5.58 -8.28
CA GLU A 70 8.34 4.73 -9.40
C GLU A 70 7.00 4.02 -9.15
N TYR A 71 6.12 4.12 -10.13
CA TYR A 71 4.78 3.54 -10.07
C TYR A 71 4.82 2.03 -10.36
N VAL A 72 4.16 1.25 -9.51
CA VAL A 72 4.12 -0.21 -9.70
C VAL A 72 2.83 -0.63 -10.40
N ALA A 73 1.71 -0.54 -9.69
CA ALA A 73 0.43 -0.93 -10.24
C ALA A 73 -0.73 -0.35 -9.45
N SER A 74 -1.94 -0.62 -9.90
CA SER A 74 -3.14 -0.15 -9.23
C SER A 74 -4.23 -1.21 -9.34
N HIS A 75 -5.14 -1.23 -8.38
CA HIS A 75 -6.23 -2.21 -8.37
C HIS A 75 -7.55 -1.53 -8.02
N GLN A 76 -8.60 -1.93 -8.72
CA GLN A 76 -9.94 -1.48 -8.40
C GLN A 76 -10.70 -2.57 -7.64
N ARG A 77 -11.45 -2.15 -6.65
CA ARG A 77 -12.32 -3.04 -5.90
C ARG A 77 -13.41 -2.21 -5.26
N GLU A 78 -14.36 -2.82 -4.60
CA GLU A 78 -15.39 -2.06 -3.92
C GLU A 78 -15.37 -2.31 -2.42
N VAL A 79 -15.78 -1.31 -1.67
CA VAL A 79 -16.01 -1.45 -0.25
C VAL A 79 -17.47 -1.11 0.05
N SER A 80 -18.31 -2.14 0.08
CA SER A 80 -19.73 -1.98 0.35
C SER A 80 -20.36 -0.89 -0.54
N GLY A 81 -20.30 -1.06 -1.85
CA GLY A 81 -20.91 -0.10 -2.76
C GLY A 81 -19.99 1.03 -3.19
N ARG A 82 -18.85 1.19 -2.53
CA ARG A 82 -17.91 2.26 -2.87
C ARG A 82 -16.75 1.70 -3.66
N ILE A 83 -16.38 2.37 -4.75
CA ILE A 83 -15.35 1.86 -5.65
C ILE A 83 -13.98 2.41 -5.27
N ILE A 84 -13.12 1.54 -4.76
CA ILE A 84 -11.79 1.93 -4.35
C ILE A 84 -10.78 1.70 -5.47
N HIS A 85 -9.84 2.63 -5.57
CA HIS A 85 -8.76 2.53 -6.53
C HIS A 85 -7.43 2.63 -5.79
N LEU A 86 -6.82 1.48 -5.53
CA LEU A 86 -5.58 1.44 -4.75
C LEU A 86 -4.36 1.54 -5.65
N HIS A 87 -3.49 2.48 -5.32
CA HIS A 87 -2.29 2.73 -6.10
C HIS A 87 -1.06 2.24 -5.34
N ALA A 88 -0.37 1.25 -5.87
CA ALA A 88 0.85 0.76 -5.23
C ALA A 88 2.07 1.46 -5.81
N TRP A 89 2.73 2.25 -4.98
CA TRP A 89 3.91 2.98 -5.40
C TRP A 89 5.15 2.45 -4.68
N HIS A 90 6.24 2.33 -5.41
CA HIS A 90 7.50 1.87 -4.84
C HIS A 90 8.29 3.08 -4.32
N VAL A 91 8.49 3.13 -3.02
CA VAL A 91 9.29 4.19 -2.41
C VAL A 91 10.75 3.74 -2.27
N PRO A 92 11.64 4.32 -3.09
CA PRO A 92 13.06 3.96 -3.08
C PRO A 92 13.82 4.59 -1.91
N ASP A 93 13.20 5.56 -1.25
CA ASP A 93 13.84 6.28 -0.17
C ASP A 93 12.87 6.53 0.97
N PHE A 94 13.37 6.39 2.19
CA PHE A 94 12.60 6.68 3.39
C PHE A 94 13.53 7.15 4.51
N HIS A 95 13.14 8.21 5.20
CA HIS A 95 13.93 8.77 6.29
C HIS A 95 13.20 8.60 7.61
N GLY A 96 13.80 7.89 8.55
CA GLY A 96 13.19 7.74 9.86
C GLY A 96 13.23 6.30 10.34
N THR A 97 12.51 6.02 11.41
CA THR A 97 12.48 4.69 11.98
C THR A 97 11.07 4.10 11.91
N LEU A 98 10.97 2.94 11.28
CA LEU A 98 9.72 2.27 11.08
C LEU A 98 9.00 2.01 12.39
N GLN A 99 7.77 2.48 12.49
CA GLN A 99 6.96 2.27 13.67
C GLN A 99 5.50 2.00 13.28
N ALA A 100 4.76 1.32 14.15
CA ALA A 100 3.38 0.98 13.86
C ALA A 100 2.38 1.81 14.68
N HIS A 101 1.79 2.81 14.04
CA HIS A 101 0.72 3.60 14.65
C HIS A 101 -0.60 2.82 14.62
N GLU A 102 -1.18 2.73 13.42
CA GLU A 102 -2.44 2.04 13.23
C GLU A 102 -2.23 0.55 13.01
N HIS A 103 -1.02 0.10 13.27
CA HIS A 103 -0.65 -1.27 13.00
C HIS A 103 0.01 -1.89 14.23
N GLN A 104 0.27 -3.18 14.18
CA GLN A 104 0.87 -3.88 15.31
C GLN A 104 2.37 -4.08 15.10
N ALA A 105 2.72 -5.02 14.25
CA ALA A 105 4.12 -5.35 14.01
C ALA A 105 4.50 -5.05 12.57
N LEU A 106 5.79 -4.87 12.33
CA LEU A 106 6.30 -4.60 10.99
C LEU A 106 7.35 -5.63 10.62
N VAL A 107 7.29 -6.12 9.39
CA VAL A 107 8.26 -7.08 8.91
C VAL A 107 8.75 -6.69 7.51
N TRP A 108 9.99 -7.00 7.23
CA TRP A 108 10.54 -6.79 5.91
C TRP A 108 10.86 -8.12 5.26
N CYS A 109 10.17 -8.40 4.18
CA CYS A 109 10.30 -9.68 3.49
C CYS A 109 10.29 -9.48 1.99
N SER A 110 10.86 -10.44 1.27
CA SER A 110 10.97 -10.36 -0.17
C SER A 110 9.56 -10.45 -0.79
N PRO A 111 9.34 -9.83 -1.97
CA PRO A 111 8.03 -9.74 -2.62
C PRO A 111 7.27 -11.07 -2.67
N GLU A 112 7.94 -12.13 -3.11
CA GLU A 112 7.27 -13.43 -3.26
C GLU A 112 6.95 -14.01 -1.88
N GLU A 113 7.77 -13.69 -0.90
CA GLU A 113 7.54 -14.11 0.47
C GLU A 113 6.29 -13.45 1.03
N ALA A 114 6.12 -12.17 0.70
CA ALA A 114 4.99 -11.38 1.18
C ALA A 114 3.67 -11.99 0.73
N LEU A 115 3.62 -12.46 -0.51
CA LEU A 115 2.38 -12.99 -1.07
C LEU A 115 2.02 -14.33 -0.44
N GLN A 116 2.98 -14.90 0.29
CA GLN A 116 2.74 -16.14 1.02
C GLN A 116 2.07 -15.84 2.36
N TYR A 117 2.10 -14.57 2.75
CA TYR A 117 1.56 -14.14 4.03
C TYR A 117 0.08 -13.78 3.88
N PRO A 118 -0.65 -13.65 5.00
CA PRO A 118 -2.05 -13.26 4.98
C PRO A 118 -2.21 -11.78 4.63
N LEU A 119 -2.24 -11.50 3.33
CA LEU A 119 -2.39 -10.13 2.84
C LEU A 119 -3.85 -9.84 2.51
N ALA A 120 -4.21 -8.57 2.58
CA ALA A 120 -5.57 -8.13 2.26
C ALA A 120 -5.90 -8.40 0.78
N PRO A 121 -7.18 -8.62 0.46
CA PRO A 121 -7.62 -8.90 -0.93
C PRO A 121 -7.27 -7.79 -1.92
N ALA A 122 -6.96 -6.61 -1.40
CA ALA A 122 -6.56 -5.49 -2.25
C ALA A 122 -5.04 -5.39 -2.33
N ASP A 123 -4.37 -6.01 -1.37
CA ASP A 123 -2.91 -5.95 -1.25
C ASP A 123 -2.28 -6.99 -2.16
N ILE A 124 -2.99 -8.10 -2.34
CA ILE A 124 -2.49 -9.24 -3.11
C ILE A 124 -2.24 -8.87 -4.58
N PRO A 125 -3.28 -8.38 -5.32
CA PRO A 125 -3.13 -8.00 -6.72
C PRO A 125 -2.03 -6.96 -6.95
N LEU A 126 -1.80 -6.12 -5.95
CA LEU A 126 -0.77 -5.10 -6.05
C LEU A 126 0.60 -5.75 -5.94
N LEU A 127 0.73 -6.71 -5.04
CA LEU A 127 1.99 -7.40 -4.84
C LEU A 127 2.28 -8.32 -6.02
N GLU A 128 1.24 -8.98 -6.54
CA GLU A 128 1.41 -9.86 -7.69
C GLU A 128 2.08 -9.14 -8.85
N ALA A 129 1.69 -7.90 -9.07
CA ALA A 129 2.28 -7.12 -10.14
C ALA A 129 3.63 -6.54 -9.74
N PHE A 130 3.85 -6.37 -8.43
CA PHE A 130 5.12 -5.84 -7.97
C PHE A 130 6.21 -6.88 -8.18
N MET A 131 5.92 -8.12 -7.80
CA MET A 131 6.84 -9.21 -8.04
C MET A 131 6.96 -9.45 -9.54
N ALA A 132 5.87 -9.22 -10.28
CA ALA A 132 5.90 -9.27 -11.74
C ALA A 132 6.89 -8.25 -12.29
N LEU A 133 6.88 -7.05 -11.75
CA LEU A 133 7.72 -5.97 -12.24
C LEU A 133 9.20 -6.28 -12.01
N ARG A 134 9.52 -6.83 -10.85
CA ARG A 134 10.91 -7.12 -10.52
C ARG A 134 11.42 -8.34 -11.28
N ALA A 135 10.52 -9.23 -11.66
CA ALA A 135 10.89 -10.46 -12.33
C ALA A 135 11.01 -10.27 -13.85
N ALA A 136 10.14 -9.44 -14.39
CA ALA A 136 10.13 -9.19 -15.83
C ALA A 136 10.94 -7.96 -16.17
N ARG A 137 10.96 -7.00 -15.24
CA ARG A 137 11.64 -5.71 -15.40
C ARG A 137 10.94 -4.83 -16.42
N PRO A 138 10.44 -3.66 -15.97
CA PRO A 138 9.76 -2.70 -16.84
C PRO A 138 10.72 -1.98 -17.77
N ALA A 139 10.21 -1.51 -18.90
CA ALA A 139 11.02 -0.82 -19.89
C ALA A 139 11.54 0.50 -19.33
N ASP A 140 10.70 1.15 -18.54
CA ASP A 140 11.08 2.40 -17.88
C ASP A 140 10.98 2.23 -16.38
N GLY A 1 -26.46 10.31 -10.48
CA GLY A 1 -27.41 9.81 -11.50
C GLY A 1 -26.86 8.61 -12.25
N PRO A 2 -27.30 8.38 -13.50
CA PRO A 2 -26.87 7.22 -14.29
C PRO A 2 -25.36 7.20 -14.52
N LEU A 3 -24.83 8.32 -14.99
CA LEU A 3 -23.38 8.44 -15.17
C LEU A 3 -22.78 9.13 -13.95
N GLY A 4 -22.39 8.34 -12.97
CA GLY A 4 -21.90 8.88 -11.73
C GLY A 4 -22.64 8.32 -10.53
N SER A 5 -23.14 7.09 -10.68
CA SER A 5 -23.80 6.40 -9.58
C SER A 5 -22.75 5.74 -8.69
N MET A 6 -21.61 5.44 -9.29
CA MET A 6 -20.49 4.88 -8.57
C MET A 6 -19.59 5.99 -8.07
N LYS A 7 -19.25 5.93 -6.80
CA LYS A 7 -18.35 6.92 -6.22
C LYS A 7 -16.97 6.31 -6.13
N MET A 8 -15.93 7.12 -6.37
CA MET A 8 -14.58 6.60 -6.41
C MET A 8 -13.81 6.95 -5.15
N ILE A 9 -13.26 5.91 -4.54
CA ILE A 9 -12.45 6.03 -3.34
C ILE A 9 -10.99 5.78 -3.70
N GLU A 10 -10.14 6.75 -3.47
CA GLU A 10 -8.74 6.60 -3.83
C GLU A 10 -7.92 6.22 -2.62
N VAL A 11 -7.22 5.11 -2.72
CA VAL A 11 -6.37 4.63 -1.64
C VAL A 11 -4.96 4.42 -2.17
N VAL A 12 -4.00 5.04 -1.53
CA VAL A 12 -2.63 4.92 -1.93
C VAL A 12 -1.89 3.94 -1.04
N ALA A 13 -1.14 3.04 -1.65
CA ALA A 13 -0.39 2.03 -0.93
C ALA A 13 1.10 2.23 -1.14
N ALA A 14 1.85 2.25 -0.06
CA ALA A 14 3.27 2.49 -0.12
C ALA A 14 4.02 1.18 0.06
N ILE A 15 4.70 0.75 -0.98
CA ILE A 15 5.50 -0.44 -0.92
C ILE A 15 6.92 -0.06 -0.52
N ILE A 16 7.25 -0.27 0.75
CA ILE A 16 8.56 0.07 1.26
C ILE A 16 9.48 -1.10 0.99
N GLU A 17 10.32 -1.01 -0.02
CA GLU A 17 11.16 -2.13 -0.39
C GLU A 17 12.61 -1.71 -0.38
N ARG A 18 13.39 -2.41 0.43
CA ARG A 18 14.82 -2.21 0.50
C ARG A 18 15.48 -3.52 0.90
N ASP A 19 16.69 -3.75 0.38
CA ASP A 19 17.43 -4.99 0.61
C ASP A 19 16.82 -6.13 -0.19
N GLY A 20 15.78 -5.82 -0.94
CA GLY A 20 15.05 -6.84 -1.68
C GLY A 20 13.81 -7.25 -0.94
N LYS A 21 13.52 -6.56 0.16
CA LYS A 21 12.39 -6.92 1.01
C LYS A 21 11.38 -5.78 1.15
N ILE A 22 10.12 -6.16 1.27
CA ILE A 22 9.02 -5.22 1.37
C ILE A 22 8.51 -5.14 2.81
N LEU A 23 8.04 -3.95 3.18
CA LEU A 23 7.54 -3.70 4.52
C LEU A 23 6.06 -4.07 4.65
N LEU A 24 5.77 -4.94 5.59
CA LEU A 24 4.39 -5.29 5.92
C LEU A 24 4.08 -4.88 7.36
N ALA A 25 2.81 -4.65 7.64
CA ALA A 25 2.39 -4.23 8.97
C ALA A 25 1.21 -5.07 9.48
N GLN A 26 1.40 -5.70 10.62
CA GLN A 26 0.34 -6.51 11.24
C GLN A 26 -0.54 -5.65 12.14
N ARG A 27 -1.72 -5.28 11.62
CA ARG A 27 -2.76 -4.58 12.39
C ARG A 27 -3.78 -3.97 11.44
N PRO A 28 -5.01 -4.51 11.41
CA PRO A 28 -6.10 -3.94 10.63
C PRO A 28 -6.81 -2.83 11.42
N ALA A 29 -8.10 -2.65 11.15
CA ALA A 29 -8.85 -1.61 11.84
C ALA A 29 -10.30 -2.06 12.09
N GLN A 30 -11.05 -2.20 11.01
CA GLN A 30 -12.47 -2.52 11.09
C GLN A 30 -12.70 -3.98 10.74
N SER A 31 -11.63 -4.76 10.78
CA SER A 31 -11.71 -6.16 10.43
C SER A 31 -12.03 -7.01 11.64
N ASP A 32 -11.73 -6.48 12.83
CA ASP A 32 -11.94 -7.19 14.09
C ASP A 32 -11.10 -8.48 14.13
N GLN A 33 -10.02 -8.49 13.36
CA GLN A 33 -9.17 -9.66 13.26
C GLN A 33 -7.74 -9.31 13.66
N ALA A 34 -6.85 -10.30 13.62
CA ALA A 34 -5.45 -10.10 13.95
C ALA A 34 -4.60 -11.12 13.22
N GLY A 35 -3.38 -10.74 12.88
CA GLY A 35 -2.47 -11.67 12.26
C GLY A 35 -2.15 -11.34 10.82
N LEU A 36 -3.07 -10.63 10.19
CA LEU A 36 -2.92 -10.24 8.79
C LEU A 36 -1.96 -9.07 8.63
N TRP A 37 -1.31 -9.02 7.49
CA TRP A 37 -0.39 -7.94 7.15
C TRP A 37 -0.85 -7.26 5.88
N GLU A 38 -0.44 -6.03 5.65
CA GLU A 38 -0.80 -5.32 4.43
C GLU A 38 0.27 -4.29 4.07
N PHE A 39 0.03 -3.55 3.00
CA PHE A 39 0.93 -2.47 2.61
C PHE A 39 0.49 -1.17 3.26
N ALA A 40 1.42 -0.50 3.93
CA ALA A 40 1.11 0.75 4.62
C ALA A 40 0.71 1.83 3.62
N GLY A 41 -0.04 2.82 4.09
CA GLY A 41 -0.52 3.86 3.21
C GLY A 41 -1.78 4.49 3.77
N GLY A 42 -2.81 4.61 2.94
CA GLY A 42 -4.05 5.16 3.42
C GLY A 42 -4.93 5.72 2.33
N LYS A 43 -6.09 6.21 2.72
CA LYS A 43 -7.04 6.82 1.80
C LYS A 43 -6.63 8.25 1.49
N VAL A 44 -6.98 8.72 0.31
CA VAL A 44 -6.61 10.05 -0.13
C VAL A 44 -7.77 11.01 0.08
N GLU A 45 -7.49 12.12 0.74
CA GLU A 45 -8.49 13.16 0.93
C GLU A 45 -8.25 14.26 -0.09
N PRO A 46 -9.30 14.91 -0.61
CA PRO A 46 -9.18 15.98 -1.62
C PRO A 46 -8.21 17.09 -1.20
N ASP A 47 -7.96 17.19 0.10
CA ASP A 47 -7.06 18.21 0.64
C ASP A 47 -5.60 17.89 0.31
N GLU A 48 -5.33 16.64 0.02
CA GLU A 48 -3.96 16.19 -0.19
C GLU A 48 -3.84 15.46 -1.53
N SER A 49 -2.64 15.51 -2.10
CA SER A 49 -2.39 14.84 -3.36
C SER A 49 -2.05 13.36 -3.12
N GLN A 50 -2.01 12.58 -4.20
CA GLN A 50 -1.80 11.14 -4.12
C GLN A 50 -0.48 10.79 -3.44
N ARG A 51 0.62 11.37 -3.91
CA ARG A 51 1.93 11.08 -3.32
C ARG A 51 2.03 11.75 -1.96
N GLN A 52 1.35 12.87 -1.82
CA GLN A 52 1.37 13.64 -0.58
C GLN A 52 0.72 12.82 0.54
N ALA A 53 -0.34 12.12 0.18
CA ALA A 53 -1.06 11.26 1.11
C ALA A 53 -0.12 10.21 1.70
N LEU A 54 0.58 9.48 0.83
CA LEU A 54 1.50 8.44 1.28
C LEU A 54 2.59 9.02 2.17
N VAL A 55 3.18 10.11 1.73
CA VAL A 55 4.27 10.74 2.46
C VAL A 55 3.83 11.14 3.86
N ARG A 56 2.66 11.77 3.96
CA ARG A 56 2.19 12.25 5.24
C ARG A 56 1.69 11.09 6.11
N GLU A 57 0.99 10.13 5.50
CA GLU A 57 0.52 8.95 6.23
C GLU A 57 1.68 8.16 6.82
N LEU A 58 2.71 7.92 6.02
CA LEU A 58 3.87 7.17 6.51
C LEU A 58 4.60 7.97 7.58
N ARG A 59 4.57 9.29 7.44
CA ARG A 59 5.14 10.17 8.46
C ARG A 59 4.42 10.00 9.80
N GLU A 60 3.12 9.72 9.75
CA GLU A 60 2.33 9.58 10.96
C GLU A 60 2.38 8.14 11.50
N GLU A 61 2.38 7.17 10.61
CA GLU A 61 2.42 5.77 11.03
C GLU A 61 3.85 5.27 11.18
N LEU A 62 4.64 5.46 10.13
CA LEU A 62 5.97 4.87 10.07
C LEU A 62 7.04 5.87 10.49
N GLY A 63 6.61 7.05 10.92
CA GLY A 63 7.52 8.14 11.25
C GLY A 63 8.64 8.36 10.25
N ILE A 64 8.35 8.20 8.95
CA ILE A 64 9.37 8.42 7.93
C ILE A 64 8.88 9.35 6.83
N GLU A 65 9.80 10.16 6.34
CA GLU A 65 9.55 11.04 5.21
C GLU A 65 9.85 10.29 3.92
N ALA A 66 8.84 9.67 3.36
CA ALA A 66 9.02 8.83 2.19
C ALA A 66 9.02 9.65 0.90
N THR A 67 9.62 9.10 -0.13
CA THR A 67 9.65 9.74 -1.42
C THR A 67 8.97 8.85 -2.47
N VAL A 68 7.75 9.21 -2.83
CA VAL A 68 7.00 8.47 -3.83
C VAL A 68 7.54 8.79 -5.23
N GLY A 69 8.07 7.79 -5.91
CA GLY A 69 8.74 8.06 -7.17
C GLY A 69 8.93 6.84 -8.04
N GLU A 70 7.83 6.22 -8.47
CA GLU A 70 7.82 5.09 -9.42
C GLU A 70 6.51 4.31 -9.28
N TYR A 71 6.05 3.75 -10.39
CA TYR A 71 4.75 3.09 -10.43
C TYR A 71 4.90 1.58 -10.43
N VAL A 72 4.22 0.90 -9.51
CA VAL A 72 4.16 -0.56 -9.54
C VAL A 72 2.88 -1.05 -10.21
N ALA A 73 1.75 -0.85 -9.54
CA ALA A 73 0.47 -1.27 -10.09
C ALA A 73 -0.70 -0.61 -9.37
N SER A 74 -1.87 -0.70 -9.97
CA SER A 74 -3.09 -0.22 -9.35
C SER A 74 -4.19 -1.28 -9.45
N HIS A 75 -5.03 -1.37 -8.43
CA HIS A 75 -6.11 -2.34 -8.42
C HIS A 75 -7.42 -1.68 -8.04
N GLN A 76 -8.50 -2.09 -8.69
CA GLN A 76 -9.83 -1.59 -8.37
C GLN A 76 -10.67 -2.66 -7.73
N ARG A 77 -11.53 -2.22 -6.82
CA ARG A 77 -12.53 -3.06 -6.21
C ARG A 77 -13.63 -2.16 -5.68
N GLU A 78 -14.72 -2.69 -5.17
CA GLU A 78 -15.76 -1.83 -4.65
C GLU A 78 -15.99 -2.08 -3.16
N VAL A 79 -16.44 -1.03 -2.49
CA VAL A 79 -16.86 -1.11 -1.11
C VAL A 79 -18.28 -0.52 -1.00
N SER A 80 -19.27 -1.41 -1.07
CA SER A 80 -20.67 -1.03 -0.98
C SER A 80 -21.02 0.06 -2.02
N GLY A 81 -20.96 -0.31 -3.29
CA GLY A 81 -21.33 0.61 -4.36
C GLY A 81 -20.34 1.76 -4.55
N ARG A 82 -19.15 1.62 -4.01
CA ARG A 82 -18.11 2.64 -4.15
C ARG A 82 -16.83 1.98 -4.66
N ILE A 83 -16.23 2.56 -5.68
CA ILE A 83 -15.09 1.92 -6.33
C ILE A 83 -13.79 2.44 -5.73
N ILE A 84 -13.06 1.55 -5.09
CA ILE A 84 -11.78 1.90 -4.51
C ILE A 84 -10.66 1.69 -5.53
N HIS A 85 -9.83 2.69 -5.65
CA HIS A 85 -8.75 2.69 -6.61
C HIS A 85 -7.42 2.73 -5.87
N LEU A 86 -6.82 1.56 -5.67
CA LEU A 86 -5.58 1.46 -4.92
C LEU A 86 -4.38 1.64 -5.82
N HIS A 87 -3.48 2.54 -5.43
CA HIS A 87 -2.25 2.79 -6.17
C HIS A 87 -1.07 2.25 -5.39
N ALA A 88 -0.41 1.22 -5.91
CA ALA A 88 0.77 0.67 -5.27
C ALA A 88 2.02 1.30 -5.85
N TRP A 89 2.65 2.16 -5.07
CA TRP A 89 3.88 2.79 -5.47
C TRP A 89 5.04 2.28 -4.63
N HIS A 90 6.22 2.27 -5.22
CA HIS A 90 7.41 1.79 -4.53
C HIS A 90 8.16 2.97 -3.92
N VAL A 91 8.51 2.85 -2.65
CA VAL A 91 9.30 3.88 -1.99
C VAL A 91 10.78 3.56 -2.12
N PRO A 92 11.48 4.28 -3.01
CA PRO A 92 12.91 4.07 -3.25
C PRO A 92 13.79 4.62 -2.13
N ASP A 93 13.29 5.64 -1.44
CA ASP A 93 14.06 6.31 -0.39
C ASP A 93 13.14 6.94 0.64
N PHE A 94 13.53 6.87 1.91
CA PHE A 94 12.76 7.46 2.99
C PHE A 94 13.67 7.99 4.09
N HIS A 95 13.29 9.12 4.68
CA HIS A 95 14.08 9.74 5.72
C HIS A 95 13.46 9.49 7.10
N GLY A 96 14.21 8.88 7.99
CA GLY A 96 13.72 8.63 9.34
C GLY A 96 13.83 7.17 9.72
N THR A 97 13.17 6.79 10.80
CA THR A 97 13.16 5.41 11.22
C THR A 97 11.73 4.88 11.17
N LEU A 98 11.53 3.86 10.38
CA LEU A 98 10.21 3.33 10.14
C LEU A 98 9.69 2.57 11.36
N GLN A 99 8.59 3.06 11.89
CA GLN A 99 8.00 2.51 13.09
C GLN A 99 6.56 2.10 12.81
N ALA A 100 5.95 1.38 13.73
CA ALA A 100 4.56 0.99 13.58
C ALA A 100 3.69 1.67 14.63
N HIS A 101 2.94 2.68 14.21
CA HIS A 101 2.10 3.44 15.13
C HIS A 101 0.71 2.83 15.24
N GLU A 102 -0.07 2.94 14.16
CA GLU A 102 -1.43 2.41 14.15
C GLU A 102 -1.39 0.90 13.98
N HIS A 103 -0.45 0.44 13.17
CA HIS A 103 -0.23 -0.98 13.00
C HIS A 103 0.73 -1.45 14.08
N GLN A 104 0.71 -2.73 14.41
CA GLN A 104 1.40 -3.21 15.59
C GLN A 104 2.79 -3.75 15.27
N ALA A 105 2.89 -4.59 14.25
CA ALA A 105 4.15 -5.19 13.88
C ALA A 105 4.58 -4.73 12.50
N LEU A 106 5.89 -4.62 12.29
CA LEU A 106 6.44 -4.17 11.02
C LEU A 106 7.55 -5.12 10.59
N VAL A 107 7.41 -5.71 9.41
CA VAL A 107 8.33 -6.75 8.98
C VAL A 107 8.83 -6.50 7.56
N TRP A 108 10.07 -6.93 7.30
CA TRP A 108 10.62 -6.90 5.95
C TRP A 108 10.65 -8.31 5.39
N CYS A 109 9.88 -8.55 4.35
CA CYS A 109 9.82 -9.86 3.72
C CYS A 109 10.13 -9.74 2.23
N SER A 110 10.69 -10.79 1.65
CA SER A 110 10.99 -10.79 0.22
C SER A 110 9.68 -10.77 -0.58
N PRO A 111 9.70 -10.31 -1.84
CA PRO A 111 8.49 -10.25 -2.69
C PRO A 111 7.68 -11.54 -2.65
N GLU A 112 8.32 -12.67 -2.91
CA GLU A 112 7.63 -13.95 -2.92
C GLU A 112 7.13 -14.33 -1.53
N GLU A 113 7.83 -13.86 -0.51
CA GLU A 113 7.44 -14.13 0.88
C GLU A 113 6.13 -13.42 1.20
N ALA A 114 6.00 -12.19 0.72
CA ALA A 114 4.85 -11.35 1.05
C ALA A 114 3.53 -11.99 0.65
N LEU A 115 3.48 -12.61 -0.53
CA LEU A 115 2.26 -13.21 -1.02
C LEU A 115 1.91 -14.49 -0.26
N GLN A 116 2.85 -14.99 0.53
CA GLN A 116 2.60 -16.13 1.41
C GLN A 116 2.05 -15.66 2.75
N TYR A 117 2.06 -14.36 2.96
CA TYR A 117 1.53 -13.76 4.17
C TYR A 117 0.05 -13.47 4.00
N PRO A 118 -0.71 -13.41 5.10
CA PRO A 118 -2.14 -13.09 5.04
C PRO A 118 -2.39 -11.65 4.62
N LEU A 119 -2.32 -11.43 3.31
CA LEU A 119 -2.57 -10.12 2.74
C LEU A 119 -4.04 -9.95 2.40
N ALA A 120 -4.52 -8.71 2.39
CA ALA A 120 -5.90 -8.43 2.04
C ALA A 120 -6.12 -8.61 0.53
N PRO A 121 -7.39 -8.80 0.10
CA PRO A 121 -7.74 -9.04 -1.30
C PRO A 121 -7.32 -7.91 -2.24
N ALA A 122 -6.96 -6.77 -1.68
CA ALA A 122 -6.50 -5.64 -2.46
C ALA A 122 -4.98 -5.66 -2.60
N ASP A 123 -4.31 -6.20 -1.60
CA ASP A 123 -2.85 -6.21 -1.53
C ASP A 123 -2.27 -7.31 -2.39
N ILE A 124 -3.04 -8.38 -2.56
CA ILE A 124 -2.59 -9.54 -3.31
C ILE A 124 -2.26 -9.16 -4.76
N PRO A 125 -3.25 -8.64 -5.53
CA PRO A 125 -3.03 -8.25 -6.93
C PRO A 125 -1.92 -7.21 -7.10
N LEU A 126 -1.70 -6.41 -6.05
CA LEU A 126 -0.69 -5.37 -6.10
C LEU A 126 0.71 -5.98 -5.97
N LEU A 127 0.84 -6.94 -5.08
CA LEU A 127 2.12 -7.62 -4.89
C LEU A 127 2.39 -8.56 -6.06
N GLU A 128 1.33 -9.22 -6.55
CA GLU A 128 1.44 -10.08 -7.72
C GLU A 128 2.11 -9.34 -8.87
N ALA A 129 1.74 -8.07 -9.07
CA ALA A 129 2.31 -7.28 -10.14
C ALA A 129 3.65 -6.67 -9.74
N PHE A 130 3.90 -6.54 -8.43
CA PHE A 130 5.17 -6.00 -7.98
C PHE A 130 6.26 -7.01 -8.25
N MET A 131 5.99 -8.26 -7.91
CA MET A 131 6.92 -9.34 -8.20
C MET A 131 6.97 -9.58 -9.71
N ALA A 132 5.83 -9.38 -10.39
CA ALA A 132 5.79 -9.45 -11.85
C ALA A 132 6.71 -8.43 -12.48
N LEU A 133 6.68 -7.20 -11.97
CA LEU A 133 7.45 -6.11 -12.54
C LEU A 133 8.95 -6.38 -12.44
N ARG A 134 9.35 -7.09 -11.40
CA ARG A 134 10.78 -7.35 -11.16
C ARG A 134 11.20 -8.68 -11.76
N ALA A 135 10.23 -9.55 -12.05
CA ALA A 135 10.52 -10.84 -12.66
C ALA A 135 10.51 -10.73 -14.18
N ALA A 136 9.56 -9.96 -14.69
CA ALA A 136 9.43 -9.76 -16.12
C ALA A 136 10.24 -8.56 -16.56
N ARG A 137 10.18 -7.49 -15.77
CA ARG A 137 10.87 -6.24 -16.03
C ARG A 137 10.38 -5.58 -17.33
N PRO A 138 9.48 -4.58 -17.19
CA PRO A 138 8.93 -3.85 -18.33
C PRO A 138 10.00 -3.22 -19.19
N ALA A 139 9.81 -3.30 -20.49
CA ALA A 139 10.78 -2.77 -21.44
C ALA A 139 10.38 -1.37 -21.87
N ASP A 140 9.23 -0.93 -21.39
CA ASP A 140 8.73 0.39 -21.70
C ASP A 140 8.53 1.18 -20.41
N GLY A 1 -24.71 3.06 -3.20
CA GLY A 1 -25.11 4.22 -4.05
C GLY A 1 -26.52 4.07 -4.56
N PRO A 2 -27.51 4.63 -3.83
CA PRO A 2 -28.94 4.47 -4.15
C PRO A 2 -29.28 4.82 -5.60
N LEU A 3 -29.04 6.07 -5.98
CA LEU A 3 -29.39 6.54 -7.33
C LEU A 3 -28.26 6.24 -8.32
N GLY A 4 -27.55 5.13 -8.08
CA GLY A 4 -26.46 4.75 -8.95
C GLY A 4 -25.21 5.57 -8.68
N SER A 5 -25.27 6.38 -7.64
CA SER A 5 -24.16 7.23 -7.26
C SER A 5 -23.03 6.40 -6.62
N MET A 6 -22.09 5.99 -7.44
CA MET A 6 -20.93 5.26 -6.94
C MET A 6 -19.84 6.25 -6.59
N LYS A 7 -19.46 6.28 -5.32
CA LYS A 7 -18.41 7.17 -4.88
C LYS A 7 -17.09 6.42 -4.87
N MET A 8 -16.02 7.10 -5.27
CA MET A 8 -14.72 6.46 -5.36
C MET A 8 -13.87 6.78 -4.14
N ILE A 9 -13.31 5.73 -3.58
CA ILE A 9 -12.40 5.85 -2.46
C ILE A 9 -11.00 5.58 -2.95
N GLU A 10 -10.18 6.60 -2.99
CA GLU A 10 -8.85 6.45 -3.54
C GLU A 10 -7.86 6.19 -2.44
N VAL A 11 -7.12 5.12 -2.56
CA VAL A 11 -6.16 4.73 -1.55
C VAL A 11 -4.80 4.56 -2.20
N VAL A 12 -3.81 5.20 -1.63
CA VAL A 12 -2.45 5.05 -2.11
C VAL A 12 -1.70 4.07 -1.21
N ALA A 13 -1.00 3.13 -1.83
CA ALA A 13 -0.26 2.13 -1.10
C ALA A 13 1.22 2.34 -1.32
N ALA A 14 1.99 2.32 -0.26
CA ALA A 14 3.41 2.53 -0.34
C ALA A 14 4.14 1.21 -0.24
N ILE A 15 4.84 0.85 -1.30
CA ILE A 15 5.66 -0.34 -1.27
C ILE A 15 7.07 0.08 -0.90
N ILE A 16 7.40 -0.09 0.37
CA ILE A 16 8.69 0.36 0.87
C ILE A 16 9.67 -0.80 0.77
N GLU A 17 10.54 -0.72 -0.22
CA GLU A 17 11.45 -1.81 -0.51
C GLU A 17 12.86 -1.41 -0.12
N ARG A 18 13.38 -2.08 0.90
CA ARG A 18 14.71 -1.80 1.38
C ARG A 18 15.53 -3.08 1.36
N ASP A 19 16.64 -3.04 0.64
CA ASP A 19 17.54 -4.19 0.50
C ASP A 19 16.90 -5.30 -0.32
N GLY A 20 15.80 -4.99 -1.00
CA GLY A 20 15.12 -5.99 -1.79
C GLY A 20 13.93 -6.59 -1.05
N LYS A 21 13.65 -6.09 0.14
CA LYS A 21 12.53 -6.56 0.93
C LYS A 21 11.48 -5.47 1.06
N ILE A 22 10.21 -5.87 1.17
CA ILE A 22 9.11 -4.91 1.25
C ILE A 22 8.60 -4.82 2.69
N LEU A 23 8.12 -3.65 3.06
CA LEU A 23 7.61 -3.43 4.40
C LEU A 23 6.12 -3.77 4.50
N LEU A 24 5.82 -4.72 5.36
CA LEU A 24 4.43 -5.13 5.61
C LEU A 24 4.06 -4.81 7.05
N ALA A 25 2.80 -4.49 7.27
CA ALA A 25 2.31 -4.14 8.59
C ALA A 25 1.21 -5.08 9.04
N GLN A 26 1.48 -5.82 10.12
CA GLN A 26 0.50 -6.75 10.68
C GLN A 26 -0.57 -5.99 11.46
N ARG A 27 -1.73 -5.84 10.81
CA ARG A 27 -2.92 -5.19 11.37
C ARG A 27 -3.81 -4.71 10.24
N PRO A 28 -5.05 -5.20 10.18
CA PRO A 28 -6.03 -4.75 9.20
C PRO A 28 -6.77 -3.49 9.68
N ALA A 29 -8.03 -3.34 9.31
CA ALA A 29 -8.80 -2.17 9.70
C ALA A 29 -10.22 -2.53 10.11
N GLN A 30 -10.93 -3.19 9.23
CA GLN A 30 -12.32 -3.56 9.47
C GLN A 30 -12.40 -4.91 10.16
N SER A 31 -11.30 -5.66 10.09
CA SER A 31 -11.23 -6.96 10.71
C SER A 31 -10.71 -6.84 12.14
N ASP A 32 -11.27 -7.63 13.03
CA ASP A 32 -10.83 -7.65 14.43
C ASP A 32 -9.72 -8.68 14.60
N GLN A 33 -9.75 -9.68 13.72
CA GLN A 33 -8.75 -10.73 13.71
C GLN A 33 -7.36 -10.17 13.38
N ALA A 34 -6.38 -10.56 14.17
CA ALA A 34 -5.01 -10.12 13.98
C ALA A 34 -4.19 -11.20 13.29
N GLY A 35 -3.03 -10.81 12.77
CA GLY A 35 -2.16 -11.77 12.13
C GLY A 35 -2.00 -11.50 10.65
N LEU A 36 -2.99 -10.86 10.05
CA LEU A 36 -2.94 -10.52 8.64
C LEU A 36 -2.01 -9.33 8.39
N TRP A 37 -1.34 -9.36 7.25
CA TRP A 37 -0.45 -8.28 6.87
C TRP A 37 -1.06 -7.47 5.73
N GLU A 38 -0.77 -6.18 5.71
CA GLU A 38 -1.18 -5.32 4.61
C GLU A 38 -0.13 -4.24 4.38
N PHE A 39 -0.13 -3.64 3.21
CA PHE A 39 0.84 -2.62 2.87
C PHE A 39 0.45 -1.28 3.48
N ALA A 40 1.44 -0.44 3.73
CA ALA A 40 1.20 0.85 4.35
C ALA A 40 0.72 1.87 3.32
N GLY A 41 0.10 2.93 3.78
CA GLY A 41 -0.41 3.94 2.89
C GLY A 41 -1.58 4.66 3.51
N GLY A 42 -2.59 4.93 2.71
CA GLY A 42 -3.76 5.62 3.23
C GLY A 42 -4.66 6.16 2.13
N LYS A 43 -5.77 6.75 2.54
CA LYS A 43 -6.72 7.31 1.59
C LYS A 43 -6.22 8.65 1.06
N VAL A 44 -6.63 8.98 -0.15
CA VAL A 44 -6.28 10.25 -0.76
C VAL A 44 -7.43 11.22 -0.59
N GLU A 45 -7.16 12.34 0.07
CA GLU A 45 -8.14 13.39 0.21
C GLU A 45 -8.09 14.31 -1.01
N PRO A 46 -9.17 15.04 -1.30
CA PRO A 46 -9.27 15.88 -2.50
C PRO A 46 -8.43 17.14 -2.38
N ASP A 47 -7.71 17.27 -1.28
CA ASP A 47 -6.88 18.43 -1.03
C ASP A 47 -5.42 18.15 -1.31
N GLU A 48 -5.11 16.89 -1.56
CA GLU A 48 -3.72 16.46 -1.63
C GLU A 48 -3.43 15.62 -2.87
N SER A 49 -2.15 15.38 -3.09
CA SER A 49 -1.69 14.59 -4.23
C SER A 49 -1.44 13.14 -3.82
N GLN A 50 -1.37 12.24 -4.80
CA GLN A 50 -1.20 10.81 -4.55
C GLN A 50 0.09 10.56 -3.74
N ARG A 51 1.21 11.05 -4.26
CA ARG A 51 2.50 10.87 -3.60
C ARG A 51 2.52 11.59 -2.26
N GLN A 52 1.79 12.70 -2.21
CA GLN A 52 1.76 13.55 -1.04
C GLN A 52 1.01 12.86 0.10
N ALA A 53 -0.07 12.17 -0.25
CA ALA A 53 -0.84 11.41 0.71
C ALA A 53 0.03 10.32 1.34
N LEU A 54 0.80 9.63 0.51
CA LEU A 54 1.69 8.58 1.00
C LEU A 54 2.75 9.15 1.94
N VAL A 55 3.34 10.25 1.53
CA VAL A 55 4.41 10.87 2.31
C VAL A 55 3.92 11.26 3.70
N ARG A 56 2.72 11.83 3.78
CA ARG A 56 2.19 12.24 5.06
C ARG A 56 1.68 11.04 5.87
N GLU A 57 0.98 10.11 5.22
CA GLU A 57 0.44 8.94 5.90
C GLU A 57 1.54 8.13 6.57
N LEU A 58 2.60 7.84 5.82
CA LEU A 58 3.74 7.14 6.37
C LEU A 58 4.42 7.97 7.46
N ARG A 59 4.39 9.29 7.34
CA ARG A 59 4.90 10.14 8.40
C ARG A 59 4.08 9.97 9.68
N GLU A 60 2.77 9.81 9.51
CA GLU A 60 1.88 9.67 10.65
C GLU A 60 1.91 8.25 11.19
N GLU A 61 1.83 7.27 10.29
CA GLU A 61 1.78 5.87 10.70
C GLU A 61 3.16 5.31 10.93
N LEU A 62 4.06 5.47 9.96
CA LEU A 62 5.35 4.82 10.04
C LEU A 62 6.44 5.78 10.52
N GLY A 63 6.05 6.98 10.93
CA GLY A 63 7.00 8.01 11.32
C GLY A 63 8.17 8.20 10.36
N ILE A 64 7.94 8.03 9.07
CA ILE A 64 9.03 8.16 8.10
C ILE A 64 8.71 9.18 7.01
N GLU A 65 9.73 9.87 6.54
CA GLU A 65 9.61 10.76 5.41
C GLU A 65 9.90 9.98 4.13
N ALA A 66 8.86 9.46 3.51
CA ALA A 66 9.03 8.62 2.33
C ALA A 66 9.22 9.45 1.07
N THR A 67 9.97 8.91 0.14
CA THR A 67 10.16 9.53 -1.14
C THR A 67 9.49 8.69 -2.22
N VAL A 68 8.34 9.14 -2.69
CA VAL A 68 7.56 8.39 -3.66
C VAL A 68 7.99 8.71 -5.08
N GLY A 69 8.40 7.70 -5.84
CA GLY A 69 8.92 7.95 -7.17
C GLY A 69 9.07 6.71 -8.03
N GLU A 70 7.94 6.20 -8.55
CA GLU A 70 7.86 5.09 -9.54
C GLU A 70 6.58 4.28 -9.30
N TYR A 71 5.72 4.23 -10.31
CA TYR A 71 4.42 3.55 -10.22
C TYR A 71 4.58 2.04 -10.41
N VAL A 72 3.98 1.26 -9.51
CA VAL A 72 4.00 -0.20 -9.67
C VAL A 72 2.72 -0.71 -10.31
N ALA A 73 1.59 -0.64 -9.60
CA ALA A 73 0.31 -1.07 -10.14
C ALA A 73 -0.86 -0.43 -9.42
N SER A 74 -2.05 -0.61 -9.94
CA SER A 74 -3.25 -0.10 -9.31
C SER A 74 -4.35 -1.16 -9.34
N HIS A 75 -5.19 -1.18 -8.32
CA HIS A 75 -6.26 -2.16 -8.24
C HIS A 75 -7.55 -1.52 -7.74
N GLN A 76 -8.67 -2.02 -8.21
CA GLN A 76 -9.97 -1.56 -7.76
C GLN A 76 -10.70 -2.65 -6.97
N ARG A 77 -11.37 -2.23 -5.93
CA ARG A 77 -12.23 -3.11 -5.16
C ARG A 77 -13.38 -2.25 -4.63
N GLU A 78 -14.40 -2.85 -4.06
CA GLU A 78 -15.50 -2.03 -3.55
C GLU A 78 -15.68 -2.22 -2.05
N VAL A 79 -16.15 -1.16 -1.40
CA VAL A 79 -16.51 -1.21 0.00
C VAL A 79 -17.95 -0.71 0.17
N SER A 80 -18.90 -1.64 0.21
CA SER A 80 -20.31 -1.32 0.36
C SER A 80 -20.76 -0.26 -0.66
N GLY A 81 -20.73 -0.63 -1.94
CA GLY A 81 -21.17 0.26 -3.00
C GLY A 81 -20.26 1.45 -3.23
N ARG A 82 -19.05 1.40 -2.68
CA ARG A 82 -18.06 2.44 -2.92
C ARG A 82 -16.84 1.82 -3.60
N ILE A 83 -16.35 2.45 -4.64
CA ILE A 83 -15.28 1.85 -5.42
C ILE A 83 -13.92 2.37 -4.96
N ILE A 84 -13.16 1.49 -4.32
CA ILE A 84 -11.84 1.83 -3.82
C ILE A 84 -10.80 1.64 -4.92
N HIS A 85 -9.98 2.65 -5.11
CA HIS A 85 -8.99 2.67 -6.18
C HIS A 85 -7.60 2.79 -5.58
N LEU A 86 -6.92 1.66 -5.45
CA LEU A 86 -5.61 1.61 -4.81
C LEU A 86 -4.50 1.87 -5.81
N HIS A 87 -3.59 2.76 -5.43
CA HIS A 87 -2.41 3.08 -6.24
C HIS A 87 -1.15 2.61 -5.53
N ALA A 88 -0.47 1.61 -6.08
CA ALA A 88 0.76 1.11 -5.48
C ALA A 88 1.97 1.85 -6.01
N TRP A 89 2.57 2.65 -5.15
CA TRP A 89 3.79 3.37 -5.49
C TRP A 89 4.96 2.75 -4.75
N HIS A 90 6.06 2.57 -5.45
CA HIS A 90 7.26 2.02 -4.84
C HIS A 90 8.04 3.13 -4.16
N VAL A 91 8.33 2.94 -2.88
CA VAL A 91 9.14 3.88 -2.14
C VAL A 91 10.60 3.46 -2.21
N PRO A 92 11.38 4.13 -3.07
CA PRO A 92 12.81 3.83 -3.25
C PRO A 92 13.65 4.25 -2.06
N ASP A 93 13.14 5.20 -1.28
CA ASP A 93 13.88 5.72 -0.13
C ASP A 93 12.94 6.36 0.88
N PHE A 94 13.33 6.28 2.16
CA PHE A 94 12.57 6.89 3.23
C PHE A 94 13.53 7.43 4.28
N HIS A 95 13.18 8.53 4.91
CA HIS A 95 14.02 9.11 5.96
C HIS A 95 13.35 8.95 7.32
N GLY A 96 14.02 8.26 8.22
CA GLY A 96 13.49 8.06 9.55
C GLY A 96 13.54 6.60 9.98
N THR A 97 12.82 6.28 11.04
CA THR A 97 12.78 4.91 11.54
C THR A 97 11.35 4.40 11.56
N LEU A 98 11.18 3.23 10.98
CA LEU A 98 9.87 2.61 10.83
C LEU A 98 9.21 2.37 12.18
N GLN A 99 7.97 2.82 12.27
CA GLN A 99 7.16 2.60 13.46
C GLN A 99 5.72 2.27 13.04
N ALA A 100 4.99 1.59 13.88
CA ALA A 100 3.59 1.29 13.59
C ALA A 100 2.66 2.04 14.54
N HIS A 101 1.73 2.81 13.97
CA HIS A 101 0.74 3.54 14.74
C HIS A 101 -0.58 2.77 14.79
N GLU A 102 -1.22 2.64 13.63
CA GLU A 102 -2.47 1.89 13.53
C GLU A 102 -2.20 0.40 13.53
N HIS A 103 -1.05 0.02 13.03
CA HIS A 103 -0.70 -1.38 12.88
C HIS A 103 0.14 -1.82 14.07
N GLN A 104 0.26 -3.13 14.27
CA GLN A 104 0.97 -3.65 15.43
C GLN A 104 2.43 -3.94 15.11
N ALA A 105 2.64 -4.90 14.21
CA ALA A 105 3.98 -5.35 13.89
C ALA A 105 4.38 -4.86 12.51
N LEU A 106 5.67 -4.62 12.34
CA LEU A 106 6.20 -4.18 11.06
C LEU A 106 7.28 -5.16 10.61
N VAL A 107 7.13 -5.70 9.42
CA VAL A 107 8.03 -6.74 8.96
C VAL A 107 8.44 -6.53 7.50
N TRP A 108 9.73 -6.56 7.27
CA TRP A 108 10.24 -6.54 5.91
C TRP A 108 10.49 -7.95 5.41
N CYS A 109 9.90 -8.26 4.28
CA CYS A 109 10.03 -9.58 3.67
C CYS A 109 10.06 -9.43 2.16
N SER A 110 10.61 -10.42 1.47
CA SER A 110 10.78 -10.36 0.03
C SER A 110 9.42 -10.48 -0.66
N PRO A 111 9.30 -9.95 -1.88
CA PRO A 111 8.05 -9.97 -2.64
C PRO A 111 7.37 -11.35 -2.66
N GLU A 112 8.14 -12.37 -2.97
CA GLU A 112 7.60 -13.73 -3.07
C GLU A 112 7.14 -14.22 -1.70
N GLU A 113 7.88 -13.85 -0.66
CA GLU A 113 7.51 -14.22 0.71
C GLU A 113 6.23 -13.51 1.11
N ALA A 114 6.09 -12.26 0.68
CA ALA A 114 4.95 -11.42 1.05
C ALA A 114 3.64 -12.02 0.59
N LEU A 115 3.59 -12.48 -0.66
CA LEU A 115 2.36 -12.99 -1.24
C LEU A 115 1.97 -14.34 -0.64
N GLN A 116 2.92 -14.98 0.05
CA GLN A 116 2.63 -16.26 0.71
C GLN A 116 1.94 -16.03 2.04
N TYR A 117 1.86 -14.77 2.45
CA TYR A 117 1.24 -14.42 3.73
C TYR A 117 -0.18 -13.90 3.52
N PRO A 118 -0.98 -13.82 4.60
CA PRO A 118 -2.36 -13.37 4.52
C PRO A 118 -2.49 -11.88 4.20
N LEU A 119 -2.28 -11.55 2.94
CA LEU A 119 -2.43 -10.19 2.45
C LEU A 119 -3.89 -9.95 2.05
N ALA A 120 -4.31 -8.69 2.12
CA ALA A 120 -5.67 -8.32 1.75
C ALA A 120 -5.87 -8.46 0.24
N PRO A 121 -7.13 -8.66 -0.20
CA PRO A 121 -7.45 -8.95 -1.61
C PRO A 121 -7.00 -7.86 -2.60
N ALA A 122 -6.65 -6.69 -2.09
CA ALA A 122 -6.21 -5.60 -2.96
C ALA A 122 -4.69 -5.53 -3.00
N ASP A 123 -4.05 -6.01 -1.95
CA ASP A 123 -2.61 -5.98 -1.83
C ASP A 123 -2.00 -7.10 -2.66
N ILE A 124 -2.78 -8.14 -2.87
CA ILE A 124 -2.33 -9.30 -3.63
C ILE A 124 -2.02 -8.92 -5.10
N PRO A 125 -3.00 -8.39 -5.85
CA PRO A 125 -2.80 -7.97 -7.25
C PRO A 125 -1.65 -6.98 -7.41
N LEU A 126 -1.43 -6.14 -6.41
CA LEU A 126 -0.39 -5.14 -6.44
C LEU A 126 0.98 -5.79 -6.25
N LEU A 127 1.06 -6.68 -5.29
CA LEU A 127 2.30 -7.39 -5.03
C LEU A 127 2.58 -8.37 -6.17
N GLU A 128 1.52 -9.00 -6.68
CA GLU A 128 1.62 -9.90 -7.83
C GLU A 128 2.37 -9.25 -8.97
N ALA A 129 2.05 -7.99 -9.27
CA ALA A 129 2.71 -7.29 -10.36
C ALA A 129 4.07 -6.75 -9.95
N PHE A 130 4.29 -6.60 -8.65
CA PHE A 130 5.56 -6.10 -8.17
C PHE A 130 6.60 -7.19 -8.30
N MET A 131 6.25 -8.38 -7.85
CA MET A 131 7.12 -9.53 -8.03
C MET A 131 7.19 -9.90 -9.51
N ALA A 132 6.10 -9.68 -10.24
CA ALA A 132 6.11 -9.82 -11.69
C ALA A 132 7.13 -8.89 -12.33
N LEU A 133 7.21 -7.68 -11.80
CA LEU A 133 8.13 -6.69 -12.32
C LEU A 133 9.58 -7.09 -12.04
N ARG A 134 9.80 -7.73 -10.91
CA ARG A 134 11.14 -8.21 -10.58
C ARG A 134 11.45 -9.54 -11.26
N ALA A 135 10.43 -10.23 -11.73
CA ALA A 135 10.62 -11.51 -12.41
C ALA A 135 10.89 -11.31 -13.89
N ALA A 136 10.24 -10.31 -14.46
CA ALA A 136 10.43 -9.98 -15.87
C ALA A 136 11.47 -8.88 -16.03
N ARG A 137 11.49 -7.98 -15.06
CA ARG A 137 12.40 -6.83 -15.06
C ARG A 137 12.25 -5.98 -16.31
N PRO A 138 11.33 -5.00 -16.28
CA PRO A 138 11.11 -4.07 -17.38
C PRO A 138 12.37 -3.31 -17.75
N ALA A 139 12.95 -3.68 -18.86
CA ALA A 139 14.17 -3.07 -19.33
C ALA A 139 14.00 -2.55 -20.75
N ASP A 140 12.77 -2.62 -21.23
CA ASP A 140 12.46 -2.15 -22.57
C ASP A 140 11.01 -1.67 -22.61
N GLY A 1 -30.93 12.24 -11.60
CA GLY A 1 -29.67 12.01 -12.36
C GLY A 1 -29.45 10.53 -12.62
N PRO A 2 -28.23 10.03 -12.38
CA PRO A 2 -27.93 8.60 -12.49
C PRO A 2 -28.58 7.82 -11.36
N LEU A 3 -28.94 6.58 -11.61
CA LEU A 3 -29.53 5.73 -10.60
C LEU A 3 -28.47 5.36 -9.57
N GLY A 4 -27.30 5.01 -10.08
CA GLY A 4 -26.17 4.69 -9.22
C GLY A 4 -25.02 5.65 -9.44
N SER A 5 -24.94 6.66 -8.59
CA SER A 5 -23.90 7.68 -8.68
C SER A 5 -22.51 7.04 -8.63
N MET A 6 -22.31 6.19 -7.62
CA MET A 6 -21.04 5.47 -7.42
C MET A 6 -19.92 6.45 -7.07
N LYS A 7 -19.56 6.49 -5.80
CA LYS A 7 -18.48 7.35 -5.34
C LYS A 7 -17.16 6.62 -5.46
N MET A 8 -16.12 7.33 -5.87
CA MET A 8 -14.81 6.74 -6.01
C MET A 8 -13.98 6.94 -4.75
N ILE A 9 -13.45 5.85 -4.26
CA ILE A 9 -12.60 5.86 -3.09
C ILE A 9 -11.18 5.57 -3.54
N GLU A 10 -10.35 6.59 -3.56
CA GLU A 10 -9.01 6.44 -4.09
C GLU A 10 -8.04 6.23 -2.94
N VAL A 11 -7.38 5.09 -2.96
CA VAL A 11 -6.51 4.70 -1.87
C VAL A 11 -5.09 4.54 -2.38
N VAL A 12 -4.13 4.97 -1.58
CA VAL A 12 -2.74 4.83 -1.95
C VAL A 12 -2.04 3.85 -1.02
N ALA A 13 -1.30 2.92 -1.62
CA ALA A 13 -0.59 1.90 -0.87
C ALA A 13 0.90 2.14 -1.01
N ALA A 14 1.59 2.22 0.10
CA ALA A 14 3.01 2.48 0.10
C ALA A 14 3.76 1.19 0.36
N ILE A 15 4.43 0.70 -0.66
CA ILE A 15 5.22 -0.49 -0.54
C ILE A 15 6.64 -0.11 -0.21
N ILE A 16 7.02 -0.32 1.05
CA ILE A 16 8.36 0.01 1.51
C ILE A 16 9.29 -1.13 1.14
N GLU A 17 10.08 -0.95 0.10
CA GLU A 17 10.97 -2.01 -0.34
C GLU A 17 12.40 -1.54 -0.21
N ARG A 18 13.13 -2.23 0.64
CA ARG A 18 14.51 -1.91 0.91
C ARG A 18 15.34 -3.19 0.95
N ASP A 19 16.42 -3.21 0.18
CA ASP A 19 17.33 -4.36 0.13
C ASP A 19 16.66 -5.57 -0.51
N GLY A 20 15.56 -5.34 -1.22
CA GLY A 20 14.84 -6.43 -1.83
C GLY A 20 13.74 -6.96 -0.94
N LYS A 21 13.55 -6.31 0.20
CA LYS A 21 12.55 -6.74 1.16
C LYS A 21 11.47 -5.68 1.30
N ILE A 22 10.24 -6.11 1.43
CA ILE A 22 9.11 -5.21 1.55
C ILE A 22 8.63 -5.16 2.99
N LEU A 23 8.20 -3.99 3.41
CA LEU A 23 7.70 -3.79 4.76
C LEU A 23 6.25 -4.21 4.87
N LEU A 24 6.02 -5.30 5.57
CA LEU A 24 4.67 -5.78 5.86
C LEU A 24 4.28 -5.32 7.25
N ALA A 25 3.12 -4.68 7.36
CA ALA A 25 2.67 -4.16 8.64
C ALA A 25 1.37 -4.81 9.06
N GLN A 26 1.42 -5.60 10.12
CA GLN A 26 0.26 -6.35 10.57
C GLN A 26 -0.82 -5.45 11.17
N ARG A 27 -1.92 -5.30 10.42
CA ARG A 27 -3.16 -4.68 10.91
C ARG A 27 -4.07 -4.28 9.75
N PRO A 28 -5.23 -4.92 9.64
CA PRO A 28 -6.26 -4.55 8.64
C PRO A 28 -6.80 -3.16 8.90
N ALA A 29 -6.53 -2.71 10.12
CA ALA A 29 -6.83 -1.36 10.57
C ALA A 29 -8.30 -1.19 10.97
N GLN A 30 -9.17 -1.10 9.97
CA GLN A 30 -10.58 -0.85 10.24
C GLN A 30 -11.34 -2.14 10.53
N SER A 31 -10.61 -3.25 10.55
CA SER A 31 -11.20 -4.52 10.92
C SER A 31 -10.78 -4.90 12.33
N ASP A 32 -11.62 -5.67 13.01
CA ASP A 32 -11.38 -6.02 14.41
C ASP A 32 -10.47 -7.23 14.54
N GLN A 33 -10.18 -7.86 13.42
CA GLN A 33 -9.33 -9.04 13.40
C GLN A 33 -7.86 -8.65 13.23
N ALA A 34 -6.96 -9.56 13.54
CA ALA A 34 -5.54 -9.32 13.39
C ALA A 34 -4.82 -10.57 12.88
N GLY A 35 -3.50 -10.51 12.82
CA GLY A 35 -2.74 -11.65 12.35
C GLY A 35 -2.34 -11.51 10.89
N LEU A 36 -3.14 -10.78 10.14
CA LEU A 36 -2.88 -10.51 8.75
C LEU A 36 -1.81 -9.43 8.60
N TRP A 37 -1.11 -9.45 7.48
CA TRP A 37 -0.13 -8.42 7.17
C TRP A 37 -0.60 -7.62 5.96
N GLU A 38 -0.38 -6.31 6.00
CA GLU A 38 -0.84 -5.44 4.92
C GLU A 38 0.21 -4.35 4.66
N PHE A 39 0.07 -3.67 3.53
CA PHE A 39 0.97 -2.55 3.22
C PHE A 39 0.49 -1.29 3.91
N ALA A 40 1.37 -0.32 4.06
CA ALA A 40 1.01 0.94 4.69
C ALA A 40 0.51 1.92 3.64
N GLY A 41 0.06 3.09 4.07
CA GLY A 41 -0.42 4.08 3.14
C GLY A 41 -1.63 4.81 3.67
N GLY A 42 -2.63 4.98 2.83
CA GLY A 42 -3.82 5.68 3.26
C GLY A 42 -4.75 5.98 2.10
N LYS A 43 -5.42 7.11 2.17
CA LYS A 43 -6.41 7.47 1.18
C LYS A 43 -6.08 8.84 0.59
N VAL A 44 -6.50 9.07 -0.65
CA VAL A 44 -6.17 10.29 -1.35
C VAL A 44 -7.29 11.30 -1.20
N GLU A 45 -7.03 12.39 -0.51
CA GLU A 45 -8.01 13.45 -0.41
C GLU A 45 -7.94 14.31 -1.65
N PRO A 46 -9.08 14.75 -2.17
CA PRO A 46 -9.14 15.54 -3.40
C PRO A 46 -8.17 16.72 -3.40
N ASP A 47 -8.03 17.34 -2.23
CA ASP A 47 -7.19 18.53 -2.11
C ASP A 47 -5.70 18.20 -2.04
N GLU A 48 -5.35 16.92 -2.05
CA GLU A 48 -3.96 16.53 -2.00
C GLU A 48 -3.62 15.52 -3.10
N SER A 49 -2.33 15.20 -3.21
CA SER A 49 -1.84 14.34 -4.29
C SER A 49 -1.52 12.95 -3.75
N GLN A 50 -1.37 11.98 -4.66
CA GLN A 50 -1.10 10.59 -4.29
C GLN A 50 0.22 10.48 -3.51
N ARG A 51 1.30 10.99 -4.12
CA ARG A 51 2.61 10.94 -3.47
C ARG A 51 2.58 11.72 -2.16
N GLN A 52 1.78 12.78 -2.14
CA GLN A 52 1.70 13.66 -0.98
C GLN A 52 0.99 12.95 0.17
N ALA A 53 -0.13 12.31 -0.15
CA ALA A 53 -0.91 11.58 0.83
C ALA A 53 -0.07 10.48 1.48
N LEU A 54 0.64 9.73 0.66
CA LEU A 54 1.50 8.66 1.16
C LEU A 54 2.59 9.22 2.07
N VAL A 55 3.22 10.30 1.64
CA VAL A 55 4.31 10.89 2.40
C VAL A 55 3.83 11.36 3.77
N ARG A 56 2.69 12.04 3.81
CA ARG A 56 2.20 12.60 5.06
C ARG A 56 1.70 11.48 6.00
N GLU A 57 1.03 10.48 5.44
CA GLU A 57 0.56 9.34 6.23
C GLU A 57 1.71 8.54 6.81
N LEU A 58 2.72 8.22 6.01
CA LEU A 58 3.83 7.42 6.51
C LEU A 58 4.61 8.18 7.57
N ARG A 59 4.70 9.49 7.42
CA ARG A 59 5.32 10.33 8.43
C ARG A 59 4.64 10.16 9.78
N GLU A 60 3.33 9.92 9.74
CA GLU A 60 2.56 9.77 10.97
C GLU A 60 2.53 8.31 11.44
N GLU A 61 2.31 7.40 10.50
CA GLU A 61 2.11 6.00 10.87
C GLU A 61 3.41 5.22 10.93
N LEU A 62 4.33 5.50 10.03
CA LEU A 62 5.56 4.73 9.98
C LEU A 62 6.71 5.48 10.63
N GLY A 63 6.59 6.80 10.76
CA GLY A 63 7.63 7.56 11.41
C GLY A 63 8.76 7.91 10.46
N ILE A 64 8.51 7.76 9.16
CA ILE A 64 9.52 8.02 8.15
C ILE A 64 9.04 9.06 7.15
N GLU A 65 9.98 9.89 6.69
CA GLU A 65 9.73 10.81 5.59
C GLU A 65 9.98 10.09 4.29
N ALA A 66 8.92 9.61 3.65
CA ALA A 66 9.05 8.78 2.48
C ALA A 66 9.22 9.59 1.21
N THR A 67 9.96 9.02 0.27
CA THR A 67 10.14 9.62 -1.04
C THR A 67 9.44 8.74 -2.08
N VAL A 68 8.31 9.19 -2.58
CA VAL A 68 7.53 8.41 -3.53
C VAL A 68 7.93 8.78 -4.95
N GLY A 69 8.32 7.79 -5.74
CA GLY A 69 8.78 8.08 -7.09
C GLY A 69 9.00 6.84 -7.94
N GLU A 70 7.90 6.15 -8.29
CA GLU A 70 7.90 4.95 -9.14
C GLU A 70 6.62 4.14 -8.87
N TYR A 71 5.67 4.23 -9.80
CA TYR A 71 4.36 3.59 -9.65
C TYR A 71 4.44 2.10 -9.99
N VAL A 72 3.93 1.25 -9.11
CA VAL A 72 4.00 -0.19 -9.31
C VAL A 72 2.71 -0.77 -9.85
N ALA A 73 1.67 -0.80 -9.03
CA ALA A 73 0.44 -1.49 -9.40
C ALA A 73 -0.81 -0.70 -9.05
N SER A 74 -1.96 -1.29 -9.33
CA SER A 74 -3.25 -0.68 -9.06
C SER A 74 -4.35 -1.72 -9.09
N HIS A 75 -5.26 -1.65 -8.13
CA HIS A 75 -6.38 -2.58 -8.10
C HIS A 75 -7.67 -1.83 -7.80
N GLN A 76 -8.68 -2.09 -8.60
CA GLN A 76 -9.98 -1.49 -8.42
C GLN A 76 -10.98 -2.53 -7.92
N ARG A 77 -11.77 -2.14 -6.94
CA ARG A 77 -12.79 -3.00 -6.37
C ARG A 77 -13.89 -2.13 -5.80
N GLU A 78 -14.95 -2.73 -5.30
CA GLU A 78 -16.04 -1.94 -4.75
C GLU A 78 -16.20 -2.22 -3.25
N VAL A 79 -16.71 -1.22 -2.54
CA VAL A 79 -17.10 -1.38 -1.15
C VAL A 79 -18.54 -0.90 -0.99
N SER A 80 -19.48 -1.82 -1.08
CA SER A 80 -20.89 -1.52 -1.00
C SER A 80 -21.28 -0.38 -1.96
N GLY A 81 -21.12 -0.65 -3.26
CA GLY A 81 -21.52 0.32 -4.27
C GLY A 81 -20.47 1.38 -4.58
N ARG A 82 -19.51 1.57 -3.68
CA ARG A 82 -18.48 2.58 -3.88
C ARG A 82 -17.21 1.94 -4.44
N ILE A 83 -16.65 2.56 -5.46
CA ILE A 83 -15.52 1.98 -6.18
C ILE A 83 -14.19 2.43 -5.55
N ILE A 84 -13.46 1.49 -5.00
CA ILE A 84 -12.15 1.76 -4.45
C ILE A 84 -11.07 1.54 -5.48
N HIS A 85 -10.14 2.48 -5.57
CA HIS A 85 -9.05 2.43 -6.53
C HIS A 85 -7.72 2.54 -5.81
N LEU A 86 -7.09 1.40 -5.57
CA LEU A 86 -5.83 1.37 -4.83
C LEU A 86 -4.62 1.56 -5.75
N HIS A 87 -3.71 2.43 -5.33
CA HIS A 87 -2.51 2.73 -6.09
C HIS A 87 -1.29 2.22 -5.33
N ALA A 88 -0.60 1.23 -5.88
CA ALA A 88 0.58 0.68 -5.22
C ALA A 88 1.84 1.40 -5.67
N TRP A 89 2.42 2.17 -4.76
CA TRP A 89 3.65 2.90 -5.05
C TRP A 89 4.82 2.27 -4.32
N HIS A 90 5.99 2.34 -4.92
CA HIS A 90 7.21 1.92 -4.26
C HIS A 90 7.97 3.14 -3.79
N VAL A 91 8.33 3.16 -2.52
CA VAL A 91 9.16 4.23 -1.99
C VAL A 91 10.64 3.84 -2.06
N PRO A 92 11.37 4.42 -3.03
CA PRO A 92 12.79 4.14 -3.24
C PRO A 92 13.68 4.74 -2.15
N ASP A 93 13.09 5.57 -1.31
CA ASP A 93 13.85 6.24 -0.24
C ASP A 93 12.92 6.66 0.88
N PHE A 94 13.43 6.60 2.10
CA PHE A 94 12.71 7.10 3.28
C PHE A 94 13.69 7.56 4.34
N HIS A 95 13.34 8.61 5.07
CA HIS A 95 14.19 9.14 6.12
C HIS A 95 13.56 8.90 7.49
N GLY A 96 14.31 8.24 8.37
CA GLY A 96 13.82 7.95 9.71
C GLY A 96 13.88 6.46 10.01
N THR A 97 13.10 6.02 10.99
CA THR A 97 13.05 4.61 11.30
C THR A 97 11.61 4.13 11.20
N LEU A 98 11.41 3.09 10.41
CA LEU A 98 10.07 2.59 10.16
C LEU A 98 9.55 1.82 11.35
N GLN A 99 8.43 2.27 11.86
CA GLN A 99 7.82 1.72 13.05
C GLN A 99 6.31 1.68 12.86
N ALA A 100 5.62 0.96 13.73
CA ALA A 100 4.18 0.84 13.60
C ALA A 100 3.46 1.74 14.59
N HIS A 101 2.82 2.78 14.07
CA HIS A 101 2.00 3.64 14.90
C HIS A 101 0.60 3.03 15.05
N GLU A 102 -0.13 2.93 13.94
CA GLU A 102 -1.45 2.35 13.96
C GLU A 102 -1.36 0.83 13.85
N HIS A 103 -0.40 0.34 13.06
CA HIS A 103 -0.24 -1.10 12.87
C HIS A 103 0.41 -1.73 14.10
N GLN A 104 0.53 -3.05 14.12
CA GLN A 104 1.11 -3.75 15.26
C GLN A 104 2.60 -4.01 15.06
N ALA A 105 2.92 -4.97 14.20
CA ALA A 105 4.31 -5.36 14.00
C ALA A 105 4.73 -5.17 12.54
N LEU A 106 6.04 -5.16 12.30
CA LEU A 106 6.58 -5.00 10.97
C LEU A 106 7.46 -6.19 10.63
N VAL A 107 7.34 -6.69 9.41
CA VAL A 107 8.25 -7.72 8.93
C VAL A 107 8.72 -7.39 7.53
N TRP A 108 10.03 -7.45 7.32
CA TRP A 108 10.59 -7.23 6.00
C TRP A 108 10.91 -8.55 5.33
N CYS A 109 10.30 -8.75 4.18
CA CYS A 109 10.51 -9.97 3.39
C CYS A 109 10.45 -9.63 1.91
N SER A 110 11.06 -10.46 1.10
CA SER A 110 11.11 -10.22 -0.34
C SER A 110 9.70 -10.33 -0.93
N PRO A 111 9.45 -9.68 -2.08
CA PRO A 111 8.13 -9.69 -2.73
C PRO A 111 7.55 -11.09 -2.89
N GLU A 112 8.39 -12.03 -3.27
CA GLU A 112 7.94 -13.41 -3.48
C GLU A 112 7.52 -14.06 -2.15
N GLU A 113 8.19 -13.67 -1.07
CA GLU A 113 7.86 -14.15 0.27
C GLU A 113 6.56 -13.52 0.75
N ALA A 114 6.40 -12.22 0.48
CA ALA A 114 5.28 -11.44 0.99
C ALA A 114 3.93 -12.01 0.59
N LEU A 115 3.84 -12.51 -0.63
CA LEU A 115 2.58 -13.00 -1.17
C LEU A 115 2.18 -14.32 -0.50
N GLN A 116 3.12 -14.92 0.22
CA GLN A 116 2.87 -16.15 0.95
C GLN A 116 2.30 -15.84 2.33
N TYR A 117 2.31 -14.56 2.69
CA TYR A 117 1.81 -14.12 3.97
C TYR A 117 0.32 -13.81 3.85
N PRO A 118 -0.39 -13.66 4.99
CA PRO A 118 -1.80 -13.30 4.98
C PRO A 118 -2.01 -11.83 4.62
N LEU A 119 -1.82 -11.51 3.35
CA LEU A 119 -2.01 -10.14 2.87
C LEU A 119 -3.49 -9.86 2.63
N ALA A 120 -3.88 -8.61 2.78
CA ALA A 120 -5.25 -8.20 2.53
C ALA A 120 -5.66 -8.49 1.08
N PRO A 121 -6.96 -8.71 0.84
CA PRO A 121 -7.47 -9.06 -0.50
C PRO A 121 -7.23 -7.96 -1.53
N ALA A 122 -6.84 -6.78 -1.07
CA ALA A 122 -6.51 -5.68 -1.97
C ALA A 122 -5.01 -5.65 -2.22
N ASP A 123 -4.27 -6.18 -1.26
CA ASP A 123 -2.80 -6.13 -1.26
C ASP A 123 -2.22 -7.24 -2.11
N ILE A 124 -2.97 -8.33 -2.23
CA ILE A 124 -2.50 -9.49 -2.97
C ILE A 124 -2.25 -9.14 -4.45
N PRO A 125 -3.27 -8.63 -5.18
CA PRO A 125 -3.11 -8.26 -6.59
C PRO A 125 -2.11 -7.12 -6.79
N LEU A 126 -1.86 -6.35 -5.73
CA LEU A 126 -0.90 -5.26 -5.79
C LEU A 126 0.52 -5.82 -5.71
N LEU A 127 0.71 -6.78 -4.81
CA LEU A 127 2.00 -7.42 -4.65
C LEU A 127 2.28 -8.31 -5.86
N GLU A 128 1.24 -8.94 -6.39
CA GLU A 128 1.34 -9.73 -7.60
C GLU A 128 2.08 -8.98 -8.69
N ALA A 129 1.73 -7.71 -8.88
CA ALA A 129 2.35 -6.90 -9.92
C ALA A 129 3.67 -6.30 -9.45
N PHE A 130 3.93 -6.31 -8.16
CA PHE A 130 5.18 -5.79 -7.66
C PHE A 130 6.27 -6.80 -7.96
N MET A 131 5.98 -8.06 -7.65
CA MET A 131 6.89 -9.13 -7.98
C MET A 131 6.91 -9.34 -9.49
N ALA A 132 5.76 -9.15 -10.15
CA ALA A 132 5.70 -9.17 -11.61
C ALA A 132 6.61 -8.10 -12.21
N LEU A 133 6.60 -6.92 -11.61
CA LEU A 133 7.38 -5.80 -12.11
C LEU A 133 8.87 -6.06 -11.98
N ARG A 134 9.25 -6.77 -10.93
CA ARG A 134 10.65 -7.10 -10.71
C ARG A 134 11.04 -8.38 -11.42
N ALA A 135 10.04 -9.10 -11.95
CA ALA A 135 10.31 -10.29 -12.74
C ALA A 135 10.31 -9.95 -14.23
N ALA A 136 9.38 -9.08 -14.62
CA ALA A 136 9.29 -8.63 -16.00
C ALA A 136 10.23 -7.48 -16.25
N ARG A 137 10.56 -6.76 -15.18
CA ARG A 137 11.47 -5.61 -15.20
C ARG A 137 10.81 -4.40 -15.84
N PRO A 138 10.74 -3.28 -15.10
CA PRO A 138 10.10 -2.06 -15.56
C PRO A 138 10.81 -1.44 -16.75
N ALA A 139 10.11 -1.42 -17.87
CA ALA A 139 10.60 -0.79 -19.09
C ALA A 139 9.48 -0.01 -19.74
N ASP A 140 8.39 0.15 -19.00
CA ASP A 140 7.19 0.81 -19.46
C ASP A 140 6.42 1.39 -18.29
N GLY A 1 -32.08 6.60 -6.80
CA GLY A 1 -33.04 5.48 -6.89
C GLY A 1 -32.33 4.15 -7.08
N PRO A 2 -32.54 3.50 -8.23
CA PRO A 2 -31.86 2.25 -8.56
C PRO A 2 -30.46 2.51 -9.11
N LEU A 3 -29.46 2.32 -8.25
CA LEU A 3 -28.05 2.53 -8.62
C LEU A 3 -27.74 4.00 -8.88
N GLY A 4 -26.97 4.60 -7.99
CA GLY A 4 -26.51 5.95 -8.21
C GLY A 4 -25.10 5.97 -8.78
N SER A 5 -24.58 7.15 -9.06
CA SER A 5 -23.22 7.26 -9.60
C SER A 5 -22.21 6.85 -8.54
N MET A 6 -22.57 7.06 -7.27
CA MET A 6 -21.76 6.65 -6.12
C MET A 6 -20.48 7.46 -6.03
N LYS A 7 -19.62 7.09 -5.10
CA LYS A 7 -18.37 7.79 -4.88
C LYS A 7 -17.18 6.85 -5.09
N MET A 8 -16.08 7.43 -5.55
CA MET A 8 -14.84 6.68 -5.70
C MET A 8 -13.90 7.02 -4.56
N ILE A 9 -13.27 6.00 -4.03
CA ILE A 9 -12.35 6.13 -2.91
C ILE A 9 -10.94 5.83 -3.38
N GLU A 10 -10.04 6.78 -3.20
CA GLU A 10 -8.66 6.60 -3.63
C GLU A 10 -7.81 6.20 -2.44
N VAL A 11 -7.18 5.05 -2.54
CA VAL A 11 -6.36 4.54 -1.47
C VAL A 11 -4.98 4.25 -2.00
N VAL A 12 -4.00 4.90 -1.44
CA VAL A 12 -2.63 4.73 -1.89
C VAL A 12 -1.89 3.76 -0.99
N ALA A 13 -1.18 2.85 -1.60
CA ALA A 13 -0.42 1.85 -0.87
C ALA A 13 1.06 2.07 -1.14
N ALA A 14 1.87 2.10 -0.10
CA ALA A 14 3.28 2.36 -0.25
C ALA A 14 4.07 1.07 -0.14
N ILE A 15 4.81 0.76 -1.19
CA ILE A 15 5.68 -0.39 -1.17
C ILE A 15 7.06 0.07 -0.75
N ILE A 16 7.39 -0.14 0.51
CA ILE A 16 8.65 0.33 1.06
C ILE A 16 9.69 -0.74 0.83
N GLU A 17 10.64 -0.48 -0.05
CA GLU A 17 11.65 -1.48 -0.34
C GLU A 17 12.96 -1.12 0.32
N ARG A 18 13.42 -2.01 1.18
CA ARG A 18 14.70 -1.86 1.83
C ARG A 18 15.34 -3.23 1.95
N ASP A 19 16.64 -3.29 1.70
CA ASP A 19 17.41 -4.56 1.68
C ASP A 19 17.20 -5.28 0.37
N GLY A 20 16.10 -4.97 -0.28
CA GLY A 20 15.61 -5.78 -1.37
C GLY A 20 14.34 -6.46 -0.94
N LYS A 21 13.91 -6.12 0.27
CA LYS A 21 12.70 -6.67 0.87
C LYS A 21 11.64 -5.58 0.94
N ILE A 22 10.38 -5.99 1.09
CA ILE A 22 9.29 -5.04 1.15
C ILE A 22 8.78 -4.92 2.60
N LEU A 23 8.32 -3.74 2.97
CA LEU A 23 7.84 -3.47 4.32
C LEU A 23 6.37 -3.82 4.46
N LEU A 24 6.08 -4.78 5.32
CA LEU A 24 4.71 -5.18 5.62
C LEU A 24 4.36 -4.78 7.05
N ALA A 25 3.17 -4.21 7.22
CA ALA A 25 2.72 -3.79 8.54
C ALA A 25 1.52 -4.63 8.97
N GLN A 26 1.66 -5.31 10.09
CA GLN A 26 0.61 -6.21 10.56
C GLN A 26 -0.65 -5.46 11.00
N ARG A 27 -1.73 -5.75 10.29
CA ARG A 27 -3.06 -5.22 10.57
C ARG A 27 -4.06 -5.88 9.61
N PRO A 28 -5.21 -6.35 10.12
CA PRO A 28 -6.25 -6.93 9.27
C PRO A 28 -7.22 -5.89 8.73
N ALA A 29 -7.33 -4.79 9.48
CA ALA A 29 -8.13 -3.63 9.11
C ALA A 29 -9.62 -3.94 9.13
N GLN A 30 -10.09 -4.58 8.07
CA GLN A 30 -11.50 -4.94 7.96
C GLN A 30 -11.73 -6.37 8.43
N SER A 31 -10.66 -7.16 8.43
CA SER A 31 -10.71 -8.52 8.91
C SER A 31 -10.69 -8.58 10.43
N ASP A 32 -11.37 -9.57 11.00
CA ASP A 32 -11.44 -9.71 12.45
C ASP A 32 -10.45 -10.76 12.93
N GLN A 33 -9.66 -11.27 12.01
CA GLN A 33 -8.77 -12.38 12.28
C GLN A 33 -7.51 -11.92 13.00
N ALA A 34 -7.02 -10.76 12.59
CA ALA A 34 -5.74 -10.24 13.04
C ALA A 34 -4.60 -11.13 12.56
N GLY A 35 -3.36 -10.70 12.77
CA GLY A 35 -2.20 -11.48 12.35
C GLY A 35 -1.85 -11.26 10.90
N LEU A 36 -2.78 -10.65 10.17
CA LEU A 36 -2.61 -10.36 8.75
C LEU A 36 -1.71 -9.14 8.55
N TRP A 37 -1.08 -9.07 7.39
CA TRP A 37 -0.20 -7.96 7.08
C TRP A 37 -0.76 -7.14 5.92
N GLU A 38 -0.53 -5.83 5.97
CA GLU A 38 -1.00 -4.93 4.93
C GLU A 38 0.12 -3.99 4.52
N PHE A 39 0.02 -3.46 3.32
CA PHE A 39 0.99 -2.48 2.85
C PHE A 39 0.60 -1.10 3.36
N ALA A 40 1.52 -0.48 4.08
CA ALA A 40 1.26 0.82 4.71
C ALA A 40 0.87 1.86 3.67
N GLY A 41 -0.01 2.77 4.06
CA GLY A 41 -0.50 3.77 3.14
C GLY A 41 -1.66 4.54 3.73
N GLY A 42 -2.68 4.77 2.93
CA GLY A 42 -3.84 5.50 3.42
C GLY A 42 -4.76 5.93 2.31
N LYS A 43 -5.47 7.02 2.53
CA LYS A 43 -6.46 7.49 1.58
C LYS A 43 -6.02 8.83 1.00
N VAL A 44 -6.44 9.11 -0.22
CA VAL A 44 -6.09 10.34 -0.88
C VAL A 44 -7.22 11.35 -0.75
N GLU A 45 -6.93 12.48 -0.11
CA GLU A 45 -7.91 13.54 -0.01
C GLU A 45 -7.86 14.39 -1.27
N PRO A 46 -9.01 14.88 -1.74
CA PRO A 46 -9.11 15.59 -3.03
C PRO A 46 -8.24 16.85 -3.11
N ASP A 47 -7.60 17.23 -2.02
CA ASP A 47 -6.79 18.43 -1.99
C ASP A 47 -5.32 18.11 -1.75
N GLU A 48 -4.97 16.83 -1.86
CA GLU A 48 -3.58 16.41 -1.79
C GLU A 48 -3.29 15.40 -2.89
N SER A 49 -2.03 15.26 -3.22
CA SER A 49 -1.61 14.38 -4.30
C SER A 49 -1.45 12.95 -3.79
N GLN A 50 -1.48 12.00 -4.72
CA GLN A 50 -1.35 10.58 -4.39
C GLN A 50 -0.02 10.32 -3.66
N ARG A 51 1.05 10.95 -4.14
CA ARG A 51 2.35 10.80 -3.49
C ARG A 51 2.35 11.50 -2.14
N GLN A 52 1.65 12.62 -2.07
CA GLN A 52 1.63 13.44 -0.86
C GLN A 52 0.92 12.70 0.26
N ALA A 53 -0.20 12.08 -0.09
CA ALA A 53 -0.98 11.32 0.86
C ALA A 53 -0.15 10.21 1.48
N LEU A 54 0.57 9.45 0.65
CA LEU A 54 1.45 8.40 1.14
C LEU A 54 2.49 8.98 2.07
N VAL A 55 3.12 10.07 1.65
CA VAL A 55 4.19 10.68 2.41
C VAL A 55 3.71 11.10 3.79
N ARG A 56 2.54 11.72 3.87
CA ARG A 56 2.02 12.18 5.14
C ARG A 56 1.47 11.02 5.98
N GLU A 57 0.74 10.10 5.34
CA GLU A 57 0.21 8.94 6.06
C GLU A 57 1.32 8.08 6.65
N LEU A 58 2.37 7.83 5.87
CA LEU A 58 3.50 7.05 6.37
C LEU A 58 4.20 7.82 7.47
N ARG A 59 4.25 9.13 7.35
CA ARG A 59 4.83 9.99 8.36
C ARG A 59 4.07 9.85 9.69
N GLU A 60 2.77 9.66 9.60
CA GLU A 60 1.96 9.54 10.80
C GLU A 60 1.90 8.09 11.30
N GLU A 61 1.80 7.15 10.36
CA GLU A 61 1.70 5.74 10.73
C GLU A 61 3.05 5.13 11.01
N LEU A 62 3.98 5.31 10.08
CA LEU A 62 5.28 4.68 10.22
C LEU A 62 6.30 5.64 10.82
N GLY A 63 6.02 6.93 10.71
CA GLY A 63 6.89 7.91 11.31
C GLY A 63 8.09 8.18 10.44
N ILE A 64 7.91 8.00 9.13
CA ILE A 64 8.99 8.19 8.18
C ILE A 64 8.61 9.17 7.09
N GLU A 65 9.61 9.92 6.63
CA GLU A 65 9.43 10.82 5.51
C GLU A 65 9.81 10.07 4.23
N ALA A 66 8.81 9.48 3.59
CA ALA A 66 9.05 8.62 2.45
C ALA A 66 9.20 9.42 1.16
N THR A 67 9.92 8.85 0.21
CA THR A 67 10.08 9.44 -1.09
C THR A 67 9.40 8.57 -2.14
N VAL A 68 8.24 9.02 -2.61
CA VAL A 68 7.47 8.27 -3.58
C VAL A 68 8.04 8.50 -4.98
N GLY A 69 8.34 7.42 -5.68
CA GLY A 69 8.97 7.55 -6.98
C GLY A 69 8.17 6.90 -8.09
N GLU A 70 8.40 5.62 -8.32
CA GLU A 70 7.81 4.92 -9.44
C GLU A 70 6.51 4.20 -9.07
N TYR A 71 5.53 4.32 -9.95
CA TYR A 71 4.24 3.67 -9.80
C TYR A 71 4.32 2.19 -10.21
N VAL A 72 3.79 1.30 -9.36
CA VAL A 72 3.83 -0.13 -9.64
C VAL A 72 2.57 -0.59 -10.34
N ALA A 73 1.46 -0.60 -9.61
CA ALA A 73 0.18 -1.04 -10.17
C ALA A 73 -1.00 -0.47 -9.40
N SER A 74 -2.18 -0.62 -9.96
CA SER A 74 -3.39 -0.17 -9.30
C SER A 74 -4.47 -1.25 -9.39
N HIS A 75 -5.30 -1.34 -8.36
CA HIS A 75 -6.35 -2.33 -8.31
C HIS A 75 -7.65 -1.69 -7.88
N GLN A 76 -8.72 -2.01 -8.59
CA GLN A 76 -10.04 -1.50 -8.22
C GLN A 76 -10.85 -2.57 -7.51
N ARG A 77 -11.58 -2.13 -6.50
CA ARG A 77 -12.49 -2.97 -5.77
C ARG A 77 -13.58 -2.07 -5.23
N GLU A 78 -14.61 -2.61 -4.63
CA GLU A 78 -15.64 -1.75 -4.06
C GLU A 78 -15.79 -1.99 -2.57
N VAL A 79 -16.20 -0.95 -1.88
CA VAL A 79 -16.57 -1.05 -0.48
C VAL A 79 -18.04 -0.67 -0.35
N SER A 80 -18.89 -1.68 -0.40
CA SER A 80 -20.33 -1.51 -0.34
C SER A 80 -20.82 -0.38 -1.26
N GLY A 81 -20.77 -0.62 -2.56
CA GLY A 81 -21.26 0.34 -3.53
C GLY A 81 -20.24 1.41 -3.92
N ARG A 82 -19.27 1.67 -3.06
CA ARG A 82 -18.27 2.70 -3.34
C ARG A 82 -17.05 2.07 -3.99
N ILE A 83 -16.55 2.69 -5.05
CA ILE A 83 -15.47 2.10 -5.83
C ILE A 83 -14.13 2.59 -5.35
N ILE A 84 -13.32 1.68 -4.81
CA ILE A 84 -12.01 2.03 -4.31
C ILE A 84 -10.94 1.82 -5.38
N HIS A 85 -10.04 2.77 -5.47
CA HIS A 85 -8.96 2.74 -6.43
C HIS A 85 -7.63 2.73 -5.69
N LEU A 86 -7.03 1.57 -5.57
CA LEU A 86 -5.77 1.46 -4.85
C LEU A 86 -4.59 1.68 -5.76
N HIS A 87 -3.70 2.56 -5.34
CA HIS A 87 -2.49 2.86 -6.10
C HIS A 87 -1.26 2.40 -5.34
N ALA A 88 -0.56 1.40 -5.88
CA ALA A 88 0.66 0.90 -5.27
C ALA A 88 1.86 1.66 -5.81
N TRP A 89 2.46 2.48 -4.96
CA TRP A 89 3.63 3.24 -5.35
C TRP A 89 4.88 2.63 -4.71
N HIS A 90 5.94 2.53 -5.48
CA HIS A 90 7.18 1.96 -5.00
C HIS A 90 8.00 3.05 -4.29
N VAL A 91 8.18 2.87 -2.99
CA VAL A 91 8.98 3.79 -2.20
C VAL A 91 10.40 3.24 -2.07
N PRO A 92 11.35 3.80 -2.85
CA PRO A 92 12.71 3.32 -2.90
C PRO A 92 13.60 3.92 -1.80
N ASP A 93 13.09 4.93 -1.12
CA ASP A 93 13.84 5.61 -0.07
C ASP A 93 12.91 6.29 0.92
N PHE A 94 13.29 6.28 2.18
CA PHE A 94 12.53 6.93 3.24
C PHE A 94 13.47 7.49 4.30
N HIS A 95 13.06 8.58 4.93
CA HIS A 95 13.85 9.17 6.00
C HIS A 95 13.19 8.91 7.35
N GLY A 96 13.95 8.40 8.30
CA GLY A 96 13.43 8.10 9.61
C GLY A 96 13.43 6.60 9.89
N THR A 97 12.65 6.17 10.87
CA THR A 97 12.56 4.76 11.19
C THR A 97 11.09 4.35 11.29
N LEU A 98 10.78 3.14 10.81
CA LEU A 98 9.39 2.73 10.73
C LEU A 98 8.85 2.28 12.08
N GLN A 99 7.68 2.78 12.39
CA GLN A 99 6.97 2.42 13.60
C GLN A 99 5.54 2.04 13.24
N ALA A 100 4.88 1.29 14.09
CA ALA A 100 3.51 0.90 13.82
C ALA A 100 2.53 1.66 14.70
N HIS A 101 1.92 2.71 14.14
CA HIS A 101 0.93 3.50 14.85
C HIS A 101 -0.43 2.79 14.90
N GLU A 102 -1.09 2.70 13.75
CA GLU A 102 -2.37 1.98 13.65
C GLU A 102 -2.14 0.50 13.41
N HIS A 103 -0.88 0.11 13.37
CA HIS A 103 -0.50 -1.26 13.07
C HIS A 103 0.18 -1.89 14.28
N GLN A 104 0.48 -3.18 14.19
CA GLN A 104 1.10 -3.87 15.31
C GLN A 104 2.61 -3.99 15.16
N ALA A 105 3.07 -4.52 14.04
CA ALA A 105 4.51 -4.74 13.82
C ALA A 105 4.87 -4.57 12.36
N LEU A 106 6.17 -4.53 12.08
CA LEU A 106 6.69 -4.40 10.72
C LEU A 106 7.58 -5.59 10.39
N VAL A 107 7.45 -6.11 9.17
CA VAL A 107 8.33 -7.18 8.71
C VAL A 107 8.84 -6.88 7.31
N TRP A 108 10.08 -7.27 7.05
CA TRP A 108 10.66 -7.16 5.72
C TRP A 108 10.75 -8.52 5.06
N CYS A 109 10.05 -8.68 3.95
CA CYS A 109 10.12 -9.92 3.20
C CYS A 109 10.22 -9.65 1.71
N SER A 110 10.78 -10.60 0.98
CA SER A 110 11.00 -10.43 -0.46
C SER A 110 9.66 -10.48 -1.21
N PRO A 111 9.62 -10.00 -2.47
CA PRO A 111 8.38 -9.98 -3.28
C PRO A 111 7.76 -11.36 -3.45
N GLU A 112 8.55 -12.39 -3.23
CA GLU A 112 8.04 -13.76 -3.30
C GLU A 112 7.50 -14.18 -1.93
N GLU A 113 8.20 -13.75 -0.89
CA GLU A 113 7.82 -14.07 0.48
C GLU A 113 6.55 -13.35 0.89
N ALA A 114 6.41 -12.10 0.44
CA ALA A 114 5.29 -11.25 0.82
C ALA A 114 3.95 -11.88 0.47
N LEU A 115 3.89 -12.55 -0.66
CA LEU A 115 2.64 -13.15 -1.12
C LEU A 115 2.34 -14.43 -0.37
N GLN A 116 3.31 -14.95 0.38
CA GLN A 116 3.09 -16.09 1.25
C GLN A 116 2.52 -15.65 2.60
N TYR A 117 2.55 -14.35 2.84
CA TYR A 117 2.03 -13.78 4.06
C TYR A 117 0.54 -13.50 3.89
N PRO A 118 -0.23 -13.45 4.99
CA PRO A 118 -1.65 -13.13 4.94
C PRO A 118 -1.89 -11.66 4.59
N LEU A 119 -1.80 -11.37 3.31
CA LEU A 119 -2.05 -10.02 2.80
C LEU A 119 -3.53 -9.82 2.56
N ALA A 120 -3.99 -8.58 2.66
CA ALA A 120 -5.38 -8.24 2.41
C ALA A 120 -5.74 -8.48 0.94
N PRO A 121 -7.03 -8.68 0.63
CA PRO A 121 -7.50 -8.97 -0.73
C PRO A 121 -7.12 -7.91 -1.76
N ALA A 122 -6.73 -6.73 -1.29
CA ALA A 122 -6.36 -5.64 -2.19
C ALA A 122 -4.85 -5.60 -2.39
N ASP A 123 -4.12 -6.15 -1.43
CA ASP A 123 -2.66 -6.10 -1.44
C ASP A 123 -2.09 -7.18 -2.34
N ILE A 124 -2.85 -8.24 -2.51
CA ILE A 124 -2.40 -9.39 -3.28
C ILE A 124 -2.17 -9.00 -4.74
N PRO A 125 -3.22 -8.53 -5.46
CA PRO A 125 -3.10 -8.16 -6.88
C PRO A 125 -1.99 -7.14 -7.14
N LEU A 126 -1.76 -6.26 -6.19
CA LEU A 126 -0.74 -5.23 -6.33
C LEU A 126 0.66 -5.84 -6.21
N LEU A 127 0.82 -6.78 -5.29
CA LEU A 127 2.11 -7.40 -5.07
C LEU A 127 2.43 -8.34 -6.23
N GLU A 128 1.41 -9.03 -6.73
CA GLU A 128 1.57 -9.93 -7.86
C GLU A 128 2.28 -9.23 -9.01
N ALA A 129 1.89 -7.99 -9.29
CA ALA A 129 2.47 -7.24 -10.39
C ALA A 129 3.84 -6.68 -10.02
N PHE A 130 4.08 -6.47 -8.74
CA PHE A 130 5.37 -5.95 -8.31
C PHE A 130 6.41 -7.04 -8.48
N MET A 131 6.08 -8.25 -8.04
CA MET A 131 6.95 -9.39 -8.25
C MET A 131 7.01 -9.75 -9.73
N ALA A 132 5.88 -9.57 -10.44
CA ALA A 132 5.86 -9.75 -11.89
C ALA A 132 6.87 -8.86 -12.58
N LEU A 133 6.93 -7.60 -12.15
CA LEU A 133 7.83 -6.63 -12.74
C LEU A 133 9.28 -6.99 -12.49
N ARG A 134 9.56 -7.57 -11.33
CA ARG A 134 10.93 -7.94 -11.00
C ARG A 134 11.33 -9.25 -11.68
N ALA A 135 10.34 -10.05 -12.02
CA ALA A 135 10.58 -11.36 -12.62
C ALA A 135 10.79 -11.25 -14.14
N ALA A 136 10.03 -10.36 -14.77
CA ALA A 136 10.10 -10.22 -16.23
C ALA A 136 10.84 -8.95 -16.63
N ARG A 137 11.11 -8.09 -15.64
CA ARG A 137 11.75 -6.78 -15.82
C ARG A 137 11.30 -6.07 -17.11
N PRO A 138 10.13 -5.41 -17.05
CA PRO A 138 9.57 -4.72 -18.21
C PRO A 138 10.15 -3.32 -18.40
N ALA A 139 10.11 -2.84 -19.64
CA ALA A 139 10.53 -1.49 -19.96
C ALA A 139 9.32 -0.65 -20.34
N ASP A 140 8.16 -1.27 -20.19
CA ASP A 140 6.90 -0.65 -20.54
C ASP A 140 5.91 -0.79 -19.40
N GLY A 1 -30.86 -0.16 -1.50
CA GLY A 1 -30.58 1.00 -0.63
C GLY A 1 -30.29 2.25 -1.43
N PRO A 2 -29.02 2.68 -1.51
CA PRO A 2 -28.63 3.85 -2.27
C PRO A 2 -28.38 3.53 -3.74
N LEU A 3 -29.43 3.61 -4.55
CA LEU A 3 -29.31 3.33 -5.96
C LEU A 3 -29.12 4.62 -6.75
N GLY A 4 -27.90 5.11 -6.76
CA GLY A 4 -27.57 6.29 -7.54
C GLY A 4 -26.48 5.99 -8.54
N SER A 5 -25.24 6.02 -8.08
CA SER A 5 -24.10 5.67 -8.91
C SER A 5 -22.94 5.27 -8.02
N MET A 6 -22.06 4.42 -8.55
CA MET A 6 -20.93 3.92 -7.78
C MET A 6 -19.85 4.99 -7.65
N LYS A 7 -19.57 5.39 -6.42
CA LYS A 7 -18.52 6.37 -6.16
C LYS A 7 -17.20 5.67 -5.95
N MET A 8 -16.11 6.39 -6.15
CA MET A 8 -14.79 5.81 -6.05
C MET A 8 -14.02 6.37 -4.87
N ILE A 9 -13.27 5.50 -4.23
CA ILE A 9 -12.44 5.84 -3.09
C ILE A 9 -10.99 5.68 -3.49
N GLU A 10 -10.19 6.71 -3.35
CA GLU A 10 -8.81 6.66 -3.79
C GLU A 10 -7.90 6.37 -2.61
N VAL A 11 -7.10 5.32 -2.74
CA VAL A 11 -6.19 4.92 -1.68
C VAL A 11 -4.80 4.69 -2.25
N VAL A 12 -3.79 5.17 -1.57
CA VAL A 12 -2.42 4.96 -2.00
C VAL A 12 -1.70 4.00 -1.06
N ALA A 13 -0.93 3.10 -1.63
CA ALA A 13 -0.18 2.13 -0.87
C ALA A 13 1.31 2.32 -1.12
N ALA A 14 2.08 2.38 -0.05
CA ALA A 14 3.51 2.59 -0.15
C ALA A 14 4.24 1.29 0.04
N ILE A 15 4.90 0.84 -1.01
CA ILE A 15 5.68 -0.37 -0.95
C ILE A 15 7.10 -0.03 -0.53
N ILE A 16 7.39 -0.22 0.75
CA ILE A 16 8.71 0.09 1.27
C ILE A 16 9.64 -1.06 0.95
N GLU A 17 10.48 -0.91 -0.05
CA GLU A 17 11.35 -1.97 -0.45
C GLU A 17 12.79 -1.63 -0.12
N ARG A 18 13.40 -2.44 0.72
CA ARG A 18 14.79 -2.25 1.08
C ARG A 18 15.49 -3.59 1.09
N ASP A 19 16.59 -3.68 0.33
CA ASP A 19 17.42 -4.89 0.24
C ASP A 19 16.73 -5.99 -0.54
N GLY A 20 15.59 -5.69 -1.15
CA GLY A 20 14.85 -6.72 -1.84
C GLY A 20 13.71 -7.24 -1.01
N LYS A 21 13.43 -6.55 0.10
CA LYS A 21 12.34 -6.95 0.98
C LYS A 21 11.34 -5.81 1.12
N ILE A 22 10.07 -6.17 1.24
CA ILE A 22 8.99 -5.20 1.32
C ILE A 22 8.47 -5.10 2.75
N LEU A 23 7.98 -3.92 3.12
CA LEU A 23 7.47 -3.69 4.46
C LEU A 23 5.97 -4.01 4.55
N LEU A 24 5.65 -4.91 5.46
CA LEU A 24 4.26 -5.29 5.72
C LEU A 24 3.88 -4.92 7.15
N ALA A 25 2.68 -4.39 7.31
CA ALA A 25 2.21 -4.00 8.63
C ALA A 25 0.94 -4.76 9.02
N GLN A 26 1.02 -5.47 10.14
CA GLN A 26 -0.08 -6.29 10.63
C GLN A 26 -1.12 -5.42 11.34
N ARG A 27 -2.18 -5.08 10.60
CA ARG A 27 -3.31 -4.28 11.09
C ARG A 27 -4.04 -3.72 9.88
N PRO A 28 -5.23 -4.25 9.56
CA PRO A 28 -6.01 -3.78 8.43
C PRO A 28 -6.87 -2.59 8.82
N ALA A 29 -8.00 -2.41 8.15
CA ALA A 29 -8.85 -1.27 8.44
C ALA A 29 -10.31 -1.69 8.54
N GLN A 30 -10.93 -1.94 7.41
CA GLN A 30 -12.36 -2.23 7.35
C GLN A 30 -12.61 -3.73 7.24
N SER A 31 -11.59 -4.51 7.54
CA SER A 31 -11.67 -5.95 7.42
C SER A 31 -12.17 -6.58 8.72
N ASP A 32 -12.08 -5.80 9.81
CA ASP A 32 -12.50 -6.25 11.15
C ASP A 32 -11.52 -7.29 11.73
N GLN A 33 -11.37 -8.39 11.02
CA GLN A 33 -10.45 -9.45 11.41
C GLN A 33 -9.01 -8.95 11.46
N ALA A 34 -8.24 -9.49 12.39
CA ALA A 34 -6.85 -9.06 12.59
C ALA A 34 -5.89 -10.15 12.17
N GLY A 35 -4.60 -9.89 12.33
CA GLY A 35 -3.58 -10.85 11.95
C GLY A 35 -3.12 -10.67 10.53
N LEU A 36 -3.94 -9.99 9.74
CA LEU A 36 -3.64 -9.73 8.35
C LEU A 36 -2.65 -8.58 8.19
N TRP A 37 -1.89 -8.62 7.12
CA TRP A 37 -0.89 -7.60 6.83
C TRP A 37 -1.35 -6.77 5.63
N GLU A 38 -1.00 -5.50 5.62
CA GLU A 38 -1.35 -4.64 4.49
C GLU A 38 -0.16 -3.76 4.12
N PHE A 39 -0.21 -3.18 2.92
CA PHE A 39 0.79 -2.22 2.50
C PHE A 39 0.48 -0.86 3.10
N ALA A 40 1.39 -0.36 3.91
CA ALA A 40 1.20 0.91 4.60
C ALA A 40 0.90 2.04 3.61
N GLY A 41 0.04 2.96 4.00
CA GLY A 41 -0.37 4.01 3.11
C GLY A 41 -1.55 4.78 3.69
N GLY A 42 -2.52 5.09 2.85
CA GLY A 42 -3.67 5.83 3.32
C GLY A 42 -4.60 6.25 2.20
N LYS A 43 -5.77 6.73 2.59
CA LYS A 43 -6.76 7.24 1.66
C LYS A 43 -6.36 8.63 1.19
N VAL A 44 -6.68 8.94 -0.07
CA VAL A 44 -6.29 10.20 -0.67
C VAL A 44 -7.45 11.18 -0.64
N GLU A 45 -7.20 12.35 -0.08
CA GLU A 45 -8.20 13.39 -0.07
C GLU A 45 -8.06 14.22 -1.33
N PRO A 46 -9.18 14.73 -1.87
CA PRO A 46 -9.17 15.48 -3.14
C PRO A 46 -8.42 16.81 -3.03
N ASP A 47 -7.87 17.08 -1.86
CA ASP A 47 -7.18 18.33 -1.61
C ASP A 47 -5.67 18.11 -1.55
N GLU A 48 -5.25 16.84 -1.65
CA GLU A 48 -3.83 16.51 -1.57
C GLU A 48 -3.40 15.60 -2.71
N SER A 49 -2.10 15.39 -2.83
CA SER A 49 -1.53 14.61 -3.91
C SER A 49 -1.36 13.15 -3.48
N GLN A 50 -1.34 12.24 -4.46
CA GLN A 50 -1.22 10.81 -4.18
C GLN A 50 0.09 10.51 -3.46
N ARG A 51 1.19 11.04 -3.98
CA ARG A 51 2.49 10.90 -3.35
C ARG A 51 2.49 11.56 -1.98
N GLN A 52 1.82 12.69 -1.91
CA GLN A 52 1.81 13.50 -0.70
C GLN A 52 1.07 12.79 0.42
N ALA A 53 -0.04 12.15 0.04
CA ALA A 53 -0.83 11.39 0.99
C ALA A 53 -0.01 10.27 1.60
N LEU A 54 0.74 9.56 0.77
CA LEU A 54 1.63 8.51 1.25
C LEU A 54 2.67 9.08 2.21
N VAL A 55 3.28 10.19 1.80
CA VAL A 55 4.33 10.80 2.59
C VAL A 55 3.83 11.21 3.96
N ARG A 56 2.68 11.87 4.01
CA ARG A 56 2.14 12.32 5.29
C ARG A 56 1.65 11.16 6.14
N GLU A 57 1.01 10.17 5.51
CA GLU A 57 0.54 8.98 6.22
C GLU A 57 1.70 8.18 6.82
N LEU A 58 2.76 7.97 6.04
CA LEU A 58 3.89 7.19 6.53
C LEU A 58 4.58 7.90 7.68
N ARG A 59 4.57 9.23 7.66
CA ARG A 59 5.12 9.98 8.77
C ARG A 59 4.32 9.71 10.05
N GLU A 60 3.03 9.46 9.91
CA GLU A 60 2.18 9.23 11.06
C GLU A 60 2.20 7.77 11.47
N GLU A 61 2.20 6.86 10.50
CA GLU A 61 2.15 5.44 10.79
C GLU A 61 3.53 4.82 10.90
N LEU A 62 4.42 5.17 9.99
CA LEU A 62 5.72 4.52 9.93
C LEU A 62 6.83 5.42 10.45
N GLY A 63 6.46 6.59 10.95
CA GLY A 63 7.43 7.55 11.44
C GLY A 63 8.53 7.91 10.44
N ILE A 64 8.26 7.77 9.15
CA ILE A 64 9.28 8.08 8.15
C ILE A 64 8.77 9.07 7.10
N GLU A 65 9.66 9.92 6.64
CA GLU A 65 9.38 10.83 5.55
C GLU A 65 9.81 10.18 4.25
N ALA A 66 8.88 9.55 3.57
CA ALA A 66 9.19 8.79 2.37
C ALA A 66 9.26 9.69 1.14
N THR A 67 9.97 9.23 0.14
CA THR A 67 10.05 9.91 -1.13
C THR A 67 9.41 9.04 -2.20
N VAL A 68 8.20 9.42 -2.60
CA VAL A 68 7.45 8.64 -3.57
C VAL A 68 7.89 8.99 -4.98
N GLY A 69 8.14 7.98 -5.81
CA GLY A 69 8.66 8.22 -7.14
C GLY A 69 8.00 7.38 -8.21
N GLU A 70 8.39 6.11 -8.28
CA GLU A 70 7.96 5.24 -9.37
C GLU A 70 6.68 4.48 -9.00
N TYR A 71 5.72 4.52 -9.93
CA TYR A 71 4.44 3.84 -9.76
C TYR A 71 4.55 2.36 -10.15
N VAL A 72 4.00 1.47 -9.32
CA VAL A 72 4.06 0.04 -9.60
C VAL A 72 2.80 -0.44 -10.31
N ALA A 73 1.68 -0.44 -9.58
CA ALA A 73 0.42 -0.90 -10.15
C ALA A 73 -0.77 -0.35 -9.39
N SER A 74 -1.95 -0.62 -9.89
CA SER A 74 -3.18 -0.24 -9.22
C SER A 74 -4.18 -1.39 -9.22
N HIS A 75 -5.07 -1.39 -8.23
CA HIS A 75 -6.13 -2.38 -8.18
C HIS A 75 -7.40 -1.74 -7.64
N GLN A 76 -8.53 -2.17 -8.15
CA GLN A 76 -9.81 -1.68 -7.67
C GLN A 76 -10.59 -2.78 -6.96
N ARG A 77 -11.15 -2.43 -5.82
CA ARG A 77 -11.95 -3.35 -5.03
C ARG A 77 -13.17 -2.59 -4.52
N GLU A 78 -14.24 -3.28 -4.15
CA GLU A 78 -15.44 -2.56 -3.74
C GLU A 78 -15.61 -2.58 -2.22
N VAL A 79 -16.00 -1.45 -1.68
CA VAL A 79 -16.32 -1.33 -0.26
C VAL A 79 -17.78 -0.88 -0.11
N SER A 80 -18.65 -1.86 0.09
CA SER A 80 -20.09 -1.61 0.23
C SER A 80 -20.61 -0.66 -0.85
N GLY A 81 -20.63 -1.13 -2.09
CA GLY A 81 -21.15 -0.32 -3.20
C GLY A 81 -20.17 0.69 -3.76
N ARG A 82 -19.08 0.96 -3.04
CA ARG A 82 -18.10 1.95 -3.49
C ARG A 82 -16.89 1.24 -4.08
N ILE A 83 -16.25 1.86 -5.06
CA ILE A 83 -15.07 1.27 -5.68
C ILE A 83 -13.80 1.95 -5.19
N ILE A 84 -12.96 1.21 -4.49
CA ILE A 84 -11.69 1.74 -4.02
C ILE A 84 -10.60 1.51 -5.04
N HIS A 85 -9.77 2.51 -5.23
CA HIS A 85 -8.71 2.48 -6.21
C HIS A 85 -7.37 2.58 -5.52
N LEU A 86 -6.70 1.46 -5.37
CA LEU A 86 -5.42 1.42 -4.66
C LEU A 86 -4.27 1.67 -5.63
N HIS A 87 -3.40 2.59 -5.26
CA HIS A 87 -2.22 2.92 -6.06
C HIS A 87 -0.97 2.47 -5.33
N ALA A 88 -0.28 1.48 -5.87
CA ALA A 88 0.93 0.98 -5.23
C ALA A 88 2.17 1.68 -5.79
N TRP A 89 2.87 2.39 -4.92
CA TRP A 89 4.09 3.09 -5.31
C TRP A 89 5.30 2.43 -4.68
N HIS A 90 6.40 2.33 -5.43
CA HIS A 90 7.63 1.79 -4.90
C HIS A 90 8.42 2.90 -4.20
N VAL A 91 8.73 2.70 -2.93
CA VAL A 91 9.48 3.68 -2.17
C VAL A 91 10.97 3.43 -2.28
N PRO A 92 11.66 4.28 -3.06
CA PRO A 92 13.10 4.14 -3.30
C PRO A 92 13.95 4.59 -2.12
N ASP A 93 13.42 5.52 -1.33
CA ASP A 93 14.12 6.01 -0.14
C ASP A 93 13.16 6.66 0.84
N PHE A 94 13.54 6.66 2.10
CA PHE A 94 12.72 7.26 3.16
C PHE A 94 13.61 7.85 4.25
N HIS A 95 13.20 8.98 4.80
CA HIS A 95 13.97 9.64 5.85
C HIS A 95 13.40 9.31 7.23
N GLY A 96 14.23 8.72 8.08
CA GLY A 96 13.82 8.45 9.45
C GLY A 96 13.96 6.99 9.80
N THR A 97 13.24 6.57 10.84
CA THR A 97 13.24 5.19 11.26
C THR A 97 11.82 4.64 11.23
N LEU A 98 11.64 3.53 10.55
CA LEU A 98 10.31 3.00 10.31
C LEU A 98 9.76 2.30 11.54
N GLN A 99 8.63 2.81 12.01
CA GLN A 99 8.00 2.31 13.21
C GLN A 99 6.54 1.99 12.90
N ALA A 100 5.85 1.35 13.84
CA ALA A 100 4.44 1.04 13.65
C ALA A 100 3.56 1.80 14.65
N HIS A 101 2.70 2.66 14.12
CA HIS A 101 1.81 3.47 14.94
C HIS A 101 0.48 2.76 15.19
N GLU A 102 -0.39 2.77 14.19
CA GLU A 102 -1.70 2.14 14.28
C GLU A 102 -1.61 0.67 13.97
N HIS A 103 -0.55 0.30 13.29
CA HIS A 103 -0.32 -1.08 12.90
C HIS A 103 0.45 -1.79 14.00
N GLN A 104 0.12 -3.05 14.26
CA GLN A 104 0.68 -3.77 15.40
C GLN A 104 2.09 -4.24 15.14
N ALA A 105 2.27 -5.01 14.08
CA ALA A 105 3.57 -5.58 13.77
C ALA A 105 4.08 -5.08 12.42
N LEU A 106 5.39 -5.09 12.26
CA LEU A 106 6.03 -4.66 11.02
C LEU A 106 7.05 -5.71 10.59
N VAL A 107 6.93 -6.19 9.37
CA VAL A 107 7.85 -7.21 8.88
C VAL A 107 8.39 -6.84 7.50
N TRP A 108 9.64 -7.19 7.26
CA TRP A 108 10.22 -7.02 5.95
C TRP A 108 10.50 -8.39 5.34
N CYS A 109 9.84 -8.67 4.24
CA CYS A 109 9.96 -9.96 3.58
C CYS A 109 10.06 -9.79 2.08
N SER A 110 10.63 -10.77 1.40
CA SER A 110 10.82 -10.70 -0.03
C SER A 110 9.46 -10.67 -0.73
N PRO A 111 9.38 -10.10 -1.96
CA PRO A 111 8.11 -9.96 -2.70
C PRO A 111 7.26 -11.24 -2.71
N GLU A 112 7.87 -12.35 -3.06
CA GLU A 112 7.14 -13.63 -3.16
C GLU A 112 6.75 -14.16 -1.80
N GLU A 113 7.49 -13.76 -0.76
CA GLU A 113 7.18 -14.15 0.60
C GLU A 113 5.96 -13.38 1.10
N ALA A 114 5.88 -12.11 0.70
CA ALA A 114 4.77 -11.22 1.11
C ALA A 114 3.42 -11.79 0.74
N LEU A 115 3.35 -12.48 -0.39
CA LEU A 115 2.10 -13.04 -0.87
C LEU A 115 1.72 -14.29 -0.10
N GLN A 116 2.66 -14.81 0.68
CA GLN A 116 2.40 -15.96 1.53
C GLN A 116 1.81 -15.50 2.86
N TYR A 117 1.75 -14.20 3.03
CA TYR A 117 1.16 -13.61 4.22
C TYR A 117 -0.31 -13.28 3.94
N PRO A 118 -1.13 -13.13 5.00
CA PRO A 118 -2.53 -12.74 4.83
C PRO A 118 -2.66 -11.26 4.43
N LEU A 119 -2.41 -10.98 3.16
CA LEU A 119 -2.56 -9.63 2.63
C LEU A 119 -4.02 -9.35 2.28
N ALA A 120 -4.39 -8.08 2.32
CA ALA A 120 -5.76 -7.67 1.99
C ALA A 120 -6.10 -7.99 0.53
N PRO A 121 -7.41 -8.04 0.19
CA PRO A 121 -7.89 -8.47 -1.13
C PRO A 121 -7.23 -7.75 -2.31
N ALA A 122 -6.96 -6.46 -2.15
CA ALA A 122 -6.38 -5.68 -3.24
C ALA A 122 -4.87 -5.67 -3.15
N ASP A 123 -4.35 -6.09 -2.02
CA ASP A 123 -2.92 -6.05 -1.76
C ASP A 123 -2.24 -7.22 -2.45
N ILE A 124 -2.99 -8.30 -2.65
CA ILE A 124 -2.48 -9.46 -3.35
C ILE A 124 -2.13 -9.07 -4.80
N PRO A 125 -3.12 -8.62 -5.62
CA PRO A 125 -2.89 -8.20 -7.00
C PRO A 125 -1.82 -7.11 -7.15
N LEU A 126 -1.71 -6.24 -6.14
CA LEU A 126 -0.72 -5.17 -6.18
C LEU A 126 0.67 -5.76 -6.08
N LEU A 127 0.82 -6.76 -5.23
CA LEU A 127 2.09 -7.42 -5.06
C LEU A 127 2.39 -8.28 -6.27
N GLU A 128 1.36 -8.91 -6.81
CA GLU A 128 1.52 -9.79 -7.95
C GLU A 128 2.14 -9.04 -9.12
N ALA A 129 1.72 -7.80 -9.32
CA ALA A 129 2.31 -6.99 -10.38
C ALA A 129 3.67 -6.45 -9.97
N PHE A 130 3.90 -6.30 -8.68
CA PHE A 130 5.17 -5.81 -8.19
C PHE A 130 6.24 -6.87 -8.42
N MET A 131 5.91 -8.10 -8.08
CA MET A 131 6.79 -9.23 -8.34
C MET A 131 6.88 -9.49 -9.84
N ALA A 132 5.78 -9.24 -10.56
CA ALA A 132 5.81 -9.26 -12.02
C ALA A 132 6.82 -8.26 -12.57
N LEU A 133 6.83 -7.07 -11.98
CA LEU A 133 7.73 -6.01 -12.41
C LEU A 133 9.18 -6.41 -12.18
N ARG A 134 9.44 -7.01 -11.03
CA ARG A 134 10.80 -7.41 -10.68
C ARG A 134 11.25 -8.64 -11.48
N ALA A 135 10.30 -9.40 -12.00
CA ALA A 135 10.63 -10.62 -12.73
C ALA A 135 10.75 -10.35 -14.24
N ALA A 136 9.87 -9.51 -14.77
CA ALA A 136 9.87 -9.20 -16.19
C ALA A 136 10.77 -8.02 -16.49
N ARG A 137 10.86 -7.10 -15.53
CA ARG A 137 11.64 -5.87 -15.64
C ARG A 137 11.11 -4.95 -16.74
N PRO A 138 10.38 -3.90 -16.35
CA PRO A 138 9.91 -2.90 -17.29
C PRO A 138 11.02 -1.90 -17.63
N ALA A 139 11.21 -1.64 -18.92
CA ALA A 139 12.24 -0.70 -19.34
C ALA A 139 11.79 0.73 -19.08
N ASP A 140 10.53 1.01 -19.39
CA ASP A 140 9.93 2.30 -19.16
C ASP A 140 8.41 2.17 -19.11
N GLY A 1 -17.93 14.37 -19.34
CA GLY A 1 -19.19 13.58 -19.33
C GLY A 1 -19.77 13.49 -17.93
N PRO A 2 -21.08 13.26 -17.82
CA PRO A 2 -21.78 13.19 -16.53
C PRO A 2 -21.58 11.85 -15.81
N LEU A 3 -20.48 11.18 -16.12
CA LEU A 3 -20.18 9.89 -15.50
C LEU A 3 -19.59 10.09 -14.11
N GLY A 4 -20.47 10.30 -13.14
CA GLY A 4 -20.05 10.47 -11.76
C GLY A 4 -21.13 10.07 -10.81
N SER A 5 -21.70 8.89 -11.05
CA SER A 5 -22.80 8.36 -10.25
C SER A 5 -22.34 8.00 -8.85
N MET A 6 -21.40 7.06 -8.76
CA MET A 6 -20.87 6.63 -7.48
C MET A 6 -19.61 7.41 -7.13
N LYS A 7 -19.01 7.06 -6.01
CA LYS A 7 -17.80 7.73 -5.54
C LYS A 7 -16.66 6.74 -5.46
N MET A 8 -15.48 7.18 -5.81
CA MET A 8 -14.29 6.37 -5.64
C MET A 8 -13.54 6.78 -4.40
N ILE A 9 -13.06 5.80 -3.68
CA ILE A 9 -12.24 6.02 -2.51
C ILE A 9 -10.80 5.72 -2.88
N GLU A 10 -9.97 6.73 -2.85
CA GLU A 10 -8.60 6.54 -3.29
C GLU A 10 -7.75 6.10 -2.13
N VAL A 11 -7.06 5.00 -2.31
CA VAL A 11 -6.20 4.48 -1.28
C VAL A 11 -4.83 4.19 -1.88
N VAL A 12 -3.85 4.89 -1.38
CA VAL A 12 -2.51 4.73 -1.89
C VAL A 12 -1.73 3.79 -1.00
N ALA A 13 -1.04 2.85 -1.61
CA ALA A 13 -0.30 1.86 -0.88
C ALA A 13 1.17 2.01 -1.19
N ALA A 14 1.98 2.13 -0.16
CA ALA A 14 3.40 2.29 -0.34
C ALA A 14 4.09 0.99 -0.07
N ILE A 15 4.68 0.44 -1.10
CA ILE A 15 5.42 -0.78 -0.97
C ILE A 15 6.83 -0.44 -0.56
N ILE A 16 7.13 -0.62 0.71
CA ILE A 16 8.43 -0.26 1.21
C ILE A 16 9.39 -1.39 0.90
N GLU A 17 10.18 -1.23 -0.14
CA GLU A 17 11.12 -2.27 -0.53
C GLU A 17 12.52 -1.78 -0.27
N ARG A 18 13.15 -2.34 0.72
CA ARG A 18 14.51 -1.99 1.09
C ARG A 18 15.33 -3.26 1.24
N ASP A 19 16.49 -3.27 0.59
CA ASP A 19 17.40 -4.42 0.62
C ASP A 19 16.75 -5.65 -0.03
N GLY A 20 15.70 -5.41 -0.81
CA GLY A 20 15.00 -6.50 -1.46
C GLY A 20 13.84 -7.03 -0.63
N LYS A 21 13.56 -6.39 0.49
CA LYS A 21 12.46 -6.81 1.36
C LYS A 21 11.36 -5.77 1.36
N ILE A 22 10.12 -6.23 1.43
CA ILE A 22 8.97 -5.35 1.44
C ILE A 22 8.39 -5.29 2.85
N LEU A 23 7.86 -4.13 3.22
CA LEU A 23 7.31 -3.91 4.54
C LEU A 23 5.82 -4.27 4.59
N LEU A 24 5.49 -5.20 5.48
CA LEU A 24 4.10 -5.56 5.72
C LEU A 24 3.71 -5.12 7.12
N ALA A 25 2.52 -4.59 7.27
CA ALA A 25 2.07 -4.06 8.53
C ALA A 25 0.73 -4.66 8.95
N GLN A 26 0.72 -5.30 10.11
CA GLN A 26 -0.47 -5.98 10.62
C GLN A 26 -1.49 -4.99 11.18
N ARG A 27 -2.50 -4.72 10.35
CA ARG A 27 -3.60 -3.78 10.65
C ARG A 27 -4.21 -3.39 9.31
N PRO A 28 -5.48 -3.74 9.07
CA PRO A 28 -6.09 -3.54 7.77
C PRO A 28 -6.67 -2.14 7.63
N ALA A 29 -7.71 -2.01 6.83
CA ALA A 29 -8.37 -0.74 6.67
C ALA A 29 -9.60 -0.66 7.57
N GLN A 30 -10.75 -1.09 7.06
CA GLN A 30 -11.97 -1.07 7.83
C GLN A 30 -12.50 -2.49 8.03
N SER A 31 -11.65 -3.46 7.74
CA SER A 31 -12.01 -4.87 7.86
C SER A 31 -12.28 -5.26 9.31
N ASP A 32 -11.60 -4.59 10.24
CA ASP A 32 -11.71 -4.87 11.68
C ASP A 32 -11.20 -6.26 12.00
N GLN A 33 -10.27 -6.75 11.18
CA GLN A 33 -9.74 -8.09 11.35
C GLN A 33 -8.25 -8.04 11.69
N ALA A 34 -7.89 -8.68 12.78
CA ALA A 34 -6.51 -8.70 13.23
C ALA A 34 -5.80 -9.96 12.76
N GLY A 35 -4.53 -9.82 12.39
CA GLY A 35 -3.75 -10.96 11.95
C GLY A 35 -3.39 -10.85 10.49
N LEU A 36 -4.21 -10.15 9.74
CA LEU A 36 -3.97 -9.92 8.32
C LEU A 36 -2.97 -8.78 8.14
N TRP A 37 -2.27 -8.79 7.01
CA TRP A 37 -1.28 -7.78 6.69
C TRP A 37 -1.69 -7.07 5.40
N GLU A 38 -1.33 -5.80 5.29
CA GLU A 38 -1.55 -5.03 4.08
C GLU A 38 -0.38 -4.07 3.92
N PHE A 39 -0.22 -3.49 2.75
CA PHE A 39 0.84 -2.52 2.52
C PHE A 39 0.50 -1.22 3.24
N ALA A 40 1.51 -0.56 3.78
CA ALA A 40 1.28 0.68 4.51
C ALA A 40 0.91 1.80 3.54
N GLY A 41 0.18 2.78 4.04
CA GLY A 41 -0.30 3.84 3.18
C GLY A 41 -1.54 4.46 3.78
N GLY A 42 -2.56 4.68 2.96
CA GLY A 42 -3.77 5.27 3.45
C GLY A 42 -4.67 5.80 2.37
N LYS A 43 -5.49 6.77 2.73
CA LYS A 43 -6.52 7.27 1.84
C LYS A 43 -6.14 8.64 1.30
N VAL A 44 -6.58 8.92 0.08
CA VAL A 44 -6.30 10.19 -0.56
C VAL A 44 -7.56 11.04 -0.56
N GLU A 45 -7.55 12.10 0.22
CA GLU A 45 -8.69 12.99 0.27
C GLU A 45 -8.49 14.13 -0.71
N PRO A 46 -9.58 14.73 -1.22
CA PRO A 46 -9.55 15.66 -2.36
C PRO A 46 -8.85 17.00 -2.07
N ASP A 47 -8.04 17.05 -1.03
CA ASP A 47 -7.27 18.24 -0.74
C ASP A 47 -5.76 17.95 -0.79
N GLU A 48 -5.42 16.69 -1.00
CA GLU A 48 -4.01 16.30 -1.00
C GLU A 48 -3.63 15.54 -2.27
N SER A 49 -2.33 15.42 -2.50
CA SER A 49 -1.80 14.74 -3.68
C SER A 49 -1.65 13.24 -3.40
N GLN A 50 -1.69 12.43 -4.45
CA GLN A 50 -1.52 10.98 -4.33
C GLN A 50 -0.17 10.63 -3.72
N ARG A 51 0.89 11.25 -4.24
CA ARG A 51 2.22 11.02 -3.72
C ARG A 51 2.34 11.56 -2.31
N GLN A 52 1.75 12.73 -2.10
CA GLN A 52 1.85 13.41 -0.83
C GLN A 52 1.07 12.65 0.23
N ALA A 53 -0.02 12.02 -0.19
CA ALA A 53 -0.83 11.18 0.69
C ALA A 53 0.02 10.06 1.26
N LEU A 54 0.76 9.36 0.40
CA LEU A 54 1.64 8.29 0.84
C LEU A 54 2.72 8.84 1.75
N VAL A 55 3.30 9.95 1.33
CA VAL A 55 4.36 10.59 2.08
C VAL A 55 3.89 10.95 3.49
N ARG A 56 2.70 11.53 3.59
CA ARG A 56 2.19 11.95 4.88
C ARG A 56 1.66 10.76 5.69
N GLU A 57 0.99 9.81 5.03
CA GLU A 57 0.48 8.62 5.73
C GLU A 57 1.62 7.82 6.36
N LEU A 58 2.71 7.61 5.62
CA LEU A 58 3.85 6.89 6.17
C LEU A 58 4.52 7.73 7.25
N ARG A 59 4.50 9.04 7.05
CA ARG A 59 5.01 9.97 8.03
C ARG A 59 4.26 9.86 9.35
N GLU A 60 2.96 9.58 9.27
CA GLU A 60 2.13 9.49 10.46
C GLU A 60 2.14 8.08 11.05
N GLU A 61 2.10 7.06 10.19
CA GLU A 61 2.08 5.68 10.68
C GLU A 61 3.50 5.13 10.86
N LEU A 62 4.33 5.29 9.85
CA LEU A 62 5.63 4.64 9.84
C LEU A 62 6.74 5.57 10.31
N GLY A 63 6.36 6.77 10.75
CA GLY A 63 7.34 7.77 11.15
C GLY A 63 8.41 8.05 10.12
N ILE A 64 8.09 7.87 8.84
CA ILE A 64 9.06 8.14 7.78
C ILE A 64 8.48 9.04 6.70
N GLU A 65 9.27 10.02 6.30
CA GLU A 65 8.89 10.92 5.23
C GLU A 65 9.41 10.34 3.91
N ALA A 66 8.54 9.61 3.24
CA ALA A 66 8.91 8.85 2.05
C ALA A 66 8.89 9.70 0.78
N THR A 67 9.55 9.23 -0.25
CA THR A 67 9.46 9.87 -1.56
C THR A 67 8.82 8.89 -2.54
N VAL A 68 8.02 9.42 -3.44
CA VAL A 68 7.32 8.59 -4.41
C VAL A 68 7.91 8.78 -5.80
N GLY A 69 8.43 7.71 -6.39
CA GLY A 69 9.13 7.87 -7.65
C GLY A 69 9.33 6.57 -8.42
N GLU A 70 8.22 5.87 -8.72
CA GLU A 70 8.22 4.61 -9.50
C GLU A 70 6.91 3.85 -9.26
N TYR A 71 6.05 3.87 -10.27
CA TYR A 71 4.72 3.27 -10.17
C TYR A 71 4.76 1.76 -10.38
N VAL A 72 4.12 1.01 -9.48
CA VAL A 72 4.08 -0.44 -9.58
C VAL A 72 2.80 -0.92 -10.26
N ALA A 73 1.68 -0.81 -9.55
CA ALA A 73 0.40 -1.24 -10.08
C ALA A 73 -0.76 -0.64 -9.32
N SER A 74 -1.98 -1.00 -9.72
CA SER A 74 -3.18 -0.56 -9.04
C SER A 74 -4.19 -1.71 -8.97
N HIS A 75 -5.07 -1.66 -7.98
CA HIS A 75 -6.14 -2.64 -7.88
C HIS A 75 -7.38 -1.96 -7.33
N GLN A 76 -8.53 -2.41 -7.78
CA GLN A 76 -9.80 -1.88 -7.34
C GLN A 76 -10.57 -2.88 -6.51
N ARG A 77 -11.21 -2.38 -5.47
CA ARG A 77 -12.07 -3.17 -4.61
C ARG A 77 -13.18 -2.25 -4.15
N GLU A 78 -14.32 -2.78 -3.73
CA GLU A 78 -15.40 -1.90 -3.34
C GLU A 78 -15.67 -1.98 -1.85
N VAL A 79 -16.17 -0.89 -1.29
CA VAL A 79 -16.64 -0.90 0.07
C VAL A 79 -18.12 -0.50 0.06
N SER A 80 -18.97 -1.51 -0.01
CA SER A 80 -20.42 -1.34 -0.14
C SER A 80 -20.81 -0.20 -1.09
N GLY A 81 -20.69 -0.46 -2.39
CA GLY A 81 -21.10 0.49 -3.40
C GLY A 81 -20.05 1.51 -3.77
N ARG A 82 -19.10 1.77 -2.88
CA ARG A 82 -18.03 2.70 -3.18
C ARG A 82 -16.82 1.95 -3.72
N ILE A 83 -16.25 2.45 -4.79
CA ILE A 83 -15.12 1.78 -5.42
C ILE A 83 -13.82 2.34 -4.89
N ILE A 84 -13.07 1.51 -4.17
CA ILE A 84 -11.80 1.91 -3.62
C ILE A 84 -10.70 1.65 -4.64
N HIS A 85 -9.90 2.67 -4.88
CA HIS A 85 -8.89 2.62 -5.92
C HIS A 85 -7.50 2.61 -5.28
N LEU A 86 -6.86 1.46 -5.29
CA LEU A 86 -5.56 1.33 -4.64
C LEU A 86 -4.42 1.57 -5.63
N HIS A 87 -3.58 2.54 -5.30
CA HIS A 87 -2.40 2.85 -6.10
C HIS A 87 -1.15 2.35 -5.38
N ALA A 88 -0.45 1.40 -5.96
CA ALA A 88 0.75 0.85 -5.34
C ALA A 88 2.00 1.49 -5.91
N TRP A 89 2.74 2.19 -5.06
CA TRP A 89 4.01 2.79 -5.44
C TRP A 89 5.14 2.19 -4.62
N HIS A 90 6.33 2.18 -5.19
CA HIS A 90 7.52 1.77 -4.46
C HIS A 90 8.26 3.01 -4.01
N VAL A 91 8.55 3.07 -2.72
CA VAL A 91 9.33 4.17 -2.18
C VAL A 91 10.82 3.84 -2.21
N PRO A 92 11.57 4.48 -3.12
CA PRO A 92 13.00 4.23 -3.29
C PRO A 92 13.82 4.81 -2.14
N ASP A 93 13.26 5.80 -1.46
CA ASP A 93 13.97 6.47 -0.37
C ASP A 93 12.98 7.02 0.64
N PHE A 94 13.36 6.96 1.91
CA PHE A 94 12.54 7.50 2.99
C PHE A 94 13.40 8.26 3.99
N HIS A 95 12.75 9.00 4.86
CA HIS A 95 13.43 9.83 5.84
C HIS A 95 12.98 9.42 7.25
N GLY A 96 13.91 8.98 8.07
CA GLY A 96 13.59 8.57 9.43
C GLY A 96 13.69 7.08 9.61
N THR A 97 12.99 6.55 10.61
CA THR A 97 13.00 5.13 10.90
C THR A 97 11.58 4.59 10.88
N LEU A 98 11.38 3.48 10.20
CA LEU A 98 10.06 2.92 10.00
C LEU A 98 9.55 2.27 11.28
N GLN A 99 8.42 2.78 11.76
CA GLN A 99 7.82 2.31 12.99
C GLN A 99 6.33 2.04 12.76
N ALA A 100 5.68 1.43 13.72
CA ALA A 100 4.26 1.13 13.58
C ALA A 100 3.42 1.93 14.57
N HIS A 101 2.66 2.89 14.04
CA HIS A 101 1.81 3.75 14.85
C HIS A 101 0.45 3.11 15.07
N GLU A 102 -0.32 2.98 13.99
CA GLU A 102 -1.64 2.39 14.07
C GLU A 102 -1.57 0.91 13.76
N HIS A 103 -0.70 0.55 12.82
CA HIS A 103 -0.44 -0.84 12.52
C HIS A 103 0.31 -1.46 13.71
N GLN A 104 0.03 -2.73 13.99
CA GLN A 104 0.55 -3.35 15.20
C GLN A 104 1.95 -3.91 15.00
N ALA A 105 2.07 -4.96 14.19
CA ALA A 105 3.35 -5.60 13.95
C ALA A 105 3.82 -5.35 12.53
N LEU A 106 5.12 -5.29 12.34
CA LEU A 106 5.71 -5.02 11.02
C LEU A 106 6.76 -6.05 10.70
N VAL A 107 6.70 -6.56 9.48
CA VAL A 107 7.67 -7.54 9.03
C VAL A 107 8.29 -7.10 7.72
N TRP A 108 9.57 -7.39 7.56
CA TRP A 108 10.26 -7.16 6.32
C TRP A 108 10.60 -8.50 5.67
N CYS A 109 10.03 -8.74 4.51
CA CYS A 109 10.26 -10.00 3.82
C CYS A 109 10.35 -9.76 2.31
N SER A 110 11.00 -10.66 1.61
CA SER A 110 11.18 -10.52 0.17
C SER A 110 9.80 -10.51 -0.52
N PRO A 111 9.68 -9.93 -1.74
CA PRO A 111 8.43 -9.92 -2.49
C PRO A 111 7.73 -11.28 -2.53
N GLU A 112 8.50 -12.33 -2.81
CA GLU A 112 7.97 -13.68 -2.89
C GLU A 112 7.44 -14.16 -1.53
N GLU A 113 8.07 -13.71 -0.46
CA GLU A 113 7.66 -14.07 0.89
C GLU A 113 6.36 -13.38 1.30
N ALA A 114 6.20 -12.15 0.84
CA ALA A 114 5.05 -11.32 1.22
C ALA A 114 3.72 -11.97 0.84
N LEU A 115 3.68 -12.63 -0.31
CA LEU A 115 2.44 -13.21 -0.81
C LEU A 115 2.06 -14.46 -0.01
N GLN A 116 2.97 -14.95 0.81
CA GLN A 116 2.69 -16.08 1.69
C GLN A 116 1.95 -15.63 2.94
N TYR A 117 1.88 -14.32 3.14
CA TYR A 117 1.22 -13.76 4.31
C TYR A 117 -0.23 -13.44 3.97
N PRO A 118 -1.10 -13.30 4.98
CA PRO A 118 -2.49 -12.95 4.77
C PRO A 118 -2.66 -11.50 4.34
N LEU A 119 -2.26 -11.22 3.12
CA LEU A 119 -2.42 -9.89 2.54
C LEU A 119 -3.85 -9.72 2.08
N ALA A 120 -4.33 -8.48 2.07
CA ALA A 120 -5.69 -8.22 1.63
C ALA A 120 -5.86 -8.62 0.16
N PRO A 121 -7.10 -8.93 -0.28
CA PRO A 121 -7.40 -9.32 -1.66
C PRO A 121 -7.05 -8.24 -2.68
N ALA A 122 -6.63 -7.08 -2.20
CA ALA A 122 -6.21 -6.00 -3.07
C ALA A 122 -4.70 -5.96 -3.16
N ASP A 123 -4.04 -6.36 -2.08
CA ASP A 123 -2.60 -6.29 -1.97
C ASP A 123 -1.95 -7.46 -2.70
N ILE A 124 -2.70 -8.55 -2.84
CA ILE A 124 -2.21 -9.73 -3.54
C ILE A 124 -1.91 -9.38 -5.01
N PRO A 125 -2.92 -8.89 -5.78
CA PRO A 125 -2.70 -8.46 -7.17
C PRO A 125 -1.64 -7.36 -7.30
N LEU A 126 -1.46 -6.58 -6.24
CA LEU A 126 -0.46 -5.51 -6.25
C LEU A 126 0.94 -6.11 -6.14
N LEU A 127 1.09 -7.06 -5.22
CA LEU A 127 2.37 -7.71 -5.02
C LEU A 127 2.68 -8.61 -6.22
N GLU A 128 1.65 -9.26 -6.76
CA GLU A 128 1.78 -10.07 -7.96
C GLU A 128 2.49 -9.29 -9.06
N ALA A 129 2.08 -8.04 -9.26
CA ALA A 129 2.68 -7.22 -10.31
C ALA A 129 3.96 -6.54 -9.83
N PHE A 130 4.20 -6.53 -8.53
CA PHE A 130 5.43 -5.96 -8.01
C PHE A 130 6.57 -6.91 -8.27
N MET A 131 6.34 -8.17 -7.94
CA MET A 131 7.31 -9.21 -8.21
C MET A 131 7.39 -9.45 -9.72
N ALA A 132 6.28 -9.22 -10.42
CA ALA A 132 6.27 -9.23 -11.89
C ALA A 132 7.14 -8.11 -12.44
N LEU A 133 7.08 -6.94 -11.80
CA LEU A 133 7.83 -5.78 -12.26
C LEU A 133 9.32 -5.99 -12.07
N ARG A 134 9.68 -6.61 -10.96
CA ARG A 134 11.07 -6.93 -10.67
C ARG A 134 11.60 -8.02 -11.58
N ALA A 135 10.70 -8.84 -12.10
CA ALA A 135 11.09 -9.96 -12.95
C ALA A 135 11.15 -9.57 -14.42
N ALA A 136 10.24 -8.69 -14.84
CA ALA A 136 10.17 -8.29 -16.23
C ALA A 136 10.92 -6.99 -16.49
N ARG A 137 10.81 -6.05 -15.55
CA ARG A 137 11.42 -4.72 -15.67
C ARG A 137 10.89 -3.98 -16.91
N PRO A 138 9.74 -3.31 -16.77
CA PRO A 138 9.14 -2.54 -17.85
C PRO A 138 9.85 -1.19 -18.06
N ALA A 139 9.45 -0.46 -19.09
CA ALA A 139 10.03 0.84 -19.37
C ALA A 139 9.03 1.94 -19.04
N ASP A 140 8.04 2.11 -19.90
CA ASP A 140 6.98 3.09 -19.69
C ASP A 140 5.65 2.52 -20.13
N GLY A 1 -27.26 15.41 -2.75
CA GLY A 1 -28.11 15.05 -3.90
C GLY A 1 -28.87 13.76 -3.67
N PRO A 2 -29.19 13.01 -4.73
CA PRO A 2 -29.90 11.74 -4.63
C PRO A 2 -29.05 10.68 -3.91
N LEU A 3 -29.72 9.67 -3.35
CA LEU A 3 -29.02 8.62 -2.60
C LEU A 3 -28.41 7.59 -3.55
N GLY A 4 -27.29 7.96 -4.15
CA GLY A 4 -26.58 7.05 -5.02
C GLY A 4 -25.09 7.32 -4.98
N SER A 5 -24.53 7.29 -3.77
CA SER A 5 -23.13 7.65 -3.57
C SER A 5 -22.21 6.48 -3.87
N MET A 6 -21.93 6.28 -5.15
CA MET A 6 -20.93 5.31 -5.56
C MET A 6 -19.60 6.03 -5.76
N LYS A 7 -19.21 6.76 -4.72
CA LYS A 7 -17.96 7.51 -4.75
C LYS A 7 -16.77 6.60 -4.78
N MET A 8 -15.64 7.12 -5.26
CA MET A 8 -14.41 6.37 -5.25
C MET A 8 -13.60 6.70 -4.02
N ILE A 9 -13.10 5.67 -3.39
CA ILE A 9 -12.26 5.80 -2.22
C ILE A 9 -10.84 5.52 -2.65
N GLU A 10 -10.02 6.54 -2.66
CA GLU A 10 -8.68 6.38 -3.19
C GLU A 10 -7.73 6.10 -2.05
N VAL A 11 -6.99 5.01 -2.17
CA VAL A 11 -6.06 4.61 -1.16
C VAL A 11 -4.72 4.36 -1.80
N VAL A 12 -3.70 5.02 -1.27
CA VAL A 12 -2.37 4.85 -1.79
C VAL A 12 -1.60 3.87 -0.94
N ALA A 13 -0.97 2.90 -1.56
CA ALA A 13 -0.29 1.86 -0.84
C ALA A 13 1.20 2.02 -1.02
N ALA A 14 1.91 2.10 0.09
CA ALA A 14 3.33 2.31 0.08
C ALA A 14 4.06 1.01 0.30
N ILE A 15 4.75 0.57 -0.72
CA ILE A 15 5.53 -0.64 -0.64
C ILE A 15 6.93 -0.27 -0.20
N ILE A 16 7.20 -0.46 1.08
CA ILE A 16 8.50 -0.13 1.61
C ILE A 16 9.42 -1.31 1.37
N GLU A 17 10.26 -1.21 0.36
CA GLU A 17 11.11 -2.31 0.00
C GLU A 17 12.56 -1.88 0.12
N ARG A 18 13.29 -2.59 0.96
CA ARG A 18 14.69 -2.33 1.18
C ARG A 18 15.37 -3.65 1.51
N ASP A 19 16.56 -3.87 0.93
CA ASP A 19 17.34 -5.08 1.16
C ASP A 19 16.64 -6.31 0.59
N GLY A 20 15.69 -6.07 -0.31
CA GLY A 20 14.98 -7.16 -0.95
C GLY A 20 13.79 -7.64 -0.14
N LYS A 21 13.41 -6.88 0.88
CA LYS A 21 12.23 -7.20 1.67
C LYS A 21 11.22 -6.08 1.59
N ILE A 22 9.95 -6.43 1.69
CA ILE A 22 8.87 -5.47 1.69
C ILE A 22 8.27 -5.35 3.08
N LEU A 23 7.95 -4.13 3.47
CA LEU A 23 7.38 -3.84 4.78
C LEU A 23 5.90 -4.20 4.82
N LEU A 24 5.56 -5.18 5.64
CA LEU A 24 4.18 -5.54 5.88
C LEU A 24 3.77 -5.14 7.29
N ALA A 25 2.59 -4.57 7.41
CA ALA A 25 2.10 -4.09 8.69
C ALA A 25 0.82 -4.81 9.10
N GLN A 26 0.87 -5.49 10.24
CA GLN A 26 -0.27 -6.27 10.73
C GLN A 26 -1.37 -5.35 11.25
N ARG A 27 -2.44 -5.24 10.45
CA ARG A 27 -3.65 -4.51 10.80
C ARG A 27 -4.46 -4.37 9.53
N PRO A 28 -5.53 -5.16 9.36
CA PRO A 28 -6.27 -5.20 8.12
C PRO A 28 -7.35 -4.13 8.07
N ALA A 29 -8.40 -4.39 7.31
CA ALA A 29 -9.43 -3.40 7.11
C ALA A 29 -10.53 -3.52 8.17
N GLN A 30 -11.47 -4.44 7.93
CA GLN A 30 -12.62 -4.58 8.80
C GLN A 30 -12.61 -5.95 9.49
N SER A 31 -11.45 -6.59 9.50
CA SER A 31 -11.34 -7.94 10.00
C SER A 31 -10.88 -7.97 11.46
N ASP A 32 -11.79 -8.30 12.37
CA ASP A 32 -11.48 -8.38 13.79
C ASP A 32 -10.62 -9.61 14.10
N GLN A 33 -10.32 -10.38 13.06
CA GLN A 33 -9.58 -11.62 13.21
C GLN A 33 -8.11 -11.35 13.42
N ALA A 34 -7.65 -10.21 12.93
CA ALA A 34 -6.25 -9.83 12.99
C ALA A 34 -5.35 -10.85 12.28
N GLY A 35 -4.04 -10.73 12.47
CA GLY A 35 -3.11 -11.69 11.90
C GLY A 35 -2.73 -11.37 10.47
N LEU A 36 -3.60 -10.69 9.76
CA LEU A 36 -3.39 -10.35 8.37
C LEU A 36 -2.42 -9.19 8.22
N TRP A 37 -1.64 -9.21 7.15
CA TRP A 37 -0.67 -8.15 6.89
C TRP A 37 -1.05 -7.42 5.61
N GLU A 38 -0.65 -6.16 5.51
CA GLU A 38 -0.94 -5.36 4.34
C GLU A 38 0.12 -4.27 4.18
N PHE A 39 0.04 -3.52 3.09
CA PHE A 39 0.99 -2.46 2.83
C PHE A 39 0.58 -1.19 3.58
N ALA A 40 1.55 -0.39 3.96
CA ALA A 40 1.27 0.85 4.68
C ALA A 40 0.77 1.92 3.72
N GLY A 41 0.14 2.95 4.25
CA GLY A 41 -0.37 4.01 3.41
C GLY A 41 -1.58 4.67 4.02
N GLY A 42 -2.60 4.90 3.19
CA GLY A 42 -3.81 5.52 3.70
C GLY A 42 -4.69 6.06 2.59
N LYS A 43 -5.80 6.65 2.99
CA LYS A 43 -6.77 7.20 2.05
C LYS A 43 -6.31 8.57 1.56
N VAL A 44 -6.68 8.89 0.33
CA VAL A 44 -6.30 10.15 -0.28
C VAL A 44 -7.48 11.11 -0.26
N GLU A 45 -7.28 12.29 0.31
CA GLU A 45 -8.31 13.29 0.29
C GLU A 45 -8.26 14.03 -1.04
N PRO A 46 -9.42 14.50 -1.55
CA PRO A 46 -9.49 15.18 -2.85
C PRO A 46 -8.66 16.47 -2.91
N ASP A 47 -8.09 16.85 -1.78
CA ASP A 47 -7.32 18.10 -1.69
C ASP A 47 -5.83 17.82 -1.60
N GLU A 48 -5.44 16.56 -1.72
CA GLU A 48 -4.04 16.20 -1.71
C GLU A 48 -3.75 15.19 -2.82
N SER A 49 -2.51 15.14 -3.26
CA SER A 49 -2.14 14.27 -4.37
C SER A 49 -1.71 12.89 -3.86
N GLN A 50 -1.61 11.93 -4.75
CA GLN A 50 -1.28 10.56 -4.40
C GLN A 50 0.09 10.47 -3.73
N ARG A 51 1.07 11.19 -4.28
CA ARG A 51 2.41 11.22 -3.69
C ARG A 51 2.34 11.85 -2.31
N GLN A 52 1.58 12.94 -2.23
CA GLN A 52 1.48 13.72 -1.01
C GLN A 52 0.81 12.91 0.09
N ALA A 53 -0.22 12.17 -0.28
CA ALA A 53 -0.94 11.32 0.66
C ALA A 53 -0.02 10.26 1.23
N LEU A 54 0.76 9.60 0.37
CA LEU A 54 1.68 8.57 0.81
C LEU A 54 2.70 9.14 1.78
N VAL A 55 3.27 10.27 1.42
CA VAL A 55 4.29 10.91 2.23
C VAL A 55 3.75 11.25 3.62
N ARG A 56 2.58 11.88 3.68
CA ARG A 56 2.02 12.28 4.96
C ARG A 56 1.57 11.08 5.78
N GLU A 57 0.93 10.10 5.13
CA GLU A 57 0.47 8.90 5.82
C GLU A 57 1.62 8.14 6.45
N LEU A 58 2.70 7.93 5.70
CA LEU A 58 3.84 7.21 6.24
C LEU A 58 4.51 8.02 7.32
N ARG A 59 4.47 9.33 7.19
CA ARG A 59 4.99 10.22 8.21
C ARG A 59 4.21 10.04 9.53
N GLU A 60 2.92 9.79 9.42
CA GLU A 60 2.08 9.65 10.60
C GLU A 60 2.09 8.23 11.13
N GLU A 61 2.13 7.25 10.23
CA GLU A 61 2.16 5.86 10.65
C GLU A 61 3.57 5.38 10.91
N LEU A 62 4.44 5.56 9.93
CA LEU A 62 5.75 4.93 9.94
C LEU A 62 6.82 5.91 10.42
N GLY A 63 6.41 7.12 10.79
CA GLY A 63 7.35 8.16 11.16
C GLY A 63 8.46 8.38 10.14
N ILE A 64 8.18 8.14 8.86
CA ILE A 64 9.20 8.33 7.82
C ILE A 64 8.76 9.34 6.78
N GLU A 65 9.71 10.13 6.32
CA GLU A 65 9.49 11.07 5.23
C GLU A 65 9.94 10.44 3.93
N ALA A 66 8.99 9.90 3.18
CA ALA A 66 9.30 9.15 1.98
C ALA A 66 9.39 10.04 0.75
N THR A 67 10.12 9.57 -0.24
CA THR A 67 10.24 10.27 -1.51
C THR A 67 9.55 9.45 -2.60
N VAL A 68 8.47 9.97 -3.16
CA VAL A 68 7.69 9.24 -4.16
C VAL A 68 8.21 9.50 -5.56
N GLY A 69 8.39 8.44 -6.34
CA GLY A 69 8.89 8.59 -7.70
C GLY A 69 9.14 7.26 -8.38
N GLU A 70 8.05 6.47 -8.55
CA GLU A 70 8.08 5.13 -9.17
C GLU A 70 6.89 4.30 -8.67
N TYR A 71 5.84 4.23 -9.46
CA TYR A 71 4.65 3.51 -9.06
C TYR A 71 4.65 2.09 -9.64
N VAL A 72 4.10 1.15 -8.88
CA VAL A 72 4.13 -0.26 -9.25
C VAL A 72 2.88 -0.67 -10.03
N ALA A 73 1.74 -0.71 -9.36
CA ALA A 73 0.49 -1.10 -10.02
C ALA A 73 -0.71 -0.52 -9.30
N SER A 74 -1.89 -0.69 -9.89
CA SER A 74 -3.13 -0.25 -9.27
C SER A 74 -4.18 -1.36 -9.31
N HIS A 75 -5.07 -1.37 -8.33
CA HIS A 75 -6.16 -2.33 -8.31
C HIS A 75 -7.41 -1.68 -7.72
N GLN A 76 -8.57 -2.12 -8.18
CA GLN A 76 -9.84 -1.63 -7.67
C GLN A 76 -10.56 -2.70 -6.86
N ARG A 77 -11.18 -2.27 -5.78
CA ARG A 77 -12.02 -3.13 -4.96
C ARG A 77 -13.16 -2.28 -4.45
N GLU A 78 -14.20 -2.85 -3.89
CA GLU A 78 -15.30 -2.02 -3.41
C GLU A 78 -15.55 -2.20 -1.92
N VAL A 79 -16.02 -1.14 -1.29
CA VAL A 79 -16.44 -1.18 0.10
C VAL A 79 -17.90 -0.75 0.19
N SER A 80 -18.79 -1.75 0.21
CA SER A 80 -20.23 -1.54 0.22
C SER A 80 -20.67 -0.45 -0.76
N GLY A 81 -20.61 -0.77 -2.06
CA GLY A 81 -21.07 0.15 -3.08
C GLY A 81 -20.05 1.19 -3.50
N ARG A 82 -19.07 1.47 -2.65
CA ARG A 82 -18.05 2.46 -2.97
C ARG A 82 -16.84 1.79 -3.59
N ILE A 83 -16.28 2.39 -4.62
CA ILE A 83 -15.16 1.79 -5.34
C ILE A 83 -13.84 2.32 -4.80
N ILE A 84 -13.05 1.44 -4.21
CA ILE A 84 -11.76 1.81 -3.66
C ILE A 84 -10.67 1.65 -4.71
N HIS A 85 -9.89 2.70 -4.88
CA HIS A 85 -8.84 2.75 -5.87
C HIS A 85 -7.48 2.69 -5.19
N LEU A 86 -6.81 1.55 -5.28
CA LEU A 86 -5.51 1.39 -4.65
C LEU A 86 -4.39 1.56 -5.66
N HIS A 87 -3.43 2.41 -5.34
CA HIS A 87 -2.26 2.59 -6.18
C HIS A 87 -1.02 2.24 -5.38
N ALA A 88 -0.30 1.21 -5.83
CA ALA A 88 0.89 0.74 -5.13
C ALA A 88 2.13 1.48 -5.62
N TRP A 89 2.95 1.92 -4.68
CA TRP A 89 4.16 2.67 -4.98
C TRP A 89 5.35 2.07 -4.24
N HIS A 90 6.46 1.92 -4.94
CA HIS A 90 7.69 1.43 -4.34
C HIS A 90 8.53 2.62 -3.87
N VAL A 91 9.02 2.55 -2.65
CA VAL A 91 9.74 3.68 -2.07
C VAL A 91 11.24 3.60 -2.39
N PRO A 92 11.72 4.52 -3.24
CA PRO A 92 13.13 4.59 -3.59
C PRO A 92 13.98 5.17 -2.46
N ASP A 93 13.36 6.01 -1.64
CA ASP A 93 14.06 6.67 -0.54
C ASP A 93 13.06 7.13 0.51
N PHE A 94 13.48 7.01 1.76
CA PHE A 94 12.68 7.47 2.89
C PHE A 94 13.59 7.98 4.00
N HIS A 95 13.19 9.05 4.65
CA HIS A 95 13.98 9.64 5.73
C HIS A 95 13.29 9.42 7.07
N GLY A 96 13.97 8.72 7.98
CA GLY A 96 13.40 8.49 9.29
C GLY A 96 13.48 7.03 9.70
N THR A 97 12.77 6.67 10.76
CA THR A 97 12.76 5.30 11.24
C THR A 97 11.33 4.77 11.18
N LEU A 98 11.14 3.68 10.46
CA LEU A 98 9.81 3.18 10.21
C LEU A 98 9.23 2.48 11.42
N GLN A 99 8.08 2.96 11.85
CA GLN A 99 7.41 2.45 13.03
C GLN A 99 5.94 2.19 12.70
N ALA A 100 5.23 1.53 13.60
CA ALA A 100 3.81 1.27 13.39
C ALA A 100 2.96 2.07 14.36
N HIS A 101 2.10 2.91 13.83
CA HIS A 101 1.21 3.71 14.66
C HIS A 101 -0.22 3.24 14.50
N GLU A 102 -0.71 3.25 13.27
CA GLU A 102 -2.06 2.82 12.98
C GLU A 102 -2.11 1.30 12.85
N HIS A 103 -1.15 0.75 12.11
CA HIS A 103 -0.97 -0.70 12.07
C HIS A 103 -0.19 -1.14 13.30
N GLN A 104 -0.21 -2.43 13.62
CA GLN A 104 0.35 -2.91 14.88
C GLN A 104 1.86 -3.21 14.80
N ALA A 105 2.24 -4.21 14.01
CA ALA A 105 3.64 -4.62 13.93
C ALA A 105 4.14 -4.63 12.50
N LEU A 106 5.46 -4.69 12.31
CA LEU A 106 6.07 -4.68 10.98
C LEU A 106 6.87 -5.95 10.75
N VAL A 107 6.78 -6.51 9.55
CA VAL A 107 7.64 -7.62 9.16
C VAL A 107 8.25 -7.37 7.78
N TRP A 108 9.52 -7.73 7.63
CA TRP A 108 10.19 -7.62 6.35
C TRP A 108 10.24 -8.98 5.64
N CYS A 109 9.50 -9.09 4.56
CA CYS A 109 9.51 -10.31 3.78
C CYS A 109 9.74 -10.00 2.30
N SER A 110 10.40 -10.91 1.60
CA SER A 110 10.71 -10.75 0.19
C SER A 110 9.43 -10.61 -0.63
N PRO A 111 9.51 -10.06 -1.86
CA PRO A 111 8.36 -9.93 -2.76
C PRO A 111 7.56 -11.23 -2.88
N GLU A 112 8.22 -12.32 -3.24
CA GLU A 112 7.54 -13.60 -3.40
C GLU A 112 7.04 -14.15 -2.06
N GLU A 113 7.72 -13.77 -0.98
CA GLU A 113 7.32 -14.19 0.36
C GLU A 113 6.06 -13.47 0.81
N ALA A 114 5.94 -12.20 0.42
CA ALA A 114 4.82 -11.36 0.83
C ALA A 114 3.49 -11.92 0.36
N LEU A 115 3.47 -12.48 -0.85
CA LEU A 115 2.24 -13.01 -1.41
C LEU A 115 1.84 -14.31 -0.73
N GLN A 116 2.77 -14.88 0.02
CA GLN A 116 2.49 -16.09 0.80
C GLN A 116 1.85 -15.72 2.13
N TYR A 117 1.88 -14.43 2.44
CA TYR A 117 1.30 -13.92 3.66
C TYR A 117 -0.17 -13.61 3.43
N PRO A 118 -0.97 -13.48 4.50
CA PRO A 118 -2.38 -13.12 4.37
C PRO A 118 -2.58 -11.66 3.97
N LEU A 119 -2.41 -11.38 2.69
CA LEU A 119 -2.61 -10.05 2.15
C LEU A 119 -4.07 -9.83 1.76
N ALA A 120 -4.50 -8.58 1.77
CA ALA A 120 -5.87 -8.24 1.40
C ALA A 120 -6.12 -8.54 -0.08
N PRO A 121 -7.39 -8.77 -0.47
CA PRO A 121 -7.78 -9.17 -1.84
C PRO A 121 -7.23 -8.25 -2.93
N ALA A 122 -7.04 -6.97 -2.61
CA ALA A 122 -6.56 -6.01 -3.61
C ALA A 122 -5.05 -5.89 -3.57
N ASP A 123 -4.48 -6.33 -2.47
CA ASP A 123 -3.04 -6.19 -2.25
C ASP A 123 -2.29 -7.32 -2.95
N ILE A 124 -3.00 -8.42 -3.19
CA ILE A 124 -2.44 -9.54 -3.92
C ILE A 124 -2.04 -9.13 -5.35
N PRO A 125 -3.00 -8.64 -6.18
CA PRO A 125 -2.72 -8.18 -7.54
C PRO A 125 -1.62 -7.12 -7.60
N LEU A 126 -1.49 -6.32 -6.54
CA LEU A 126 -0.48 -5.28 -6.50
C LEU A 126 0.91 -5.89 -6.36
N LEU A 127 1.03 -6.83 -5.43
CA LEU A 127 2.30 -7.48 -5.18
C LEU A 127 2.64 -8.42 -6.32
N GLU A 128 1.63 -9.10 -6.86
CA GLU A 128 1.83 -9.99 -8.00
C GLU A 128 2.52 -9.26 -9.15
N ALA A 129 2.15 -8.01 -9.39
CA ALA A 129 2.80 -7.23 -10.43
C ALA A 129 4.12 -6.68 -9.96
N PHE A 130 4.28 -6.49 -8.65
CA PHE A 130 5.52 -5.96 -8.12
C PHE A 130 6.63 -6.96 -8.36
N MET A 131 6.33 -8.23 -8.06
CA MET A 131 7.28 -9.29 -8.31
C MET A 131 7.42 -9.50 -9.82
N ALA A 132 6.31 -9.39 -10.57
CA ALA A 132 6.32 -9.51 -12.03
C ALA A 132 7.26 -8.51 -12.67
N LEU A 133 7.19 -7.27 -12.20
CA LEU A 133 7.99 -6.19 -12.74
C LEU A 133 9.47 -6.43 -12.52
N ARG A 134 9.80 -6.84 -11.31
CA ARG A 134 11.18 -7.07 -10.92
C ARG A 134 11.73 -8.37 -11.50
N ALA A 135 10.84 -9.25 -11.94
CA ALA A 135 11.25 -10.50 -12.56
C ALA A 135 11.38 -10.37 -14.09
N ALA A 136 10.46 -9.61 -14.69
CA ALA A 136 10.42 -9.50 -16.15
C ALA A 136 11.22 -8.31 -16.65
N ARG A 137 11.46 -7.34 -15.77
CA ARG A 137 12.18 -6.10 -16.08
C ARG A 137 11.83 -5.54 -17.46
N PRO A 138 10.64 -4.92 -17.57
CA PRO A 138 10.17 -4.35 -18.84
C PRO A 138 11.04 -3.19 -19.31
N ALA A 139 11.24 -3.12 -20.61
CA ALA A 139 11.99 -2.04 -21.21
C ALA A 139 11.28 -0.70 -20.99
N ASP A 140 10.08 -0.60 -21.53
CA ASP A 140 9.24 0.57 -21.32
C ASP A 140 7.88 0.13 -20.81
N GLY A 1 -34.01 9.12 -9.88
CA GLY A 1 -34.20 8.24 -8.71
C GLY A 1 -32.99 8.24 -7.80
N PRO A 2 -33.16 7.87 -6.52
CA PRO A 2 -32.07 7.88 -5.53
C PRO A 2 -31.09 6.72 -5.72
N LEU A 3 -31.41 5.83 -6.66
CA LEU A 3 -30.54 4.71 -6.96
C LEU A 3 -29.63 5.08 -8.13
N GLY A 4 -28.33 4.94 -7.93
CA GLY A 4 -27.37 5.31 -8.95
C GLY A 4 -26.22 6.10 -8.36
N SER A 5 -25.68 5.61 -7.26
CA SER A 5 -24.60 6.29 -6.57
C SER A 5 -23.37 5.39 -6.50
N MET A 6 -22.23 5.91 -6.91
CA MET A 6 -20.97 5.19 -6.79
C MET A 6 -19.79 6.17 -6.83
N LYS A 7 -19.35 6.57 -5.65
CA LYS A 7 -18.22 7.47 -5.53
C LYS A 7 -16.92 6.69 -5.48
N MET A 8 -15.82 7.34 -5.80
CA MET A 8 -14.53 6.68 -5.78
C MET A 8 -13.74 7.06 -4.54
N ILE A 9 -13.10 6.05 -3.96
CA ILE A 9 -12.27 6.21 -2.79
C ILE A 9 -10.83 5.94 -3.19
N GLU A 10 -9.98 6.93 -3.05
CA GLU A 10 -8.60 6.79 -3.48
C GLU A 10 -7.75 6.31 -2.33
N VAL A 11 -7.05 5.22 -2.54
CA VAL A 11 -6.21 4.65 -1.52
C VAL A 11 -4.80 4.49 -2.05
N VAL A 12 -3.83 5.00 -1.34
CA VAL A 12 -2.44 4.91 -1.74
C VAL A 12 -1.71 3.91 -0.87
N ALA A 13 -1.02 2.98 -1.52
CA ALA A 13 -0.31 1.94 -0.82
C ALA A 13 1.18 2.11 -1.02
N ALA A 14 1.90 2.20 0.08
CA ALA A 14 3.34 2.42 0.04
C ALA A 14 4.07 1.12 0.30
N ILE A 15 4.75 0.65 -0.72
CA ILE A 15 5.54 -0.55 -0.61
C ILE A 15 6.97 -0.17 -0.24
N ILE A 16 7.29 -0.31 1.03
CA ILE A 16 8.63 0.01 1.50
C ILE A 16 9.52 -1.17 1.20
N GLU A 17 10.30 -1.06 0.15
CA GLU A 17 11.11 -2.18 -0.30
C GLU A 17 12.57 -1.78 -0.33
N ARG A 18 13.37 -2.53 0.38
CA ARG A 18 14.79 -2.26 0.46
C ARG A 18 15.55 -3.57 0.56
N ASP A 19 16.66 -3.66 -0.18
CA ASP A 19 17.52 -4.85 -0.20
C ASP A 19 16.83 -6.05 -0.85
N GLY A 20 15.62 -5.85 -1.35
CA GLY A 20 14.89 -6.95 -1.93
C GLY A 20 13.83 -7.48 -0.98
N LYS A 21 13.58 -6.77 0.11
CA LYS A 21 12.54 -7.17 1.04
C LYS A 21 11.53 -6.05 1.23
N ILE A 22 10.27 -6.42 1.40
CA ILE A 22 9.18 -5.46 1.49
C ILE A 22 8.69 -5.35 2.93
N LEU A 23 8.21 -4.17 3.29
CA LEU A 23 7.66 -3.91 4.61
C LEU A 23 6.18 -4.29 4.67
N LEU A 24 5.88 -5.22 5.56
CA LEU A 24 4.49 -5.63 5.79
C LEU A 24 4.10 -5.31 7.23
N ALA A 25 2.92 -4.74 7.42
CA ALA A 25 2.44 -4.41 8.75
C ALA A 25 1.27 -5.29 9.15
N GLN A 26 1.40 -5.93 10.30
CA GLN A 26 0.31 -6.74 10.82
C GLN A 26 -0.72 -5.84 11.47
N ARG A 27 -1.98 -6.24 11.34
CA ARG A 27 -3.13 -5.53 11.91
C ARG A 27 -3.52 -4.41 10.96
N PRO A 28 -4.66 -4.58 10.28
CA PRO A 28 -5.06 -3.72 9.17
C PRO A 28 -5.79 -2.48 9.64
N ALA A 29 -6.66 -1.95 8.81
CA ALA A 29 -7.38 -0.73 9.12
C ALA A 29 -8.88 -0.95 9.28
N GLN A 30 -9.53 -1.45 8.23
CA GLN A 30 -10.97 -1.61 8.24
C GLN A 30 -11.37 -3.02 8.67
N SER A 31 -10.40 -3.91 8.76
CA SER A 31 -10.68 -5.30 9.13
C SER A 31 -10.39 -5.54 10.62
N ASP A 32 -11.32 -6.22 11.27
CA ASP A 32 -11.23 -6.48 12.71
C ASP A 32 -10.53 -7.81 12.98
N GLN A 33 -10.08 -8.42 11.91
CA GLN A 33 -9.43 -9.72 11.97
C GLN A 33 -7.92 -9.55 12.01
N ALA A 34 -7.26 -10.33 12.84
CA ALA A 34 -5.84 -10.17 13.09
C ALA A 34 -5.02 -11.21 12.36
N GLY A 35 -3.70 -11.07 12.42
CA GLY A 35 -2.81 -12.03 11.80
C GLY A 35 -2.47 -11.66 10.38
N LEU A 36 -3.35 -10.91 9.74
CA LEU A 36 -3.16 -10.47 8.37
C LEU A 36 -2.16 -9.32 8.29
N TRP A 37 -1.47 -9.25 7.16
CA TRP A 37 -0.53 -8.16 6.90
C TRP A 37 -1.02 -7.33 5.72
N GLU A 38 -0.71 -6.04 5.74
CA GLU A 38 -1.06 -5.16 4.62
C GLU A 38 0.08 -4.18 4.37
N PHE A 39 0.07 -3.55 3.20
CA PHE A 39 1.05 -2.51 2.91
C PHE A 39 0.65 -1.23 3.64
N ALA A 40 1.62 -0.33 3.82
CA ALA A 40 1.34 0.91 4.53
C ALA A 40 0.73 1.92 3.58
N GLY A 41 0.15 2.99 4.13
CA GLY A 41 -0.44 4.01 3.31
C GLY A 41 -1.71 4.54 3.91
N GLY A 42 -2.74 4.67 3.09
CA GLY A 42 -4.01 5.18 3.58
C GLY A 42 -4.89 5.69 2.46
N LYS A 43 -5.65 6.72 2.76
CA LYS A 43 -6.61 7.25 1.80
C LYS A 43 -6.19 8.63 1.33
N VAL A 44 -6.62 8.98 0.13
CA VAL A 44 -6.34 10.29 -0.42
C VAL A 44 -7.61 11.12 -0.40
N GLU A 45 -7.67 12.09 0.50
CA GLU A 45 -8.80 13.00 0.56
C GLU A 45 -8.80 13.88 -0.69
N PRO A 46 -9.98 14.31 -1.15
CA PRO A 46 -10.14 15.03 -2.43
C PRO A 46 -9.37 16.36 -2.50
N ASP A 47 -8.65 16.72 -1.45
CA ASP A 47 -7.90 17.96 -1.43
C ASP A 47 -6.39 17.73 -1.51
N GLU A 48 -5.98 16.50 -1.27
CA GLU A 48 -4.56 16.18 -1.23
C GLU A 48 -4.15 15.35 -2.44
N SER A 49 -2.87 15.34 -2.76
CA SER A 49 -2.36 14.61 -3.91
C SER A 49 -1.91 13.22 -3.50
N GLN A 50 -1.71 12.34 -4.49
CA GLN A 50 -1.31 10.96 -4.24
C GLN A 50 0.02 10.90 -3.51
N ARG A 51 1.04 11.55 -4.06
CA ARG A 51 2.37 11.55 -3.45
C ARG A 51 2.31 12.22 -2.09
N GLN A 52 1.49 13.26 -1.98
CA GLN A 52 1.38 14.01 -0.74
C GLN A 52 0.72 13.15 0.33
N ALA A 53 -0.29 12.40 -0.07
CA ALA A 53 -0.98 11.50 0.84
C ALA A 53 -0.04 10.43 1.38
N LEU A 54 0.72 9.80 0.48
CA LEU A 54 1.64 8.74 0.88
C LEU A 54 2.71 9.30 1.83
N VAL A 55 3.24 10.46 1.49
CA VAL A 55 4.26 11.08 2.31
C VAL A 55 3.75 11.39 3.71
N ARG A 56 2.55 11.97 3.79
CA ARG A 56 2.01 12.37 5.08
C ARG A 56 1.52 11.17 5.89
N GLU A 57 0.88 10.20 5.22
CA GLU A 57 0.39 9.00 5.91
C GLU A 57 1.53 8.24 6.57
N LEU A 58 2.57 7.92 5.80
CA LEU A 58 3.74 7.25 6.33
C LEU A 58 4.39 8.09 7.42
N ARG A 59 4.36 9.40 7.26
CA ARG A 59 4.90 10.29 8.27
C ARG A 59 4.14 10.14 9.60
N GLU A 60 2.85 9.85 9.51
CA GLU A 60 2.02 9.70 10.70
C GLU A 60 2.06 8.26 11.21
N GLU A 61 2.01 7.31 10.28
CA GLU A 61 1.96 5.90 10.63
C GLU A 61 3.33 5.30 10.82
N LEU A 62 4.21 5.51 9.85
CA LEU A 62 5.52 4.85 9.88
C LEU A 62 6.61 5.79 10.39
N GLY A 63 6.23 6.99 10.81
CA GLY A 63 7.21 7.98 11.23
C GLY A 63 8.31 8.25 10.21
N ILE A 64 8.04 8.02 8.93
CA ILE A 64 9.06 8.23 7.92
C ILE A 64 8.63 9.29 6.90
N GLU A 65 9.61 10.05 6.45
CA GLU A 65 9.42 11.03 5.40
C GLU A 65 9.91 10.47 4.08
N ALA A 66 8.98 10.02 3.27
CA ALA A 66 9.32 9.27 2.07
C ALA A 66 9.36 10.14 0.83
N THR A 67 10.07 9.66 -0.18
CA THR A 67 10.17 10.32 -1.46
C THR A 67 9.43 9.50 -2.51
N VAL A 68 8.30 10.01 -3.00
CA VAL A 68 7.48 9.26 -3.94
C VAL A 68 7.98 9.45 -5.36
N GLY A 69 7.96 8.37 -6.15
CA GLY A 69 8.41 8.45 -7.51
C GLY A 69 7.83 7.35 -8.39
N GLU A 70 8.33 6.15 -8.21
CA GLU A 70 7.99 5.02 -9.06
C GLU A 70 6.81 4.21 -8.52
N TYR A 71 5.76 4.11 -9.33
CA TYR A 71 4.59 3.34 -8.97
C TYR A 71 4.70 1.91 -9.51
N VAL A 72 4.15 0.97 -8.76
CA VAL A 72 4.22 -0.44 -9.14
C VAL A 72 2.98 -0.85 -9.93
N ALA A 73 1.84 -0.87 -9.26
CA ALA A 73 0.58 -1.24 -9.89
C ALA A 73 -0.57 -0.48 -9.27
N SER A 74 -1.76 -0.67 -9.82
CA SER A 74 -2.95 -0.07 -9.27
C SER A 74 -4.12 -1.05 -9.38
N HIS A 75 -4.99 -1.06 -8.38
CA HIS A 75 -6.07 -2.03 -8.30
C HIS A 75 -7.36 -1.35 -7.86
N GLN A 76 -8.46 -1.71 -8.50
CA GLN A 76 -9.76 -1.21 -8.12
C GLN A 76 -10.62 -2.29 -7.48
N ARG A 77 -11.42 -1.87 -6.52
CA ARG A 77 -12.37 -2.74 -5.84
C ARG A 77 -13.47 -1.86 -5.29
N GLU A 78 -14.51 -2.43 -4.70
CA GLU A 78 -15.56 -1.62 -4.14
C GLU A 78 -15.72 -1.85 -2.65
N VAL A 79 -16.16 -0.81 -1.96
CA VAL A 79 -16.54 -0.91 -0.56
C VAL A 79 -18.00 -0.46 -0.44
N SER A 80 -18.89 -1.44 -0.43
CA SER A 80 -20.34 -1.20 -0.40
C SER A 80 -20.76 -0.12 -1.41
N GLY A 81 -20.70 -0.46 -2.70
CA GLY A 81 -21.16 0.45 -3.73
C GLY A 81 -20.13 1.50 -4.15
N ARG A 82 -19.16 1.79 -3.29
CA ARG A 82 -18.16 2.81 -3.59
C ARG A 82 -16.90 2.15 -4.16
N ILE A 83 -16.33 2.74 -5.19
CA ILE A 83 -15.20 2.14 -5.88
C ILE A 83 -13.88 2.68 -5.33
N ILE A 84 -13.10 1.80 -4.74
CA ILE A 84 -11.80 2.16 -4.21
C ILE A 84 -10.70 1.96 -5.24
N HIS A 85 -9.83 2.95 -5.33
CA HIS A 85 -8.77 2.95 -6.31
C HIS A 85 -7.42 2.94 -5.60
N LEU A 86 -6.77 1.79 -5.55
CA LEU A 86 -5.51 1.66 -4.82
C LEU A 86 -4.32 1.86 -5.75
N HIS A 87 -3.40 2.71 -5.31
CA HIS A 87 -2.17 2.98 -6.05
C HIS A 87 -0.98 2.42 -5.28
N ALA A 88 -0.30 1.42 -5.82
CA ALA A 88 0.86 0.86 -5.16
C ALA A 88 2.13 1.57 -5.61
N TRP A 89 2.81 2.18 -4.66
CA TRP A 89 4.03 2.92 -4.94
C TRP A 89 5.24 2.24 -4.29
N HIS A 90 6.30 2.07 -5.06
CA HIS A 90 7.55 1.52 -4.55
C HIS A 90 8.39 2.65 -3.99
N VAL A 91 8.81 2.50 -2.74
CA VAL A 91 9.52 3.58 -2.06
C VAL A 91 11.02 3.47 -2.34
N PRO A 92 11.54 4.39 -3.15
CA PRO A 92 12.95 4.42 -3.51
C PRO A 92 13.80 5.09 -2.44
N ASP A 93 13.15 5.91 -1.62
CA ASP A 93 13.84 6.68 -0.60
C ASP A 93 12.88 7.09 0.51
N PHE A 94 13.33 6.98 1.74
CA PHE A 94 12.55 7.37 2.90
C PHE A 94 13.48 7.84 4.02
N HIS A 95 13.09 8.90 4.72
CA HIS A 95 13.92 9.46 5.77
C HIS A 95 13.26 9.28 7.13
N GLY A 96 14.07 8.93 8.12
CA GLY A 96 13.53 8.66 9.44
C GLY A 96 13.58 7.18 9.77
N THR A 97 12.82 6.76 10.75
CA THR A 97 12.79 5.36 11.14
C THR A 97 11.37 4.83 11.08
N LEU A 98 11.21 3.71 10.40
CA LEU A 98 9.88 3.16 10.17
C LEU A 98 9.38 2.44 11.41
N GLN A 99 8.24 2.89 11.89
CA GLN A 99 7.62 2.36 13.08
C GLN A 99 6.13 2.16 12.82
N ALA A 100 5.45 1.46 13.71
CA ALA A 100 4.01 1.22 13.53
C ALA A 100 3.18 2.05 14.50
N HIS A 101 2.26 2.84 13.95
CA HIS A 101 1.34 3.64 14.75
C HIS A 101 0.01 2.90 14.92
N GLU A 102 -0.75 2.82 13.83
CA GLU A 102 -2.03 2.13 13.84
C GLU A 102 -1.85 0.62 13.73
N HIS A 103 -0.85 0.20 12.98
CA HIS A 103 -0.59 -1.21 12.78
C HIS A 103 0.17 -1.77 13.96
N GLN A 104 0.24 -3.09 14.07
CA GLN A 104 0.84 -3.73 15.23
C GLN A 104 2.36 -3.81 15.10
N ALA A 105 2.83 -4.63 14.17
CA ALA A 105 4.27 -4.85 14.00
C ALA A 105 4.63 -4.85 12.53
N LEU A 106 5.92 -4.75 12.24
CA LEU A 106 6.41 -4.70 10.87
C LEU A 106 7.26 -5.93 10.59
N VAL A 107 7.14 -6.49 9.40
CA VAL A 107 8.01 -7.57 8.99
C VAL A 107 8.58 -7.30 7.61
N TRP A 108 9.85 -7.60 7.42
CA TRP A 108 10.49 -7.48 6.13
C TRP A 108 10.60 -8.84 5.46
N CYS A 109 9.90 -9.01 4.37
CA CYS A 109 9.97 -10.26 3.62
C CYS A 109 10.09 -9.98 2.13
N SER A 110 10.71 -10.90 1.41
CA SER A 110 10.96 -10.72 -0.01
C SER A 110 9.65 -10.83 -0.80
N PRO A 111 9.62 -10.34 -2.06
CA PRO A 111 8.41 -10.33 -2.90
C PRO A 111 7.66 -11.66 -2.91
N GLU A 112 8.36 -12.74 -3.24
CA GLU A 112 7.72 -14.05 -3.35
C GLU A 112 7.28 -14.56 -1.97
N GLU A 113 7.93 -14.08 -0.92
CA GLU A 113 7.53 -14.40 0.44
C GLU A 113 6.23 -13.69 0.80
N ALA A 114 6.15 -12.41 0.42
CA ALA A 114 5.04 -11.55 0.82
C ALA A 114 3.70 -12.09 0.36
N LEU A 115 3.65 -12.65 -0.84
CA LEU A 115 2.41 -13.14 -1.41
C LEU A 115 2.02 -14.48 -0.78
N GLN A 116 2.92 -15.03 0.03
CA GLN A 116 2.60 -16.24 0.80
C GLN A 116 2.10 -15.86 2.19
N TYR A 117 2.07 -14.57 2.45
CA TYR A 117 1.54 -14.06 3.71
C TYR A 117 0.09 -13.68 3.53
N PRO A 118 -0.67 -13.61 4.63
CA PRO A 118 -2.08 -13.22 4.58
C PRO A 118 -2.25 -11.73 4.28
N LEU A 119 -2.06 -11.37 3.03
CA LEU A 119 -2.24 -9.99 2.57
C LEU A 119 -3.72 -9.73 2.32
N ALA A 120 -4.13 -8.48 2.45
CA ALA A 120 -5.50 -8.10 2.16
C ALA A 120 -5.83 -8.36 0.69
N PRO A 121 -7.12 -8.58 0.37
CA PRO A 121 -7.55 -8.91 -1.00
C PRO A 121 -7.17 -7.86 -2.04
N ALA A 122 -6.85 -6.65 -1.59
CA ALA A 122 -6.44 -5.58 -2.49
C ALA A 122 -4.93 -5.58 -2.67
N ASP A 123 -4.23 -6.13 -1.69
CA ASP A 123 -2.77 -6.12 -1.66
C ASP A 123 -2.21 -7.23 -2.53
N ILE A 124 -3.02 -8.25 -2.76
CA ILE A 124 -2.60 -9.41 -3.55
C ILE A 124 -2.23 -9.00 -4.98
N PRO A 125 -3.18 -8.41 -5.75
CA PRO A 125 -2.91 -8.01 -7.14
C PRO A 125 -1.79 -6.99 -7.26
N LEU A 126 -1.56 -6.23 -6.19
CA LEU A 126 -0.51 -5.23 -6.17
C LEU A 126 0.85 -5.89 -6.01
N LEU A 127 0.94 -6.82 -5.07
CA LEU A 127 2.19 -7.54 -4.84
C LEU A 127 2.46 -8.50 -6.00
N GLU A 128 1.40 -9.07 -6.55
CA GLU A 128 1.50 -9.94 -7.72
C GLU A 128 2.30 -9.27 -8.82
N ALA A 129 1.98 -8.01 -9.10
CA ALA A 129 2.67 -7.29 -10.16
C ALA A 129 4.02 -6.77 -9.70
N PHE A 130 4.24 -6.74 -8.40
CA PHE A 130 5.52 -6.30 -7.87
C PHE A 130 6.55 -7.41 -8.07
N MET A 131 6.16 -8.61 -7.70
CA MET A 131 7.00 -9.77 -7.93
C MET A 131 7.09 -10.05 -9.42
N ALA A 132 6.00 -9.81 -10.16
CA ALA A 132 6.02 -9.86 -11.61
C ALA A 132 7.05 -8.86 -12.16
N LEU A 133 7.06 -7.67 -11.61
CA LEU A 133 7.93 -6.61 -12.08
C LEU A 133 9.41 -6.95 -11.84
N ARG A 134 9.68 -7.68 -10.77
CA ARG A 134 11.05 -8.06 -10.46
C ARG A 134 11.46 -9.33 -11.20
N ALA A 135 10.48 -10.10 -11.65
CA ALA A 135 10.76 -11.34 -12.37
C ALA A 135 10.86 -11.09 -13.87
N ALA A 136 9.99 -10.23 -14.37
CA ALA A 136 10.00 -9.86 -15.78
C ALA A 136 10.97 -8.72 -16.02
N ARG A 137 11.16 -7.92 -14.97
CA ARG A 137 12.06 -6.77 -14.93
C ARG A 137 11.94 -5.85 -16.16
N PRO A 138 11.14 -4.78 -16.05
CA PRO A 138 11.05 -3.76 -17.09
C PRO A 138 12.32 -2.91 -17.14
N ALA A 139 12.93 -2.83 -18.30
CA ALA A 139 14.21 -2.14 -18.44
C ALA A 139 14.06 -0.65 -18.21
N ASP A 140 13.38 0.04 -19.12
CA ASP A 140 13.16 1.46 -18.99
C ASP A 140 11.89 1.84 -19.74
N GLY A 1 -27.27 -3.89 -11.19
CA GLY A 1 -27.85 -2.59 -10.76
C GLY A 1 -28.21 -1.71 -11.93
N PRO A 2 -29.38 -1.07 -11.90
CA PRO A 2 -29.84 -0.21 -13.00
C PRO A 2 -29.06 1.10 -13.05
N LEU A 3 -28.71 1.64 -11.88
CA LEU A 3 -27.96 2.88 -11.81
C LEU A 3 -26.47 2.61 -11.94
N GLY A 4 -25.90 2.00 -10.90
CA GLY A 4 -24.48 1.75 -10.88
C GLY A 4 -23.73 2.93 -10.35
N SER A 5 -24.44 3.80 -9.64
CA SER A 5 -23.85 5.00 -9.06
C SER A 5 -22.90 4.62 -7.93
N MET A 6 -21.62 4.54 -8.26
CA MET A 6 -20.62 4.12 -7.30
C MET A 6 -19.52 5.16 -7.23
N LYS A 7 -19.27 5.66 -6.03
CA LYS A 7 -18.24 6.67 -5.82
C LYS A 7 -16.94 5.99 -5.43
N MET A 8 -15.83 6.70 -5.58
CA MET A 8 -14.53 6.10 -5.39
C MET A 8 -13.84 6.59 -4.13
N ILE A 9 -13.21 5.66 -3.45
CA ILE A 9 -12.39 5.93 -2.30
C ILE A 9 -10.94 5.73 -2.70
N GLU A 10 -10.15 6.77 -2.66
CA GLU A 10 -8.80 6.72 -3.20
C GLU A 10 -7.83 6.39 -2.09
N VAL A 11 -7.06 5.31 -2.25
CA VAL A 11 -6.12 4.90 -1.24
C VAL A 11 -4.76 4.61 -1.88
N VAL A 12 -3.75 5.28 -1.39
CA VAL A 12 -2.41 5.10 -1.91
C VAL A 12 -1.63 4.16 -1.00
N ALA A 13 -0.94 3.21 -1.60
CA ALA A 13 -0.25 2.18 -0.84
C ALA A 13 1.24 2.21 -1.12
N ALA A 14 2.02 2.20 -0.05
CA ALA A 14 3.46 2.31 -0.15
C ALA A 14 4.12 0.97 0.04
N ILE A 15 4.88 0.55 -0.96
CA ILE A 15 5.64 -0.67 -0.88
C ILE A 15 7.07 -0.35 -0.50
N ILE A 16 7.40 -0.53 0.76
CA ILE A 16 8.73 -0.21 1.26
C ILE A 16 9.63 -1.40 0.97
N GLU A 17 10.45 -1.28 -0.07
CA GLU A 17 11.31 -2.39 -0.46
C GLU A 17 12.75 -2.02 -0.21
N ARG A 18 13.42 -2.80 0.61
CA ARG A 18 14.83 -2.62 0.86
C ARG A 18 15.47 -3.97 1.12
N ASP A 19 16.65 -4.18 0.52
CA ASP A 19 17.40 -5.43 0.64
C ASP A 19 16.64 -6.59 -0.01
N GLY A 20 15.71 -6.28 -0.89
CA GLY A 20 14.94 -7.31 -1.56
C GLY A 20 13.74 -7.74 -0.72
N LYS A 21 13.47 -7.00 0.34
CA LYS A 21 12.38 -7.32 1.23
C LYS A 21 11.39 -6.16 1.32
N ILE A 22 10.12 -6.50 1.45
CA ILE A 22 9.05 -5.51 1.50
C ILE A 22 8.54 -5.36 2.93
N LEU A 23 8.07 -4.15 3.26
CA LEU A 23 7.53 -3.88 4.59
C LEU A 23 6.04 -4.19 4.65
N LEU A 24 5.69 -5.12 5.51
CA LEU A 24 4.29 -5.49 5.73
C LEU A 24 3.88 -5.09 7.14
N ALA A 25 2.67 -4.56 7.27
CA ALA A 25 2.18 -4.10 8.56
C ALA A 25 0.91 -4.85 8.96
N GLN A 26 0.98 -5.55 10.09
CA GLN A 26 -0.13 -6.36 10.56
C GLN A 26 -1.31 -5.51 11.03
N ARG A 27 -2.40 -5.61 10.29
CA ARG A 27 -3.66 -4.93 10.61
C ARG A 27 -4.65 -5.22 9.48
N PRO A 28 -5.75 -5.94 9.77
CA PRO A 28 -6.74 -6.29 8.75
C PRO A 28 -7.62 -5.11 8.37
N ALA A 29 -7.83 -4.23 9.36
CA ALA A 29 -8.58 -2.98 9.19
C ALA A 29 -10.05 -3.24 8.87
N GLN A 30 -10.31 -3.60 7.62
CA GLN A 30 -11.68 -3.77 7.14
C GLN A 30 -12.08 -5.24 7.19
N SER A 31 -11.24 -6.04 7.82
CA SER A 31 -11.48 -7.47 7.95
C SER A 31 -11.67 -7.88 9.42
N ASP A 32 -11.06 -7.12 10.33
CA ASP A 32 -11.16 -7.37 11.78
C ASP A 32 -10.59 -8.73 12.17
N GLN A 33 -9.87 -9.36 11.26
CA GLN A 33 -9.24 -10.64 11.53
C GLN A 33 -7.75 -10.41 11.81
N ALA A 34 -7.40 -10.43 13.09
CA ALA A 34 -6.03 -10.16 13.50
C ALA A 34 -5.07 -11.19 12.91
N GLY A 35 -3.92 -10.71 12.47
CA GLY A 35 -2.92 -11.58 11.90
C GLY A 35 -2.67 -11.29 10.44
N LEU A 36 -3.63 -10.65 9.79
CA LEU A 36 -3.51 -10.28 8.39
C LEU A 36 -2.60 -9.08 8.22
N TRP A 37 -1.90 -9.04 7.09
CA TRP A 37 -0.94 -7.99 6.80
C TRP A 37 -1.40 -7.19 5.58
N GLU A 38 -1.05 -5.92 5.55
CA GLU A 38 -1.37 -5.06 4.42
C GLU A 38 -0.23 -4.10 4.17
N PHE A 39 -0.23 -3.47 3.00
CA PHE A 39 0.78 -2.47 2.67
C PHE A 39 0.42 -1.14 3.34
N ALA A 40 1.43 -0.39 3.72
CA ALA A 40 1.22 0.88 4.39
C ALA A 40 0.71 1.93 3.41
N GLY A 41 0.15 3.00 3.94
CA GLY A 41 -0.33 4.07 3.08
C GLY A 41 -1.48 4.82 3.74
N GLY A 42 -2.47 5.16 2.94
CA GLY A 42 -3.61 5.90 3.47
C GLY A 42 -4.55 6.39 2.40
N LYS A 43 -5.66 6.94 2.84
CA LYS A 43 -6.67 7.47 1.94
C LYS A 43 -6.27 8.85 1.45
N VAL A 44 -6.68 9.20 0.24
CA VAL A 44 -6.31 10.47 -0.36
C VAL A 44 -7.47 11.46 -0.23
N GLU A 45 -7.23 12.57 0.44
CA GLU A 45 -8.19 13.66 0.48
C GLU A 45 -8.19 14.37 -0.87
N PRO A 46 -9.34 14.86 -1.32
CA PRO A 46 -9.49 15.49 -2.65
C PRO A 46 -8.70 16.79 -2.81
N ASP A 47 -8.00 17.19 -1.75
CA ASP A 47 -7.23 18.43 -1.77
C ASP A 47 -5.73 18.13 -1.73
N GLU A 48 -5.38 16.86 -1.65
CA GLU A 48 -3.97 16.47 -1.61
C GLU A 48 -3.62 15.59 -2.81
N SER A 49 -2.33 15.48 -3.09
CA SER A 49 -1.86 14.70 -4.24
C SER A 49 -1.53 13.27 -3.80
N GLN A 50 -1.37 12.37 -4.77
CA GLN A 50 -1.09 10.96 -4.47
C GLN A 50 0.24 10.82 -3.72
N ARG A 51 1.30 11.38 -4.29
CA ARG A 51 2.61 11.35 -3.64
C ARG A 51 2.53 12.03 -2.27
N GLN A 52 1.76 13.10 -2.23
CA GLN A 52 1.64 13.92 -1.04
C GLN A 52 0.92 13.16 0.07
N ALA A 53 -0.14 12.46 -0.30
CA ALA A 53 -0.90 11.66 0.64
C ALA A 53 -0.02 10.55 1.20
N LEU A 54 0.75 9.90 0.35
CA LEU A 54 1.64 8.83 0.77
C LEU A 54 2.66 9.34 1.77
N VAL A 55 3.30 10.45 1.43
CA VAL A 55 4.35 11.02 2.26
C VAL A 55 3.82 11.39 3.64
N ARG A 56 2.66 12.03 3.68
CA ARG A 56 2.11 12.46 4.96
C ARG A 56 1.54 11.28 5.74
N GLU A 57 0.84 10.38 5.05
CA GLU A 57 0.28 9.18 5.71
C GLU A 57 1.39 8.30 6.29
N LEU A 58 2.49 8.14 5.56
CA LEU A 58 3.59 7.34 6.07
C LEU A 58 4.27 8.04 7.24
N ARG A 59 4.27 9.36 7.24
CA ARG A 59 4.78 10.10 8.39
C ARG A 59 3.93 9.84 9.62
N GLU A 60 2.64 9.68 9.41
CA GLU A 60 1.72 9.47 10.51
C GLU A 60 1.72 8.01 10.97
N GLU A 61 1.77 7.10 10.01
CA GLU A 61 1.72 5.67 10.33
C GLU A 61 3.11 5.09 10.53
N LEU A 62 4.03 5.40 9.61
CA LEU A 62 5.34 4.77 9.64
C LEU A 62 6.41 5.70 10.18
N GLY A 63 6.02 6.91 10.58
CA GLY A 63 6.98 7.92 11.01
C GLY A 63 8.16 8.11 10.06
N ILE A 64 7.96 7.95 8.76
CA ILE A 64 9.05 8.16 7.81
C ILE A 64 8.71 9.21 6.76
N GLU A 65 9.73 9.95 6.34
CA GLU A 65 9.59 10.94 5.29
C GLU A 65 9.96 10.30 3.96
N ALA A 66 8.96 9.88 3.21
CA ALA A 66 9.18 9.14 1.98
C ALA A 66 9.39 10.06 0.78
N THR A 67 10.17 9.59 -0.17
CA THR A 67 10.36 10.30 -1.42
C THR A 67 9.74 9.51 -2.56
N VAL A 68 8.62 10.00 -3.06
CA VAL A 68 7.86 9.28 -4.08
C VAL A 68 8.36 9.60 -5.48
N GLY A 69 8.61 8.56 -6.27
CA GLY A 69 9.09 8.78 -7.62
C GLY A 69 9.25 7.48 -8.40
N GLU A 70 8.13 6.77 -8.61
CA GLU A 70 8.07 5.45 -9.27
C GLU A 70 6.87 4.66 -8.74
N TYR A 71 5.88 4.44 -9.59
CA TYR A 71 4.69 3.70 -9.20
C TYR A 71 4.77 2.25 -9.68
N VAL A 72 4.17 1.33 -8.92
CA VAL A 72 4.19 -0.08 -9.29
C VAL A 72 2.94 -0.48 -10.05
N ALA A 73 1.81 -0.53 -9.34
CA ALA A 73 0.55 -0.91 -9.97
C ALA A 73 -0.63 -0.36 -9.18
N SER A 74 -1.83 -0.61 -9.68
CA SER A 74 -3.04 -0.16 -9.02
C SER A 74 -4.07 -1.29 -9.00
N HIS A 75 -4.92 -1.31 -7.99
CA HIS A 75 -5.98 -2.30 -7.91
C HIS A 75 -7.22 -1.69 -7.27
N GLN A 76 -8.39 -2.14 -7.70
CA GLN A 76 -9.63 -1.63 -7.17
C GLN A 76 -10.43 -2.73 -6.48
N ARG A 77 -11.10 -2.34 -5.41
CA ARG A 77 -11.97 -3.22 -4.65
C ARG A 77 -13.11 -2.38 -4.12
N GLU A 78 -14.23 -2.97 -3.75
CA GLU A 78 -15.34 -2.14 -3.29
C GLU A 78 -15.53 -2.26 -1.79
N VAL A 79 -15.99 -1.16 -1.20
CA VAL A 79 -16.40 -1.15 0.19
C VAL A 79 -17.87 -0.72 0.25
N SER A 80 -18.74 -1.72 0.27
CA SER A 80 -20.19 -1.51 0.28
C SER A 80 -20.62 -0.47 -0.78
N GLY A 81 -20.61 -0.88 -2.05
CA GLY A 81 -21.09 -0.02 -3.12
C GLY A 81 -20.12 1.07 -3.53
N ARG A 82 -19.04 1.26 -2.78
CA ARG A 82 -18.06 2.27 -3.11
C ARG A 82 -16.77 1.61 -3.57
N ILE A 83 -16.13 2.16 -4.58
CA ILE A 83 -14.95 1.52 -5.15
C ILE A 83 -13.68 2.17 -4.59
N ILE A 84 -12.89 1.39 -3.88
CA ILE A 84 -11.63 1.86 -3.36
C ILE A 84 -10.54 1.64 -4.41
N HIS A 85 -9.79 2.69 -4.67
CA HIS A 85 -8.77 2.68 -5.70
C HIS A 85 -7.40 2.69 -5.05
N LEU A 86 -6.75 1.54 -4.99
CA LEU A 86 -5.46 1.41 -4.35
C LEU A 86 -4.34 1.56 -5.36
N HIS A 87 -3.45 2.51 -5.12
CA HIS A 87 -2.32 2.72 -6.01
C HIS A 87 -1.02 2.42 -5.28
N ALA A 88 -0.33 1.37 -5.70
CA ALA A 88 0.92 0.97 -5.07
C ALA A 88 2.11 1.66 -5.73
N TRP A 89 3.11 1.99 -4.93
CA TRP A 89 4.34 2.57 -5.44
C TRP A 89 5.54 1.96 -4.71
N HIS A 90 6.67 1.90 -5.39
CA HIS A 90 7.90 1.41 -4.78
C HIS A 90 8.64 2.57 -4.15
N VAL A 91 9.09 2.40 -2.92
CA VAL A 91 9.77 3.47 -2.21
C VAL A 91 11.27 3.43 -2.49
N PRO A 92 11.76 4.39 -3.29
CA PRO A 92 13.18 4.46 -3.63
C PRO A 92 14.01 5.08 -2.50
N ASP A 93 13.36 5.94 -1.73
CA ASP A 93 14.03 6.65 -0.64
C ASP A 93 13.04 7.03 0.45
N PHE A 94 13.48 6.86 1.68
CA PHE A 94 12.68 7.21 2.84
C PHE A 94 13.59 7.66 3.98
N HIS A 95 13.21 8.72 4.66
CA HIS A 95 14.00 9.27 5.74
C HIS A 95 13.35 8.98 7.09
N GLY A 96 14.16 8.64 8.08
CA GLY A 96 13.63 8.36 9.40
C GLY A 96 13.67 6.87 9.72
N THR A 97 12.88 6.46 10.70
CA THR A 97 12.80 5.05 11.05
C THR A 97 11.34 4.59 11.00
N LEU A 98 11.12 3.44 10.39
CA LEU A 98 9.76 2.94 10.19
C LEU A 98 9.17 2.42 11.48
N GLN A 99 8.02 2.97 11.84
CA GLN A 99 7.32 2.57 13.03
C GLN A 99 5.87 2.23 12.67
N ALA A 100 5.16 1.61 13.60
CA ALA A 100 3.77 1.27 13.38
C ALA A 100 2.83 2.10 14.25
N HIS A 101 1.92 2.83 13.62
CA HIS A 101 0.94 3.65 14.34
C HIS A 101 -0.36 2.86 14.53
N GLU A 102 -1.10 2.73 13.45
CA GLU A 102 -2.34 1.98 13.45
C GLU A 102 -2.04 0.50 13.44
N HIS A 103 -1.13 0.13 12.57
CA HIS A 103 -0.75 -1.25 12.38
C HIS A 103 0.05 -1.72 13.59
N GLN A 104 -0.02 -3.00 13.89
CA GLN A 104 0.63 -3.51 15.09
C GLN A 104 2.05 -3.98 14.81
N ALA A 105 2.18 -5.03 14.03
CA ALA A 105 3.48 -5.62 13.75
C ALA A 105 4.00 -5.15 12.40
N LEU A 106 5.33 -5.14 12.26
CA LEU A 106 5.99 -4.75 11.03
C LEU A 106 7.02 -5.81 10.66
N VAL A 107 6.91 -6.37 9.46
CA VAL A 107 7.80 -7.43 9.05
C VAL A 107 8.40 -7.14 7.67
N TRP A 108 9.65 -7.52 7.48
CA TRP A 108 10.29 -7.43 6.18
C TRP A 108 10.40 -8.81 5.56
N CYS A 109 9.74 -9.01 4.43
CA CYS A 109 9.83 -10.27 3.73
C CYS A 109 9.91 -10.04 2.24
N SER A 110 10.48 -11.00 1.53
CA SER A 110 10.69 -10.90 0.10
C SER A 110 9.35 -10.90 -0.63
N PRO A 111 9.33 -10.37 -1.87
CA PRO A 111 8.11 -10.28 -2.68
C PRO A 111 7.29 -11.58 -2.69
N GLU A 112 7.93 -12.68 -3.04
CA GLU A 112 7.23 -13.97 -3.14
C GLU A 112 6.85 -14.48 -1.75
N GLU A 113 7.63 -14.11 -0.76
CA GLU A 113 7.33 -14.45 0.63
C GLU A 113 6.07 -13.73 1.09
N ALA A 114 5.96 -12.45 0.71
CA ALA A 114 4.85 -11.60 1.12
C ALA A 114 3.51 -12.15 0.65
N LEU A 115 3.49 -12.75 -0.52
CA LEU A 115 2.25 -13.28 -1.08
C LEU A 115 1.86 -14.59 -0.39
N GLN A 116 2.75 -15.13 0.42
CA GLN A 116 2.45 -16.28 1.25
C GLN A 116 1.86 -15.83 2.58
N TYR A 117 1.83 -14.52 2.80
CA TYR A 117 1.24 -13.94 4.00
C TYR A 117 -0.22 -13.65 3.75
N PRO A 118 -1.02 -13.52 4.82
CA PRO A 118 -2.43 -13.14 4.68
C PRO A 118 -2.59 -11.66 4.34
N LEU A 119 -2.40 -11.35 3.06
CA LEU A 119 -2.53 -9.99 2.57
C LEU A 119 -3.99 -9.71 2.23
N ALA A 120 -4.38 -8.43 2.30
CA ALA A 120 -5.73 -8.02 1.94
C ALA A 120 -6.02 -8.33 0.46
N PRO A 121 -7.31 -8.49 0.10
CA PRO A 121 -7.72 -8.91 -1.26
C PRO A 121 -7.20 -8.01 -2.38
N ALA A 122 -6.86 -6.77 -2.07
CA ALA A 122 -6.38 -5.84 -3.08
C ALA A 122 -4.85 -5.78 -3.07
N ASP A 123 -4.28 -6.24 -1.97
CA ASP A 123 -2.83 -6.18 -1.78
C ASP A 123 -2.15 -7.32 -2.51
N ILE A 124 -2.89 -8.41 -2.70
CA ILE A 124 -2.37 -9.56 -3.42
C ILE A 124 -2.04 -9.19 -4.87
N PRO A 125 -3.04 -8.72 -5.65
CA PRO A 125 -2.84 -8.28 -7.04
C PRO A 125 -1.73 -7.24 -7.19
N LEU A 126 -1.58 -6.39 -6.16
CA LEU A 126 -0.55 -5.35 -6.18
C LEU A 126 0.82 -5.99 -6.09
N LEU A 127 0.95 -6.99 -5.23
CA LEU A 127 2.22 -7.67 -5.03
C LEU A 127 2.52 -8.55 -6.22
N GLU A 128 1.48 -9.16 -6.80
CA GLU A 128 1.64 -9.98 -7.99
C GLU A 128 2.35 -9.20 -9.09
N ALA A 129 1.96 -7.95 -9.27
CA ALA A 129 2.57 -7.11 -10.29
C ALA A 129 3.88 -6.52 -9.81
N PHE A 130 4.09 -6.45 -8.51
CA PHE A 130 5.34 -5.93 -7.98
C PHE A 130 6.45 -6.93 -8.24
N MET A 131 6.17 -8.20 -7.96
CA MET A 131 7.11 -9.26 -8.25
C MET A 131 7.23 -9.43 -9.76
N ALA A 132 6.14 -9.18 -10.50
CA ALA A 132 6.19 -9.16 -11.95
C ALA A 132 7.10 -8.05 -12.46
N LEU A 133 7.01 -6.89 -11.85
CA LEU A 133 7.76 -5.72 -12.28
C LEU A 133 9.25 -5.92 -12.03
N ARG A 134 9.59 -6.60 -10.96
CA ARG A 134 10.99 -6.86 -10.64
C ARG A 134 11.53 -8.04 -11.43
N ALA A 135 10.63 -8.84 -11.98
CA ALA A 135 11.02 -9.97 -12.81
C ALA A 135 11.19 -9.57 -14.27
N ALA A 136 10.36 -8.64 -14.72
CA ALA A 136 10.44 -8.16 -16.11
C ALA A 136 11.36 -6.95 -16.19
N ARG A 137 11.33 -6.15 -15.13
CA ARG A 137 12.13 -4.93 -14.98
C ARG A 137 11.70 -3.83 -15.96
N PRO A 138 11.55 -2.60 -15.46
CA PRO A 138 11.37 -1.44 -16.33
C PRO A 138 12.63 -1.17 -17.12
N ALA A 139 12.47 -1.00 -18.43
CA ALA A 139 13.61 -0.85 -19.33
C ALA A 139 14.07 0.61 -19.39
N ASP A 140 13.64 1.39 -18.41
CA ASP A 140 13.99 2.80 -18.35
C ASP A 140 14.59 3.12 -17.00
#